data_6OC9
#
_entry.id   6OC9
#
loop_
_entity.id
_entity.type
_entity.pdbx_description
1 polymer 'Amyloid-beta precursor protein'
2 non-polymer PHOSPHONATE
#
_entity_poly.entity_id   1
_entity_poly.type   'polypeptide(L)'
_entity_poly.pdbx_seq_one_letter_code
;DAEFRHDSGYEVHHQKLVFFAEDVGSNKGAIIGLMVGGVV
;
_entity_poly.pdbx_strand_id   A,B,C,D,E,F,G,H,I,J
#
loop_
_chem_comp.id
_chem_comp.type
_chem_comp.name
_chem_comp.formula
2PO non-polymer PHOSPHONATE 'H O3 P -2'
#
# COMPACT_ATOMS: atom_id res chain seq x y z
N ASP A 1 -34.26 -14.37 -4.64
CA ASP A 1 -34.00 -12.92 -4.91
C ASP A 1 -32.50 -12.65 -4.81
N ALA A 2 -31.94 -12.06 -5.86
CA ALA A 2 -30.51 -11.76 -5.88
C ALA A 2 -30.09 -11.10 -4.57
N GLU A 3 -28.79 -11.16 -4.27
CA GLU A 3 -28.27 -10.57 -3.05
C GLU A 3 -28.14 -9.06 -3.19
N PHE A 4 -27.63 -8.40 -2.16
CA PHE A 4 -27.46 -6.95 -2.19
C PHE A 4 -26.81 -6.51 -3.49
N ARG A 5 -27.62 -6.13 -4.46
CA ARG A 5 -27.11 -5.69 -5.75
C ARG A 5 -26.97 -4.16 -5.78
N HIS A 6 -25.80 -3.68 -6.15
CA HIS A 6 -25.55 -2.25 -6.21
C HIS A 6 -24.50 -1.93 -7.27
N ASP A 7 -23.72 -2.93 -7.64
CA ASP A 7 -22.68 -2.74 -8.65
C ASP A 7 -23.29 -2.70 -10.05
N SER A 8 -23.00 -3.74 -10.84
CA SER A 8 -23.53 -3.82 -12.19
C SER A 8 -24.96 -3.30 -12.24
N GLY A 9 -25.28 -2.53 -13.29
CA GLY A 9 -26.62 -1.99 -13.42
C GLY A 9 -26.95 -1.05 -12.28
N TYR A 10 -26.28 0.09 -12.23
CA TYR A 10 -26.52 1.07 -11.16
C TYR A 10 -25.26 1.90 -10.91
N GLU A 11 -25.10 2.33 -9.66
CA GLU A 11 -23.94 3.13 -9.28
C GLU A 11 -23.54 2.82 -7.83
N VAL A 12 -22.25 2.84 -7.55
CA VAL A 12 -21.77 2.56 -6.20
C VAL A 12 -21.22 3.83 -5.54
N HIS A 13 -21.79 4.19 -4.40
CA HIS A 13 -21.36 5.38 -3.68
C HIS A 13 -21.90 5.39 -2.26
N HIS A 14 -21.67 6.50 -1.54
CA HIS A 14 -22.15 6.61 -0.17
C HIS A 14 -22.00 8.06 0.32
N GLN A 15 -21.32 8.23 1.45
CA GLN A 15 -21.11 9.55 2.01
C GLN A 15 -19.72 9.68 2.61
N LYS A 16 -19.13 10.87 2.50
CA LYS A 16 -17.80 11.12 3.03
C LYS A 16 -16.80 10.11 2.46
N LEU A 17 -16.85 8.89 2.97
CA LEU A 17 -15.95 7.84 2.51
C LEU A 17 -16.62 6.49 2.62
N VAL A 18 -16.30 5.58 1.70
CA VAL A 18 -16.90 4.25 1.71
C VAL A 18 -16.04 3.26 0.92
N PHE A 19 -16.22 1.98 1.22
CA PHE A 19 -15.46 0.94 0.55
C PHE A 19 -16.24 -0.37 0.54
N PHE A 20 -15.99 -1.21 -0.46
CA PHE A 20 -16.68 -2.49 -0.57
C PHE A 20 -15.82 -3.51 -1.29
N ALA A 21 -15.96 -4.78 -0.92
CA ALA A 21 -15.19 -5.84 -1.54
C ALA A 21 -15.90 -7.18 -1.40
N GLU A 22 -16.43 -7.68 -2.51
CA GLU A 22 -17.15 -8.96 -2.49
C GLU A 22 -17.76 -9.24 -3.85
N ASP A 23 -18.21 -10.48 -4.04
CA ASP A 23 -18.82 -10.88 -5.31
C ASP A 23 -20.27 -10.41 -5.37
N VAL A 24 -20.62 -9.68 -6.41
CA VAL A 24 -21.98 -9.18 -6.57
C VAL A 24 -22.74 -10.02 -7.60
N GLY A 25 -23.80 -10.68 -7.15
CA GLY A 25 -24.61 -11.51 -8.03
C GLY A 25 -25.02 -12.80 -7.33
N SER A 26 -24.10 -13.75 -7.26
CA SER A 26 -24.38 -15.02 -6.61
C SER A 26 -23.16 -15.53 -5.86
N ASN A 27 -23.30 -15.68 -4.54
CA ASN A 27 -22.19 -16.16 -3.72
C ASN A 27 -21.98 -17.65 -3.91
N LYS A 28 -20.97 -18.02 -4.70
CA LYS A 28 -20.67 -19.42 -4.96
C LYS A 28 -19.47 -19.86 -4.13
N GLY A 29 -18.86 -20.97 -4.54
CA GLY A 29 -17.70 -21.49 -3.84
C GLY A 29 -16.55 -20.48 -3.87
N ALA A 30 -16.66 -19.46 -3.03
CA ALA A 30 -15.64 -18.43 -2.97
C ALA A 30 -15.62 -17.77 -1.60
N ILE A 31 -14.67 -16.87 -1.38
CA ILE A 31 -14.56 -16.16 -0.10
C ILE A 31 -14.06 -14.74 -0.32
N ILE A 32 -14.57 -13.80 0.47
CA ILE A 32 -14.17 -12.41 0.34
C ILE A 32 -14.20 -11.72 1.69
N GLY A 33 -13.29 -10.78 1.91
CA GLY A 33 -13.23 -10.05 3.17
C GLY A 33 -12.63 -8.66 2.98
N LEU A 34 -13.05 -7.72 3.82
CA LEU A 34 -12.54 -6.35 3.73
C LEU A 34 -12.62 -5.66 5.09
N MET A 35 -11.72 -4.71 5.31
CA MET A 35 -11.69 -3.98 6.57
C MET A 35 -11.14 -2.56 6.36
N VAL A 36 -11.61 -1.62 7.17
CA VAL A 36 -11.15 -0.24 7.06
C VAL A 36 -11.20 0.46 8.42
N GLY A 37 -10.30 1.41 8.62
CA GLY A 37 -10.24 2.14 9.88
C GLY A 37 -9.69 3.55 9.66
N GLY A 38 -10.15 4.50 10.47
CA GLY A 38 -9.70 5.88 10.36
C GLY A 38 -9.77 6.58 11.70
N VAL A 39 -8.89 7.55 11.91
CA VAL A 39 -8.86 8.30 13.17
C VAL A 39 -8.77 9.80 12.89
N VAL A 40 -9.05 10.60 13.92
CA VAL A 40 -8.99 12.05 13.77
C VAL A 40 -7.56 12.51 13.51
N ASP B 1 -32.10 -10.81 -10.64
CA ASP B 1 -31.40 -12.12 -10.73
C ASP B 1 -29.99 -11.91 -11.28
N ALA B 2 -29.89 -11.15 -12.36
CA ALA B 2 -28.60 -10.88 -12.98
C ALA B 2 -28.73 -9.78 -14.03
N GLU B 3 -28.58 -8.54 -13.60
CA GLU B 3 -28.68 -7.40 -14.51
C GLU B 3 -30.03 -7.41 -15.23
N PHE B 4 -30.75 -6.30 -15.13
CA PHE B 4 -32.06 -6.19 -15.76
C PHE B 4 -32.50 -4.73 -15.85
N ARG B 5 -31.87 -3.98 -16.74
CA ARG B 5 -32.21 -2.56 -16.91
C ARG B 5 -31.52 -1.99 -18.14
N HIS B 6 -32.20 -1.07 -18.81
CA HIS B 6 -31.64 -0.46 -20.02
C HIS B 6 -30.33 0.24 -19.69
N ASP B 7 -29.57 0.58 -20.73
CA ASP B 7 -28.29 1.25 -20.56
C ASP B 7 -27.46 0.54 -19.50
N SER B 8 -27.67 -0.78 -19.37
CA SER B 8 -26.93 -1.57 -18.39
C SER B 8 -26.95 -0.88 -17.03
N GLY B 9 -26.01 0.04 -16.81
CA GLY B 9 -25.94 0.75 -15.54
C GLY B 9 -24.53 1.26 -15.29
N TYR B 10 -24.16 1.41 -14.02
CA TYR B 10 -22.83 1.89 -13.67
C TYR B 10 -22.53 1.63 -12.20
N GLU B 11 -21.25 1.74 -11.83
CA GLU B 11 -20.85 1.51 -10.45
C GLU B 11 -19.58 2.29 -10.13
N VAL B 12 -19.42 2.64 -8.85
CA VAL B 12 -18.24 3.38 -8.42
C VAL B 12 -18.49 4.90 -8.52
N HIS B 13 -18.39 5.57 -7.38
CA HIS B 13 -18.61 7.01 -7.34
C HIS B 13 -18.78 7.48 -5.89
N HIS B 14 -18.31 8.69 -5.60
CA HIS B 14 -18.42 9.23 -4.26
C HIS B 14 -17.93 10.68 -4.21
N GLN B 15 -17.40 11.08 -3.07
CA GLN B 15 -16.89 12.45 -2.90
C GLN B 15 -15.48 12.43 -2.32
N LYS B 16 -15.39 12.70 -1.02
CA LYS B 16 -14.10 12.72 -0.34
C LYS B 16 -13.17 11.66 -0.94
N LEU B 17 -13.30 10.43 -0.48
CA LEU B 17 -12.47 9.34 -0.98
C LEU B 17 -13.28 8.04 -0.98
N VAL B 18 -13.05 7.21 -2.00
CA VAL B 18 -13.76 5.94 -2.09
C VAL B 18 -12.93 4.88 -2.81
N PHE B 19 -13.13 3.62 -2.44
CA PHE B 19 -12.39 2.53 -3.05
C PHE B 19 -13.28 1.29 -3.15
N PHE B 20 -13.13 0.54 -4.24
CA PHE B 20 -13.94 -0.66 -4.44
C PHE B 20 -13.14 -1.72 -5.18
N ALA B 21 -13.37 -2.98 -4.84
CA ALA B 21 -12.67 -4.09 -5.47
C ALA B 21 -13.57 -5.30 -5.56
N GLU B 22 -14.05 -5.61 -6.76
CA GLU B 22 -14.92 -6.75 -6.97
C GLU B 22 -15.42 -6.79 -8.41
N ASP B 23 -15.54 -8.00 -8.95
CA ASP B 23 -16.02 -8.16 -10.32
C ASP B 23 -17.49 -7.78 -10.42
N VAL B 24 -17.85 -7.12 -11.52
CA VAL B 24 -19.23 -6.70 -11.71
C VAL B 24 -20.07 -7.85 -12.29
N GLY B 25 -21.35 -7.58 -12.50
CA GLY B 25 -22.25 -8.59 -13.06
C GLY B 25 -22.38 -9.77 -12.10
N SER B 26 -21.58 -10.81 -12.34
CA SER B 26 -21.62 -12.00 -11.50
C SER B 26 -20.20 -12.42 -11.10
N ASN B 27 -20.10 -13.48 -10.32
CA ASN B 27 -18.79 -13.96 -9.88
C ASN B 27 -18.75 -15.49 -9.93
N LYS B 28 -17.54 -16.04 -9.88
CA LYS B 28 -17.36 -17.49 -9.93
C LYS B 28 -16.48 -17.95 -8.76
N GLY B 29 -15.91 -19.14 -8.91
CA GLY B 29 -15.04 -19.69 -7.86
C GLY B 29 -13.74 -18.91 -7.77
N ALA B 30 -13.72 -17.90 -6.89
CA ALA B 30 -12.53 -17.08 -6.72
C ALA B 30 -12.53 -16.42 -5.34
N ILE B 31 -11.59 -15.52 -5.11
CA ILE B 31 -11.50 -14.82 -3.84
C ILE B 31 -11.03 -13.38 -4.05
N ILE B 32 -11.55 -12.46 -3.27
CA ILE B 32 -11.17 -11.06 -3.40
C ILE B 32 -11.20 -10.38 -2.03
N GLY B 33 -10.28 -9.45 -1.80
CA GLY B 33 -10.22 -8.74 -0.54
C GLY B 33 -9.64 -7.34 -0.72
N LEU B 34 -10.07 -6.41 0.12
CA LEU B 34 -9.57 -5.04 0.03
C LEU B 34 -9.66 -4.35 1.40
N MET B 35 -8.76 -3.40 1.62
CA MET B 35 -8.72 -2.67 2.88
C MET B 35 -8.24 -1.24 2.65
N VAL B 36 -8.77 -0.31 3.43
CA VAL B 36 -8.38 1.10 3.29
C VAL B 36 -8.57 1.84 4.61
N GLY B 37 -7.77 2.88 4.81
CA GLY B 37 -7.86 3.69 6.02
C GLY B 37 -7.39 5.10 5.77
N GLY B 38 -7.92 6.05 6.55
CA GLY B 38 -7.55 7.44 6.40
C GLY B 38 -7.61 8.17 7.74
N VAL B 39 -6.73 9.15 7.93
CA VAL B 39 -6.70 9.91 9.18
C VAL B 39 -6.82 11.41 8.89
N VAL B 40 -7.78 12.04 9.54
CA VAL B 40 -8.00 13.48 9.36
C VAL B 40 -9.09 13.98 10.30
N ASP C 1 -27.27 -16.39 -17.06
CA ASP C 1 -26.81 -15.79 -15.78
C ASP C 1 -25.84 -14.65 -16.08
N ALA C 2 -24.62 -14.99 -16.48
CA ALA C 2 -23.61 -13.99 -16.80
C ALA C 2 -24.17 -12.96 -17.78
N GLU C 3 -23.31 -12.07 -18.25
CA GLU C 3 -23.72 -11.04 -19.20
C GLU C 3 -24.01 -11.65 -20.56
N PHE C 4 -25.09 -12.44 -20.62
CA PHE C 4 -25.47 -13.08 -21.88
C PHE C 4 -26.16 -12.08 -22.80
N ARG C 5 -25.36 -11.26 -23.48
CA ARG C 5 -25.90 -10.26 -24.39
C ARG C 5 -27.06 -9.50 -23.74
N HIS C 6 -26.72 -8.45 -23.00
CA HIS C 6 -27.74 -7.64 -22.33
C HIS C 6 -27.16 -6.30 -21.90
N ASP C 7 -26.32 -5.72 -22.75
CA ASP C 7 -25.70 -4.43 -22.45
C ASP C 7 -24.79 -4.55 -21.23
N SER C 8 -23.91 -3.56 -21.07
CA SER C 8 -22.99 -3.56 -19.94
C SER C 8 -22.16 -2.28 -19.93
N GLY C 9 -22.38 -1.44 -18.93
CA GLY C 9 -21.66 -0.19 -18.81
C GLY C 9 -21.45 0.19 -17.36
N TYR C 10 -20.32 0.84 -17.06
CA TYR C 10 -20.03 1.25 -15.69
C TYR C 10 -19.32 2.60 -15.68
N GLU C 11 -19.63 3.43 -14.70
CA GLU C 11 -19.01 4.75 -14.62
C GLU C 11 -18.72 5.13 -13.17
N VAL C 12 -17.57 5.77 -12.93
CA VAL C 12 -17.20 6.16 -11.57
C VAL C 12 -17.07 7.68 -11.45
N HIS C 13 -17.72 8.24 -10.44
CA HIS C 13 -17.66 9.69 -10.22
C HIS C 13 -17.29 9.99 -8.77
N HIS C 14 -16.12 10.60 -8.59
CA HIS C 14 -15.64 10.94 -7.25
C HIS C 14 -15.48 12.45 -7.10
N GLN C 15 -14.54 12.86 -6.25
CA GLN C 15 -14.28 14.27 -6.04
C GLN C 15 -12.80 14.51 -5.73
N LYS C 16 -12.40 14.21 -4.50
CA LYS C 16 -11.01 14.41 -4.09
C LYS C 16 -10.11 13.36 -4.75
N LEU C 17 -10.25 12.12 -4.31
CA LEU C 17 -9.45 11.03 -4.86
C LEU C 17 -10.24 9.73 -4.87
N VAL C 18 -10.00 8.89 -5.88
CA VAL C 18 -10.70 7.62 -5.98
C VAL C 18 -9.80 6.57 -6.61
N PHE C 19 -9.95 5.33 -6.18
CA PHE C 19 -9.15 4.22 -6.71
C PHE C 19 -9.93 2.93 -6.63
N PHE C 20 -9.71 2.03 -7.59
CA PHE C 20 -10.41 0.76 -7.60
C PHE C 20 -9.89 -0.16 -8.71
N ALA C 21 -10.39 -1.38 -8.73
CA ALA C 21 -9.98 -2.37 -9.72
C ALA C 21 -10.87 -3.59 -9.65
N GLU C 22 -11.25 -4.11 -10.82
CA GLU C 22 -12.11 -5.29 -10.88
C GLU C 22 -12.52 -5.61 -12.31
N ASP C 23 -12.95 -6.84 -12.53
CA ASP C 23 -13.37 -7.27 -13.86
C ASP C 23 -14.87 -7.04 -14.03
N VAL C 24 -15.27 -6.50 -15.18
CA VAL C 24 -16.67 -6.23 -15.43
C VAL C 24 -17.32 -7.41 -16.15
N GLY C 25 -17.65 -8.45 -15.40
CA GLY C 25 -18.28 -9.64 -15.97
C GLY C 25 -18.40 -10.74 -14.92
N SER C 26 -17.52 -11.73 -15.02
CA SER C 26 -17.53 -12.85 -14.07
C SER C 26 -16.12 -13.16 -13.58
N ASN C 27 -15.97 -13.24 -12.26
CA ASN C 27 -14.66 -13.53 -11.68
C ASN C 27 -14.36 -15.02 -11.77
N LYS C 28 -13.52 -15.38 -12.74
CA LYS C 28 -13.16 -16.79 -12.92
C LYS C 28 -12.11 -17.21 -11.90
N GLY C 29 -11.64 -18.45 -12.01
CA GLY C 29 -10.64 -18.96 -11.09
C GLY C 29 -9.43 -18.03 -11.04
N ALA C 30 -9.49 -17.05 -10.15
CA ALA C 30 -8.39 -16.09 -10.00
C ALA C 30 -8.49 -15.38 -8.66
N ILE C 31 -7.59 -14.41 -8.44
CA ILE C 31 -7.59 -13.66 -7.20
C ILE C 31 -7.23 -12.21 -7.45
N ILE C 32 -7.84 -11.30 -6.70
CA ILE C 32 -7.57 -9.88 -6.86
C ILE C 32 -7.70 -9.17 -5.50
N GLY C 33 -6.85 -8.20 -5.26
CA GLY C 33 -6.89 -7.46 -4.00
C GLY C 33 -6.30 -6.07 -4.16
N LEU C 34 -6.75 -5.14 -3.32
CA LEU C 34 -6.26 -3.76 -3.40
C LEU C 34 -6.38 -3.08 -2.03
N MET C 35 -5.50 -2.11 -1.79
CA MET C 35 -5.51 -1.37 -0.54
C MET C 35 -5.10 0.08 -0.80
N VAL C 36 -5.68 1.01 -0.06
CA VAL C 36 -5.36 2.41 -0.23
C VAL C 36 -5.49 3.17 1.09
N GLY C 37 -4.64 4.17 1.28
CA GLY C 37 -4.67 4.96 2.50
C GLY C 37 -4.20 6.38 2.24
N GLY C 38 -4.74 7.33 3.00
CA GLY C 38 -4.36 8.74 2.83
C GLY C 38 -4.45 9.47 4.16
N VAL C 39 -3.57 10.45 4.35
CA VAL C 39 -3.54 11.23 5.58
C VAL C 39 -3.56 12.72 5.27
N VAL C 40 -4.19 13.49 6.16
CA VAL C 40 -4.27 14.94 5.96
C VAL C 40 -2.88 15.53 5.79
N ASP D 1 -18.05 -17.80 -25.48
CA ASP D 1 -17.85 -16.87 -24.33
C ASP D 1 -17.96 -15.43 -24.83
N ALA D 2 -18.67 -14.61 -24.06
CA ALA D 2 -18.85 -13.21 -24.43
C ALA D 2 -17.79 -12.34 -23.76
N GLU D 3 -16.60 -12.31 -24.34
CA GLU D 3 -15.50 -11.52 -23.79
C GLU D 3 -14.67 -10.91 -24.92
N PHE D 4 -14.40 -11.71 -25.95
CA PHE D 4 -13.62 -11.23 -27.08
C PHE D 4 -14.25 -9.99 -27.69
N ARG D 5 -13.62 -8.84 -27.49
CA ARG D 5 -14.14 -7.59 -28.02
C ARG D 5 -15.57 -7.36 -27.57
N HIS D 6 -15.80 -7.47 -26.27
CA HIS D 6 -17.14 -7.28 -25.71
C HIS D 6 -17.36 -5.82 -25.34
N ASP D 7 -18.23 -5.59 -24.36
CA ASP D 7 -18.53 -4.23 -23.92
C ASP D 7 -17.89 -3.97 -22.56
N SER D 8 -17.63 -2.70 -22.27
CA SER D 8 -17.02 -2.32 -21.00
C SER D 8 -17.88 -1.29 -20.27
N GLY D 9 -17.69 -0.02 -20.63
CA GLY D 9 -18.45 1.06 -20.01
C GLY D 9 -17.73 2.39 -20.17
N TYR D 10 -18.06 3.35 -19.31
CA TYR D 10 -17.43 4.66 -19.36
C TYR D 10 -17.53 5.35 -18.00
N GLU D 11 -16.61 6.28 -17.75
CA GLU D 11 -16.62 7.00 -16.48
C GLU D 11 -15.26 7.63 -16.21
N VAL D 12 -15.00 7.94 -14.95
CA VAL D 12 -13.72 8.53 -14.56
C VAL D 12 -13.67 10.01 -14.92
N HIS D 13 -13.30 10.83 -13.94
CA HIS D 13 -13.18 12.27 -14.15
C HIS D 13 -13.75 13.04 -12.96
N HIS D 14 -13.57 14.36 -12.99
CA HIS D 14 -14.07 15.21 -11.91
C HIS D 14 -13.32 16.54 -11.90
N GLN D 15 -12.34 16.66 -11.00
CA GLN D 15 -11.56 17.89 -10.90
C GLN D 15 -10.46 17.73 -9.86
N LYS D 16 -9.90 16.53 -9.75
CA LYS D 16 -8.83 16.28 -8.80
C LYS D 16 -7.86 15.24 -9.34
N LEU D 17 -7.94 14.02 -8.82
CA LEU D 17 -7.05 12.95 -9.27
C LEU D 17 -7.75 11.59 -9.17
N VAL D 18 -7.43 10.70 -10.12
CA VAL D 18 -8.04 9.38 -10.13
C VAL D 18 -7.04 8.35 -10.66
N PHE D 19 -7.11 7.13 -10.12
CA PHE D 19 -6.22 6.07 -10.55
C PHE D 19 -6.86 4.70 -10.35
N PHE D 20 -6.52 3.75 -11.21
CA PHE D 20 -7.08 2.40 -11.11
C PHE D 20 -6.82 1.60 -12.37
N ALA D 21 -7.54 0.49 -12.52
CA ALA D 21 -7.40 -0.37 -13.69
C ALA D 21 -8.73 -1.03 -14.03
N GLU D 22 -9.20 -0.80 -15.25
CA GLU D 22 -10.47 -1.38 -15.68
C GLU D 22 -10.29 -2.25 -16.93
N ASP D 23 -10.80 -3.47 -16.86
CA ASP D 23 -10.69 -4.39 -17.99
C ASP D 23 -12.06 -4.96 -18.34
N VAL D 24 -12.31 -5.15 -19.63
CA VAL D 24 -13.60 -5.70 -20.07
C VAL D 24 -13.94 -6.96 -19.30
N GLY D 25 -15.20 -7.38 -19.38
CA GLY D 25 -15.64 -8.57 -18.69
C GLY D 25 -14.76 -9.77 -19.03
N SER D 26 -13.53 -9.75 -18.51
CA SER D 26 -12.59 -10.84 -18.77
C SER D 26 -11.71 -11.07 -17.56
N ASN D 27 -12.20 -11.87 -16.61
CA ASN D 27 -11.45 -12.17 -15.40
C ASN D 27 -10.73 -13.50 -15.55
N LYS D 28 -9.42 -13.44 -15.75
CA LYS D 28 -8.61 -14.65 -15.91
C LYS D 28 -7.93 -15.00 -14.60
N GLY D 29 -6.95 -15.90 -14.66
CA GLY D 29 -6.23 -16.32 -13.47
C GLY D 29 -5.87 -15.13 -12.60
N ALA D 30 -5.09 -15.38 -11.53
CA ALA D 30 -4.70 -14.32 -10.62
C ALA D 30 -4.56 -12.99 -11.37
N ILE D 31 -5.43 -12.05 -11.05
CA ILE D 31 -5.40 -10.74 -11.70
C ILE D 31 -6.01 -9.66 -10.80
N ILE D 32 -5.58 -8.42 -11.01
CA ILE D 32 -6.11 -7.30 -10.25
C ILE D 32 -5.72 -7.39 -8.77
N GLY D 33 -4.46 -7.14 -8.48
CA GLY D 33 -3.97 -7.19 -7.09
C GLY D 33 -2.88 -6.13 -6.89
N LEU D 34 -2.88 -5.49 -5.72
CA LEU D 34 -1.87 -4.47 -5.44
C LEU D 34 -2.31 -3.56 -4.30
N MET D 35 -1.73 -2.37 -4.25
CA MET D 35 -2.05 -1.39 -3.21
C MET D 35 -1.67 0.02 -3.65
N VAL D 36 -2.30 1.01 -3.04
CA VAL D 36 -2.02 2.40 -3.39
C VAL D 36 -2.30 3.31 -2.20
N GLY D 37 -1.62 4.45 -2.14
CA GLY D 37 -1.81 5.40 -1.04
C GLY D 37 -1.44 6.82 -1.46
N GLY D 38 -2.06 7.80 -0.82
CA GLY D 38 -1.80 9.20 -1.14
C GLY D 38 -2.07 10.09 0.08
N VAL D 39 -1.35 11.20 0.16
CA VAL D 39 -1.52 12.12 1.27
C VAL D 39 -1.89 13.51 0.76
N VAL D 40 -2.58 14.28 1.60
CA VAL D 40 -3.01 15.62 1.23
C VAL D 40 -1.92 16.64 1.56
N ASP E 1 -20.90 -5.86 -33.62
CA ASP E 1 -19.77 -5.17 -32.93
C ASP E 1 -20.11 -4.99 -31.46
N ALA E 2 -19.85 -6.02 -30.67
CA ALA E 2 -20.14 -5.96 -29.23
C ALA E 2 -19.10 -5.10 -28.51
N GLU E 3 -19.16 -3.79 -28.73
CA GLU E 3 -18.23 -2.88 -28.10
C GLU E 3 -18.62 -1.43 -28.39
N PHE E 4 -19.60 -1.25 -29.26
CA PHE E 4 -20.06 0.09 -29.61
C PHE E 4 -21.51 0.28 -29.18
N ARG E 5 -22.44 -0.12 -30.04
CA ARG E 5 -23.86 0.00 -29.74
C ARG E 5 -24.17 1.39 -29.19
N HIS E 6 -24.99 1.45 -28.16
CA HIS E 6 -25.36 2.72 -27.54
C HIS E 6 -24.35 3.11 -26.46
N ASP E 7 -24.73 4.08 -25.63
CA ASP E 7 -23.85 4.52 -24.56
C ASP E 7 -23.85 3.53 -23.40
N SER E 8 -22.82 2.68 -23.36
CA SER E 8 -22.72 1.68 -22.30
C SER E 8 -22.83 2.34 -20.93
N GLY E 9 -21.95 3.28 -20.65
CA GLY E 9 -21.97 3.98 -19.38
C GLY E 9 -21.13 5.26 -19.45
N TYR E 10 -21.34 6.14 -18.47
CA TYR E 10 -20.60 7.40 -18.43
C TYR E 10 -20.58 7.97 -17.01
N GLU E 11 -19.56 8.78 -16.72
CA GLU E 11 -19.44 9.38 -15.39
C GLU E 11 -18.61 10.66 -15.46
N VAL E 12 -18.85 11.56 -14.50
CA VAL E 12 -18.12 12.82 -14.44
C VAL E 12 -17.75 13.31 -15.83
N HIS E 13 -16.56 12.94 -16.29
CA HIS E 13 -16.09 13.35 -17.61
C HIS E 13 -15.25 14.62 -17.50
N HIS E 14 -13.96 14.48 -17.81
CA HIS E 14 -13.05 15.62 -17.73
C HIS E 14 -12.58 15.85 -16.30
N GLN E 15 -11.26 15.99 -16.12
CA GLN E 15 -10.70 16.20 -14.80
C GLN E 15 -9.36 16.92 -14.90
N LYS E 16 -8.76 17.19 -13.74
CA LYS E 16 -7.46 17.88 -13.70
C LYS E 16 -6.35 16.92 -14.09
N LEU E 17 -6.29 15.77 -13.42
CA LEU E 17 -5.26 14.78 -13.72
C LEU E 17 -5.81 13.38 -13.51
N VAL E 18 -5.37 12.44 -14.36
CA VAL E 18 -5.83 11.06 -14.25
C VAL E 18 -4.76 10.08 -14.74
N PHE E 19 -4.76 8.89 -14.18
CA PHE E 19 -3.80 7.86 -14.56
C PHE E 19 -4.37 6.47 -14.31
N PHE E 20 -3.96 5.51 -15.13
CA PHE E 20 -4.45 4.14 -14.97
C PHE E 20 -4.22 3.34 -16.25
N ALA E 21 -4.96 2.24 -16.39
CA ALA E 21 -4.84 1.38 -17.57
C ALA E 21 -6.22 1.09 -18.13
N GLU E 22 -6.56 1.74 -19.25
CA GLU E 22 -7.85 1.54 -19.88
C GLU E 22 -7.85 0.27 -20.71
N ASP E 23 -8.72 -0.67 -20.35
CA ASP E 23 -8.82 -1.93 -21.08
C ASP E 23 -10.29 -2.29 -21.32
N VAL E 24 -10.68 -2.29 -22.59
CA VAL E 24 -12.05 -2.62 -22.94
C VAL E 24 -12.09 -3.70 -24.01
N GLY E 25 -13.29 -4.19 -24.32
CA GLY E 25 -13.45 -5.22 -25.33
C GLY E 25 -12.80 -6.53 -24.88
N SER E 26 -11.47 -6.56 -24.93
CA SER E 26 -10.73 -7.76 -24.53
C SER E 26 -9.53 -7.38 -23.67
N ASN E 27 -8.94 -8.39 -23.01
CA ASN E 27 -7.78 -8.15 -22.15
C ASN E 27 -6.88 -9.38 -22.12
N LYS E 28 -5.85 -9.33 -21.28
CA LYS E 28 -4.92 -10.45 -21.16
C LYS E 28 -5.38 -11.42 -20.08
N GLY E 29 -4.69 -12.55 -19.97
CA GLY E 29 -5.05 -13.56 -18.97
C GLY E 29 -3.84 -13.94 -18.13
N ALA E 30 -3.92 -13.69 -16.82
CA ALA E 30 -2.83 -14.02 -15.91
C ALA E 30 -2.96 -13.22 -14.62
N ILE E 31 -2.12 -12.22 -14.46
CA ILE E 31 -2.15 -11.38 -13.27
C ILE E 31 -1.83 -9.94 -13.63
N ILE E 32 -2.52 -8.99 -12.99
CA ILE E 32 -2.29 -7.58 -13.29
C ILE E 32 -2.46 -6.74 -12.03
N GLY E 33 -1.65 -5.68 -11.92
CA GLY E 33 -1.73 -4.81 -10.75
C GLY E 33 -0.48 -3.95 -10.61
N LEU E 34 -0.27 -3.43 -9.41
CA LEU E 34 0.90 -2.59 -9.15
C LEU E 34 0.67 -1.71 -7.91
N MET E 35 1.43 -0.62 -7.81
CA MET E 35 1.29 0.28 -6.68
C MET E 35 1.58 1.71 -7.13
N VAL E 36 0.87 2.67 -6.53
CA VAL E 36 1.08 4.07 -6.88
C VAL E 36 0.69 4.98 -5.71
N GLY E 37 1.30 6.16 -5.67
CA GLY E 37 1.01 7.12 -4.60
C GLY E 37 1.25 8.54 -5.08
N GLY E 38 0.51 9.49 -4.51
CA GLY E 38 0.66 10.90 -4.89
C GLY E 38 0.35 11.81 -3.71
N VAL E 39 1.02 12.95 -3.66
CA VAL E 39 0.81 13.90 -2.58
C VAL E 39 0.04 15.12 -3.09
N VAL E 40 -0.59 15.84 -2.17
CA VAL E 40 -1.36 17.03 -2.53
C VAL E 40 -2.35 16.70 -3.65
N ASP F 1 22.11 0.72 31.86
CA ASP F 1 21.82 1.59 33.03
C ASP F 1 20.42 2.16 32.90
N ALA F 2 19.96 2.30 31.66
CA ALA F 2 18.62 2.85 31.41
C ALA F 2 17.62 1.73 31.17
N GLU F 3 17.69 1.12 29.99
CA GLU F 3 16.77 0.04 29.64
C GLU F 3 16.99 -1.15 30.56
N PHE F 4 18.23 -1.64 30.62
CA PHE F 4 18.56 -2.78 31.47
C PHE F 4 20.03 -2.76 31.84
N ARG F 5 20.90 -2.86 30.83
CA ARG F 5 22.35 -2.86 31.07
C ARG F 5 23.06 -2.09 29.96
N HIS F 6 24.38 -2.16 29.96
CA HIS F 6 25.18 -1.48 28.95
C HIS F 6 24.94 -2.09 27.57
N ASP F 7 25.97 -2.72 27.02
CA ASP F 7 25.85 -3.35 25.70
C ASP F 7 24.63 -4.25 25.65
N SER F 8 23.99 -4.29 24.48
CA SER F 8 22.80 -5.12 24.30
C SER F 8 22.68 -5.57 22.85
N GLY F 9 21.61 -6.31 22.56
CA GLY F 9 21.39 -6.80 21.20
C GLY F 9 19.88 -6.85 20.90
N TYR F 10 19.51 -6.57 19.66
CA TYR F 10 18.10 -6.58 19.28
C TYR F 10 17.95 -7.01 17.83
N GLU F 11 16.85 -7.69 17.53
CA GLU F 11 16.58 -8.16 16.18
C GLU F 11 15.08 -8.28 15.94
N VAL F 12 14.64 -8.04 14.71
CA VAL F 12 13.22 -8.13 14.39
C VAL F 12 12.95 -9.32 13.47
N HIS F 13 11.89 -10.06 13.78
CA HIS F 13 11.52 -11.23 12.98
C HIS F 13 10.25 -11.86 13.52
N HIS F 14 9.54 -12.58 12.64
CA HIS F 14 8.30 -13.23 13.04
C HIS F 14 7.77 -14.11 11.91
N GLN F 15 6.46 -14.05 11.69
CA GLN F 15 5.83 -14.84 10.63
C GLN F 15 4.82 -14.00 9.87
N LYS F 16 4.18 -14.61 8.87
CA LYS F 16 3.18 -13.92 8.07
C LYS F 16 3.62 -12.48 7.78
N LEU F 17 3.06 -11.54 8.53
CA LEU F 17 3.41 -10.13 8.35
C LEU F 17 3.35 -9.40 9.69
N VAL F 18 4.26 -8.46 9.88
CA VAL F 18 4.29 -7.69 11.13
C VAL F 18 4.78 -6.27 10.86
N PHE F 19 4.26 -5.32 11.64
CA PHE F 19 4.65 -3.93 11.49
C PHE F 19 4.47 -3.18 12.80
N PHE F 20 5.27 -2.14 13.00
CA PHE F 20 5.18 -1.35 14.23
C PHE F 20 5.82 0.03 14.03
N ALA F 21 5.44 0.97 14.87
CA ALA F 21 5.97 2.33 14.78
C ALA F 21 6.30 2.86 16.17
N GLU F 22 7.57 2.80 16.55
CA GLU F 22 7.99 3.29 17.86
C GLU F 22 9.49 3.10 18.05
N ASP F 23 9.99 3.51 19.21
CA ASP F 23 11.42 3.39 19.51
C ASP F 23 11.64 2.33 20.58
N VAL F 24 12.82 1.71 20.55
CA VAL F 24 13.16 0.68 21.53
C VAL F 24 13.48 1.31 22.88
N GLY F 25 13.67 0.47 23.89
CA GLY F 25 14.00 0.97 25.22
C GLY F 25 12.74 1.47 25.93
N SER F 26 12.31 2.67 25.58
CA SER F 26 11.13 3.26 26.18
C SER F 26 10.47 4.25 25.23
N ASN F 27 9.22 4.61 25.52
CA ASN F 27 8.50 5.56 24.67
C ASN F 27 8.37 6.91 25.38
N LYS F 28 7.96 7.93 24.62
CA LYS F 28 7.79 9.27 25.18
C LYS F 28 6.41 9.82 24.86
N GLY F 29 6.24 11.13 25.05
CA GLY F 29 4.97 11.77 24.77
C GLY F 29 4.75 11.95 23.27
N ALA F 30 3.97 11.07 22.68
CA ALA F 30 3.68 11.14 21.25
C ALA F 30 2.38 10.41 20.93
N ILE F 31 2.18 10.11 19.65
CA ILE F 31 0.98 9.40 19.22
C ILE F 31 1.31 8.44 18.09
N ILE F 32 0.67 7.28 18.09
CA ILE F 32 0.93 6.28 17.05
C ILE F 32 -0.29 5.40 16.84
N GLY F 33 -0.47 4.91 15.61
CA GLY F 33 -1.59 4.05 15.28
C GLY F 33 -1.21 3.06 14.18
N LEU F 34 -1.81 1.88 14.22
CA LEU F 34 -1.51 0.85 13.22
C LEU F 34 -2.74 0.00 12.96
N MET F 35 -2.88 -0.46 11.71
CA MET F 35 -4.02 -1.29 11.34
C MET F 35 -3.61 -2.28 10.24
N VAL F 36 -4.20 -3.47 10.28
CA VAL F 36 -3.88 -4.49 9.28
C VAL F 36 -5.11 -5.36 9.00
N GLY F 37 -5.24 -5.82 7.76
CA GLY F 37 -6.36 -6.66 7.39
C GLY F 37 -5.97 -7.61 6.25
N GLY F 38 -6.56 -8.80 6.24
CA GLY F 38 -6.26 -9.78 5.21
C GLY F 38 -7.40 -10.80 5.07
N VAL F 39 -7.48 -11.41 3.89
CA VAL F 39 -8.52 -12.40 3.63
C VAL F 39 -7.91 -13.79 3.45
N VAL F 40 -8.49 -14.78 4.11
CA VAL F 40 -8.00 -16.15 3.99
C VAL F 40 -8.53 -16.82 2.73
N ASP G 1 22.62 8.85 31.13
CA ASP G 1 22.99 8.65 29.70
C ASP G 1 21.86 7.90 28.99
N ALA G 2 21.74 8.13 27.68
CA ALA G 2 20.70 7.47 26.90
C ALA G 2 21.16 6.08 26.46
N GLU G 3 21.96 6.04 25.40
CA GLU G 3 22.46 4.77 24.89
C GLU G 3 23.80 4.42 25.53
N PHE G 4 24.46 3.40 25.00
CA PHE G 4 25.75 2.98 25.52
C PHE G 4 26.72 2.68 24.39
N ARG G 5 27.94 2.27 24.74
CA ARG G 5 28.95 1.96 23.74
C ARG G 5 28.64 0.63 23.05
N HIS G 6 29.52 0.23 22.14
CA HIS G 6 29.34 -1.02 21.42
C HIS G 6 27.96 -1.06 20.77
N ASP G 7 27.72 -2.08 19.93
CA ASP G 7 26.46 -2.22 19.24
C ASP G 7 25.29 -2.02 20.21
N SER G 8 24.32 -1.22 19.81
CA SER G 8 23.15 -0.96 20.65
C SER G 8 22.10 -2.05 20.47
N GLY G 9 22.11 -2.70 19.31
CA GLY G 9 21.15 -3.75 19.03
C GLY G 9 21.02 -3.99 17.53
N TYR G 10 19.88 -4.54 17.12
CA TYR G 10 19.63 -4.81 15.71
C TYR G 10 18.15 -5.13 15.49
N GLU G 11 17.75 -5.13 14.22
CA GLU G 11 16.35 -5.42 13.89
C GLU G 11 16.26 -6.05 12.50
N VAL G 12 15.25 -6.89 12.30
CA VAL G 12 15.07 -7.55 11.01
C VAL G 12 16.13 -8.63 10.81
N HIS G 13 15.69 -9.88 10.78
CA HIS G 13 16.60 -11.01 10.59
C HIS G 13 16.05 -11.98 9.56
N HIS G 14 14.83 -12.45 9.80
CA HIS G 14 14.19 -13.40 8.89
C HIS G 14 12.69 -13.45 9.13
N GLN G 15 11.91 -13.44 8.05
CA GLN G 15 10.46 -13.49 8.16
C GLN G 15 9.81 -13.19 6.80
N LYS G 16 8.54 -13.57 6.68
CA LYS G 16 7.81 -13.34 5.43
C LYS G 16 8.03 -11.91 4.94
N LEU G 17 7.26 -10.97 5.50
CA LEU G 17 7.37 -9.57 5.12
C LEU G 17 7.11 -8.67 6.33
N VAL G 18 7.83 -7.56 6.41
CA VAL G 18 7.66 -6.64 7.52
C VAL G 18 8.01 -5.21 7.12
N PHE G 19 7.39 -4.24 7.77
CA PHE G 19 7.64 -2.84 7.47
C PHE G 19 7.26 -1.96 8.66
N PHE G 20 7.89 -0.78 8.75
CA PHE G 20 7.60 0.13 9.83
C PHE G 20 8.67 1.22 9.94
N ALA G 21 8.68 1.92 11.07
CA ALA G 21 9.65 2.99 11.29
C ALA G 21 10.51 2.66 12.51
N GLU G 22 11.82 2.54 12.28
CA GLU G 22 12.74 2.22 13.37
C GLU G 22 13.41 3.48 13.90
N ASP G 23 13.39 3.63 15.22
CA ASP G 23 14.00 4.79 15.86
C ASP G 23 14.41 4.45 17.29
N VAL G 24 15.71 4.45 17.55
CA VAL G 24 16.21 4.13 18.89
C VAL G 24 16.30 5.38 19.75
N GLY G 25 16.92 5.24 20.92
CA GLY G 25 17.07 6.37 21.83
C GLY G 25 15.76 6.69 22.52
N SER G 26 15.16 7.83 22.16
CA SER G 26 13.89 8.23 22.75
C SER G 26 13.00 8.90 21.71
N ASN G 27 11.71 8.57 21.74
CA ASN G 27 10.77 9.14 20.79
C ASN G 27 10.49 10.61 21.13
N LYS G 28 10.27 11.42 20.10
CA LYS G 28 10.00 12.84 20.30
C LYS G 28 8.52 13.13 20.08
N GLY G 29 8.09 14.33 20.48
CA GLY G 29 6.70 14.72 20.31
C GLY G 29 6.34 14.81 18.83
N ALA G 30 5.89 13.70 18.26
CA ALA G 30 5.51 13.68 16.85
C ALA G 30 4.32 12.75 16.64
N ILE G 31 4.18 12.26 15.41
CA ILE G 31 3.10 11.36 15.07
C ILE G 31 3.55 10.34 14.03
N ILE G 32 3.02 9.12 14.12
CA ILE G 32 3.38 8.07 13.17
C ILE G 32 2.21 7.14 12.92
N GLY G 33 2.10 6.64 11.70
CA GLY G 33 1.00 5.74 11.34
C GLY G 33 1.43 4.80 10.23
N LEU G 34 0.86 3.59 10.23
CA LEU G 34 1.19 2.61 9.21
C LEU G 34 0.05 1.59 9.05
N MET G 35 -0.02 0.99 7.88
CA MET G 35 -1.06 -0.01 7.62
C MET G 35 -0.59 -1.01 6.55
N VAL G 36 -1.11 -2.23 6.62
CA VAL G 36 -0.74 -3.26 5.66
C VAL G 36 -1.91 -4.22 5.43
N GLY G 37 -1.99 -4.75 4.21
CA GLY G 37 -3.06 -5.68 3.87
C GLY G 37 -2.58 -6.70 2.83
N GLY G 38 -3.10 -7.91 2.91
CA GLY G 38 -2.71 -8.96 1.98
C GLY G 38 -3.86 -9.93 1.74
N VAL G 39 -3.93 -10.48 0.53
CA VAL G 39 -4.99 -11.43 0.20
C VAL G 39 -4.40 -12.79 -0.13
N VAL G 40 -5.04 -13.84 0.38
CA VAL G 40 -4.57 -15.21 0.14
C VAL G 40 -5.45 -15.90 -0.90
N ASP H 1 23.50 17.15 20.45
CA ASP H 1 24.23 16.28 19.49
C ASP H 1 23.72 14.85 19.60
N ALA H 2 23.26 14.48 20.79
CA ALA H 2 22.75 13.14 21.02
C ALA H 2 23.79 12.10 20.67
N GLU H 3 23.46 10.83 20.87
CA GLU H 3 24.38 9.74 20.58
C GLU H 3 25.80 10.09 21.04
N PHE H 4 25.92 10.50 22.30
CA PHE H 4 27.21 10.86 22.86
C PHE H 4 28.25 9.79 22.54
N ARG H 5 29.48 10.02 22.97
CA ARG H 5 30.56 9.08 22.71
C ARG H 5 30.08 7.65 22.89
N HIS H 6 29.64 7.03 21.79
CA HIS H 6 29.14 5.67 21.84
C HIS H 6 29.42 4.95 20.52
N ASP H 7 28.68 3.88 20.27
CA ASP H 7 28.86 3.11 19.03
C ASP H 7 27.51 2.72 18.45
N SER H 8 26.74 1.94 19.20
CA SER H 8 25.43 1.50 18.73
C SER H 8 25.55 0.72 17.43
N GLY H 9 24.70 -0.29 17.26
CA GLY H 9 24.73 -1.10 16.05
C GLY H 9 23.35 -1.67 15.73
N TYR H 10 23.05 -1.84 14.46
CA TYR H 10 21.76 -2.38 14.04
C TYR H 10 21.88 -3.10 12.70
N GLU H 11 21.03 -4.10 12.49
CA GLU H 11 21.06 -4.85 11.24
C GLU H 11 19.65 -5.30 10.87
N VAL H 12 19.38 -5.36 9.56
CA VAL H 12 18.06 -5.77 9.08
C VAL H 12 18.19 -6.84 8.00
N HIS H 13 17.28 -7.80 8.02
CA HIS H 13 17.29 -8.88 7.04
C HIS H 13 15.99 -9.67 7.08
N HIS H 14 15.40 -9.91 5.92
CA HIS H 14 14.14 -10.65 5.85
C HIS H 14 14.19 -11.68 4.72
N GLN H 15 13.02 -12.24 4.39
CA GLN H 15 12.93 -13.23 3.33
C GLN H 15 12.19 -12.67 2.12
N LYS H 16 10.89 -12.95 2.05
CA LYS H 16 10.09 -12.48 0.93
C LYS H 16 10.45 -11.05 0.57
N LEU H 17 9.82 -10.09 1.24
CA LEU H 17 10.09 -8.67 0.98
C LEU H 17 9.94 -7.86 2.25
N VAL H 18 10.77 -6.83 2.39
CA VAL H 18 10.73 -5.98 3.58
C VAL H 18 11.09 -4.54 3.21
N PHE H 19 10.47 -3.59 3.90
CA PHE H 19 10.73 -2.17 3.65
C PHE H 19 10.43 -1.34 4.88
N PHE H 20 11.14 -0.23 5.04
CA PHE H 20 10.94 0.64 6.19
C PHE H 20 11.94 1.78 6.22
N ALA H 21 11.92 2.54 7.31
CA ALA H 21 12.83 3.67 7.47
C ALA H 21 13.79 3.40 8.63
N GLU H 22 15.00 2.96 8.30
CA GLU H 22 16.00 2.67 9.33
C GLU H 22 16.73 3.94 9.75
N ASP H 23 16.47 4.38 10.97
CA ASP H 23 17.11 5.59 11.49
C ASP H 23 17.47 5.41 12.96
N VAL H 24 18.75 5.56 13.27
CA VAL H 24 19.21 5.41 14.65
C VAL H 24 19.22 6.76 15.36
N GLY H 25 19.61 6.75 16.63
CA GLY H 25 19.65 7.97 17.42
C GLY H 25 18.32 8.21 18.13
N SER H 26 17.61 9.25 17.71
CA SER H 26 16.33 9.57 18.31
C SER H 26 15.39 10.20 17.28
N ASN H 27 14.09 10.20 17.58
CA ASN H 27 13.11 10.78 16.67
C ASN H 27 13.08 12.29 16.81
N LYS H 28 12.27 12.94 15.97
CA LYS H 28 12.15 14.39 16.01
C LYS H 28 10.69 14.81 15.86
N GLY H 29 10.42 16.09 16.10
CA GLY H 29 9.06 16.61 15.98
C GLY H 29 8.65 16.75 14.52
N ALA H 30 8.02 15.71 13.99
CA ALA H 30 7.58 15.73 12.59
C ALA H 30 6.44 14.75 12.37
N ILE H 31 6.35 14.21 11.17
CA ILE H 31 5.30 13.25 10.84
C ILE H 31 5.83 12.21 9.86
N ILE H 32 5.36 10.97 10.00
CA ILE H 32 5.80 9.90 9.12
C ILE H 32 4.67 8.90 8.89
N GLY H 33 4.62 8.34 7.68
CA GLY H 33 3.59 7.37 7.35
C GLY H 33 4.11 6.34 6.35
N LEU H 34 3.65 5.10 6.47
CA LEU H 34 4.08 4.05 5.57
C LEU H 34 2.97 3.04 5.35
N MET H 35 2.92 2.46 4.15
CA MET H 35 1.88 1.48 3.82
C MET H 35 2.43 0.44 2.86
N VAL H 36 1.98 -0.80 2.99
CA VAL H 36 2.45 -1.86 2.12
C VAL H 36 1.37 -2.94 1.96
N GLY H 37 1.36 -3.61 0.81
CA GLY H 37 0.39 -4.64 0.53
C GLY H 37 0.94 -5.68 -0.42
N GLY H 38 0.49 -6.92 -0.28
CA GLY H 38 0.96 -8.00 -1.14
C GLY H 38 -0.13 -9.05 -1.34
N VAL H 39 -0.14 -9.67 -2.52
CA VAL H 39 -1.14 -10.69 -2.82
C VAL H 39 -0.47 -12.03 -3.08
N VAL H 40 -0.87 -13.05 -2.31
CA VAL H 40 -0.31 -14.37 -2.47
C VAL H 40 -1.25 -15.28 -3.25
N ASP I 1 28.11 20.04 13.42
CA ASP I 1 28.71 18.88 14.13
C ASP I 1 27.62 18.14 14.89
N ALA I 2 27.81 16.83 15.06
CA ALA I 2 26.82 16.01 15.76
C ALA I 2 27.35 14.58 15.93
N GLU I 3 28.32 14.21 15.11
CA GLU I 3 28.89 12.87 15.18
C GLU I 3 30.40 12.92 14.95
N PHE I 4 31.16 12.70 16.01
CA PHE I 4 32.62 12.73 15.91
C PHE I 4 33.13 11.42 15.34
N ARG I 5 34.43 11.38 15.04
CA ARG I 5 35.03 10.17 14.47
C ARG I 5 34.89 9.00 15.44
N HIS I 6 33.68 8.46 15.53
CA HIS I 6 33.43 7.33 16.42
C HIS I 6 33.26 6.05 15.62
N ASP I 7 32.81 4.99 16.28
CA ASP I 7 32.62 3.70 15.63
C ASP I 7 31.30 3.69 14.86
N SER I 8 30.28 3.08 15.45
CA SER I 8 28.97 3.01 14.81
C SER I 8 29.06 2.26 13.49
N GLY I 9 28.20 1.26 13.31
CA GLY I 9 28.19 0.48 12.08
C GLY I 9 26.79 0.00 11.75
N TYR I 10 26.48 -0.10 10.46
CA TYR I 10 25.17 -0.57 10.02
C TYR I 10 25.29 -1.38 8.74
N GLU I 11 24.46 -2.41 8.61
CA GLU I 11 24.49 -3.25 7.42
C GLU I 11 23.08 -3.71 7.05
N VAL I 12 22.80 -3.80 5.76
CA VAL I 12 21.48 -4.24 5.31
C VAL I 12 21.59 -5.56 4.54
N HIS I 13 20.55 -6.37 4.62
CA HIS I 13 20.54 -7.65 3.93
C HIS I 13 19.11 -8.09 3.61
N HIS I 14 18.98 -9.17 2.85
CA HIS I 14 17.67 -9.68 2.48
C HIS I 14 17.80 -10.96 1.66
N GLN I 15 16.66 -11.47 1.18
CA GLN I 15 16.68 -12.69 0.38
C GLN I 15 16.12 -12.42 -1.02
N LYS I 16 14.82 -12.15 -1.09
CA LYS I 16 14.18 -11.87 -2.37
C LYS I 16 14.44 -10.43 -2.80
N LEU I 17 13.72 -9.50 -2.19
CA LEU I 17 13.87 -8.08 -2.53
C LEU I 17 13.62 -7.22 -1.30
N VAL I 18 14.36 -6.12 -1.20
CA VAL I 18 14.21 -5.21 -0.07
C VAL I 18 14.49 -3.77 -0.49
N PHE I 19 13.79 -2.83 0.12
CA PHE I 19 13.98 -1.42 -0.21
C PHE I 19 13.60 -0.53 0.96
N PHE I 20 14.23 0.65 1.04
CA PHE I 20 13.93 1.58 2.12
C PHE I 20 14.93 2.74 2.14
N ALA I 21 14.88 3.51 3.22
CA ALA I 21 15.79 4.64 3.37
C ALA I 21 16.65 4.48 4.62
N GLU I 22 17.89 4.96 4.55
CA GLU I 22 18.80 4.85 5.69
C GLU I 22 19.34 6.22 6.07
N ASP I 23 18.92 6.72 7.23
CA ASP I 23 19.38 8.02 7.71
C ASP I 23 19.73 7.94 9.19
N VAL I 24 21.00 8.18 9.50
CA VAL I 24 21.45 8.14 10.89
C VAL I 24 21.87 9.53 11.37
N GLY I 25 22.37 9.60 12.60
CA GLY I 25 22.81 10.86 13.17
C GLY I 25 21.65 11.55 13.90
N SER I 26 21.10 12.58 13.27
CA SER I 26 19.98 13.31 13.88
C SER I 26 19.05 13.84 12.80
N ASN I 27 17.82 13.33 12.78
CA ASN I 27 16.84 13.76 11.79
C ASN I 27 16.30 15.14 12.14
N LYS I 28 15.76 15.83 11.15
CA LYS I 28 15.21 17.17 11.36
C LYS I 28 13.68 17.13 11.35
N GLY I 29 13.06 18.24 11.72
CA GLY I 29 11.61 18.33 11.76
C GLY I 29 11.05 18.56 10.35
N ALA I 30 10.52 17.50 9.75
CA ALA I 30 9.96 17.60 8.40
C ALA I 30 8.84 16.58 8.22
N ILE I 31 8.80 16.00 7.03
CA ILE I 31 7.79 14.99 6.72
C ILE I 31 8.36 13.93 5.79
N ILE I 32 7.94 12.68 5.98
CA ILE I 32 8.43 11.59 5.15
C ILE I 32 7.33 10.54 4.95
N GLY I 33 7.31 9.92 3.77
CA GLY I 33 6.31 8.91 3.47
C GLY I 33 6.84 7.92 2.44
N LEU I 34 6.37 6.67 2.53
CA LEU I 34 6.81 5.64 1.60
C LEU I 34 5.74 4.56 1.45
N MET I 35 5.73 3.90 0.30
CA MET I 35 4.75 2.85 0.04
C MET I 35 5.34 1.80 -0.90
N VAL I 36 4.92 0.55 -0.72
CA VAL I 36 5.42 -0.53 -1.56
C VAL I 36 4.35 -1.61 -1.72
N GLY I 37 4.34 -2.27 -2.88
CA GLY I 37 3.36 -3.32 -3.13
C GLY I 37 3.90 -4.33 -4.15
N GLY I 38 3.42 -5.57 -4.05
CA GLY I 38 3.85 -6.61 -4.96
C GLY I 38 2.72 -7.62 -5.20
N VAL I 39 2.68 -8.19 -6.39
CA VAL I 39 1.65 -9.17 -6.72
C VAL I 39 2.28 -10.48 -7.18
N VAL I 40 1.87 -11.58 -6.56
CA VAL I 40 2.41 -12.90 -6.92
C VAL I 40 1.28 -13.93 -6.98
N ASP J 1 28.09 18.38 8.82
CA ASP J 1 29.51 18.81 8.94
C ASP J 1 30.42 17.61 8.77
N ALA J 2 30.37 16.68 9.73
CA ALA J 2 31.19 15.48 9.66
C ALA J 2 30.47 14.38 8.88
N GLU J 3 31.11 13.90 7.82
CA GLU J 3 30.53 12.86 6.99
C GLU J 3 31.60 12.18 6.16
N PHE J 4 32.40 12.97 5.47
CA PHE J 4 33.47 12.43 4.63
C PHE J 4 34.63 11.95 5.49
N ARG J 5 34.51 12.12 6.80
CA ARG J 5 35.56 11.70 7.73
C ARG J 5 35.58 10.18 7.85
N HIS J 6 34.43 9.59 8.17
CA HIS J 6 34.33 8.15 8.31
C HIS J 6 32.94 7.66 7.95
N ASP J 7 32.69 6.37 8.13
CA ASP J 7 31.40 5.79 7.82
C ASP J 7 30.52 5.76 9.07
N SER J 8 29.44 6.52 9.05
CA SER J 8 28.52 6.58 10.18
C SER J 8 27.69 5.30 10.26
N GLY J 9 27.88 4.42 9.28
CA GLY J 9 27.15 3.16 9.24
C GLY J 9 27.32 2.47 7.89
N TYR J 10 26.46 1.48 7.63
CA TYR J 10 26.53 0.74 6.37
C TYR J 10 25.25 -0.04 6.12
N GLU J 11 25.07 -0.48 4.89
CA GLU J 11 23.88 -1.25 4.53
C GLU J 11 24.17 -2.13 3.32
N VAL J 12 23.46 -3.25 3.22
CA VAL J 12 23.65 -4.18 2.11
C VAL J 12 24.85 -5.08 2.35
N HIS J 13 24.68 -6.37 2.08
CA HIS J 13 25.75 -7.34 2.26
C HIS J 13 25.63 -8.47 1.24
N HIS J 14 25.35 -8.10 -0.01
CA HIS J 14 25.22 -9.08 -1.07
C HIS J 14 23.80 -9.65 -1.11
N GLN J 15 23.08 -9.36 -2.19
CA GLN J 15 21.72 -9.85 -2.33
C GLN J 15 21.23 -9.65 -3.77
N LYS J 16 20.00 -10.08 -4.04
CA LYS J 16 19.43 -9.95 -5.37
C LYS J 16 18.05 -9.29 -5.30
N LEU J 17 17.77 -8.41 -6.26
CA LEU J 17 16.49 -7.71 -6.30
C LEU J 17 16.32 -6.86 -5.04
N VAL J 18 17.10 -5.79 -4.93
CA VAL J 18 17.02 -4.91 -3.79
C VAL J 18 17.37 -3.47 -4.19
N PHE J 19 16.71 -2.51 -3.55
CA PHE J 19 16.97 -1.11 -3.85
C PHE J 19 16.65 -0.23 -2.64
N PHE J 20 17.33 0.89 -2.52
CA PHE J 20 17.09 1.78 -1.39
C PHE J 20 17.82 3.12 -1.58
N ALA J 21 17.52 4.06 -0.70
CA ALA J 21 18.15 5.38 -0.75
C ALA J 21 19.06 5.58 0.45
N GLU J 22 20.37 5.47 0.22
CA GLU J 22 21.33 5.65 1.30
C GLU J 22 21.69 7.11 1.48
N ASP J 23 21.11 7.74 2.51
CA ASP J 23 21.37 9.14 2.80
C ASP J 23 21.63 9.34 4.29
N VAL J 24 22.82 9.84 4.62
CA VAL J 24 23.16 10.08 6.02
C VAL J 24 23.85 11.43 6.18
N GLY J 25 24.32 11.70 7.39
CA GLY J 25 25.00 12.97 7.66
C GLY J 25 24.01 14.00 8.19
N SER J 26 23.46 14.80 7.28
CA SER J 26 22.51 15.84 7.67
C SER J 26 21.34 15.88 6.68
N ASN J 27 20.14 15.59 7.17
CA ASN J 27 18.95 15.60 6.33
C ASN J 27 18.47 17.02 6.09
N LYS J 28 17.51 17.18 5.18
CA LYS J 28 16.98 18.50 4.87
C LYS J 28 15.58 18.65 5.42
N GLY J 29 15.29 19.81 5.99
CA GLY J 29 13.97 20.07 6.56
C GLY J 29 12.98 20.48 5.48
N ALA J 30 12.27 19.51 4.93
CA ALA J 30 11.29 19.78 3.88
C ALA J 30 10.29 18.64 3.77
N ILE J 31 10.33 17.94 2.64
CA ILE J 31 9.42 16.82 2.41
C ILE J 31 10.09 15.77 1.53
N ILE J 32 9.76 14.51 1.75
CA ILE J 32 10.33 13.42 0.97
C ILE J 32 9.32 12.30 0.80
N GLY J 33 9.37 11.61 -0.34
CA GLY J 33 8.45 10.51 -0.61
C GLY J 33 9.07 9.53 -1.59
N LEU J 34 8.66 8.27 -1.50
CA LEU J 34 9.18 7.24 -2.39
C LEU J 34 8.18 6.09 -2.53
N MET J 35 8.25 5.38 -3.64
CA MET J 35 7.35 4.27 -3.89
C MET J 35 8.04 3.22 -4.76
N VAL J 36 7.72 1.94 -4.53
CA VAL J 36 8.31 0.86 -5.30
C VAL J 36 7.38 -0.35 -5.32
N GLY J 37 7.51 -1.16 -6.37
CA GLY J 37 6.67 -2.35 -6.50
C GLY J 37 7.33 -3.38 -7.41
N GLY J 38 6.95 -4.64 -7.22
CA GLY J 38 7.50 -5.72 -8.03
C GLY J 38 6.51 -6.88 -8.17
N VAL J 39 6.57 -7.59 -9.29
CA VAL J 39 5.66 -8.70 -9.52
C VAL J 39 6.45 -10.01 -9.67
N VAL J 40 5.97 -11.06 -9.01
CA VAL J 40 6.64 -12.35 -9.08
C VAL J 40 8.13 -12.20 -8.80
P 2PO K . -25.48 -6.25 -11.35
O1P 2PO K . -25.27 -7.81 -11.30
O2P 2PO K . -27.05 -6.01 -11.39
O3P 2PO K . -24.75 -5.46 -10.32
P 2PO L . -25.39 -3.69 -17.11
O1P 2PO L . -25.77 -4.48 -18.41
O2P 2PO L . -24.19 -4.48 -16.44
O3P 2PO L . -26.52 -3.37 -16.19
P 2PO M . -20.33 -6.44 -20.98
O1P 2PO M . -19.33 -6.55 -22.19
O2P 2PO M . -19.44 -6.19 -19.68
O3P 2PO M . -21.33 -7.54 -20.84
P 2PO N . -15.09 -1.74 -18.68
O1P 2PO N . -16.50 -2.34 -18.29
O2P 2PO N . -14.72 -0.69 -17.54
O3P 2PO N . -14.03 -2.73 -19.01
P 2PO O . -19.49 -0.52 -23.45
O1P 2PO O . -19.23 -1.39 -24.74
O2P 2PO O . -18.47 0.71 -23.51
O3P 2PO O . -19.52 -1.25 -22.15
P 2PO P . 19.04 -3.82 25.08
O1P 2PO P . 17.63 -4.49 24.81
O2P 2PO P . 19.16 -2.59 24.08
O3P 2PO P . 19.34 -3.51 26.51
P 2PO Q . 21.51 1.11 22.59
O1P 2PO Q . 21.48 -0.43 22.92
O2P 2PO Q . 21.99 1.86 23.91
O3P 2PO Q . 20.29 1.69 21.95
P 2PO R . 24.85 4.99 19.73
O1P 2PO R . 24.33 5.75 21.00
O2P 2PO R . 24.20 5.71 18.47
O3P 2PO R . 26.33 4.80 19.64
P 2PO S . 27.90 6.91 14.99
O1P 2PO S . 27.65 7.86 16.24
O2P 2PO S . 26.47 6.59 14.38
O3P 2PO S . 28.92 7.38 14.02
P 2PO T . 29.77 9.17 9.68
O1P 2PO T . 30.14 10.70 9.83
O2P 2PO T . 29.33 8.95 8.17
O3P 2PO T . 30.79 8.20 10.19
N ASP A 1 -32.97 -15.82 -11.98
CA ASP A 1 -31.53 -15.68 -11.63
C ASP A 1 -31.08 -14.25 -11.90
N ALA A 2 -31.93 -13.29 -11.55
CA ALA A 2 -31.61 -11.88 -11.76
C ALA A 2 -32.55 -11.00 -10.95
N GLU A 3 -31.99 -10.03 -10.24
CA GLU A 3 -32.79 -9.11 -9.43
C GLU A 3 -33.99 -8.61 -10.23
N PHE A 4 -35.18 -8.72 -9.63
CA PHE A 4 -36.39 -8.27 -10.29
C PHE A 4 -36.51 -6.76 -10.24
N ARG A 5 -35.37 -6.08 -10.15
CA ARG A 5 -35.36 -4.63 -10.09
C ARG A 5 -35.53 -4.04 -11.49
N HIS A 6 -35.96 -2.78 -11.55
CA HIS A 6 -36.16 -2.11 -12.82
C HIS A 6 -34.82 -1.89 -13.53
N ASP A 7 -34.50 -0.64 -13.83
CA ASP A 7 -33.25 -0.31 -14.50
C ASP A 7 -32.06 -0.62 -13.60
N SER A 8 -31.49 -1.81 -13.78
CA SER A 8 -30.34 -2.21 -12.98
C SER A 8 -29.28 -1.11 -12.96
N GLY A 9 -29.11 -0.49 -11.79
CA GLY A 9 -28.14 0.59 -11.66
C GLY A 9 -27.66 0.69 -10.22
N TYR A 10 -26.44 1.19 -10.03
CA TYR A 10 -25.87 1.35 -8.70
C TYR A 10 -24.92 2.54 -8.65
N GLU A 11 -24.84 3.19 -7.50
CA GLU A 11 -23.97 4.34 -7.34
C GLU A 11 -23.54 4.49 -5.88
N VAL A 12 -22.35 5.04 -5.68
CA VAL A 12 -21.83 5.24 -4.32
C VAL A 12 -21.62 6.72 -4.04
N HIS A 13 -21.67 7.08 -2.76
CA HIS A 13 -21.48 8.48 -2.36
C HIS A 13 -21.50 8.61 -0.84
N HIS A 14 -20.46 9.23 -0.29
CA HIS A 14 -20.37 9.41 1.16
C HIS A 14 -19.29 10.42 1.51
N GLN A 15 -18.69 10.25 2.68
CA GLN A 15 -17.64 11.17 3.12
C GLN A 15 -16.44 10.39 3.68
N LYS A 16 -15.48 11.11 4.23
CA LYS A 16 -14.29 10.48 4.80
C LYS A 16 -13.69 9.49 3.80
N LEU A 17 -13.93 8.20 4.04
CA LEU A 17 -13.41 7.16 3.16
C LEU A 17 -14.38 5.99 3.09
N VAL A 18 -14.47 5.37 1.92
CA VAL A 18 -15.38 4.23 1.75
C VAL A 18 -14.81 3.25 0.72
N PHE A 19 -15.09 1.97 0.92
CA PHE A 19 -14.60 0.94 0.01
C PHE A 19 -15.53 -0.27 0.03
N PHE A 20 -15.59 -0.99 -1.09
CA PHE A 20 -16.45 -2.16 -1.19
C PHE A 20 -15.96 -3.09 -2.30
N ALA A 21 -16.33 -4.37 -2.19
CA ALA A 21 -15.93 -5.35 -3.20
C ALA A 21 -16.92 -6.50 -3.24
N GLU A 22 -17.69 -6.58 -4.32
CA GLU A 22 -18.67 -7.65 -4.47
C GLU A 22 -19.36 -7.55 -5.82
N ASP A 23 -20.22 -8.53 -6.11
CA ASP A 23 -20.94 -8.55 -7.38
C ASP A 23 -22.41 -8.22 -7.16
N VAL A 24 -23.00 -7.49 -8.11
CA VAL A 24 -24.40 -7.11 -8.01
C VAL A 24 -25.27 -8.06 -8.83
N GLY A 25 -26.01 -8.91 -8.13
CA GLY A 25 -26.89 -9.86 -8.80
C GLY A 25 -27.01 -11.15 -8.00
N SER A 26 -26.21 -12.15 -8.36
CA SER A 26 -26.23 -13.43 -7.67
C SER A 26 -24.81 -13.95 -7.47
N ASN A 27 -24.45 -14.21 -6.21
CA ASN A 27 -23.12 -14.71 -5.89
C ASN A 27 -23.10 -16.24 -5.95
N LYS A 28 -22.10 -16.79 -6.64
CA LYS A 28 -21.96 -18.23 -6.77
C LYS A 28 -21.05 -18.78 -5.69
N GLY A 29 -20.60 -20.02 -5.87
CA GLY A 29 -19.72 -20.66 -4.91
C GLY A 29 -18.34 -20.01 -4.94
N ALA A 30 -18.14 -19.01 -4.07
CA ALA A 30 -16.87 -18.31 -4.00
C ALA A 30 -16.61 -17.82 -2.58
N ILE A 31 -15.58 -16.98 -2.43
CA ILE A 31 -15.24 -16.45 -1.12
C ILE A 31 -14.67 -15.03 -1.26
N ILE A 32 -14.97 -14.18 -0.28
CA ILE A 32 -14.48 -12.80 -0.32
C ILE A 32 -14.26 -12.28 1.10
N GLY A 33 -13.26 -11.42 1.25
CA GLY A 33 -12.95 -10.85 2.57
C GLY A 33 -12.33 -9.46 2.42
N LEU A 34 -12.57 -8.61 3.42
CA LEU A 34 -12.03 -7.26 3.40
C LEU A 34 -11.79 -6.74 4.82
N MET A 35 -10.80 -5.89 4.97
CA MET A 35 -10.48 -5.32 6.28
C MET A 35 -9.91 -3.92 6.12
N VAL A 36 -10.21 -3.05 7.10
CA VAL A 36 -9.72 -1.67 7.05
C VAL A 36 -9.50 -1.14 8.45
N GLY A 37 -8.54 -0.24 8.60
CA GLY A 37 -8.24 0.35 9.90
C GLY A 37 -7.67 1.75 9.75
N GLY A 38 -7.94 2.61 10.73
CA GLY A 38 -7.45 3.98 10.69
C GLY A 38 -7.30 4.54 12.10
N VAL A 39 -6.37 5.48 12.25
CA VAL A 39 -6.13 6.09 13.56
C VAL A 39 -6.35 7.59 13.50
N VAL A 40 -7.19 8.10 14.39
CA VAL A 40 -7.47 9.53 14.43
C VAL A 40 -6.94 10.15 15.72
N ASP B 1 -27.85 -15.38 -21.23
CA ASP B 1 -29.04 -14.57 -20.85
C ASP B 1 -28.68 -13.62 -19.72
N ALA B 2 -28.49 -14.18 -18.52
CA ALA B 2 -28.13 -13.38 -17.36
C ALA B 2 -29.10 -12.21 -17.20
N GLU B 3 -28.57 -11.07 -16.76
CA GLU B 3 -29.40 -9.88 -16.58
C GLU B 3 -29.86 -9.33 -17.92
N PHE B 4 -31.17 -9.18 -18.08
CA PHE B 4 -31.73 -8.67 -19.32
C PHE B 4 -33.19 -8.27 -19.13
N ARG B 5 -33.41 -6.99 -18.86
CA ARG B 5 -34.76 -6.48 -18.66
C ARG B 5 -34.86 -5.01 -19.06
N HIS B 6 -33.85 -4.24 -18.69
CA HIS B 6 -33.83 -2.82 -19.02
C HIS B 6 -32.39 -2.30 -19.09
N ASP B 7 -32.24 -1.02 -19.42
CA ASP B 7 -30.92 -0.41 -19.52
C ASP B 7 -30.13 -0.65 -18.23
N SER B 8 -28.83 -0.42 -18.29
CA SER B 8 -27.97 -0.60 -17.12
C SER B 8 -26.88 0.47 -17.10
N GLY B 9 -26.66 1.05 -15.92
CA GLY B 9 -25.65 2.08 -15.77
C GLY B 9 -25.15 2.16 -14.33
N TYR B 10 -23.92 2.64 -14.15
CA TYR B 10 -23.35 2.77 -12.82
C TYR B 10 -22.37 3.93 -12.76
N GLU B 11 -22.29 4.57 -11.60
CA GLU B 11 -21.40 5.71 -11.42
C GLU B 11 -20.90 5.79 -9.98
N VAL B 12 -19.67 6.26 -9.80
CA VAL B 12 -19.10 6.38 -8.47
C VAL B 12 -18.89 7.84 -8.09
N HIS B 13 -19.17 8.17 -6.84
CA HIS B 13 -19.00 9.55 -6.36
C HIS B 13 -18.62 9.56 -4.89
N HIS B 14 -18.17 10.71 -4.40
CA HIS B 14 -17.77 10.84 -3.00
C HIS B 14 -17.44 12.29 -2.67
N GLN B 15 -16.53 12.48 -1.73
CA GLN B 15 -16.12 13.82 -1.32
C GLN B 15 -14.65 13.83 -0.89
N LYS B 16 -14.21 12.73 -0.31
CA LYS B 16 -12.82 12.62 0.14
C LYS B 16 -12.05 11.63 -0.72
N LEU B 17 -12.14 10.35 -0.37
CA LEU B 17 -11.45 9.30 -1.12
C LEU B 17 -12.27 8.02 -1.11
N VAL B 18 -12.22 7.28 -2.22
CA VAL B 18 -12.97 6.03 -2.32
C VAL B 18 -12.28 5.07 -3.27
N PHE B 19 -12.45 3.77 -3.02
CA PHE B 19 -11.83 2.75 -3.86
C PHE B 19 -12.54 1.41 -3.70
N PHE B 20 -12.43 0.56 -4.70
CA PHE B 20 -13.07 -0.75 -4.66
C PHE B 20 -13.02 -1.44 -6.01
N ALA B 21 -13.78 -2.53 -6.13
CA ALA B 21 -13.83 -3.29 -7.38
C ALA B 21 -15.29 -3.54 -7.78
N GLU B 22 -15.69 -2.99 -8.93
CA GLU B 22 -17.05 -3.15 -9.41
C GLU B 22 -17.16 -4.37 -10.32
N ASP B 23 -18.15 -5.22 -10.03
CA ASP B 23 -18.37 -6.43 -10.82
C ASP B 23 -19.86 -6.72 -10.91
N VAL B 24 -20.42 -6.57 -12.12
CA VAL B 24 -21.84 -6.83 -12.33
C VAL B 24 -22.04 -8.01 -13.26
N GLY B 25 -23.30 -8.32 -13.56
CA GLY B 25 -23.62 -9.43 -14.44
C GLY B 25 -23.79 -10.72 -13.65
N SER B 26 -22.73 -11.51 -13.59
CA SER B 26 -22.77 -12.78 -12.86
C SER B 26 -21.36 -13.20 -12.46
N ASN B 27 -21.11 -13.27 -11.15
CA ASN B 27 -19.81 -13.68 -10.65
C ASN B 27 -19.62 -15.18 -10.80
N LYS B 28 -18.37 -15.62 -10.81
CA LYS B 28 -18.06 -17.04 -10.94
C LYS B 28 -17.33 -17.55 -9.71
N GLY B 29 -17.07 -18.86 -9.69
CA GLY B 29 -16.37 -19.47 -8.55
C GLY B 29 -14.92 -18.98 -8.49
N ALA B 30 -14.69 -17.95 -7.68
CA ALA B 30 -13.35 -17.40 -7.54
C ALA B 30 -13.13 -16.88 -6.13
N ILE B 31 -12.13 -16.01 -5.97
CA ILE B 31 -11.82 -15.44 -4.66
C ILE B 31 -11.34 -14.00 -4.83
N ILE B 32 -11.69 -13.14 -3.87
CA ILE B 32 -11.27 -11.75 -3.93
C ILE B 32 -11.04 -11.21 -2.52
N GLY B 33 -10.05 -10.32 -2.38
CA GLY B 33 -9.75 -9.74 -1.08
C GLY B 33 -9.10 -8.37 -1.24
N LEU B 34 -9.29 -7.50 -0.25
CA LEU B 34 -8.71 -6.17 -0.31
C LEU B 34 -8.63 -5.56 1.10
N MET B 35 -7.74 -4.57 1.25
CA MET B 35 -7.57 -3.91 2.53
C MET B 35 -7.12 -2.47 2.32
N VAL B 36 -7.50 -1.59 3.24
CA VAL B 36 -7.12 -0.18 3.14
C VAL B 36 -7.03 0.45 4.52
N GLY B 37 -6.16 1.44 4.65
CA GLY B 37 -5.97 2.12 5.92
C GLY B 37 -5.49 3.56 5.72
N GLY B 38 -5.84 4.43 6.66
CA GLY B 38 -5.44 5.83 6.56
C GLY B 38 -5.29 6.45 7.94
N VAL B 39 -4.38 7.41 8.07
CA VAL B 39 -4.15 8.08 9.35
C VAL B 39 -4.77 9.47 9.35
N VAL B 40 -5.73 9.66 10.25
CA VAL B 40 -6.41 10.96 10.35
C VAL B 40 -6.99 11.36 9.00
N ASP C 1 -19.29 -14.09 -21.73
CA ASP C 1 -19.38 -14.68 -23.10
C ASP C 1 -20.61 -14.14 -23.81
N ALA C 2 -21.20 -13.08 -23.25
CA ALA C 2 -22.38 -12.49 -23.84
C ALA C 2 -22.64 -11.10 -23.24
N GLU C 3 -22.38 -10.07 -24.02
CA GLU C 3 -22.59 -8.70 -23.56
C GLU C 3 -23.09 -7.81 -24.69
N PHE C 4 -24.40 -7.63 -24.77
CA PHE C 4 -24.99 -6.80 -25.82
C PHE C 4 -26.15 -5.98 -25.26
N ARG C 5 -26.15 -4.68 -25.55
CA ARG C 5 -27.21 -3.80 -25.08
C ARG C 5 -27.20 -2.48 -25.85
N HIS C 6 -28.38 -1.90 -26.03
CA HIS C 6 -28.49 -0.63 -26.74
C HIS C 6 -28.27 0.54 -25.79
N ASP C 7 -27.29 0.40 -24.91
CA ASP C 7 -26.98 1.46 -23.95
C ASP C 7 -25.70 1.15 -23.19
N SER C 8 -25.84 0.73 -21.94
CA SER C 8 -24.69 0.40 -21.11
C SER C 8 -23.70 1.57 -21.07
N GLY C 9 -23.61 2.21 -19.91
CA GLY C 9 -22.70 3.34 -19.76
C GLY C 9 -22.27 3.48 -18.30
N TYR C 10 -21.05 4.01 -18.10
CA TYR C 10 -20.53 4.20 -16.76
C TYR C 10 -19.59 5.40 -16.72
N GLU C 11 -19.54 6.08 -15.57
CA GLU C 11 -18.68 7.24 -15.41
C GLU C 11 -18.23 7.37 -13.96
N VAL C 12 -17.01 7.90 -13.77
CA VAL C 12 -16.48 8.06 -12.42
C VAL C 12 -16.18 9.53 -12.15
N HIS C 13 -16.40 9.96 -10.91
CA HIS C 13 -16.15 11.35 -10.53
C HIS C 13 -16.21 11.51 -9.02
N HIS C 14 -15.05 11.67 -8.39
CA HIS C 14 -14.99 11.82 -6.94
C HIS C 14 -14.44 13.20 -6.58
N GLN C 15 -13.44 13.24 -5.71
CA GLN C 15 -12.84 14.50 -5.28
C GLN C 15 -11.35 14.32 -5.02
N LYS C 16 -10.97 14.39 -3.75
CA LYS C 16 -9.57 14.25 -3.38
C LYS C 16 -8.87 13.25 -4.29
N LEU C 17 -9.02 11.97 -4.00
CA LEU C 17 -8.41 10.93 -4.81
C LEU C 17 -9.28 9.67 -4.84
N VAL C 18 -9.28 8.98 -5.96
CA VAL C 18 -10.07 7.76 -6.09
C VAL C 18 -9.41 6.78 -7.05
N PHE C 19 -9.58 5.49 -6.78
CA PHE C 19 -8.97 4.47 -7.64
C PHE C 19 -9.72 3.15 -7.50
N PHE C 20 -9.65 2.32 -8.53
CA PHE C 20 -10.34 1.03 -8.51
C PHE C 20 -10.24 0.34 -9.87
N ALA C 21 -10.99 -0.75 -10.00
CA ALA C 21 -11.00 -1.51 -11.26
C ALA C 21 -12.43 -1.65 -11.78
N GLU C 22 -12.66 -1.20 -13.01
CA GLU C 22 -13.98 -1.28 -13.61
C GLU C 22 -14.13 -2.57 -14.41
N ASP C 23 -15.08 -3.40 -14.01
CA ASP C 23 -15.32 -4.66 -14.70
C ASP C 23 -16.82 -4.95 -14.79
N VAL C 24 -17.38 -4.80 -15.98
CA VAL C 24 -18.80 -5.04 -16.19
C VAL C 24 -19.02 -6.18 -17.18
N GLY C 25 -20.27 -6.58 -17.34
CA GLY C 25 -20.59 -7.68 -18.27
C GLY C 25 -20.60 -9.01 -17.54
N SER C 26 -19.41 -9.60 -17.38
CA SER C 26 -19.29 -10.88 -16.71
C SER C 26 -17.89 -11.06 -16.12
N ASN C 27 -17.83 -11.55 -14.89
CA ASN C 27 -16.54 -11.76 -14.23
C ASN C 27 -15.87 -13.02 -14.76
N LYS C 28 -14.79 -13.43 -14.10
CA LYS C 28 -14.06 -14.63 -14.51
C LYS C 28 -13.68 -15.47 -13.30
N GLY C 29 -13.45 -16.75 -13.52
CA GLY C 29 -13.08 -17.66 -12.44
C GLY C 29 -11.58 -17.61 -12.18
N ALA C 30 -11.18 -16.69 -11.32
CA ALA C 30 -9.75 -16.54 -10.99
C ALA C 30 -9.59 -15.93 -9.61
N ILE C 31 -8.64 -15.01 -9.47
CA ILE C 31 -8.38 -14.36 -8.19
C ILE C 31 -7.98 -12.90 -8.42
N ILE C 32 -8.40 -12.03 -7.51
CA ILE C 32 -8.08 -10.61 -7.63
C ILE C 32 -7.93 -9.99 -6.24
N GLY C 33 -7.02 -9.03 -6.12
CA GLY C 33 -6.80 -8.36 -4.84
C GLY C 33 -6.34 -6.92 -5.05
N LEU C 34 -6.72 -6.04 -4.13
CA LEU C 34 -6.35 -4.63 -4.24
C LEU C 34 -6.21 -4.01 -2.85
N MET C 35 -5.29 -3.06 -2.72
CA MET C 35 -5.06 -2.39 -1.44
C MET C 35 -4.63 -0.95 -1.66
N VAL C 36 -5.02 -0.07 -0.76
CA VAL C 36 -4.66 1.34 -0.87
C VAL C 36 -4.64 2.01 0.51
N GLY C 37 -3.83 3.06 0.64
CA GLY C 37 -3.72 3.77 1.91
C GLY C 37 -3.30 5.22 1.67
N GLY C 38 -3.72 6.10 2.58
CA GLY C 38 -3.37 7.51 2.46
C GLY C 38 -3.26 8.16 3.84
N VAL C 39 -2.38 9.14 3.96
CA VAL C 39 -2.18 9.83 5.23
C VAL C 39 -2.48 11.32 5.09
N VAL C 40 -2.99 11.93 6.16
CA VAL C 40 -3.31 13.35 6.14
C VAL C 40 -2.08 14.18 5.78
N ASP D 1 -14.99 -15.12 -29.89
CA ASP D 1 -14.82 -13.77 -29.27
C ASP D 1 -16.15 -13.03 -29.29
N ALA D 2 -16.18 -11.86 -28.68
CA ALA D 2 -17.39 -11.05 -28.64
C ALA D 2 -17.08 -9.58 -28.85
N GLU D 3 -17.63 -8.73 -27.98
CA GLU D 3 -17.39 -7.29 -28.08
C GLU D 3 -17.55 -6.82 -29.52
N PHE D 4 -18.79 -6.62 -29.94
CA PHE D 4 -19.07 -6.17 -31.30
C PHE D 4 -20.12 -5.07 -31.29
N ARG D 5 -20.57 -4.68 -32.48
CA ARG D 5 -21.58 -3.64 -32.59
C ARG D 5 -21.12 -2.37 -31.89
N HIS D 6 -22.07 -1.46 -31.64
CA HIS D 6 -21.75 -0.21 -30.96
C HIS D 6 -21.93 -0.36 -29.45
N ASP D 7 -22.41 0.70 -28.82
CA ASP D 7 -22.63 0.68 -27.37
C ASP D 7 -21.30 0.55 -26.64
N SER D 8 -21.36 0.55 -25.30
CA SER D 8 -20.16 0.42 -24.49
C SER D 8 -19.36 1.73 -24.52
N GLY D 9 -19.43 2.48 -23.44
CA GLY D 9 -18.71 3.75 -23.35
C GLY D 9 -18.32 4.05 -21.89
N TYR D 10 -17.17 4.68 -21.72
CA TYR D 10 -16.70 5.02 -20.37
C TYR D 10 -15.99 6.37 -20.39
N GLU D 11 -16.12 7.13 -19.30
CA GLU D 11 -15.47 8.43 -19.21
C GLU D 11 -15.14 8.74 -17.75
N VAL D 12 -14.01 9.42 -17.54
CA VAL D 12 -13.59 9.77 -16.18
C VAL D 12 -13.49 11.28 -16.02
N HIS D 13 -14.49 11.88 -15.37
CA HIS D 13 -14.50 13.32 -15.15
C HIS D 13 -13.19 13.79 -14.54
N HIS D 14 -13.22 14.97 -13.93
CA HIS D 14 -12.02 15.53 -13.31
C HIS D 14 -12.21 15.64 -11.79
N GLN D 15 -11.11 15.53 -11.06
CA GLN D 15 -11.16 15.62 -9.61
C GLN D 15 -9.77 15.38 -9.01
N LYS D 16 -9.13 16.45 -8.57
CA LYS D 16 -7.80 16.34 -7.98
C LYS D 16 -6.96 15.35 -8.78
N LEU D 17 -6.99 14.08 -8.37
CA LEU D 17 -6.22 13.04 -9.05
C LEU D 17 -6.96 11.72 -8.99
N VAL D 18 -6.86 10.94 -10.06
CA VAL D 18 -7.53 9.64 -10.11
C VAL D 18 -6.75 8.66 -10.98
N PHE D 19 -6.83 7.38 -10.64
CA PHE D 19 -6.13 6.34 -11.39
C PHE D 19 -6.87 5.01 -11.25
N PHE D 20 -6.76 4.18 -12.29
CA PHE D 20 -7.43 2.88 -12.27
C PHE D 20 -7.25 2.14 -13.59
N ALA D 21 -7.90 0.99 -13.70
CA ALA D 21 -7.82 0.18 -14.91
C ALA D 21 -9.22 -0.18 -15.41
N GLU D 22 -9.48 0.10 -16.68
CA GLU D 22 -10.79 -0.19 -17.26
C GLU D 22 -10.73 -1.47 -18.09
N ASP D 23 -11.50 -2.47 -17.67
CA ASP D 23 -11.54 -3.74 -18.38
C ASP D 23 -12.97 -4.24 -18.50
N VAL D 24 -13.49 -4.27 -19.73
CA VAL D 24 -14.85 -4.73 -19.96
C VAL D 24 -14.86 -5.90 -20.95
N GLY D 25 -16.06 -6.34 -21.32
CA GLY D 25 -16.20 -7.45 -22.25
C GLY D 25 -16.25 -8.78 -21.51
N SER D 26 -15.12 -9.48 -21.48
CA SER D 26 -15.04 -10.77 -20.80
C SER D 26 -13.64 -11.02 -20.27
N ASN D 27 -13.51 -11.09 -18.95
CA ASN D 27 -12.21 -11.32 -18.33
C ASN D 27 -11.80 -12.79 -18.49
N LYS D 28 -10.50 -13.05 -18.36
CA LYS D 28 -9.99 -14.41 -18.49
C LYS D 28 -9.56 -14.96 -17.14
N GLY D 29 -9.49 -16.28 -17.04
CA GLY D 29 -9.09 -16.92 -15.79
C GLY D 29 -7.59 -16.73 -15.54
N ALA D 30 -7.27 -15.79 -14.64
CA ALA D 30 -5.86 -15.52 -14.32
C ALA D 30 -5.77 -14.87 -12.94
N ILE D 31 -4.86 -13.91 -12.82
CA ILE D 31 -4.67 -13.20 -11.56
C ILE D 31 -4.33 -11.74 -11.81
N ILE D 32 -4.82 -10.85 -10.95
CA ILE D 32 -4.57 -9.42 -11.11
C ILE D 32 -4.49 -8.76 -9.74
N GLY D 33 -3.62 -7.75 -9.63
CA GLY D 33 -3.47 -7.03 -8.37
C GLY D 33 -3.08 -5.58 -8.62
N LEU D 34 -3.52 -4.69 -7.74
CA LEU D 34 -3.21 -3.27 -7.87
C LEU D 34 -3.11 -2.61 -6.51
N MET D 35 -2.24 -1.61 -6.38
CA MET D 35 -2.06 -0.91 -5.12
C MET D 35 -1.65 0.54 -5.38
N VAL D 36 -2.09 1.44 -4.50
CA VAL D 36 -1.75 2.85 -4.64
C VAL D 36 -1.79 3.55 -3.29
N GLY D 37 -1.03 4.63 -3.18
CA GLY D 37 -0.97 5.38 -1.93
C GLY D 37 -0.57 6.84 -2.19
N GLY D 38 -1.01 7.72 -1.30
CA GLY D 38 -0.68 9.14 -1.44
C GLY D 38 -0.61 9.81 -0.07
N VAL D 39 0.26 10.82 0.04
CA VAL D 39 0.42 11.54 1.30
C VAL D 39 0.25 13.04 1.09
N VAL D 40 -0.57 13.66 1.92
CA VAL D 40 -0.82 15.10 1.81
C VAL D 40 0.15 15.86 2.71
N ASP E 1 -8.35 -10.65 -33.21
CA ASP E 1 -8.66 -9.30 -32.65
C ASP E 1 -10.16 -9.04 -32.74
N ALA E 2 -10.62 -8.00 -32.05
CA ALA E 2 -12.04 -7.66 -32.07
C ALA E 2 -12.22 -6.14 -31.98
N GLU E 3 -11.12 -5.44 -31.75
CA GLU E 3 -11.18 -3.98 -31.65
C GLU E 3 -11.06 -3.34 -33.02
N PHE E 4 -12.20 -2.90 -33.57
CA PHE E 4 -12.20 -2.27 -34.90
C PHE E 4 -12.35 -0.76 -34.76
N ARG E 5 -13.58 -0.29 -34.71
CA ARG E 5 -13.84 1.14 -34.59
C ARG E 5 -13.93 1.55 -33.12
N HIS E 6 -14.60 2.66 -32.86
CA HIS E 6 -14.75 3.15 -31.49
C HIS E 6 -15.71 2.26 -30.71
N ASP E 7 -16.67 2.88 -30.03
CA ASP E 7 -17.65 2.13 -29.25
C ASP E 7 -16.96 1.05 -28.42
N SER E 8 -16.53 1.42 -27.22
CA SER E 8 -15.86 0.48 -26.32
C SER E 8 -15.74 1.08 -24.92
N GLY E 9 -14.84 2.04 -24.77
CA GLY E 9 -14.63 2.68 -23.48
C GLY E 9 -13.93 4.03 -23.65
N TYR E 10 -14.06 4.89 -22.65
CA TYR E 10 -13.44 6.20 -22.71
C TYR E 10 -13.26 6.79 -21.32
N GLU E 11 -12.34 7.74 -21.20
CA GLU E 11 -12.06 8.38 -19.92
C GLU E 11 -11.63 9.83 -20.14
N VAL E 12 -12.05 10.72 -19.25
CA VAL E 12 -11.69 12.12 -19.38
C VAL E 12 -10.32 12.39 -18.76
N HIS E 13 -10.25 13.36 -17.85
CA HIS E 13 -9.00 13.69 -17.20
C HIS E 13 -9.03 15.11 -16.64
N HIS E 14 -7.93 15.83 -16.78
CA HIS E 14 -7.84 17.21 -16.29
C HIS E 14 -7.48 17.23 -14.81
N GLN E 15 -7.63 18.40 -14.19
CA GLN E 15 -7.30 18.54 -12.77
C GLN E 15 -5.82 18.30 -12.53
N LYS E 16 -5.43 18.21 -11.26
CA LYS E 16 -4.03 17.98 -10.90
C LYS E 16 -3.39 16.99 -11.87
N LEU E 17 -3.59 15.71 -11.60
CA LEU E 17 -3.02 14.67 -12.46
C LEU E 17 -3.92 13.43 -12.46
N VAL E 18 -3.95 12.73 -13.59
CA VAL E 18 -4.77 11.53 -13.71
C VAL E 18 -4.13 10.53 -14.67
N PHE E 19 -4.33 9.25 -14.41
CA PHE E 19 -3.78 8.20 -15.26
C PHE E 19 -4.65 6.95 -15.21
N PHE E 20 -4.68 6.21 -16.31
CA PHE E 20 -5.48 5.00 -16.35
C PHE E 20 -5.06 4.11 -17.53
N ALA E 21 -5.46 2.85 -17.49
CA ALA E 21 -5.13 1.90 -18.54
C ALA E 21 -6.40 1.38 -19.20
N GLU E 22 -6.76 1.96 -20.34
CA GLU E 22 -7.97 1.54 -21.05
C GLU E 22 -7.69 0.27 -21.86
N ASP E 23 -8.06 -0.87 -21.30
CA ASP E 23 -7.85 -2.14 -21.98
C ASP E 23 -9.16 -2.92 -22.06
N VAL E 24 -9.60 -3.20 -23.29
CA VAL E 24 -10.84 -3.94 -23.49
C VAL E 24 -10.77 -4.75 -24.79
N GLY E 25 -11.78 -5.58 -25.02
CA GLY E 25 -11.82 -6.41 -26.22
C GLY E 25 -11.38 -7.83 -25.93
N SER E 26 -10.06 -8.05 -25.94
CA SER E 26 -9.52 -9.38 -25.67
C SER E 26 -8.26 -9.28 -24.83
N ASN E 27 -8.31 -9.81 -23.61
CA ASN E 27 -7.16 -9.78 -22.71
C ASN E 27 -6.38 -11.08 -22.80
N LYS E 28 -5.31 -11.18 -22.01
CA LYS E 28 -4.48 -12.38 -22.01
C LYS E 28 -4.57 -13.09 -20.66
N GLY E 29 -4.54 -14.42 -20.70
CA GLY E 29 -4.61 -15.21 -19.47
C GLY E 29 -3.22 -15.43 -18.88
N ALA E 30 -2.89 -14.65 -17.85
CA ALA E 30 -1.59 -14.76 -17.21
C ALA E 30 -1.59 -14.03 -15.87
N ILE E 31 -0.78 -12.97 -15.78
CA ILE E 31 -0.70 -12.18 -14.56
C ILE E 31 -0.46 -10.72 -14.89
N ILE E 32 -1.03 -9.82 -14.09
CA ILE E 32 -0.86 -8.39 -14.32
C ILE E 32 -0.87 -7.64 -13.00
N GLY E 33 -0.09 -6.56 -12.92
CA GLY E 33 -0.01 -5.77 -11.70
C GLY E 33 0.30 -4.31 -12.02
N LEU E 34 -0.21 -3.41 -11.20
CA LEU E 34 0.02 -1.98 -11.40
C LEU E 34 0.01 -1.25 -10.06
N MET E 35 0.79 -0.17 -9.97
CA MET E 35 0.86 0.61 -8.75
C MET E 35 1.23 2.06 -9.06
N VAL E 36 0.76 2.98 -8.22
CA VAL E 36 1.05 4.39 -8.42
C VAL E 36 0.90 5.15 -7.11
N GLY E 37 1.57 6.30 -7.02
CA GLY E 37 1.50 7.12 -5.81
C GLY E 37 1.80 8.58 -6.13
N GLY E 38 1.28 9.49 -5.30
CA GLY E 38 1.50 10.91 -5.49
C GLY E 38 1.45 11.67 -4.17
N VAL E 39 2.18 12.76 -4.10
CA VAL E 39 2.22 13.57 -2.89
C VAL E 39 1.55 14.92 -3.12
N VAL E 40 0.62 15.28 -2.25
CA VAL E 40 -0.08 16.55 -2.37
C VAL E 40 -0.50 16.79 -3.81
N ASP F 1 14.36 9.58 29.91
CA ASP F 1 15.56 10.41 30.17
C ASP F 1 16.80 9.65 29.71
N ALA F 2 16.98 9.56 28.39
CA ALA F 2 18.13 8.86 27.82
C ALA F 2 18.11 7.39 28.25
N GLU F 3 16.92 6.82 28.39
CA GLU F 3 16.79 5.43 28.79
C GLU F 3 17.34 5.22 30.19
N PHE F 4 17.81 6.30 30.81
CA PHE F 4 18.38 6.23 32.14
C PHE F 4 19.62 5.35 32.16
N ARG F 5 19.42 4.04 32.00
CA ARG F 5 20.53 3.10 32.00
C ARG F 5 21.54 3.47 30.91
N HIS F 6 22.67 2.78 30.90
CA HIS F 6 23.71 3.04 29.91
C HIS F 6 23.37 2.36 28.58
N ASP F 7 24.35 2.30 27.70
CA ASP F 7 24.14 1.67 26.39
C ASP F 7 23.61 0.26 26.55
N SER F 8 22.79 -0.17 25.60
CA SER F 8 22.21 -1.51 25.64
C SER F 8 22.11 -2.09 24.24
N GLY F 9 21.21 -3.06 24.07
CA GLY F 9 21.01 -3.69 22.77
C GLY F 9 19.60 -4.24 22.64
N TYR F 10 19.11 -4.31 21.41
CA TYR F 10 17.76 -4.83 21.16
C TYR F 10 17.68 -5.49 19.79
N GLU F 11 16.83 -6.50 19.68
CA GLU F 11 16.67 -7.20 18.41
C GLU F 11 15.24 -7.72 18.27
N VAL F 12 14.75 -7.76 17.04
CA VAL F 12 13.38 -8.23 16.79
C VAL F 12 13.40 -9.57 16.09
N HIS F 13 12.34 -10.36 16.28
CA HIS F 13 12.24 -11.68 15.67
C HIS F 13 10.90 -12.31 16.00
N HIS F 14 10.39 -13.10 15.06
CA HIS F 14 9.10 -13.78 15.26
C HIS F 14 8.82 -14.74 14.11
N GLN F 15 7.54 -14.89 13.77
CA GLN F 15 7.15 -15.78 12.69
C GLN F 15 6.04 -15.15 11.85
N LYS F 16 5.58 -15.88 10.82
CA LYS F 16 4.53 -15.38 9.96
C LYS F 16 4.78 -13.92 9.60
N LEU F 17 4.21 -13.02 10.39
CA LEU F 17 4.37 -11.59 10.15
C LEU F 17 4.39 -10.83 11.48
N VAL F 18 5.19 -9.77 11.54
CA VAL F 18 5.28 -8.97 12.76
C VAL F 18 5.54 -7.51 12.41
N PHE F 19 4.98 -6.61 13.21
CA PHE F 19 5.15 -5.18 12.99
C PHE F 19 5.12 -4.42 14.30
N PHE F 20 5.86 -3.32 14.37
CA PHE F 20 5.92 -2.51 15.58
C PHE F 20 6.26 -1.07 15.24
N ALA F 21 5.81 -0.14 16.08
CA ALA F 21 6.08 1.27 15.86
C ALA F 21 6.30 1.98 17.18
N GLU F 22 7.57 2.22 17.52
CA GLU F 22 7.90 2.90 18.78
C GLU F 22 9.40 3.02 18.94
N ASP F 23 9.82 3.72 20.00
CA ASP F 23 11.25 3.91 20.25
C ASP F 23 11.72 2.97 21.36
N VAL F 24 12.96 2.52 21.27
CA VAL F 24 13.52 1.62 22.27
C VAL F 24 13.71 2.35 23.60
N GLY F 25 13.81 1.58 24.68
CA GLY F 25 14.01 2.16 26.00
C GLY F 25 12.66 2.44 26.66
N SER F 26 12.20 3.67 26.54
CA SER F 26 10.92 4.06 27.13
C SER F 26 10.14 4.98 26.20
N ASN F 27 8.83 5.08 26.41
CA ASN F 27 8.00 5.93 25.57
C ASN F 27 8.01 7.38 26.08
N LYS F 28 7.54 8.29 25.25
CA LYS F 28 7.50 9.70 25.62
C LYS F 28 6.12 10.28 25.37
N GLY F 29 6.00 11.60 25.50
CA GLY F 29 4.73 12.27 25.28
C GLY F 29 4.37 12.30 23.80
N ALA F 30 3.67 11.25 23.36
CA ALA F 30 3.26 11.16 21.96
C ALA F 30 2.06 10.24 21.81
N ILE F 31 1.77 9.83 20.58
CA ILE F 31 0.64 8.94 20.32
C ILE F 31 0.97 8.00 19.16
N ILE F 32 0.49 6.77 19.25
CA ILE F 32 0.74 5.79 18.19
C ILE F 32 -0.39 4.78 18.11
N GLY F 33 -0.63 4.27 16.90
CA GLY F 33 -1.69 3.29 16.69
C GLY F 33 -1.34 2.36 15.54
N LEU F 34 -1.81 1.11 15.63
CA LEU F 34 -1.53 0.13 14.59
C LEU F 34 -2.67 -0.88 14.48
N MET F 35 -2.88 -1.39 13.26
CA MET F 35 -3.94 -2.37 13.03
C MET F 35 -3.56 -3.30 11.89
N VAL F 36 -3.97 -4.56 11.98
CA VAL F 36 -3.66 -5.53 10.94
C VAL F 36 -4.73 -6.61 10.86
N GLY F 37 -4.90 -7.19 9.68
CA GLY F 37 -5.90 -8.24 9.49
C GLY F 37 -5.48 -9.18 8.36
N GLY F 38 -5.89 -10.44 8.47
CA GLY F 38 -5.56 -11.44 7.46
C GLY F 38 -6.61 -12.53 7.41
N VAL F 39 -6.77 -13.13 6.23
CA VAL F 39 -7.77 -14.20 6.07
C VAL F 39 -7.12 -15.42 5.42
N VAL F 40 -7.42 -16.59 5.96
CA VAL F 40 -6.86 -17.84 5.43
C VAL F 40 -7.57 -18.23 4.14
N ASP G 1 15.36 16.22 25.09
CA ASP G 1 16.40 15.46 25.83
C ASP G 1 17.48 15.01 24.87
N ALA G 2 18.33 14.08 25.31
CA ALA G 2 19.41 13.56 24.47
C ALA G 2 20.11 12.40 25.16
N GLU G 3 21.10 11.83 24.48
CA GLU G 3 21.85 10.71 25.03
C GLU G 3 23.34 11.04 25.10
N PHE G 4 23.89 11.00 26.31
CA PHE G 4 25.30 11.30 26.50
C PHE G 4 26.17 10.31 25.72
N ARG G 5 27.48 10.41 25.91
CA ARG G 5 28.40 9.52 25.21
C ARG G 5 28.06 8.06 25.49
N HIS G 6 27.52 7.38 24.48
CA HIS G 6 27.15 5.98 24.63
C HIS G 6 27.49 5.20 23.37
N ASP G 7 27.17 3.91 23.36
CA ASP G 7 27.45 3.06 22.20
C ASP G 7 26.61 1.79 22.26
N SER G 8 25.41 1.85 21.69
CA SER G 8 24.52 0.69 21.68
C SER G 8 24.47 0.07 20.29
N GLY G 9 23.61 -0.94 20.13
CA GLY G 9 23.48 -1.61 18.85
C GLY G 9 22.13 -2.33 18.75
N TYR G 10 21.69 -2.57 17.52
CA TYR G 10 20.42 -3.26 17.30
C TYR G 10 20.42 -3.97 15.95
N GLU G 11 19.62 -5.02 15.84
CA GLU G 11 19.54 -5.78 14.60
C GLU G 11 18.15 -6.43 14.47
N VAL G 12 17.70 -6.59 13.24
CA VAL G 12 16.40 -7.20 12.98
C VAL G 12 16.55 -8.49 12.18
N HIS G 13 16.33 -9.63 12.84
CA HIS G 13 16.45 -10.92 12.17
C HIS G 13 15.13 -11.69 12.26
N HIS G 14 14.28 -11.51 11.25
CA HIS G 14 12.99 -12.19 11.23
C HIS G 14 12.80 -12.92 9.90
N GLN G 15 11.87 -13.87 9.88
CA GLN G 15 11.61 -14.65 8.67
C GLN G 15 10.34 -14.13 7.99
N LYS G 16 9.74 -14.97 7.15
CA LYS G 16 8.52 -14.60 6.44
C LYS G 16 8.59 -13.15 5.99
N LEU G 17 7.87 -12.27 6.68
CA LEU G 17 7.87 -10.86 6.34
C LEU G 17 7.72 -10.01 7.59
N VAL G 18 8.37 -8.85 7.60
CA VAL G 18 8.30 -7.96 8.76
C VAL G 18 8.51 -6.51 8.33
N PHE G 19 7.90 -5.59 9.08
CA PHE G 19 8.03 -4.17 8.77
C PHE G 19 7.72 -3.32 10.01
N PHE G 20 8.25 -2.11 10.03
CA PHE G 20 8.01 -1.21 11.16
C PHE G 20 8.96 -0.01 11.12
N ALA G 21 9.01 0.72 12.23
CA ALA G 21 9.87 1.89 12.34
C ALA G 21 10.71 1.82 13.60
N GLU G 22 12.02 1.71 13.44
CA GLU G 22 12.91 1.63 14.59
C GLU G 22 13.51 2.99 14.91
N ASP G 23 13.51 3.34 16.20
CA ASP G 23 14.05 4.61 16.65
C ASP G 23 14.64 4.47 18.06
N VAL G 24 15.93 4.75 18.18
CA VAL G 24 16.60 4.65 19.48
C VAL G 24 16.41 5.94 20.27
N GLY G 25 16.90 5.93 21.51
CA GLY G 25 16.80 7.10 22.37
C GLY G 25 15.40 7.20 22.98
N SER G 26 14.74 8.32 22.74
CA SER G 26 13.39 8.53 23.27
C SER G 26 12.51 9.23 22.23
N ASN G 27 11.20 8.99 22.33
CA ASN G 27 10.26 9.60 21.39
C ASN G 27 9.94 11.03 21.82
N LYS G 28 9.43 11.83 20.88
CA LYS G 28 9.08 13.21 21.17
C LYS G 28 7.62 13.47 20.84
N GLY G 29 7.19 14.72 20.98
CA GLY G 29 5.80 15.08 20.69
C GLY G 29 5.50 14.90 19.21
N ALA G 30 5.04 13.71 18.84
CA ALA G 30 4.71 13.42 17.45
C ALA G 30 3.62 12.35 17.37
N ILE G 31 3.41 11.82 16.17
CA ILE G 31 2.40 10.79 15.97
C ILE G 31 2.86 9.82 14.89
N ILE G 32 2.48 8.55 15.04
CA ILE G 32 2.87 7.53 14.07
C ILE G 32 1.79 6.46 13.98
N GLY G 33 1.61 5.91 12.78
CA GLY G 33 0.61 4.87 12.56
C GLY G 33 1.04 3.91 11.46
N LEU G 34 0.65 2.66 11.59
CA LEU G 34 1.02 1.65 10.60
C LEU G 34 -0.01 0.53 10.56
N MET G 35 -0.16 -0.09 9.38
CA MET G 35 -1.11 -1.19 9.22
C MET G 35 -0.67 -2.12 8.11
N VAL G 36 -1.03 -3.40 8.23
CA VAL G 36 -0.66 -4.38 7.23
C VAL G 36 -1.67 -5.53 7.20
N GLY G 37 -1.78 -6.18 6.04
CA GLY G 37 -2.71 -7.29 5.89
C GLY G 37 -2.22 -8.26 4.82
N GLY G 38 -2.57 -9.53 4.98
CA GLY G 38 -2.16 -10.56 4.03
C GLY G 38 -3.18 -11.68 3.96
N VAL G 39 -3.31 -12.28 2.78
CA VAL G 39 -4.26 -13.37 2.58
C VAL G 39 -3.53 -14.71 2.49
N VAL G 40 -3.94 -15.66 3.33
CA VAL G 40 -3.32 -16.98 3.32
C VAL G 40 -1.82 -16.87 3.54
N ASP H 1 23.51 18.35 15.30
CA ASP H 1 23.65 18.26 16.78
C ASP H 1 22.74 17.16 17.30
N ALA H 2 23.33 16.02 17.63
CA ALA H 2 22.57 14.89 18.14
C ALA H 2 23.49 13.74 18.51
N GLU H 3 23.89 12.96 17.50
CA GLU H 3 24.77 11.82 17.73
C GLU H 3 26.23 12.25 17.60
N PHE H 4 26.84 12.61 18.72
CA PHE H 4 28.24 13.03 18.71
C PHE H 4 29.16 11.83 18.61
N ARG H 5 29.67 11.37 19.75
CA ARG H 5 30.57 10.22 19.77
C ARG H 5 29.80 8.95 20.13
N HIS H 6 29.42 8.20 19.11
CA HIS H 6 28.68 6.96 19.32
C HIS H 6 29.02 5.94 18.24
N ASP H 7 30.01 5.08 18.52
CA ASP H 7 30.42 4.07 17.57
C ASP H 7 29.36 2.98 17.46
N SER H 8 28.10 3.37 17.55
CA SER H 8 27.00 2.41 17.46
C SER H 8 26.95 1.78 16.08
N GLY H 9 26.10 0.77 15.92
CA GLY H 9 25.97 0.10 14.63
C GLY H 9 24.60 -0.55 14.49
N TYR H 10 24.15 -0.72 13.25
CA TYR H 10 22.86 -1.33 12.99
C TYR H 10 22.89 -2.12 11.68
N GLU H 11 22.16 -3.23 11.64
CA GLU H 11 22.13 -4.06 10.45
C GLU H 11 20.78 -4.74 10.31
N VAL H 12 20.34 -4.94 9.06
CA VAL H 12 19.06 -5.58 8.81
C VAL H 12 19.24 -6.90 8.06
N HIS H 13 18.34 -7.85 8.31
CA HIS H 13 18.41 -9.16 7.66
C HIS H 13 17.12 -9.93 7.90
N HIS H 14 16.57 -10.51 6.83
CA HIS H 14 15.34 -11.28 6.95
C HIS H 14 15.18 -12.22 5.75
N GLN H 15 13.93 -12.58 5.47
CA GLN H 15 13.65 -13.47 4.35
C GLN H 15 12.50 -12.94 3.50
N LYS H 16 11.86 -13.81 2.73
CA LYS H 16 10.75 -13.41 1.87
C LYS H 16 10.89 -11.94 1.47
N LEU H 17 10.23 -11.06 2.22
CA LEU H 17 10.29 -9.63 1.93
C LEU H 17 10.21 -8.82 3.22
N VAL H 18 10.91 -7.70 3.26
CA VAL H 18 10.90 -6.85 4.44
C VAL H 18 11.12 -5.39 4.06
N PHE H 19 10.51 -4.49 4.83
CA PHE H 19 10.64 -3.06 4.56
C PHE H 19 10.37 -2.24 5.81
N PHE H 20 10.93 -1.04 5.87
CA PHE H 20 10.73 -0.18 7.02
C PHE H 20 11.60 1.08 6.93
N ALA H 21 11.61 1.86 8.01
CA ALA H 21 12.39 3.09 8.05
C ALA H 21 13.39 3.03 9.21
N GLU H 22 14.67 3.18 8.88
CA GLU H 22 15.72 3.14 9.89
C GLU H 22 16.12 4.55 10.30
N ASP H 23 15.78 4.92 11.54
CA ASP H 23 16.12 6.24 12.05
C ASP H 23 16.67 6.13 13.47
N VAL H 24 17.96 6.44 13.62
CA VAL H 24 18.60 6.38 14.93
C VAL H 24 18.79 7.78 15.51
N GLY H 25 19.36 7.85 16.70
CA GLY H 25 19.60 9.13 17.35
C GLY H 25 18.38 9.56 18.16
N SER H 26 17.75 10.66 17.73
CA SER H 26 16.56 11.16 18.41
C SER H 26 15.56 11.70 17.41
N ASN H 27 14.31 11.26 17.54
CA ASN H 27 13.25 11.70 16.64
C ASN H 27 12.92 13.17 16.89
N LYS H 28 11.94 13.68 16.14
CA LYS H 28 11.52 15.07 16.30
C LYS H 28 10.00 15.19 16.23
N GLY H 29 9.50 16.40 16.46
CA GLY H 29 8.07 16.63 16.43
C GLY H 29 7.55 16.63 14.99
N ALA H 30 7.12 15.46 14.53
CA ALA H 30 6.60 15.33 13.16
C ALA H 30 5.56 14.23 13.09
N ILE H 31 5.39 13.66 11.89
CA ILE H 31 4.43 12.58 11.70
C ILE H 31 4.95 11.59 10.67
N ILE H 32 4.65 10.31 10.88
CA ILE H 32 5.10 9.27 9.95
C ILE H 32 4.08 8.15 9.88
N GLY H 33 3.95 7.54 8.71
CA GLY H 33 3.00 6.44 8.52
C GLY H 33 3.45 5.52 7.39
N LEU H 34 3.07 4.25 7.50
CA LEU H 34 3.45 3.27 6.47
C LEU H 34 2.49 2.08 6.49
N MET H 35 2.40 1.39 5.36
CA MET H 35 1.53 0.23 5.25
C MET H 35 2.10 -0.76 4.25
N VAL H 36 1.84 -2.04 4.48
CA VAL H 36 2.34 -3.09 3.59
C VAL H 36 1.37 -4.27 3.55
N GLY H 37 1.29 -4.92 2.40
CA GLY H 37 0.40 -6.07 2.24
C GLY H 37 0.95 -7.05 1.22
N GLY H 38 0.65 -8.34 1.42
CA GLY H 38 1.12 -9.36 0.49
C GLY H 38 0.14 -10.53 0.45
N VAL H 39 0.06 -11.18 -0.71
CA VAL H 39 -0.84 -12.31 -0.88
C VAL H 39 -0.06 -13.61 -0.99
N VAL H 40 -0.60 -14.67 -0.39
CA VAL H 40 0.07 -15.97 -0.43
C VAL H 40 -0.94 -17.09 -0.71
N ASP I 1 25.87 21.45 12.92
CA ASP I 1 26.50 20.27 12.28
C ASP I 1 25.85 18.99 12.80
N ALA I 2 25.48 18.11 11.88
CA ALA I 2 24.84 16.85 12.27
C ALA I 2 25.84 15.92 12.93
N GLU I 3 26.65 15.24 12.12
CA GLU I 3 27.65 14.32 12.66
C GLU I 3 29.06 14.84 12.37
N PHE I 4 29.57 15.69 13.25
CA PHE I 4 30.90 16.24 13.08
C PHE I 4 31.97 15.26 13.58
N ARG I 5 31.82 14.00 13.19
CA ARG I 5 32.78 12.97 13.60
C ARG I 5 32.73 11.78 12.65
N HIS I 6 33.85 11.08 12.53
CA HIS I 6 33.92 9.93 11.65
C HIS I 6 33.83 8.63 12.46
N ASP I 7 32.73 7.92 12.30
CA ASP I 7 32.53 6.66 13.03
C ASP I 7 31.17 6.06 12.70
N SER I 8 30.78 5.04 13.45
CA SER I 8 29.50 4.39 13.22
C SER I 8 29.42 3.83 11.80
N GLY I 9 28.52 2.86 11.60
CA GLY I 9 28.37 2.24 10.29
C GLY I 9 27.09 1.42 10.22
N TYR I 10 26.67 1.10 8.99
CA TYR I 10 25.46 0.31 8.79
C TYR I 10 25.60 -0.57 7.55
N GLU I 11 24.95 -1.73 7.58
CA GLU I 11 25.01 -2.66 6.44
C GLU I 11 23.69 -3.40 6.30
N VAL I 12 23.28 -3.65 5.05
CA VAL I 12 22.03 -4.38 4.81
C VAL I 12 22.30 -5.72 4.14
N HIS I 13 22.13 -6.79 4.90
CA HIS I 13 22.37 -8.14 4.37
C HIS I 13 21.83 -8.26 2.96
N HIS I 14 20.67 -8.89 2.81
CA HIS I 14 20.07 -9.07 1.50
C HIS I 14 18.77 -9.87 1.61
N GLN I 15 18.80 -11.10 1.12
CA GLN I 15 17.62 -11.96 1.16
C GLN I 15 16.72 -11.71 -0.04
N LYS I 16 15.74 -12.58 -0.24
CA LYS I 16 14.82 -12.44 -1.35
C LYS I 16 14.80 -11.00 -1.87
N LEU I 17 14.02 -10.15 -1.24
CA LEU I 17 13.93 -8.75 -1.65
C LEU I 17 13.71 -7.86 -0.43
N VAL I 18 14.30 -6.67 -0.45
CA VAL I 18 14.16 -5.74 0.66
C VAL I 18 14.20 -4.30 0.16
N PHE I 19 13.45 -3.43 0.82
CA PHE I 19 13.40 -2.02 0.43
C PHE I 19 13.07 -1.15 1.65
N PHE I 20 13.58 0.08 1.66
CA PHE I 20 13.32 0.98 2.76
C PHE I 20 14.11 2.29 2.61
N ALA I 21 14.04 3.12 3.64
CA ALA I 21 14.74 4.40 3.64
C ALA I 21 15.70 4.48 4.82
N GLU I 22 16.96 4.78 4.54
CA GLU I 22 17.97 4.90 5.59
C GLU I 22 18.25 6.36 5.92
N ASP I 23 17.97 6.75 7.15
CA ASP I 23 18.20 8.12 7.58
C ASP I 23 18.72 8.15 9.01
N VAL I 24 19.96 8.57 9.19
CA VAL I 24 20.55 8.64 10.52
C VAL I 24 21.08 10.05 10.80
N GLY I 25 21.75 10.20 11.93
CA GLY I 25 22.31 11.49 12.32
C GLY I 25 21.27 12.31 13.09
N SER I 26 20.60 13.22 12.39
CA SER I 26 19.59 14.05 13.01
C SER I 26 18.46 14.36 12.04
N ASN I 27 17.26 13.87 12.35
CA ASN I 27 16.11 14.10 11.48
C ASN I 27 15.58 15.50 11.67
N LYS I 28 14.54 15.85 10.90
CA LYS I 28 13.95 17.18 10.99
C LYS I 28 12.44 17.08 11.22
N GLY I 29 11.83 18.19 11.60
CA GLY I 29 10.39 18.21 11.85
C GLY I 29 9.62 18.35 10.53
N ALA I 30 9.17 17.22 10.00
CA ALA I 30 8.42 17.22 8.75
C ALA I 30 7.44 16.05 8.70
N ILE I 31 7.32 15.43 7.53
CA ILE I 31 6.42 14.30 7.36
C ILE I 31 7.02 13.29 6.39
N ILE I 32 6.79 12.00 6.65
CA ILE I 32 7.31 10.96 5.78
C ILE I 32 6.35 9.77 5.73
N GLY I 33 6.27 9.13 4.57
CA GLY I 33 5.37 7.99 4.40
C GLY I 33 5.92 7.02 3.36
N LEU I 34 5.63 5.73 3.55
CA LEU I 34 6.10 4.71 2.61
C LEU I 34 5.12 3.54 2.58
N MET I 35 5.03 2.88 1.43
CA MET I 35 4.14 1.74 1.28
C MET I 35 4.73 0.73 0.29
N VAL I 36 4.48 -0.55 0.52
CA VAL I 36 4.99 -1.60 -0.36
C VAL I 36 4.04 -2.78 -0.40
N GLY I 37 3.97 -3.45 -1.55
CA GLY I 37 3.10 -4.61 -1.69
C GLY I 37 3.66 -5.58 -2.72
N GLY I 38 3.37 -6.87 -2.53
CA GLY I 38 3.86 -7.89 -3.45
C GLY I 38 2.91 -9.09 -3.48
N VAL I 39 2.85 -9.75 -4.62
CA VAL I 39 1.97 -10.92 -4.77
C VAL I 39 2.80 -12.19 -4.88
N VAL I 40 2.58 -13.11 -3.94
CA VAL I 40 3.31 -14.38 -3.94
C VAL I 40 4.79 -14.15 -4.26
N ASP J 1 31.39 16.94 3.44
CA ASP J 1 30.64 15.79 2.85
C ASP J 1 30.57 14.66 3.88
N ALA J 2 29.46 13.93 3.85
CA ALA J 2 29.28 12.82 4.79
C ALA J 2 28.39 11.74 4.16
N GLU J 3 28.52 11.56 2.86
CA GLU J 3 27.72 10.56 2.16
C GLU J 3 28.58 9.80 1.14
N PHE J 4 29.79 9.46 1.54
CA PHE J 4 30.70 8.74 0.65
C PHE J 4 31.49 7.70 1.43
N ARG J 5 32.53 8.14 2.14
CA ARG J 5 33.35 7.24 2.91
C ARG J 5 32.48 6.28 3.72
N HIS J 6 33.09 5.23 4.26
CA HIS J 6 32.37 4.25 5.05
C HIS J 6 31.72 4.91 6.26
N ASP J 7 32.10 4.44 7.45
CA ASP J 7 31.56 4.99 8.69
C ASP J 7 30.03 5.02 8.64
N SER J 8 29.41 5.69 9.61
CA SER J 8 27.97 5.78 9.67
C SER J 8 27.38 5.85 8.26
N GLY J 9 26.10 5.51 8.13
CA GLY J 9 25.44 5.55 6.83
C GLY J 9 26.07 4.55 5.86
N TYR J 10 25.82 3.27 6.07
CA TYR J 10 26.37 2.24 5.19
C TYR J 10 25.42 1.05 5.11
N GLU J 11 25.39 0.40 3.96
CA GLU J 11 24.53 -0.76 3.76
C GLU J 11 25.22 -1.78 2.85
N VAL J 12 25.07 -3.06 3.16
CA VAL J 12 25.70 -4.10 2.35
C VAL J 12 25.12 -4.10 0.94
N HIS J 13 23.83 -4.43 0.84
CA HIS J 13 23.16 -4.47 -0.47
C HIS J 13 23.84 -5.50 -1.39
N HIS J 14 23.26 -6.69 -1.45
CA HIS J 14 23.81 -7.74 -2.29
C HIS J 14 22.84 -8.92 -2.39
N GLN J 15 23.29 -10.01 -3.00
CA GLN J 15 22.45 -11.19 -3.16
C GLN J 15 21.07 -10.80 -3.69
N LYS J 16 20.28 -11.81 -4.06
CA LYS J 16 18.95 -11.58 -4.59
C LYS J 16 18.85 -10.18 -5.20
N LEU J 17 17.97 -9.35 -4.62
CA LEU J 17 17.79 -7.99 -5.12
C LEU J 17 17.41 -7.06 -3.97
N VAL J 18 17.88 -5.81 -4.05
CA VAL J 18 17.59 -4.83 -3.02
C VAL J 18 17.54 -3.42 -3.61
N PHE J 19 16.71 -2.57 -3.03
CA PHE J 19 16.59 -1.19 -3.50
C PHE J 19 16.09 -0.28 -2.38
N PHE J 20 16.44 0.99 -2.47
CA PHE J 20 16.02 1.96 -1.45
C PHE J 20 16.69 3.31 -1.66
N ALA J 21 16.50 4.20 -0.69
CA ALA J 21 17.09 5.53 -0.76
C ALA J 21 18.06 5.75 0.40
N GLU J 22 19.35 5.83 0.08
CA GLU J 22 20.36 6.04 1.10
C GLU J 22 20.58 7.52 1.35
N ASP J 23 19.81 8.09 2.26
CA ASP J 23 19.93 9.51 2.58
C ASP J 23 20.37 9.68 4.03
N VAL J 24 21.56 10.24 4.22
CA VAL J 24 22.08 10.46 5.57
C VAL J 24 22.77 11.82 5.67
N GLY J 25 23.34 12.10 6.83
CA GLY J 25 24.03 13.38 7.05
C GLY J 25 23.06 14.43 7.58
N SER J 26 22.43 15.16 6.67
CA SER J 26 21.48 16.20 7.07
C SER J 26 20.31 16.26 6.10
N ASN J 27 19.11 15.97 6.59
CA ASN J 27 17.92 16.00 5.76
C ASN J 27 17.26 17.37 5.81
N LYS J 28 16.29 17.59 4.93
CA LYS J 28 15.58 18.87 4.88
C LYS J 28 14.17 18.73 5.45
N GLY J 29 13.63 19.83 5.97
CA GLY J 29 12.30 19.82 6.54
C GLY J 29 11.24 20.08 5.47
N ALA J 30 10.53 19.03 5.09
CA ALA J 30 9.49 19.16 4.06
C ALA J 30 8.58 17.93 4.06
N ILE J 31 8.54 17.25 2.92
CA ILE J 31 7.72 16.05 2.79
C ILE J 31 8.38 15.05 1.85
N ILE J 32 8.21 13.77 2.14
CA ILE J 32 8.79 12.73 1.31
C ILE J 32 7.91 11.49 1.28
N GLY J 33 7.88 10.80 0.15
CA GLY J 33 7.07 9.60 0.01
C GLY J 33 7.69 8.63 -0.99
N LEU J 34 7.48 7.34 -0.76
CA LEU J 34 8.03 6.32 -1.64
C LEU J 34 7.13 5.08 -1.67
N MET J 35 7.10 4.39 -2.80
CA MET J 35 6.29 3.20 -2.94
C MET J 35 6.96 2.20 -3.90
N VAL J 36 6.79 0.92 -3.61
CA VAL J 36 7.39 -0.11 -4.45
C VAL J 36 6.59 -1.41 -4.35
N GLY J 37 6.66 -2.23 -5.40
CA GLY J 37 5.95 -3.50 -5.42
C GLY J 37 6.63 -4.49 -6.36
N GLY J 38 6.45 -5.77 -6.09
CA GLY J 38 7.04 -6.81 -6.92
C GLY J 38 6.19 -8.08 -6.90
N VAL J 39 6.21 -8.81 -8.01
CA VAL J 39 5.43 -10.04 -8.11
C VAL J 39 6.34 -11.21 -8.46
N VAL J 40 5.98 -12.40 -7.96
CA VAL J 40 6.77 -13.60 -8.24
C VAL J 40 5.87 -14.83 -8.29
P 2PO K . -30.25 -5.34 -11.80
O1P 2PO K . -31.61 -4.54 -11.74
O2P 2PO K . -29.81 -5.59 -10.29
O3P 2PO K . -30.23 -6.56 -12.66
P 2PO L . -27.19 -4.58 -17.28
O1P 2PO L . -28.00 -5.77 -17.92
O2P 2PO L . -25.90 -4.35 -18.19
O3P 2PO L . -26.92 -4.68 -15.81
P 2PO M . -23.46 -3.35 -22.05
O1P 2PO M . -24.15 -4.76 -21.87
O2P 2PO M . -23.43 -3.06 -23.62
O3P 2PO M . -22.16 -3.17 -21.35
P 2PO N . -18.66 -2.99 -26.10
O1P 2PO N . -17.87 -2.22 -27.22
O2P 2PO N . -19.38 -4.21 -26.82
O3P 2PO N . -17.90 -3.35 -24.87
P 2PO O . -12.65 -0.54 -28.59
O1P 2PO O . -12.55 -1.23 -30.00
O2P 2PO O . -12.18 0.97 -28.79
O3P 2PO O . -12.00 -1.26 -27.45
P 2PO P . 18.70 -2.27 27.53
O1P 2PO P . 17.86 -1.74 26.30
O2P 2PO P . 18.90 -1.02 28.49
O3P 2PO P . 18.18 -3.50 28.20
P 2PO Q . 21.18 1.90 23.66
O1P 2PO Q . 20.97 2.39 25.14
O2P 2PO Q . 21.01 3.19 22.73
O3P 2PO Q . 20.38 0.71 23.24
P 2PO R . 23.97 4.59 19.05
O1P 2PO R . 24.34 5.93 18.32
O2P 2PO R . 23.61 4.95 20.55
O3P 2PO R . 22.97 3.72 18.36
P 2PO S . 27.04 7.29 14.61
O1P 2PO S . 26.27 7.41 15.98
O2P 2PO S . 25.97 6.85 13.52
O3P 2PO S . 27.89 8.47 14.23
P 2PO T . 28.45 8.94 8.95
O1P 2PO T . 27.97 9.74 7.68
O2P 2PO T . 29.49 7.86 8.43
O3P 2PO T . 28.92 9.75 10.11
N ASP A 1 -25.63 -18.42 -6.51
CA ASP A 1 -26.55 -17.25 -6.46
C ASP A 1 -25.96 -16.10 -7.25
N ALA A 2 -26.82 -15.20 -7.72
CA ALA A 2 -26.36 -14.05 -8.50
C ALA A 2 -27.34 -12.88 -8.35
N GLU A 3 -27.04 -11.99 -7.42
CA GLU A 3 -27.89 -10.82 -7.19
C GLU A 3 -29.34 -11.27 -6.96
N PHE A 4 -30.18 -10.32 -6.56
CA PHE A 4 -31.58 -10.63 -6.32
C PHE A 4 -32.37 -9.34 -6.04
N ARG A 5 -32.10 -8.73 -4.91
CA ARG A 5 -32.79 -7.49 -4.54
C ARG A 5 -32.08 -6.28 -5.15
N HIS A 6 -30.77 -6.26 -5.03
CA HIS A 6 -29.98 -5.15 -5.58
C HIS A 6 -30.19 -5.05 -7.09
N ASP A 7 -29.35 -4.24 -7.74
CA ASP A 7 -29.44 -4.06 -9.18
C ASP A 7 -28.05 -3.88 -9.80
N SER A 8 -27.96 -4.08 -11.11
CA SER A 8 -26.69 -3.94 -11.81
C SER A 8 -26.57 -2.55 -12.43
N GLY A 9 -27.33 -1.60 -11.89
CA GLY A 9 -27.30 -0.24 -12.40
C GLY A 9 -27.62 0.77 -11.29
N TYR A 10 -27.04 1.96 -11.38
CA TYR A 10 -27.29 2.99 -10.38
C TYR A 10 -26.20 4.07 -10.42
N GLU A 11 -26.05 4.78 -9.32
CA GLU A 11 -25.04 5.83 -9.22
C GLU A 11 -24.51 5.90 -7.79
N VAL A 12 -23.23 6.24 -7.65
CA VAL A 12 -22.63 6.33 -6.31
C VAL A 12 -22.24 7.77 -5.97
N HIS A 13 -22.34 8.12 -4.69
CA HIS A 13 -22.00 9.47 -4.24
C HIS A 13 -21.85 9.51 -2.73
N HIS A 14 -20.75 10.09 -2.25
CA HIS A 14 -20.50 10.19 -0.81
C HIS A 14 -19.53 11.33 -0.51
N GLN A 15 -18.72 11.16 0.54
CA GLN A 15 -17.76 12.19 0.93
C GLN A 15 -16.36 11.59 1.10
N LYS A 16 -15.36 12.46 1.09
CA LYS A 16 -13.95 12.04 1.23
C LYS A 16 -13.86 10.71 1.98
N LEU A 17 -12.95 9.86 1.52
CA LEU A 17 -12.74 8.56 2.15
C LEU A 17 -12.13 7.58 1.14
N VAL A 18 -12.43 6.30 1.34
CA VAL A 18 -11.90 5.27 0.45
C VAL A 18 -12.66 3.96 0.64
N PHE A 19 -12.48 3.02 -0.29
CA PHE A 19 -13.15 1.74 -0.19
C PHE A 19 -12.82 0.85 -1.39
N PHE A 20 -13.38 -0.34 -1.41
CA PHE A 20 -13.14 -1.29 -2.49
C PHE A 20 -14.05 -2.50 -2.36
N ALA A 21 -14.03 -3.36 -3.39
CA ALA A 21 -14.87 -4.55 -3.37
C ALA A 21 -14.56 -5.43 -4.58
N GLU A 22 -15.59 -6.11 -5.08
CA GLU A 22 -15.43 -7.00 -6.23
C GLU A 22 -16.78 -7.26 -6.89
N ASP A 23 -17.15 -8.54 -6.94
CA ASP A 23 -18.42 -8.93 -7.56
C ASP A 23 -19.56 -8.05 -7.06
N VAL A 24 -19.78 -6.93 -7.74
CA VAL A 24 -20.84 -6.01 -7.36
C VAL A 24 -22.17 -6.74 -7.23
N GLY A 25 -22.79 -6.62 -6.06
CA GLY A 25 -24.07 -7.28 -5.81
C GLY A 25 -23.95 -8.27 -4.65
N SER A 26 -22.96 -9.16 -4.75
CA SER A 26 -22.75 -10.15 -3.70
C SER A 26 -21.29 -10.60 -3.68
N ASN A 27 -20.89 -11.23 -2.57
CA ASN A 27 -19.51 -11.70 -2.44
C ASN A 27 -19.32 -12.99 -3.22
N LYS A 28 -18.65 -12.90 -4.36
CA LYS A 28 -18.40 -14.07 -5.19
C LYS A 28 -17.01 -14.62 -4.94
N GLY A 29 -16.40 -15.21 -5.96
CA GLY A 29 -15.07 -15.78 -5.83
C GLY A 29 -14.04 -14.69 -5.55
N ALA A 30 -13.84 -14.38 -4.28
CA ALA A 30 -12.87 -13.36 -3.88
C ALA A 30 -12.42 -13.59 -2.44
N ILE A 31 -11.12 -13.46 -2.20
CA ILE A 31 -10.59 -13.66 -0.86
C ILE A 31 -10.99 -12.51 0.05
N ILE A 32 -10.52 -11.30 -0.23
CA ILE A 32 -10.86 -10.15 0.61
C ILE A 32 -9.75 -9.11 0.55
N GLY A 33 -9.56 -8.39 1.66
CA GLY A 33 -8.53 -7.36 1.73
C GLY A 33 -8.87 -6.31 2.78
N LEU A 34 -8.31 -5.12 2.65
CA LEU A 34 -8.60 -4.04 3.60
C LEU A 34 -8.57 -2.70 2.88
N MET A 35 -9.43 -1.78 3.31
CA MET A 35 -9.51 -0.46 2.71
C MET A 35 -9.87 0.58 3.76
N VAL A 36 -9.34 1.79 3.60
CA VAL A 36 -9.64 2.87 4.54
C VAL A 36 -9.02 2.61 5.91
N GLY A 37 -7.69 2.69 6.01
CA GLY A 37 -7.03 2.47 7.29
C GLY A 37 -5.90 3.49 7.47
N GLY A 38 -5.76 4.05 8.66
CA GLY A 38 -4.72 5.03 8.92
C GLY A 38 -5.12 5.97 10.04
N VAL A 39 -4.64 7.21 9.97
CA VAL A 39 -4.96 8.21 10.98
C VAL A 39 -6.02 9.19 10.47
N VAL A 40 -6.68 9.88 11.38
CA VAL A 40 -7.71 10.84 11.01
C VAL A 40 -7.19 12.26 11.14
N ASP B 1 -27.44 -17.96 -15.74
CA ASP B 1 -27.86 -17.08 -14.61
C ASP B 1 -26.76 -16.07 -14.32
N ALA B 2 -26.31 -15.38 -15.36
CA ALA B 2 -25.26 -14.38 -15.20
C ALA B 2 -25.86 -13.00 -15.03
N GLU B 3 -25.84 -12.21 -16.09
CA GLU B 3 -26.39 -10.86 -16.06
C GLU B 3 -27.81 -10.83 -16.61
N PHE B 4 -28.78 -10.64 -15.72
CA PHE B 4 -30.17 -10.60 -16.14
C PHE B 4 -30.45 -9.39 -17.02
N ARG B 5 -31.70 -8.95 -17.06
CA ARG B 5 -32.07 -7.80 -17.88
C ARG B 5 -31.71 -6.51 -17.15
N HIS B 6 -32.73 -5.71 -16.84
CA HIS B 6 -32.51 -4.44 -16.15
C HIS B 6 -31.42 -3.62 -16.85
N ASP B 7 -31.18 -2.42 -16.35
CA ASP B 7 -30.17 -1.55 -16.94
C ASP B 7 -28.80 -1.81 -16.31
N SER B 8 -27.75 -1.71 -17.11
CA SER B 8 -26.40 -1.93 -16.61
C SER B 8 -25.56 -0.66 -16.76
N GLY B 9 -25.62 0.20 -15.75
CA GLY B 9 -24.86 1.45 -15.78
C GLY B 9 -24.54 1.91 -14.37
N TYR B 10 -23.41 2.60 -14.21
CA TYR B 10 -23.01 3.09 -12.90
C TYR B 10 -22.40 4.49 -13.03
N GLU B 11 -22.69 5.37 -12.07
CA GLU B 11 -22.16 6.72 -12.12
C GLU B 11 -20.65 6.72 -11.99
N VAL B 12 -20.14 6.43 -10.79
CA VAL B 12 -18.70 6.42 -10.55
C VAL B 12 -18.33 7.44 -9.48
N HIS B 13 -19.35 8.01 -8.83
CA HIS B 13 -19.12 8.99 -7.78
C HIS B 13 -19.37 8.40 -6.40
N HIS B 14 -18.82 9.04 -5.37
CA HIS B 14 -18.99 8.56 -4.00
C HIS B 14 -18.17 9.41 -3.03
N GLN B 15 -17.43 8.77 -2.15
CA GLN B 15 -16.62 9.48 -1.18
C GLN B 15 -15.70 10.47 -1.89
N LYS B 16 -14.49 10.67 -1.38
CA LYS B 16 -13.55 11.60 -1.99
C LYS B 16 -12.14 11.03 -2.05
N LEU B 17 -11.75 10.24 -1.05
CA LEU B 17 -10.41 9.65 -1.02
C LEU B 17 -10.23 8.64 -2.16
N VAL B 18 -10.88 7.48 -2.07
CA VAL B 18 -10.76 6.47 -3.12
C VAL B 18 -12.11 5.81 -3.36
N PHE B 19 -12.43 5.54 -4.63
CA PHE B 19 -13.70 4.92 -4.98
C PHE B 19 -13.81 3.50 -4.45
N PHE B 20 -13.16 2.55 -5.11
CA PHE B 20 -13.23 1.16 -4.64
C PHE B 20 -12.95 0.19 -5.78
N ALA B 21 -13.52 -1.01 -5.69
CA ALA B 21 -13.33 -2.01 -6.74
C ALA B 21 -14.58 -2.86 -6.88
N GLU B 22 -15.19 -2.81 -8.06
CA GLU B 22 -16.40 -3.60 -8.31
C GLU B 22 -16.77 -3.58 -9.79
N ASP B 23 -16.89 -4.76 -10.38
CA ASP B 23 -17.23 -4.87 -11.79
C ASP B 23 -18.75 -5.05 -11.93
N VAL B 24 -19.25 -4.89 -13.16
CA VAL B 24 -20.68 -5.04 -13.40
C VAL B 24 -21.08 -6.51 -13.34
N GLY B 25 -22.35 -6.75 -13.05
CA GLY B 25 -22.85 -8.13 -12.95
C GLY B 25 -22.21 -8.86 -11.79
N SER B 26 -21.11 -9.55 -12.06
CA SER B 26 -20.41 -10.31 -11.02
C SER B 26 -18.91 -10.33 -11.28
N ASN B 27 -18.13 -10.52 -10.22
CA ASN B 27 -16.67 -10.56 -10.35
C ASN B 27 -16.12 -11.83 -9.72
N LYS B 28 -16.02 -12.90 -10.50
CA LYS B 28 -15.50 -14.16 -10.01
C LYS B 28 -13.98 -14.16 -10.09
N GLY B 29 -13.33 -13.87 -8.96
CA GLY B 29 -11.87 -13.84 -8.92
C GLY B 29 -11.33 -14.73 -7.82
N ALA B 30 -10.33 -14.23 -7.10
CA ALA B 30 -9.70 -15.00 -6.02
C ALA B 30 -9.65 -14.21 -4.72
N ILE B 31 -8.76 -13.20 -4.67
CA ILE B 31 -8.61 -12.40 -3.45
C ILE B 31 -8.25 -10.95 -3.78
N ILE B 32 -8.75 -10.02 -2.96
CA ILE B 32 -8.46 -8.60 -3.19
C ILE B 32 -9.63 -7.73 -2.75
N GLY B 33 -9.82 -6.62 -3.47
CA GLY B 33 -10.93 -5.70 -3.20
C GLY B 33 -10.79 -5.04 -1.82
N LEU B 34 -9.85 -4.13 -1.68
CA LEU B 34 -9.68 -3.43 -0.41
C LEU B 34 -8.49 -2.47 -0.47
N MET B 35 -8.22 -1.81 0.66
CA MET B 35 -7.11 -0.86 0.73
C MET B 35 -7.06 -0.16 2.08
N VAL B 36 -6.20 0.84 2.18
CA VAL B 36 -6.06 1.59 3.41
C VAL B 36 -5.51 2.98 3.12
N GLY B 37 -5.89 3.96 3.93
CA GLY B 37 -5.42 5.33 3.77
C GLY B 37 -5.10 5.94 5.12
N GLY B 38 -4.02 6.72 5.21
CA GLY B 38 -3.65 7.32 6.47
C GLY B 38 -4.72 8.25 7.03
N VAL B 39 -4.83 9.44 6.47
CA VAL B 39 -5.83 10.39 6.94
C VAL B 39 -6.33 11.26 5.79
N VAL B 40 -7.61 11.61 5.86
CA VAL B 40 -8.22 12.43 4.82
C VAL B 40 -7.56 13.81 4.77
N ASP C 1 -22.00 -17.35 -22.13
CA ASP C 1 -20.51 -17.42 -22.22
C ASP C 1 -19.90 -16.21 -21.50
N ALA C 2 -20.70 -15.16 -21.33
CA ALA C 2 -20.24 -13.96 -20.66
C ALA C 2 -21.41 -13.19 -20.06
N GLU C 3 -22.38 -12.85 -20.91
CA GLU C 3 -23.54 -12.10 -20.45
C GLU C 3 -24.63 -12.10 -21.54
N PHE C 4 -25.88 -12.27 -21.12
CA PHE C 4 -26.98 -12.28 -22.06
C PHE C 4 -27.09 -10.95 -22.78
N ARG C 5 -27.66 -9.95 -22.10
CA ARG C 5 -27.81 -8.63 -22.69
C ARG C 5 -26.60 -7.76 -22.37
N HIS C 6 -25.96 -7.24 -23.41
CA HIS C 6 -24.79 -6.39 -23.23
C HIS C 6 -25.21 -4.95 -22.95
N ASP C 7 -24.52 -4.30 -22.02
CA ASP C 7 -24.83 -2.91 -21.67
C ASP C 7 -23.69 -2.30 -20.87
N SER C 8 -22.79 -3.14 -20.38
CA SER C 8 -21.66 -2.66 -19.60
C SER C 8 -22.11 -1.66 -18.54
N GLY C 9 -21.67 -0.42 -18.67
CA GLY C 9 -22.06 0.61 -17.72
C GLY C 9 -21.03 1.74 -17.70
N TYR C 10 -20.94 2.43 -16.56
CA TYR C 10 -19.99 3.53 -16.42
C TYR C 10 -19.62 3.72 -14.95
N GLU C 11 -18.41 4.19 -14.71
CA GLU C 11 -17.96 4.42 -13.33
C GLU C 11 -16.43 4.40 -13.25
N VAL C 12 -15.91 4.05 -12.08
CA VAL C 12 -14.46 3.99 -11.88
C VAL C 12 -13.95 5.25 -11.18
N HIS C 13 -14.54 5.57 -10.03
CA HIS C 13 -14.12 6.75 -9.28
C HIS C 13 -15.15 7.06 -8.18
N HIS C 14 -16.19 6.23 -8.11
CA HIS C 14 -17.22 6.43 -7.10
C HIS C 14 -16.79 7.52 -6.13
N GLN C 15 -15.71 7.26 -5.39
CA GLN C 15 -15.20 8.24 -4.44
C GLN C 15 -14.72 9.49 -5.17
N LYS C 16 -13.63 9.34 -5.91
CA LYS C 16 -13.05 10.46 -6.65
C LYS C 16 -11.54 10.44 -6.57
N LEU C 17 -11.02 10.05 -5.41
CA LEU C 17 -9.57 10.02 -5.21
C LEU C 17 -8.93 8.82 -5.91
N VAL C 18 -9.20 7.60 -5.45
CA VAL C 18 -8.58 6.41 -6.04
C VAL C 18 -9.09 6.12 -7.45
N PHE C 19 -10.27 5.52 -7.57
CA PHE C 19 -10.80 5.19 -8.89
C PHE C 19 -10.00 4.07 -9.55
N PHE C 20 -10.12 2.86 -9.05
CA PHE C 20 -9.39 1.74 -9.63
C PHE C 20 -9.82 1.48 -11.07
N ALA C 21 -11.02 0.92 -11.24
CA ALA C 21 -11.52 0.63 -12.57
C ALA C 21 -12.67 -0.38 -12.50
N GLU C 22 -12.89 -1.08 -13.61
CA GLU C 22 -13.95 -2.08 -13.68
C GLU C 22 -14.11 -2.59 -15.11
N ASP C 23 -13.63 -3.80 -15.37
CA ASP C 23 -13.72 -4.39 -16.69
C ASP C 23 -15.03 -5.15 -16.84
N VAL C 24 -15.35 -5.52 -18.08
CA VAL C 24 -16.58 -6.27 -18.34
C VAL C 24 -16.90 -7.21 -17.20
N GLY C 25 -18.19 -7.37 -16.90
CA GLY C 25 -18.61 -8.26 -15.82
C GLY C 25 -17.84 -9.57 -15.87
N SER C 26 -17.80 -10.19 -17.04
CA SER C 26 -17.10 -11.46 -17.20
C SER C 26 -15.62 -11.21 -17.49
N ASN C 27 -14.79 -11.40 -16.46
CA ASN C 27 -13.35 -11.20 -16.62
C ASN C 27 -12.61 -12.53 -16.57
N LYS C 28 -11.33 -12.51 -16.93
CA LYS C 28 -10.52 -13.72 -16.94
C LYS C 28 -9.24 -13.50 -16.14
N GLY C 29 -9.29 -13.78 -14.84
CA GLY C 29 -8.12 -13.61 -13.98
C GLY C 29 -8.42 -14.07 -12.56
N ALA C 30 -7.46 -13.89 -11.66
CA ALA C 30 -7.63 -14.29 -10.27
C ALA C 30 -8.59 -13.34 -9.56
N ILE C 31 -8.68 -12.11 -10.05
CA ILE C 31 -9.57 -11.12 -9.47
C ILE C 31 -9.01 -9.71 -9.64
N ILE C 32 -9.36 -8.80 -8.74
CA ILE C 32 -8.90 -7.42 -8.82
C ILE C 32 -8.76 -6.85 -7.42
N GLY C 33 -7.76 -6.01 -7.21
CA GLY C 33 -7.55 -5.42 -5.89
C GLY C 33 -6.92 -4.04 -5.99
N LEU C 34 -7.21 -3.19 -5.02
CA LEU C 34 -6.64 -1.84 -5.01
C LEU C 34 -6.31 -1.45 -3.56
N MET C 35 -5.16 -0.83 -3.38
CA MET C 35 -4.74 -0.42 -2.04
C MET C 35 -4.00 0.91 -2.10
N VAL C 36 -4.17 1.74 -1.09
CA VAL C 36 -3.50 3.03 -1.06
C VAL C 36 -4.23 4.01 -0.14
N GLY C 37 -4.07 5.30 -0.41
CA GLY C 37 -4.71 6.32 0.40
C GLY C 37 -3.96 7.64 0.31
N GLY C 38 -4.13 8.49 1.31
CA GLY C 38 -3.45 9.78 1.33
C GLY C 38 -3.19 10.26 2.75
N VAL C 39 -2.09 10.99 2.93
CA VAL C 39 -1.74 11.51 4.23
C VAL C 39 -1.96 13.02 4.29
N VAL C 40 -2.83 13.46 5.18
CA VAL C 40 -3.13 14.87 5.32
C VAL C 40 -3.12 15.56 3.96
N ASP D 1 -13.40 -13.02 -28.60
CA ASP D 1 -12.44 -13.43 -27.54
C ASP D 1 -12.91 -12.88 -26.20
N ALA D 2 -13.84 -11.94 -26.24
CA ALA D 2 -14.37 -11.35 -25.01
C ALA D 2 -15.54 -10.42 -25.33
N GLU D 3 -15.27 -9.12 -25.34
CA GLU D 3 -16.31 -8.13 -25.63
C GLU D 3 -17.04 -8.49 -26.91
N PHE D 4 -18.18 -9.16 -26.76
CA PHE D 4 -18.98 -9.56 -27.92
C PHE D 4 -19.73 -8.36 -28.50
N ARG D 5 -20.45 -7.66 -27.63
CA ARG D 5 -21.22 -6.48 -28.06
C ARG D 5 -21.39 -5.52 -26.90
N HIS D 6 -20.30 -5.25 -26.18
CA HIS D 6 -20.35 -4.34 -25.05
C HIS D 6 -20.26 -2.89 -25.52
N ASP D 7 -19.92 -1.99 -24.60
CA ASP D 7 -19.82 -0.57 -24.95
C ASP D 7 -18.87 0.13 -23.99
N SER D 8 -18.15 -0.64 -23.18
CA SER D 8 -17.22 -0.08 -22.22
C SER D 8 -17.90 1.00 -21.37
N GLY D 9 -17.67 2.26 -21.73
CA GLY D 9 -18.27 3.37 -21.00
C GLY D 9 -17.78 3.42 -19.56
N TYR D 10 -16.52 3.79 -19.38
CA TYR D 10 -15.93 3.87 -18.04
C TYR D 10 -16.65 4.91 -17.19
N GLU D 11 -16.39 6.18 -17.48
CA GLU D 11 -17.03 7.28 -16.74
C GLU D 11 -16.45 7.40 -15.34
N VAL D 12 -15.20 7.84 -15.23
CA VAL D 12 -14.57 7.99 -13.93
C VAL D 12 -14.00 9.41 -13.78
N HIS D 13 -13.64 9.76 -12.55
CA HIS D 13 -13.07 11.08 -12.27
C HIS D 13 -14.17 12.15 -12.21
N HIS D 14 -13.88 13.24 -11.53
CA HIS D 14 -14.83 14.33 -11.38
C HIS D 14 -14.09 15.66 -11.20
N GLN D 15 -13.03 15.64 -10.40
CA GLN D 15 -12.26 16.85 -10.15
C GLN D 15 -11.09 16.55 -9.20
N LYS D 16 -10.04 15.94 -9.75
CA LYS D 16 -8.85 15.62 -8.94
C LYS D 16 -8.00 14.57 -9.65
N LEU D 17 -8.06 13.33 -9.18
CA LEU D 17 -7.28 12.25 -9.77
C LEU D 17 -8.05 10.94 -9.62
N VAL D 18 -7.95 10.07 -10.62
CA VAL D 18 -8.65 8.79 -10.55
C VAL D 18 -8.56 8.01 -11.87
N PHE D 19 -9.31 6.89 -11.92
CA PHE D 19 -9.36 6.03 -13.11
C PHE D 19 -8.07 5.23 -13.30
N PHE D 20 -7.81 4.26 -12.42
CA PHE D 20 -6.60 3.45 -12.54
C PHE D 20 -6.85 2.02 -12.07
N ALA D 21 -6.30 1.04 -12.77
CA ALA D 21 -6.46 -0.36 -12.38
C ALA D 21 -7.30 -1.14 -13.38
N GLU D 22 -6.64 -1.88 -14.26
CA GLU D 22 -7.34 -2.70 -15.25
C GLU D 22 -7.90 -1.84 -16.38
N ASP D 23 -8.49 -2.51 -17.37
CA ASP D 23 -9.07 -1.83 -18.51
C ASP D 23 -10.58 -2.08 -18.57
N VAL D 24 -11.14 -1.97 -19.77
CA VAL D 24 -12.57 -2.18 -19.95
C VAL D 24 -12.81 -3.27 -21.00
N GLY D 25 -12.32 -4.47 -20.72
CA GLY D 25 -12.49 -5.59 -21.63
C GLY D 25 -11.29 -6.54 -21.57
N SER D 26 -10.16 -6.02 -21.11
CA SER D 26 -8.94 -6.83 -21.00
C SER D 26 -7.98 -6.22 -19.97
N ASN D 27 -6.88 -6.93 -19.72
CA ASN D 27 -5.89 -6.45 -18.76
C ASN D 27 -4.51 -7.07 -19.06
N LYS D 28 -3.99 -7.88 -18.14
CA LYS D 28 -2.70 -8.51 -18.34
C LYS D 28 -2.31 -9.41 -17.15
N GLY D 29 -1.54 -8.85 -16.22
CA GLY D 29 -1.09 -9.58 -15.03
C GLY D 29 -2.13 -10.60 -14.55
N ALA D 30 -2.49 -10.50 -13.27
CA ALA D 30 -3.48 -11.42 -12.69
C ALA D 30 -4.77 -10.69 -12.31
N ILE D 31 -5.15 -9.72 -13.14
CA ILE D 31 -6.36 -8.92 -12.90
C ILE D 31 -6.35 -8.32 -11.51
N ILE D 32 -5.43 -7.38 -11.29
CA ILE D 32 -5.33 -6.72 -9.98
C ILE D 32 -3.98 -6.03 -9.82
N GLY D 33 -3.64 -5.71 -8.57
CA GLY D 33 -2.37 -5.08 -8.27
C GLY D 33 -2.29 -3.64 -8.77
N LEU D 34 -3.03 -2.74 -8.14
CA LEU D 34 -3.01 -1.33 -8.53
C LEU D 34 -3.12 -0.44 -7.30
N MET D 35 -2.35 0.66 -7.28
CA MET D 35 -2.37 1.58 -6.15
C MET D 35 -1.99 2.98 -6.62
N VAL D 36 -2.48 4.00 -5.92
CA VAL D 36 -2.17 5.37 -6.30
C VAL D 36 -2.68 6.38 -5.27
N GLY D 37 -2.30 7.65 -5.47
CA GLY D 37 -2.71 8.72 -4.58
C GLY D 37 -2.14 8.52 -3.18
N GLY D 38 -0.82 8.64 -3.05
CA GLY D 38 -0.17 8.45 -1.76
C GLY D 38 -0.61 9.50 -0.74
N VAL D 39 -0.15 10.73 -0.93
CA VAL D 39 -0.50 11.81 -0.02
C VAL D 39 -1.22 12.93 -0.75
N VAL D 40 -2.07 13.66 -0.03
CA VAL D 40 -2.82 14.77 -0.62
C VAL D 40 -2.77 15.99 0.28
N ASP E 1 -10.09 -5.29 -32.53
CA ASP E 1 -11.41 -4.83 -33.06
C ASP E 1 -12.52 -5.26 -32.10
N ALA E 2 -13.08 -4.29 -31.39
CA ALA E 2 -14.15 -4.58 -30.43
C ALA E 2 -14.81 -3.28 -29.97
N GLU E 3 -14.99 -2.36 -30.89
CA GLU E 3 -15.61 -1.07 -30.56
C GLU E 3 -16.00 -0.32 -31.83
N PHE E 4 -17.30 -0.15 -32.03
CA PHE E 4 -17.79 0.55 -33.22
C PHE E 4 -19.30 0.80 -33.10
N ARG E 5 -19.68 1.59 -32.11
CA ARG E 5 -21.09 1.90 -31.90
C ARG E 5 -21.27 3.37 -31.52
N HIS E 6 -22.44 3.92 -31.85
CA HIS E 6 -22.72 5.32 -31.54
C HIS E 6 -22.53 5.58 -30.04
N ASP E 7 -23.65 5.66 -29.32
CA ASP E 7 -23.59 5.91 -27.89
C ASP E 7 -22.75 4.84 -27.18
N SER E 8 -22.13 5.22 -26.08
CA SER E 8 -21.30 4.29 -25.33
C SER E 8 -21.10 4.78 -23.90
N GLY E 9 -20.05 5.57 -23.69
CA GLY E 9 -19.75 6.10 -22.37
C GLY E 9 -18.31 6.59 -22.28
N TYR E 10 -17.82 6.78 -21.07
CA TYR E 10 -16.45 7.25 -20.88
C TYR E 10 -16.21 7.65 -19.43
N GLU E 11 -15.08 8.33 -19.20
CA GLU E 11 -14.71 8.78 -17.87
C GLU E 11 -15.73 9.77 -17.33
N VAL E 12 -15.79 10.96 -17.94
CA VAL E 12 -16.74 11.98 -17.51
C VAL E 12 -16.00 13.30 -17.26
N HIS E 13 -14.85 13.22 -16.61
CA HIS E 13 -14.07 14.41 -16.31
C HIS E 13 -12.58 14.14 -16.55
N HIS E 14 -11.94 15.02 -17.30
CA HIS E 14 -10.51 14.87 -17.59
C HIS E 14 -9.69 15.94 -16.88
N GLN E 15 -10.39 16.94 -16.32
CA GLN E 15 -9.71 18.02 -15.61
C GLN E 15 -8.64 17.45 -14.68
N LYS E 16 -7.83 18.35 -14.11
CA LYS E 16 -6.77 17.92 -13.20
C LYS E 16 -5.88 16.89 -13.87
N LEU E 17 -5.91 15.66 -13.35
CA LEU E 17 -5.10 14.59 -13.92
C LEU E 17 -5.82 13.25 -13.79
N VAL E 18 -5.63 12.39 -14.79
CA VAL E 18 -6.26 11.07 -14.77
C VAL E 18 -5.38 10.06 -15.51
N PHE E 19 -5.39 8.82 -15.05
CA PHE E 19 -4.59 7.77 -15.66
C PHE E 19 -4.36 6.62 -14.69
N PHE E 20 -3.25 5.91 -14.90
CA PHE E 20 -2.91 4.77 -14.05
C PHE E 20 -4.09 3.80 -14.00
N ALA E 21 -4.38 3.19 -15.14
CA ALA E 21 -5.48 2.22 -15.25
C ALA E 21 -5.45 1.51 -16.59
N GLU E 22 -5.97 2.19 -17.61
CA GLU E 22 -6.04 1.61 -18.94
C GLU E 22 -6.38 2.67 -19.99
N ASP E 23 -6.66 2.22 -21.21
CA ASP E 23 -7.02 3.13 -22.29
C ASP E 23 -8.53 3.19 -22.41
N VAL E 24 -9.03 3.53 -23.60
CA VAL E 24 -10.47 3.62 -23.81
C VAL E 24 -11.07 2.22 -23.91
N GLY E 25 -12.19 2.10 -24.61
CA GLY E 25 -12.86 0.82 -24.77
C GLY E 25 -12.03 -0.11 -25.64
N SER E 26 -10.72 -0.15 -25.40
CA SER E 26 -9.82 -1.00 -26.17
C SER E 26 -8.69 -1.53 -25.29
N ASN E 27 -8.66 -2.83 -25.10
CA ASN E 27 -7.62 -3.45 -24.28
C ASN E 27 -7.36 -4.89 -24.73
N LYS E 28 -6.19 -5.41 -24.36
CA LYS E 28 -5.82 -6.78 -24.74
C LYS E 28 -4.97 -7.42 -23.65
N GLY E 29 -5.62 -8.21 -22.80
CA GLY E 29 -4.91 -8.89 -21.72
C GLY E 29 -5.89 -9.62 -20.79
N ALA E 30 -5.40 -10.03 -19.62
CA ALA E 30 -6.25 -10.74 -18.67
C ALA E 30 -6.12 -10.14 -17.27
N ILE E 31 -5.16 -9.24 -17.09
CA ILE E 31 -4.95 -8.61 -15.80
C ILE E 31 -4.12 -7.34 -15.92
N ILE E 32 -4.21 -6.47 -14.91
CA ILE E 32 -3.46 -5.23 -14.94
C ILE E 32 -3.14 -4.76 -13.52
N GLY E 33 -2.03 -4.04 -13.38
CA GLY E 33 -1.62 -3.53 -12.09
C GLY E 33 -0.93 -2.18 -12.25
N LEU E 34 -1.18 -1.27 -11.31
CA LEU E 34 -0.58 0.05 -11.37
C LEU E 34 -0.27 0.55 -9.95
N MET E 35 0.82 1.29 -9.81
CA MET E 35 1.22 1.80 -8.50
C MET E 35 1.80 3.19 -8.64
N VAL E 36 1.49 4.09 -7.70
CA VAL E 36 2.01 5.45 -7.75
C VAL E 36 1.15 6.38 -6.89
N GLY E 37 1.18 7.66 -7.23
CA GLY E 37 0.40 8.66 -6.51
C GLY E 37 0.95 10.06 -6.73
N GLY E 38 0.59 10.98 -5.84
CA GLY E 38 1.06 12.36 -5.96
C GLY E 38 1.15 13.02 -4.60
N VAL E 39 2.08 13.97 -4.47
CA VAL E 39 2.27 14.67 -3.21
C VAL E 39 1.44 15.96 -3.19
N VAL E 40 0.45 16.00 -2.30
CA VAL E 40 -0.41 17.17 -2.17
C VAL E 40 -1.13 17.43 -3.49
N ASP F 1 12.52 9.86 31.48
CA ASP F 1 13.93 9.41 31.58
C ASP F 1 14.08 8.06 30.89
N ALA F 2 15.33 7.66 30.65
CA ALA F 2 15.61 6.38 30.01
C ALA F 2 15.14 5.22 30.88
N GLU F 3 16.06 4.30 31.18
CA GLU F 3 15.73 3.14 32.00
C GLU F 3 16.90 2.79 32.91
N PHE F 4 18.04 3.41 32.66
CA PHE F 4 19.24 3.16 33.47
C PHE F 4 19.48 1.66 33.60
N ARG F 5 20.13 1.08 32.60
CA ARG F 5 20.43 -0.35 32.63
C ARG F 5 21.69 -0.64 31.83
N HIS F 6 22.73 0.15 32.06
CA HIS F 6 23.99 -0.03 31.35
C HIS F 6 23.77 -0.07 29.84
N ASP F 7 24.46 -0.98 29.17
CA ASP F 7 24.33 -1.12 27.72
C ASP F 7 22.89 -1.48 27.35
N SER F 8 22.36 -0.79 26.35
CA SER F 8 20.99 -1.06 25.91
C SER F 8 21.00 -1.79 24.56
N GLY F 9 20.15 -2.81 24.45
CA GLY F 9 20.07 -3.58 23.21
C GLY F 9 18.69 -4.22 23.07
N TYR F 10 18.29 -4.48 21.83
CA TYR F 10 16.98 -5.09 21.57
C TYR F 10 17.00 -5.87 20.27
N GLU F 11 16.18 -6.91 20.20
CA GLU F 11 16.10 -7.74 18.99
C GLU F 11 14.70 -8.31 18.83
N VAL F 12 14.29 -8.51 17.57
CA VAL F 12 12.96 -9.04 17.30
C VAL F 12 13.06 -10.51 16.89
N HIS F 13 12.86 -11.41 17.85
CA HIS F 13 12.93 -12.84 17.57
C HIS F 13 11.54 -13.46 17.60
N HIS F 14 11.05 -13.88 16.43
CA HIS F 14 9.73 -14.49 16.34
C HIS F 14 9.57 -15.22 15.01
N GLN F 15 8.37 -15.71 14.75
CA GLN F 15 8.09 -16.43 13.51
C GLN F 15 6.73 -16.05 12.95
N LYS F 16 6.26 -16.80 11.97
CA LYS F 16 4.96 -16.54 11.36
C LYS F 16 4.96 -15.17 10.68
N LEU F 17 4.11 -14.28 11.16
CA LEU F 17 4.03 -12.93 10.60
C LEU F 17 3.55 -11.94 11.66
N VAL F 18 3.99 -10.69 11.53
CA VAL F 18 3.60 -9.67 12.50
C VAL F 18 4.39 -8.38 12.30
N PHE F 19 4.26 -7.47 13.25
CA PHE F 19 4.96 -6.19 13.19
C PHE F 19 5.23 -5.67 14.60
N PHE F 20 6.30 -4.89 14.75
CA PHE F 20 6.62 -4.35 16.06
C PHE F 20 7.41 -3.04 15.93
N ALA F 21 7.26 -2.17 16.90
CA ALA F 21 7.95 -0.88 16.88
C ALA F 21 9.10 -0.88 17.89
N GLU F 22 10.32 -0.88 17.38
CA GLU F 22 11.50 -0.88 18.25
C GLU F 22 11.83 0.53 18.72
N ASP F 23 11.55 0.81 20.00
CA ASP F 23 11.82 2.11 20.56
C ASP F 23 12.34 1.98 21.99
N VAL F 24 13.64 2.17 22.16
CA VAL F 24 14.25 2.07 23.48
C VAL F 24 13.91 3.29 24.32
N GLY F 25 13.75 3.08 25.63
CA GLY F 25 13.43 4.17 26.54
C GLY F 25 11.92 4.32 26.68
N SER F 26 11.37 5.37 26.07
CA SER F 26 9.94 5.63 26.13
C SER F 26 9.49 6.45 24.94
N ASN F 27 8.20 6.37 24.62
CA ASN F 27 7.65 7.13 23.50
C ASN F 27 7.44 8.59 23.88
N LYS F 28 8.04 9.48 23.12
CA LYS F 28 7.91 10.92 23.38
C LYS F 28 6.60 11.45 22.82
N GLY F 29 6.44 12.77 22.87
CA GLY F 29 5.23 13.39 22.36
C GLY F 29 5.05 13.12 20.87
N ALA F 30 4.38 12.01 20.56
CA ALA F 30 4.15 11.64 19.17
C ALA F 30 2.85 10.85 19.04
N ILE F 31 2.53 10.46 17.80
CA ILE F 31 1.31 9.70 17.56
C ILE F 31 1.53 8.73 16.39
N ILE F 32 0.89 7.57 16.45
CA ILE F 32 1.02 6.58 15.39
C ILE F 32 -0.29 5.83 15.21
N GLY F 33 -0.61 5.48 13.96
CA GLY F 33 -1.85 4.77 13.68
C GLY F 33 -1.77 4.04 12.33
N LEU F 34 -2.58 3.00 12.20
CA LEU F 34 -2.62 2.21 10.97
C LEU F 34 -2.99 0.77 11.28
N MET F 35 -2.49 -0.17 10.47
CA MET F 35 -2.79 -1.58 10.68
C MET F 35 -1.68 -2.45 10.09
N VAL F 36 -1.46 -3.60 10.67
CA VAL F 36 -0.42 -4.52 10.21
C VAL F 36 -0.82 -5.96 10.44
N GLY F 37 -0.35 -6.87 9.59
CA GLY F 37 -0.68 -8.28 9.73
C GLY F 37 -2.17 -8.53 9.49
N GLY F 38 -2.61 -8.41 8.24
CA GLY F 38 -4.02 -8.63 7.93
C GLY F 38 -4.16 -9.24 6.54
N VAL F 39 -5.12 -10.16 6.40
CA VAL F 39 -5.36 -10.82 5.13
C VAL F 39 -6.83 -10.74 4.77
N VAL F 40 -7.52 -11.88 4.82
CA VAL F 40 -8.94 -11.92 4.49
C VAL F 40 -9.74 -11.08 5.48
N ASP G 1 15.77 13.69 27.62
CA ASP G 1 15.86 12.27 28.06
C ASP G 1 17.15 11.66 27.52
N ALA G 2 17.08 11.08 26.33
CA ALA G 2 18.24 10.46 25.72
C ALA G 2 18.83 9.39 26.65
N GLU G 3 19.71 8.56 26.10
CA GLU G 3 20.33 7.50 26.88
C GLU G 3 21.60 8.01 27.56
N PHE G 4 22.51 7.10 27.86
CA PHE G 4 23.76 7.46 28.51
C PHE G 4 24.88 6.47 28.14
N ARG G 5 26.12 6.89 28.33
CA ARG G 5 27.26 6.03 28.00
C ARG G 5 27.24 5.65 26.54
N HIS G 6 27.49 4.37 26.26
CA HIS G 6 27.50 3.88 24.89
C HIS G 6 27.24 2.38 24.85
N ASP G 7 27.89 1.69 23.92
CA ASP G 7 27.71 0.25 23.78
C ASP G 7 26.23 -0.10 23.60
N SER G 8 25.85 -0.42 22.37
CA SER G 8 24.47 -0.76 22.07
C SER G 8 24.36 -1.38 20.68
N GLY G 9 23.39 -2.27 20.52
CA GLY G 9 23.19 -2.93 19.23
C GLY G 9 21.77 -3.49 19.11
N TYR G 10 21.31 -3.68 17.88
CA TYR G 10 19.97 -4.20 17.64
C TYR G 10 19.93 -4.97 16.34
N GLU G 11 19.04 -5.97 16.26
CA GLU G 11 18.91 -6.77 15.05
C GLU G 11 17.49 -7.32 14.93
N VAL G 12 17.05 -7.53 13.70
CA VAL G 12 15.70 -8.05 13.47
C VAL G 12 15.76 -9.38 12.71
N HIS G 13 14.83 -10.27 13.03
CA HIS G 13 14.78 -11.58 12.39
C HIS G 13 13.36 -12.15 12.44
N HIS G 14 13.05 -13.03 11.50
CA HIS G 14 11.71 -13.64 11.46
C HIS G 14 11.69 -14.82 10.49
N GLN G 15 10.50 -15.15 10.00
CA GLN G 15 10.36 -16.27 9.07
C GLN G 15 9.48 -15.87 7.89
N LYS G 16 8.21 -16.27 7.92
CA LYS G 16 7.29 -15.96 6.85
C LYS G 16 7.49 -14.52 6.36
N LEU G 17 6.85 -13.57 7.03
CA LEU G 17 6.98 -12.16 6.66
C LEU G 17 6.96 -11.30 7.92
N VAL G 18 7.78 -10.26 7.94
CA VAL G 18 7.84 -9.37 9.08
C VAL G 18 8.21 -7.95 8.64
N PHE G 19 7.68 -6.96 9.36
CA PHE G 19 7.96 -5.58 9.02
C PHE G 19 7.70 -4.67 10.24
N PHE G 20 8.33 -3.51 10.24
CA PHE G 20 8.17 -2.57 11.34
C PHE G 20 9.16 -1.42 11.25
N ALA G 21 9.24 -0.63 12.32
CA ALA G 21 10.16 0.51 12.35
C ALA G 21 11.16 0.34 13.49
N GLU G 22 12.42 0.14 13.14
CA GLU G 22 13.46 -0.04 14.14
C GLU G 22 14.15 1.29 14.43
N ASP G 23 13.86 1.85 15.60
CA ASP G 23 14.45 3.12 16.00
C ASP G 23 14.94 3.05 17.44
N VAL G 24 16.24 3.29 17.62
CA VAL G 24 16.83 3.26 18.96
C VAL G 24 16.78 4.63 19.61
N GLY G 25 17.45 4.77 20.75
CA GLY G 25 17.47 6.04 21.47
C GLY G 25 16.07 6.41 21.95
N SER G 26 15.31 7.07 21.10
CA SER G 26 13.95 7.48 21.45
C SER G 26 13.12 7.73 20.20
N ASN G 27 11.80 7.71 20.35
CA ASN G 27 10.91 7.93 19.22
C ASN G 27 10.99 9.38 18.76
N LYS G 28 10.38 9.68 17.62
CA LYS G 28 10.39 11.04 17.09
C LYS G 28 9.08 11.75 17.42
N GLY G 29 9.20 13.03 17.78
CA GLY G 29 8.01 13.82 18.12
C GLY G 29 7.25 14.23 16.86
N ALA G 30 6.41 13.32 16.37
CA ALA G 30 5.63 13.59 15.17
C ALA G 30 4.47 12.60 15.06
N ILE G 31 4.27 12.06 13.86
CA ILE G 31 3.20 11.09 13.63
C ILE G 31 3.68 10.01 12.68
N ILE G 32 3.29 8.76 12.93
CA ILE G 32 3.70 7.66 12.07
C ILE G 32 2.59 6.62 11.98
N GLY G 33 2.45 6.01 10.81
CA GLY G 33 1.44 4.98 10.59
C GLY G 33 1.95 3.91 9.64
N LEU G 34 1.58 2.66 9.89
CA LEU G 34 2.03 1.56 9.05
C LEU G 34 0.96 0.47 8.98
N MET G 35 0.84 -0.17 7.81
CA MET G 35 -0.15 -1.22 7.63
C MET G 35 0.31 -2.22 6.57
N VAL G 36 -0.11 -3.48 6.73
CA VAL G 36 0.26 -4.53 5.78
C VAL G 36 0.29 -5.88 6.47
N GLY G 37 1.16 -6.77 5.99
CA GLY G 37 1.28 -8.10 6.57
C GLY G 37 -0.02 -8.88 6.39
N GLY G 38 -0.31 -9.26 5.15
CA GLY G 38 -1.53 -10.01 4.85
C GLY G 38 -2.06 -9.63 3.47
N VAL G 39 -3.37 -9.57 3.33
CA VAL G 39 -3.98 -9.22 2.06
C VAL G 39 -4.10 -7.70 1.93
N VAL G 40 -5.16 -7.14 2.51
CA VAL G 40 -5.37 -5.71 2.45
C VAL G 40 -6.02 -5.31 1.13
N ASP H 1 14.38 15.09 22.27
CA ASP H 1 15.49 16.08 22.29
C ASP H 1 16.55 15.68 21.25
N ALA H 2 17.78 16.11 21.47
CA ALA H 2 18.86 15.79 20.56
C ALA H 2 19.23 14.31 20.66
N GLU H 3 20.24 13.90 19.89
CA GLU H 3 20.68 12.51 19.91
C GLU H 3 22.02 12.36 19.20
N PHE H 4 23.09 12.29 19.98
CA PHE H 4 24.42 12.15 19.41
C PHE H 4 25.21 11.05 20.13
N ARG H 5 24.71 9.83 20.04
CA ARG H 5 25.36 8.69 20.68
C ARG H 5 26.65 8.34 19.97
N HIS H 6 27.58 7.73 20.69
CA HIS H 6 28.86 7.33 20.11
C HIS H 6 28.75 5.98 19.42
N ASP H 7 28.16 5.01 20.13
CA ASP H 7 28.00 3.67 19.59
C ASP H 7 26.59 3.50 19.01
N SER H 8 26.52 2.89 17.82
CA SER H 8 25.23 2.66 17.18
C SER H 8 25.40 1.74 15.97
N GLY H 9 24.70 0.61 16.00
CA GLY H 9 24.78 -0.35 14.90
C GLY H 9 23.47 -1.11 14.75
N TYR H 10 23.13 -1.46 13.52
CA TYR H 10 21.89 -2.19 13.26
C TYR H 10 22.07 -3.14 12.07
N GLU H 11 21.41 -4.29 12.13
CA GLU H 11 21.50 -5.26 11.06
C GLU H 11 20.18 -6.04 10.93
N VAL H 12 19.85 -6.44 9.71
CA VAL H 12 18.61 -7.18 9.48
C VAL H 12 18.87 -8.43 8.66
N HIS H 13 18.02 -9.44 8.84
CA HIS H 13 18.15 -10.69 8.11
C HIS H 13 17.00 -11.64 8.44
N HIS H 14 16.36 -12.16 7.40
CA HIS H 14 15.23 -13.08 7.61
C HIS H 14 15.01 -13.94 6.36
N GLN H 15 13.79 -14.43 6.19
CA GLN H 15 13.46 -15.27 5.04
C GLN H 15 12.28 -14.69 4.28
N LYS H 16 11.64 -15.54 3.46
CA LYS H 16 10.50 -15.11 2.67
C LYS H 16 10.69 -13.67 2.19
N LEU H 17 10.02 -12.73 2.87
CA LEU H 17 10.12 -11.33 2.51
C LEU H 17 10.06 -10.46 3.76
N VAL H 18 10.85 -9.38 3.78
CA VAL H 18 10.87 -8.49 4.93
C VAL H 18 11.24 -7.07 4.51
N PHE H 19 10.70 -6.09 5.23
CA PHE H 19 10.98 -4.70 4.92
C PHE H 19 10.71 -3.81 6.12
N PHE H 20 11.32 -2.62 6.13
CA PHE H 20 11.12 -1.69 7.23
C PHE H 20 11.95 -0.42 7.04
N ALA H 21 11.87 0.47 8.03
CA ALA H 21 12.62 1.72 7.97
C ALA H 21 13.30 1.99 9.30
N GLU H 22 14.45 2.67 9.26
CA GLU H 22 15.19 2.98 10.48
C GLU H 22 15.47 4.47 10.58
N ASP H 23 14.89 5.10 11.59
CA ASP H 23 15.08 6.54 11.80
C ASP H 23 15.48 6.82 13.24
N VAL H 24 16.69 7.36 13.43
CA VAL H 24 17.17 7.67 14.77
C VAL H 24 18.31 8.68 14.70
N GLY H 25 17.97 9.95 14.85
CA GLY H 25 18.99 11.00 14.81
C GLY H 25 18.39 12.35 15.23
N SER H 26 18.00 13.15 14.23
CA SER H 26 17.42 14.45 14.50
C SER H 26 16.28 14.75 13.53
N ASN H 27 15.09 14.27 13.86
CA ASN H 27 13.92 14.49 13.01
C ASN H 27 12.64 14.25 13.80
N LYS H 28 12.09 15.32 14.36
CA LYS H 28 10.86 15.22 15.13
C LYS H 28 9.94 16.40 14.87
N GLY H 29 9.16 16.31 13.80
CA GLY H 29 8.24 17.38 13.44
C GLY H 29 7.67 17.17 12.04
N ALA H 30 6.81 16.16 11.90
CA ALA H 30 6.20 15.87 10.61
C ALA H 30 5.36 14.60 10.71
N ILE H 31 5.42 13.78 9.64
CA ILE H 31 4.65 12.53 9.61
C ILE H 31 5.43 11.46 8.87
N ILE H 32 5.31 10.22 9.32
CA ILE H 32 6.01 9.11 8.68
C ILE H 32 5.17 7.84 8.73
N GLY H 33 5.26 7.03 7.68
CA GLY H 33 4.49 5.79 7.63
C GLY H 33 5.18 4.75 6.75
N LEU H 34 4.97 3.48 7.08
CA LEU H 34 5.57 2.39 6.31
C LEU H 34 4.64 1.19 6.29
N MET H 35 4.66 0.44 5.20
CA MET H 35 3.80 -0.73 5.07
C MET H 35 4.44 -1.77 4.15
N VAL H 36 4.17 -3.04 4.40
CA VAL H 36 4.74 -4.10 3.57
C VAL H 36 4.13 -5.46 3.90
N GLY H 37 4.40 -6.44 3.02
CA GLY H 37 3.90 -7.80 3.22
C GLY H 37 2.37 -7.85 3.17
N GLY H 38 1.81 -7.60 2.00
CA GLY H 38 0.36 -7.63 1.85
C GLY H 38 -0.02 -7.78 0.38
N VAL H 39 -1.23 -8.25 0.12
CA VAL H 39 -1.70 -8.42 -1.25
C VAL H 39 -1.62 -7.10 -2.01
N VAL H 40 -2.68 -6.31 -1.92
CA VAL H 40 -2.71 -5.02 -2.60
C VAL H 40 -1.88 -3.99 -1.84
N ASP I 1 22.65 20.58 17.61
CA ASP I 1 23.58 19.43 17.52
C ASP I 1 22.84 18.22 16.94
N ALA I 2 23.19 17.87 15.70
CA ALA I 2 22.56 16.74 15.03
C ALA I 2 23.61 15.86 14.37
N GLU I 3 24.34 15.10 15.17
CA GLU I 3 25.38 14.22 14.65
C GLU I 3 26.42 15.02 13.87
N PHE I 4 27.64 14.50 13.84
CA PHE I 4 28.72 15.18 13.13
C PHE I 4 29.68 14.16 12.52
N ARG I 5 30.42 13.46 13.38
CA ARG I 5 31.37 12.46 12.91
C ARG I 5 31.58 11.39 13.98
N HIS I 6 30.96 10.24 13.80
CA HIS I 6 31.08 9.14 14.75
C HIS I 6 31.07 7.80 14.03
N ASP I 7 30.29 6.85 14.57
CA ASP I 7 30.19 5.53 13.97
C ASP I 7 29.07 5.50 12.93
N SER I 8 27.89 5.04 13.34
CA SER I 8 26.76 4.97 12.43
C SER I 8 27.04 3.99 11.30
N GLY I 9 26.45 2.79 11.39
CA GLY I 9 26.64 1.77 10.36
C GLY I 9 25.42 0.88 10.26
N TYR I 10 25.14 0.41 9.04
CA TYR I 10 23.98 -0.45 8.82
C TYR I 10 24.30 -1.49 7.74
N GLU I 11 23.76 -2.69 7.91
CA GLU I 11 24.00 -3.75 6.94
C GLU I 11 22.80 -4.70 6.87
N VAL I 12 22.56 -5.27 5.69
CA VAL I 12 21.44 -6.20 5.51
C VAL I 12 21.87 -7.39 4.66
N HIS I 13 21.32 -8.55 4.98
CA HIS I 13 21.65 -9.77 4.24
C HIS I 13 20.54 -10.80 4.39
N HIS I 14 20.55 -11.81 3.52
CA HIS I 14 19.54 -12.86 3.56
C HIS I 14 18.26 -12.41 2.88
N GLN I 15 17.13 -12.97 3.32
CA GLN I 15 15.84 -12.60 2.75
C GLN I 15 15.77 -13.01 1.28
N LYS I 16 14.60 -13.47 0.86
CA LYS I 16 14.41 -13.89 -0.53
C LYS I 16 14.15 -12.68 -1.43
N LEU I 17 13.10 -11.94 -1.12
CA LEU I 17 12.76 -10.76 -1.90
C LEU I 17 12.08 -9.73 -1.01
N VAL I 18 12.33 -8.44 -1.29
CA VAL I 18 11.72 -7.37 -0.51
C VAL I 18 12.51 -6.08 -0.69
N PHE I 19 12.35 -5.16 0.27
CA PHE I 19 13.05 -3.88 0.21
C PHE I 19 13.12 -3.23 1.59
N PHE I 20 14.06 -2.31 1.75
CA PHE I 20 14.23 -1.61 3.03
C PHE I 20 14.77 -0.20 2.79
N ALA I 21 14.41 0.72 3.66
CA ALA I 21 14.88 2.10 3.53
C ALA I 21 15.50 2.58 4.84
N GLU I 22 16.80 2.88 4.79
CA GLU I 22 17.51 3.35 5.97
C GLU I 22 17.75 4.85 5.90
N ASP I 23 16.98 5.61 6.68
CA ASP I 23 17.12 7.06 6.69
C ASP I 23 17.38 7.56 8.10
N VAL I 24 18.47 8.29 8.28
CA VAL I 24 18.83 8.83 9.59
C VAL I 24 19.55 10.15 9.45
N GLY I 25 19.91 10.75 10.58
CA GLY I 25 20.61 12.03 10.58
C GLY I 25 19.63 13.19 10.77
N SER I 26 19.16 13.75 9.66
CA SER I 26 18.22 14.86 9.71
C SER I 26 17.25 14.80 8.53
N ASN I 27 16.00 14.50 8.82
CA ASN I 27 14.98 14.41 7.77
C ASN I 27 14.30 15.76 7.57
N LYS I 28 13.40 15.83 6.60
CA LYS I 28 12.69 17.06 6.32
C LYS I 28 11.49 17.22 7.26
N GLY I 29 10.75 18.32 7.09
CA GLY I 29 9.59 18.57 7.93
C GLY I 29 8.32 18.65 7.10
N ALA I 30 7.55 17.56 7.10
CA ALA I 30 6.31 17.51 6.34
C ALA I 30 5.62 16.17 6.51
N ILE I 31 5.81 15.26 5.54
CA ILE I 31 5.20 13.95 5.60
C ILE I 31 6.01 12.94 4.79
N ILE I 32 5.91 11.67 5.17
CA ILE I 32 6.64 10.61 4.46
C ILE I 32 5.89 9.29 4.58
N GLY I 33 6.05 8.44 3.58
CA GLY I 33 5.38 7.14 3.58
C GLY I 33 6.12 6.14 2.69
N LEU I 34 5.98 4.86 3.01
CA LEU I 34 6.64 3.81 2.24
C LEU I 34 5.92 2.49 2.44
N MET I 35 6.09 1.56 1.50
CA MET I 35 5.45 0.26 1.59
C MET I 35 5.87 -0.65 0.44
N VAL I 36 5.42 -1.89 0.50
CA VAL I 36 5.73 -2.88 -0.54
C VAL I 36 5.44 -4.29 -0.04
N GLY I 37 6.01 -5.27 -0.73
CA GLY I 37 5.81 -6.67 -0.35
C GLY I 37 4.33 -7.05 -0.38
N GLY I 38 3.78 -7.10 -1.58
CA GLY I 38 2.37 -7.45 -1.75
C GLY I 38 2.06 -7.75 -3.21
N VAL I 39 0.92 -8.37 -3.46
CA VAL I 39 0.53 -8.70 -4.83
C VAL I 39 1.15 -7.71 -5.81
N VAL I 40 0.38 -6.70 -6.20
CA VAL I 40 0.88 -5.69 -7.13
C VAL I 40 1.22 -6.33 -8.47
N ASP J 1 25.78 20.67 8.16
CA ASP J 1 24.92 19.74 8.95
C ASP J 1 25.39 18.31 8.71
N ALA J 2 24.96 17.72 7.60
CA ALA J 2 25.35 16.35 7.27
C ALA J 2 24.73 15.93 5.94
N GLU J 3 25.59 15.61 4.97
CA GLU J 3 25.11 15.20 3.65
C GLU J 3 26.18 14.35 2.95
N PHE J 4 27.30 14.13 3.63
CA PHE J 4 28.39 13.35 3.06
C PHE J 4 28.12 11.85 3.24
N ARG J 5 29.11 11.03 2.90
CA ARG J 5 28.97 9.58 3.03
C ARG J 5 27.61 9.13 2.51
N HIS J 6 27.56 8.81 1.22
CA HIS J 6 26.32 8.36 0.61
C HIS J 6 25.75 7.15 1.36
N ASP J 7 26.37 6.00 1.16
CA ASP J 7 25.92 4.78 1.83
C ASP J 7 25.85 4.99 3.34
N SER J 8 24.63 5.02 3.87
CA SER J 8 24.42 5.22 5.30
C SER J 8 24.37 3.88 6.01
N GLY J 9 25.19 2.93 5.57
CA GLY J 9 25.23 1.61 6.17
C GLY J 9 26.57 0.94 5.93
N TYR J 10 26.93 0.00 6.79
CA TYR J 10 28.19 -0.72 6.67
C TYR J 10 28.25 -1.47 5.34
N GLU J 11 27.45 -2.52 5.22
CA GLU J 11 27.43 -3.32 4.00
C GLU J 11 26.07 -4.01 3.84
N VAL J 12 25.71 -4.31 2.59
CA VAL J 12 24.44 -4.97 2.31
C VAL J 12 24.65 -6.16 1.37
N HIS J 13 24.80 -7.34 1.93
CA HIS J 13 25.01 -8.54 1.13
C HIS J 13 23.67 -9.08 0.61
N HIS J 14 23.74 -10.17 -0.15
CA HIS J 14 22.54 -10.78 -0.70
C HIS J 14 22.04 -9.97 -1.90
N GLN J 15 21.65 -10.67 -2.96
CA GLN J 15 21.16 -10.00 -4.16
C GLN J 15 20.01 -10.80 -4.77
N LYS J 16 19.67 -11.92 -4.15
CA LYS J 16 18.58 -12.76 -4.64
C LYS J 16 17.24 -12.09 -4.41
N LEU J 17 16.86 -11.20 -5.32
CA LEU J 17 15.60 -10.49 -5.21
C LEU J 17 15.57 -9.66 -3.92
N VAL J 18 16.37 -8.62 -3.89
CA VAL J 18 16.43 -7.74 -2.72
C VAL J 18 16.89 -6.34 -3.11
N PHE J 19 16.44 -5.34 -2.36
CA PHE J 19 16.81 -3.96 -2.64
C PHE J 19 16.84 -3.15 -1.35
N PHE J 20 17.71 -2.14 -1.31
CA PHE J 20 17.83 -1.30 -0.13
C PHE J 20 18.19 0.13 -0.53
N ALA J 21 17.67 1.10 0.21
CA ALA J 21 17.95 2.50 -0.08
C ALA J 21 18.82 3.11 1.02
N GLU J 22 20.07 3.44 0.66
CA GLU J 22 21.00 4.04 1.62
C GLU J 22 21.39 5.44 1.17
N ASP J 23 20.74 6.45 1.75
CA ASP J 23 21.03 7.83 1.41
C ASP J 23 20.90 8.72 2.64
N VAL J 24 21.62 9.85 2.63
CA VAL J 24 21.58 10.77 3.75
C VAL J 24 20.16 11.29 3.96
N GLY J 25 19.99 12.19 4.94
CA GLY J 25 18.68 12.75 5.23
C GLY J 25 18.01 13.29 3.97
N SER J 26 18.76 13.29 2.86
CA SER J 26 18.23 13.78 1.60
C SER J 26 17.65 12.62 0.78
N ASN J 27 16.40 12.27 1.08
CA ASN J 27 15.72 11.19 0.36
C ASN J 27 14.27 11.09 0.78
N LYS J 28 13.76 9.87 0.89
CA LYS J 28 12.38 9.65 1.28
C LYS J 28 12.13 10.18 2.69
N GLY J 29 11.62 11.40 2.78
CA GLY J 29 11.35 12.01 4.07
C GLY J 29 10.10 12.89 4.01
N ALA J 30 9.90 13.70 5.04
CA ALA J 30 8.75 14.58 5.10
C ALA J 30 8.20 14.83 3.69
N ILE J 31 6.87 14.78 3.56
CA ILE J 31 6.23 14.97 2.26
C ILE J 31 6.72 13.93 1.26
N ILE J 32 6.33 12.68 1.49
CA ILE J 32 6.74 11.59 0.60
C ILE J 32 5.84 10.37 0.82
N GLY J 33 5.86 9.47 -0.17
CA GLY J 33 5.05 8.25 -0.11
C GLY J 33 5.72 7.13 -0.89
N LEU J 34 5.48 5.89 -0.48
CA LEU J 34 6.07 4.74 -1.17
C LEU J 34 5.28 3.47 -0.85
N MET J 35 5.39 2.50 -1.74
CA MET J 35 4.68 1.23 -1.55
C MET J 35 4.60 0.44 -2.84
N VAL J 36 3.73 -0.57 -2.86
CA VAL J 36 3.51 -1.38 -4.05
C VAL J 36 4.66 -2.36 -4.30
N GLY J 37 4.77 -3.42 -3.50
CA GLY J 37 5.81 -4.40 -3.71
C GLY J 37 5.28 -5.80 -3.40
N GLY J 38 5.60 -6.76 -4.25
CA GLY J 38 5.13 -8.13 -4.06
C GLY J 38 4.96 -8.82 -5.41
N VAL J 39 4.00 -9.74 -5.51
CA VAL J 39 3.76 -10.46 -6.76
C VAL J 39 4.69 -9.94 -7.86
N VAL J 40 4.13 -9.71 -9.03
CA VAL J 40 4.91 -9.22 -10.17
C VAL J 40 5.41 -7.79 -9.90
P 2PO K . -27.49 -6.99 -11.50
O1P 2PO K . -26.75 -6.18 -10.37
O2P 2PO K . -26.46 -8.07 -12.04
O3P 2PO K . -28.84 -7.53 -11.13
P 2PO L . -25.53 -5.55 -18.17
O1P 2PO L . -25.13 -6.15 -16.77
O2P 2PO L . -26.41 -6.64 -18.90
O3P 2PO L . -24.42 -5.00 -18.99
P 2PO M . -18.97 -2.36 -18.55
O1P 2PO M . -17.64 -1.66 -18.06
O2P 2PO M . -19.91 -2.49 -17.28
O3P 2PO M . -18.79 -3.61 -19.33
P 2PO N . -16.15 -1.16 -24.93
O1P 2PO N . -16.32 -2.07 -23.66
O2P 2PO N . -14.64 -1.30 -25.41
O3P 2PO N . -17.17 -1.36 -26.01
P 2PO O . -17.57 4.77 -26.88
O1P 2PO O . -18.00 4.37 -28.35
O2P 2PO O . -16.65 6.05 -27.01
O3P 2PO O . -17.02 3.67 -26.04
P 2PO P . 18.93 0.80 27.95
O1P 2PO P . 19.26 1.36 29.39
O2P 2PO P . 18.80 -0.78 28.12
O3P 2PO P . 17.80 1.45 27.23
P 2PO Q . 22.78 2.82 22.97
O1P 2PO Q . 21.30 2.29 22.87
O2P 2PO Q . 22.85 3.72 24.27
O3P 2PO Q . 23.34 3.45 21.74
P 2PO R . 23.43 6.29 16.90
O1P 2PO R . 22.53 5.79 15.71
O2P 2PO R . 24.73 6.95 16.24
O3P 2PO R . 22.76 7.14 17.92
P 2PO S . 26.15 8.93 11.73
O1P 2PO S . 27.20 8.96 10.55
O2P 2PO S . 26.44 10.20 12.63
O3P 2PO S . 24.72 8.74 11.35
P 2PO T . 21.34 7.16 7.03
O1P 2PO T . 20.64 7.19 5.61
O2P 2PO T . 21.24 8.63 7.62
O3P 2PO T . 20.92 6.06 7.95
N ASP A 1 -29.50 -15.20 -1.59
CA ASP A 1 -30.52 -14.23 -2.04
C ASP A 1 -29.87 -13.19 -2.93
N ALA A 2 -30.65 -12.62 -3.85
CA ALA A 2 -30.13 -11.61 -4.76
C ALA A 2 -30.02 -10.26 -4.06
N GLU A 3 -29.94 -9.20 -4.85
CA GLU A 3 -29.83 -7.85 -4.29
C GLU A 3 -31.18 -7.37 -3.76
N PHE A 4 -31.19 -6.19 -3.16
CA PHE A 4 -32.41 -5.63 -2.62
C PHE A 4 -32.87 -4.43 -3.45
N ARG A 5 -31.91 -3.60 -3.86
CA ARG A 5 -32.23 -2.43 -4.67
C ARG A 5 -31.40 -2.41 -5.94
N HIS A 6 -30.50 -1.43 -6.05
CA HIS A 6 -29.65 -1.32 -7.22
C HIS A 6 -30.49 -1.24 -8.49
N ASP A 7 -29.87 -0.80 -9.58
CA ASP A 7 -30.57 -0.69 -10.85
C ASP A 7 -29.58 -0.62 -12.02
N SER A 8 -29.95 -1.21 -13.14
CA SER A 8 -29.09 -1.21 -14.31
C SER A 8 -28.73 0.22 -14.71
N GLY A 9 -29.35 1.18 -14.05
CA GLY A 9 -29.10 2.59 -14.34
C GLY A 9 -27.66 2.96 -13.99
N TYR A 10 -27.34 2.92 -12.70
CA TYR A 10 -26.00 3.26 -12.24
C TYR A 10 -25.68 2.53 -10.95
N GLU A 11 -24.41 2.21 -10.73
CA GLU A 11 -24.01 1.51 -9.51
C GLU A 11 -22.54 1.78 -9.18
N VAL A 12 -22.20 1.62 -7.90
CA VAL A 12 -20.83 1.85 -7.44
C VAL A 12 -20.67 3.26 -6.88
N HIS A 13 -21.73 3.76 -6.26
CA HIS A 13 -21.70 5.10 -5.69
C HIS A 13 -22.18 5.08 -4.23
N HIS A 14 -21.89 6.15 -3.51
CA HIS A 14 -22.30 6.24 -2.10
C HIS A 14 -22.20 7.68 -1.61
N GLN A 15 -21.35 7.91 -0.61
CA GLN A 15 -21.17 9.25 -0.06
C GLN A 15 -20.14 9.23 1.06
N LYS A 16 -19.60 10.41 1.39
CA LYS A 16 -18.61 10.52 2.44
C LYS A 16 -17.39 9.67 2.13
N LEU A 17 -17.27 8.54 2.83
CA LEU A 17 -16.15 7.63 2.61
C LEU A 17 -16.59 6.20 2.89
N VAL A 18 -16.06 5.26 2.12
CA VAL A 18 -16.43 3.85 2.30
C VAL A 18 -15.78 2.97 1.25
N PHE A 19 -16.14 1.69 1.27
CA PHE A 19 -15.60 0.72 0.33
C PHE A 19 -16.51 -0.49 0.22
N PHE A 20 -16.41 -1.22 -0.89
CA PHE A 20 -17.23 -2.40 -1.09
C PHE A 20 -16.58 -3.34 -2.10
N ALA A 21 -16.95 -4.62 -2.02
CA ALA A 21 -16.39 -5.62 -2.93
C ALA A 21 -17.40 -6.74 -3.17
N GLU A 22 -17.97 -6.77 -4.37
CA GLU A 22 -18.96 -7.79 -4.71
C GLU A 22 -19.52 -7.55 -6.11
N ASP A 23 -20.06 -8.60 -6.71
CA ASP A 23 -20.63 -8.49 -8.04
C ASP A 23 -22.05 -7.93 -7.97
N VAL A 24 -22.39 -7.05 -8.92
CA VAL A 24 -23.71 -6.45 -8.94
C VAL A 24 -24.73 -7.44 -9.50
N GLY A 25 -25.99 -7.25 -9.13
CA GLY A 25 -27.06 -8.13 -9.60
C GLY A 25 -27.18 -9.36 -8.71
N SER A 26 -26.08 -10.11 -8.59
CA SER A 26 -26.07 -11.30 -7.76
C SER A 26 -24.70 -11.51 -7.13
N ASN A 27 -24.63 -12.38 -6.12
CA ASN A 27 -23.37 -12.65 -5.45
C ASN A 27 -23.14 -14.15 -5.33
N LYS A 28 -22.26 -14.69 -6.16
CA LYS A 28 -21.96 -16.11 -6.14
C LYS A 28 -20.48 -16.36 -6.40
N GLY A 29 -19.71 -16.52 -5.32
CA GLY A 29 -18.27 -16.75 -5.44
C GLY A 29 -17.79 -17.71 -4.36
N ALA A 30 -16.49 -17.97 -4.35
CA ALA A 30 -15.90 -18.88 -3.37
C ALA A 30 -15.94 -18.25 -1.98
N ILE A 31 -15.01 -17.35 -1.71
CA ILE A 31 -14.96 -16.67 -0.41
C ILE A 31 -14.45 -15.25 -0.56
N ILE A 32 -14.95 -14.36 0.29
CA ILE A 32 -14.53 -12.96 0.24
C ILE A 32 -14.57 -12.35 1.64
N GLY A 33 -13.65 -11.42 1.90
CA GLY A 33 -13.59 -10.76 3.20
C GLY A 33 -13.03 -9.35 3.06
N LEU A 34 -13.47 -8.45 3.93
CA LEU A 34 -13.01 -7.07 3.91
C LEU A 34 -13.07 -6.44 5.29
N MET A 35 -12.16 -5.50 5.54
CA MET A 35 -12.12 -4.83 6.84
C MET A 35 -11.61 -3.39 6.67
N VAL A 36 -12.12 -2.49 7.50
CA VAL A 36 -11.71 -1.09 7.42
C VAL A 36 -11.81 -0.42 8.79
N GLY A 37 -10.96 0.57 9.02
CA GLY A 37 -10.97 1.29 10.30
C GLY A 37 -10.49 2.73 10.11
N GLY A 38 -11.01 3.63 10.93
CA GLY A 38 -10.61 5.03 10.85
C GLY A 38 -10.75 5.72 12.20
N VAL A 39 -9.92 6.72 12.44
CA VAL A 39 -9.96 7.46 13.71
C VAL A 39 -10.18 8.94 13.46
N VAL A 40 -11.06 9.55 14.25
CA VAL A 40 -11.35 10.96 14.11
C VAL A 40 -10.22 11.81 14.69
N ASP B 1 -30.95 -16.49 -12.03
CA ASP B 1 -31.49 -15.09 -12.02
C ASP B 1 -30.44 -14.14 -11.47
N ALA B 2 -30.38 -12.94 -12.04
CA ALA B 2 -29.42 -11.94 -11.60
C ALA B 2 -29.80 -10.56 -12.11
N GLU B 3 -29.56 -10.31 -13.40
CA GLU B 3 -29.90 -9.03 -13.99
C GLU B 3 -31.04 -9.18 -15.00
N PHE B 4 -31.73 -8.08 -15.28
CA PHE B 4 -32.84 -8.10 -16.22
C PHE B 4 -32.78 -6.89 -17.14
N ARG B 5 -33.87 -6.65 -17.87
CA ARG B 5 -33.93 -5.52 -18.79
C ARG B 5 -32.83 -5.63 -19.84
N HIS B 6 -33.06 -5.02 -21.00
CA HIS B 6 -32.09 -5.06 -22.09
C HIS B 6 -30.91 -4.15 -21.78
N ASP B 7 -31.03 -2.88 -22.13
CA ASP B 7 -29.97 -1.91 -21.88
C ASP B 7 -29.39 -2.09 -20.47
N SER B 8 -28.20 -1.55 -20.26
CA SER B 8 -27.55 -1.66 -18.97
C SER B 8 -26.49 -0.56 -18.80
N GLY B 9 -26.49 0.07 -17.63
CA GLY B 9 -25.53 1.13 -17.36
C GLY B 9 -25.19 1.17 -15.87
N TYR B 10 -23.96 1.58 -15.55
CA TYR B 10 -23.53 1.66 -14.16
C TYR B 10 -22.58 2.84 -13.96
N GLU B 11 -22.69 3.51 -12.81
CA GLU B 11 -21.83 4.65 -12.53
C GLU B 11 -21.51 4.73 -11.04
N VAL B 12 -20.31 5.20 -10.71
CA VAL B 12 -19.91 5.33 -9.33
C VAL B 12 -19.85 6.80 -8.93
N HIS B 13 -19.89 7.05 -7.62
CA HIS B 13 -19.84 8.42 -7.11
C HIS B 13 -19.57 8.42 -5.60
N HIS B 14 -18.86 9.44 -5.14
CA HIS B 14 -18.54 9.53 -3.72
C HIS B 14 -17.95 10.91 -3.39
N GLN B 15 -17.36 11.02 -2.21
CA GLN B 15 -16.75 12.28 -1.78
C GLN B 15 -15.34 12.06 -1.26
N LYS B 16 -15.11 12.38 0.01
CA LYS B 16 -13.79 12.22 0.61
C LYS B 16 -12.97 11.20 -0.18
N LEU B 17 -13.19 9.92 0.11
CA LEU B 17 -12.47 8.85 -0.58
C LEU B 17 -13.33 7.61 -0.69
N VAL B 18 -13.18 6.87 -1.78
CA VAL B 18 -13.97 5.66 -1.98
C VAL B 18 -13.21 4.66 -2.85
N PHE B 19 -13.49 3.37 -2.63
CA PHE B 19 -12.84 2.32 -3.40
C PHE B 19 -13.78 1.14 -3.59
N PHE B 20 -13.68 0.48 -4.73
CA PHE B 20 -14.55 -0.66 -5.01
C PHE B 20 -13.83 -1.67 -5.93
N ALA B 21 -14.15 -2.94 -5.75
CA ALA B 21 -13.53 -3.99 -6.56
C ALA B 21 -14.49 -5.16 -6.75
N GLU B 22 -14.78 -5.49 -8.00
CA GLU B 22 -15.69 -6.58 -8.30
C GLU B 22 -16.03 -6.63 -9.78
N ASP B 23 -16.72 -7.69 -10.19
CA ASP B 23 -17.10 -7.85 -11.59
C ASP B 23 -18.62 -7.68 -11.74
N VAL B 24 -19.04 -7.16 -12.89
CA VAL B 24 -20.46 -6.97 -13.15
C VAL B 24 -21.11 -8.28 -13.61
N GLY B 25 -22.44 -8.30 -13.60
CA GLY B 25 -23.17 -9.49 -14.01
C GLY B 25 -23.24 -10.50 -12.87
N SER B 26 -22.23 -11.38 -12.79
CA SER B 26 -22.18 -12.39 -11.75
C SER B 26 -20.74 -12.73 -11.40
N ASN B 27 -20.56 -13.59 -10.40
CA ASN B 27 -19.22 -13.99 -9.98
C ASN B 27 -19.07 -15.51 -10.04
N LYS B 28 -17.85 -15.97 -10.27
CA LYS B 28 -17.58 -17.40 -10.36
C LYS B 28 -16.75 -17.86 -9.16
N GLY B 29 -16.28 -19.10 -9.23
CA GLY B 29 -15.47 -19.65 -8.15
C GLY B 29 -14.14 -18.91 -8.02
N ALA B 30 -14.12 -17.88 -7.18
CA ALA B 30 -12.91 -17.09 -6.97
C ALA B 30 -12.87 -16.55 -5.55
N ILE B 31 -11.87 -15.72 -5.26
CA ILE B 31 -11.73 -15.14 -3.93
C ILE B 31 -11.22 -13.70 -4.04
N ILE B 32 -11.72 -12.83 -3.17
CA ILE B 32 -11.30 -11.44 -3.18
C ILE B 32 -11.28 -10.87 -1.76
N GLY B 33 -10.31 -10.00 -1.49
CA GLY B 33 -10.20 -9.39 -0.17
C GLY B 33 -9.51 -8.03 -0.25
N LEU B 34 -9.85 -7.15 0.68
CA LEU B 34 -9.26 -5.81 0.69
C LEU B 34 -9.54 -5.09 2.00
N MET B 35 -8.81 -4.00 2.23
CA MET B 35 -8.99 -3.22 3.45
C MET B 35 -8.59 -1.78 3.22
N VAL B 36 -9.18 -0.86 3.98
CA VAL B 36 -8.87 0.56 3.84
C VAL B 36 -9.08 1.28 5.17
N GLY B 37 -8.33 2.36 5.37
CA GLY B 37 -8.44 3.13 6.61
C GLY B 37 -8.02 4.57 6.38
N GLY B 38 -8.60 5.48 7.16
CA GLY B 38 -8.27 6.90 7.04
C GLY B 38 -8.39 7.60 8.39
N VAL B 39 -7.55 8.61 8.60
CA VAL B 39 -7.58 9.35 9.87
C VAL B 39 -7.79 10.84 9.61
N VAL B 40 -8.50 11.50 10.51
CA VAL B 40 -8.77 12.92 10.37
C VAL B 40 -8.40 13.68 11.64
N ASP C 1 -21.37 -14.60 -21.08
CA ASP C 1 -22.75 -14.11 -21.33
C ASP C 1 -23.18 -13.19 -20.20
N ALA C 2 -24.33 -13.47 -19.60
CA ALA C 2 -24.84 -12.67 -18.50
C ALA C 2 -24.78 -11.19 -18.86
N GLU C 3 -24.73 -10.89 -20.15
CA GLU C 3 -24.68 -9.52 -20.62
C GLU C 3 -25.61 -9.32 -21.81
N PHE C 4 -25.77 -8.06 -22.22
CA PHE C 4 -26.64 -7.74 -23.35
C PHE C 4 -26.17 -6.48 -24.05
N ARG C 5 -27.10 -5.75 -24.66
CA ARG C 5 -26.76 -4.52 -25.36
C ARG C 5 -26.61 -3.36 -24.39
N HIS C 6 -25.70 -2.44 -24.70
CA HIS C 6 -25.48 -1.28 -23.84
C HIS C 6 -25.24 -1.72 -22.40
N ASP C 7 -23.97 -1.94 -22.05
CA ASP C 7 -23.62 -2.36 -20.70
C ASP C 7 -23.21 -1.16 -19.86
N SER C 8 -22.53 -1.42 -18.75
CA SER C 8 -22.09 -0.35 -17.86
C SER C 8 -22.05 0.98 -18.60
N GLY C 9 -23.00 1.86 -18.28
CA GLY C 9 -23.07 3.16 -18.93
C GLY C 9 -21.84 3.99 -18.62
N TYR C 10 -21.69 4.39 -17.36
CA TYR C 10 -20.55 5.19 -16.94
C TYR C 10 -20.24 4.91 -15.48
N GLU C 11 -18.97 5.03 -15.10
CA GLU C 11 -18.58 4.78 -13.71
C GLU C 11 -17.27 5.48 -13.37
N VAL C 12 -17.06 5.72 -12.08
CA VAL C 12 -15.85 6.39 -11.62
C VAL C 12 -16.03 7.89 -11.60
N HIS C 13 -17.27 8.33 -11.41
CA HIS C 13 -17.58 9.76 -11.36
C HIS C 13 -17.58 10.26 -9.91
N HIS C 14 -16.39 10.46 -9.36
CA HIS C 14 -16.26 10.93 -7.99
C HIS C 14 -15.77 12.38 -7.96
N GLN C 15 -14.99 12.72 -6.94
CA GLN C 15 -14.46 14.07 -6.81
C GLN C 15 -13.11 14.06 -6.11
N LYS C 16 -13.13 14.25 -4.79
CA LYS C 16 -11.89 14.25 -4.01
C LYS C 16 -10.88 13.26 -4.59
N LEU C 17 -10.92 12.02 -4.13
CA LEU C 17 -10.01 11.00 -4.62
C LEU C 17 -10.69 9.63 -4.61
N VAL C 18 -10.37 8.81 -5.60
CA VAL C 18 -10.96 7.48 -5.68
C VAL C 18 -10.06 6.53 -6.47
N PHE C 19 -10.18 5.24 -6.18
CA PHE C 19 -9.37 4.24 -6.87
C PHE C 19 -9.99 2.85 -6.72
N PHE C 20 -9.61 1.93 -7.61
CA PHE C 20 -10.12 0.57 -7.56
C PHE C 20 -9.87 -0.16 -8.87
N ALA C 21 -10.61 -1.24 -9.08
CA ALA C 21 -10.46 -2.03 -10.30
C ALA C 21 -11.84 -2.43 -10.85
N GLU C 22 -12.12 -2.04 -12.08
CA GLU C 22 -13.40 -2.35 -12.70
C GLU C 22 -13.20 -3.15 -13.98
N ASP C 23 -14.03 -4.19 -14.17
CA ASP C 23 -13.93 -5.03 -15.35
C ASP C 23 -15.31 -5.55 -15.72
N VAL C 24 -15.59 -5.64 -17.02
CA VAL C 24 -16.87 -6.14 -17.49
C VAL C 24 -16.96 -7.64 -17.35
N GLY C 25 -18.17 -8.18 -17.48
CA GLY C 25 -18.38 -9.61 -17.37
C GLY C 25 -18.27 -10.07 -15.92
N SER C 26 -18.14 -11.38 -15.73
CA SER C 26 -18.03 -11.94 -14.38
C SER C 26 -16.57 -12.29 -14.07
N ASN C 27 -16.26 -12.43 -12.79
CA ASN C 27 -14.91 -12.76 -12.37
C ASN C 27 -14.63 -14.25 -12.59
N LYS C 28 -13.48 -14.55 -13.18
CA LYS C 28 -13.10 -15.94 -13.45
C LYS C 28 -12.38 -16.54 -12.25
N GLY C 29 -12.04 -17.81 -12.34
CA GLY C 29 -11.34 -18.49 -11.25
C GLY C 29 -9.97 -17.86 -11.02
N ALA C 30 -9.92 -16.90 -10.11
CA ALA C 30 -8.66 -16.22 -9.80
C ALA C 30 -8.73 -15.60 -8.41
N ILE C 31 -7.82 -14.67 -8.15
CA ILE C 31 -7.77 -13.99 -6.86
C ILE C 31 -7.32 -12.55 -7.04
N ILE C 32 -7.87 -11.65 -6.23
CA ILE C 32 -7.50 -10.24 -6.31
C ILE C 32 -7.60 -9.58 -4.94
N GLY C 33 -6.72 -8.60 -4.70
CA GLY C 33 -6.71 -7.90 -3.42
C GLY C 33 -6.26 -6.45 -3.62
N LEU C 34 -6.82 -5.54 -2.82
CA LEU C 34 -6.46 -4.13 -2.92
C LEU C 34 -6.58 -3.45 -1.56
N MET C 35 -5.76 -2.43 -1.34
CA MET C 35 -5.79 -1.70 -0.07
C MET C 35 -5.36 -0.25 -0.29
N VAL C 36 -5.93 0.66 0.50
CA VAL C 36 -5.59 2.07 0.38
C VAL C 36 -5.76 2.78 1.72
N GLY C 37 -4.98 3.83 1.93
CA GLY C 37 -5.05 4.59 3.17
C GLY C 37 -4.63 6.04 2.95
N GLY C 38 -5.20 6.95 3.73
CA GLY C 38 -4.88 8.36 3.61
C GLY C 38 -5.03 9.07 4.95
N VAL C 39 -4.21 10.09 5.17
CA VAL C 39 -4.27 10.85 6.42
C VAL C 39 -4.67 12.29 6.16
N VAL C 40 -5.35 12.89 7.13
CA VAL C 40 -5.79 14.28 7.00
C VAL C 40 -6.69 14.44 5.77
N ASP D 1 -15.99 -14.41 -24.91
CA ASP D 1 -17.11 -14.85 -25.77
C ASP D 1 -18.43 -14.29 -25.23
N ALA D 2 -18.48 -12.97 -25.09
CA ALA D 2 -19.67 -12.30 -24.57
C ALA D 2 -19.69 -10.84 -24.98
N GLU D 3 -18.73 -10.44 -25.81
CA GLU D 3 -18.64 -9.07 -26.27
C GLU D 3 -19.35 -8.90 -27.61
N PHE D 4 -20.57 -9.43 -27.70
CA PHE D 4 -21.34 -9.33 -28.94
C PHE D 4 -21.73 -7.89 -29.21
N ARG D 5 -22.61 -7.70 -30.19
CA ARG D 5 -23.07 -6.36 -30.55
C ARG D 5 -23.46 -5.57 -29.29
N HIS D 6 -22.87 -4.40 -29.12
CA HIS D 6 -23.17 -3.56 -27.96
C HIS D 6 -22.47 -2.22 -28.09
N ASP D 7 -22.48 -1.44 -27.00
CA ASP D 7 -21.85 -0.14 -26.99
C ASP D 7 -21.50 0.29 -25.57
N SER D 8 -20.99 -0.64 -24.79
CA SER D 8 -20.62 -0.35 -23.40
C SER D 8 -19.73 0.89 -23.34
N GLY D 9 -19.87 1.66 -22.27
CA GLY D 9 -19.08 2.87 -22.10
C GLY D 9 -18.93 3.21 -20.62
N TYR D 10 -17.82 3.86 -20.28
CA TYR D 10 -17.57 4.25 -18.89
C TYR D 10 -16.85 5.60 -18.85
N GLU D 11 -17.13 6.39 -17.82
CA GLU D 11 -16.49 7.69 -17.70
C GLU D 11 -16.28 8.07 -16.23
N VAL D 12 -15.19 8.77 -15.93
CA VAL D 12 -14.90 9.17 -14.56
C VAL D 12 -14.86 10.70 -14.46
N HIS D 13 -14.99 11.20 -13.23
CA HIS D 13 -14.97 12.64 -13.01
C HIS D 13 -13.54 13.12 -12.79
N HIS D 14 -13.36 14.43 -12.76
CA HIS D 14 -12.04 15.02 -12.56
C HIS D 14 -12.11 16.21 -11.62
N GLN D 15 -11.65 16.01 -10.38
CA GLN D 15 -11.67 17.07 -9.39
C GLN D 15 -10.30 17.22 -8.73
N LYS D 16 -9.79 16.14 -8.16
CA LYS D 16 -8.49 16.15 -7.51
C LYS D 16 -7.55 15.15 -8.16
N LEU D 17 -7.65 13.89 -7.73
CA LEU D 17 -6.80 12.84 -8.28
C LEU D 17 -7.53 11.49 -8.25
N VAL D 18 -7.24 10.65 -9.24
CA VAL D 18 -7.88 9.33 -9.31
C VAL D 18 -6.94 8.33 -9.98
N PHE D 19 -7.06 7.07 -9.60
CA PHE D 19 -6.23 6.02 -10.17
C PHE D 19 -6.94 4.67 -10.10
N PHE D 20 -6.65 3.81 -11.07
CA PHE D 20 -7.28 2.49 -11.10
C PHE D 20 -6.91 1.72 -12.37
N ALA D 21 -7.55 0.57 -12.55
CA ALA D 21 -7.28 -0.26 -13.72
C ALA D 21 -8.57 -0.47 -14.51
N GLU D 22 -8.53 -0.13 -15.79
CA GLU D 22 -9.70 -0.27 -16.65
C GLU D 22 -9.45 -1.33 -17.73
N ASP D 23 -10.22 -2.41 -17.67
CA ASP D 23 -10.08 -3.50 -18.64
C ASP D 23 -11.45 -4.06 -19.00
N VAL D 24 -11.72 -4.16 -20.31
CA VAL D 24 -13.01 -4.68 -20.76
C VAL D 24 -12.90 -6.18 -21.04
N GLY D 25 -13.94 -6.73 -21.66
CA GLY D 25 -13.97 -8.15 -21.99
C GLY D 25 -13.97 -9.00 -20.72
N SER D 26 -13.78 -10.30 -20.88
CA SER D 26 -13.76 -11.21 -19.74
C SER D 26 -12.35 -11.40 -19.23
N ASN D 27 -12.18 -11.28 -17.91
CA ASN D 27 -10.86 -11.45 -17.30
C ASN D 27 -10.33 -12.86 -17.54
N LYS D 28 -9.14 -13.14 -17.02
CA LYS D 28 -8.53 -14.45 -17.19
C LYS D 28 -8.16 -15.04 -15.84
N GLY D 29 -7.93 -16.36 -15.82
CA GLY D 29 -7.57 -17.03 -14.57
C GLY D 29 -6.15 -16.66 -14.16
N ALA D 30 -6.04 -15.64 -13.32
CA ALA D 30 -4.73 -15.19 -12.85
C ALA D 30 -4.86 -14.49 -11.49
N ILE D 31 -4.00 -13.52 -11.24
CA ILE D 31 -4.02 -12.79 -9.98
C ILE D 31 -3.64 -11.33 -10.21
N ILE D 32 -4.25 -10.42 -9.45
CA ILE D 32 -3.96 -9.00 -9.59
C ILE D 32 -4.11 -8.29 -8.25
N GLY D 33 -3.29 -7.27 -8.05
CA GLY D 33 -3.35 -6.50 -6.80
C GLY D 33 -2.96 -5.04 -7.04
N LEU D 34 -3.56 -4.14 -6.28
CA LEU D 34 -3.26 -2.72 -6.43
C LEU D 34 -3.43 -2.00 -5.10
N MET D 35 -2.62 -0.96 -4.88
CA MET D 35 -2.69 -0.19 -3.64
C MET D 35 -2.30 1.27 -3.90
N VAL D 36 -2.90 2.17 -3.15
CA VAL D 36 -2.60 3.59 -3.31
C VAL D 36 -2.88 4.35 -2.01
N GLY D 37 -2.17 5.46 -1.81
CA GLY D 37 -2.34 6.26 -0.60
C GLY D 37 -1.95 7.71 -0.85
N GLY D 38 -2.54 8.61 -0.09
CA GLY D 38 -2.24 10.03 -0.23
C GLY D 38 -2.39 10.76 1.11
N VAL D 39 -1.57 11.78 1.31
CA VAL D 39 -1.62 12.54 2.55
C VAL D 39 -1.85 14.03 2.27
N VAL D 40 -2.75 14.63 3.03
CA VAL D 40 -3.06 16.05 2.84
C VAL D 40 -2.32 16.90 3.86
N ASP E 1 -9.79 -14.86 -26.23
CA ASP E 1 -9.21 -13.55 -26.63
C ASP E 1 -10.24 -12.78 -27.45
N ALA E 2 -11.50 -12.80 -27.01
CA ALA E 2 -12.55 -12.10 -27.71
C ALA E 2 -12.26 -10.59 -27.76
N GLU E 3 -12.08 -10.08 -28.96
CA GLU E 3 -11.79 -8.66 -29.15
C GLU E 3 -12.19 -8.20 -30.55
N PHE E 4 -12.48 -6.92 -30.69
CA PHE E 4 -12.86 -6.36 -31.99
C PHE E 4 -12.52 -4.88 -32.06
N ARG E 5 -13.19 -4.17 -32.96
CA ARG E 5 -12.96 -2.74 -33.12
C ARG E 5 -13.95 -1.93 -32.30
N HIS E 6 -13.97 -0.62 -32.51
CA HIS E 6 -14.88 0.26 -31.79
C HIS E 6 -14.62 0.17 -30.28
N ASP E 7 -14.61 1.31 -29.62
CA ASP E 7 -14.38 1.36 -28.19
C ASP E 7 -15.39 0.48 -27.44
N SER E 8 -15.44 0.61 -26.13
CA SER E 8 -16.37 -0.16 -25.32
C SER E 8 -16.35 0.33 -23.87
N GLY E 9 -15.39 1.18 -23.55
CA GLY E 9 -15.27 1.72 -22.20
C GLY E 9 -14.55 3.07 -22.23
N TYR E 10 -14.83 3.90 -21.23
CA TYR E 10 -14.20 5.21 -21.16
C TYR E 10 -14.12 5.70 -19.71
N GLU E 11 -13.13 6.52 -19.42
CA GLU E 11 -12.96 7.06 -18.07
C GLU E 11 -12.37 8.47 -18.13
N VAL E 12 -12.79 9.32 -17.21
CA VAL E 12 -12.30 10.69 -17.18
C VAL E 12 -12.77 11.47 -18.40
N HIS E 13 -13.30 12.67 -18.17
CA HIS E 13 -13.79 13.50 -19.24
C HIS E 13 -12.89 14.72 -19.43
N HIS E 14 -11.87 14.84 -18.59
CA HIS E 14 -10.94 15.96 -18.68
C HIS E 14 -9.54 15.53 -18.26
N GLN E 15 -8.88 16.36 -17.47
CA GLN E 15 -7.52 16.05 -17.01
C GLN E 15 -7.11 16.99 -15.89
N LYS E 16 -6.71 16.43 -14.75
CA LYS E 16 -6.29 17.22 -13.61
C LYS E 16 -5.93 16.32 -12.43
N LEU E 17 -4.67 15.94 -12.35
CA LEU E 17 -4.21 15.07 -11.28
C LEU E 17 -4.96 13.74 -11.30
N VAL E 18 -4.68 12.94 -12.33
CA VAL E 18 -5.34 11.65 -12.47
C VAL E 18 -4.45 10.68 -13.24
N PHE E 19 -4.58 9.39 -12.95
CA PHE E 19 -3.77 8.38 -13.63
C PHE E 19 -4.43 7.00 -13.51
N PHE E 20 -4.08 6.10 -14.42
CA PHE E 20 -4.65 4.76 -14.40
C PHE E 20 -4.26 3.98 -15.65
N ALA E 21 -4.89 2.83 -15.83
CA ALA E 21 -4.61 1.98 -16.99
C ALA E 21 -5.85 1.88 -17.88
N GLU E 22 -5.85 2.66 -18.96
CA GLU E 22 -6.98 2.65 -19.89
C GLU E 22 -6.64 1.81 -21.13
N ASP E 23 -6.96 0.53 -21.07
CA ASP E 23 -6.70 -0.37 -22.19
C ASP E 23 -7.90 -1.24 -22.49
N VAL E 24 -8.05 -1.64 -23.75
CA VAL E 24 -9.17 -2.48 -24.14
C VAL E 24 -8.75 -3.95 -24.21
N GLY E 25 -9.72 -4.84 -24.41
CA GLY E 25 -9.43 -6.26 -24.49
C GLY E 25 -9.08 -6.82 -23.12
N SER E 26 -8.01 -7.63 -23.07
CA SER E 26 -7.59 -8.23 -21.81
C SER E 26 -6.11 -7.95 -21.57
N ASN E 27 -5.63 -8.29 -20.37
CA ASN E 27 -4.23 -8.08 -20.03
C ASN E 27 -3.34 -9.12 -20.68
N LYS E 28 -2.03 -8.92 -20.61
CA LYS E 28 -1.09 -9.85 -21.20
C LYS E 28 -0.09 -10.34 -20.16
N GLY E 29 -0.57 -11.20 -19.25
CA GLY E 29 0.29 -11.74 -18.20
C GLY E 29 -0.52 -12.57 -17.21
N ALA E 30 0.17 -13.43 -16.46
CA ALA E 30 -0.51 -14.27 -15.47
C ALA E 30 -0.71 -13.51 -14.17
N ILE E 31 0.04 -12.43 -14.00
CA ILE E 31 -0.07 -11.62 -12.79
C ILE E 31 0.26 -10.16 -13.10
N ILE E 32 -0.41 -9.25 -12.40
CA ILE E 32 -0.19 -7.82 -12.61
C ILE E 32 -0.40 -7.05 -11.30
N GLY E 33 0.37 -5.98 -11.13
CA GLY E 33 0.25 -5.17 -9.92
C GLY E 33 0.61 -3.72 -10.21
N LEU E 34 -0.02 -2.81 -9.49
CA LEU E 34 0.25 -1.38 -9.67
C LEU E 34 0.00 -0.61 -8.38
N MET E 35 0.76 0.47 -8.19
CA MET E 35 0.60 1.28 -6.98
C MET E 35 0.99 2.73 -7.27
N VAL E 36 0.37 3.66 -6.55
CA VAL E 36 0.66 5.08 -6.73
C VAL E 36 0.32 5.87 -5.47
N GLY E 37 0.97 7.01 -5.30
CA GLY E 37 0.71 7.85 -4.14
C GLY E 37 1.05 9.31 -4.44
N GLY E 38 0.41 10.23 -3.73
CA GLY E 38 0.65 11.64 -3.93
C GLY E 38 0.37 12.44 -2.66
N VAL E 39 1.06 13.57 -2.50
CA VAL E 39 0.87 14.41 -1.33
C VAL E 39 0.01 15.62 -1.67
N VAL E 40 -0.56 16.24 -0.65
CA VAL E 40 -1.40 17.41 -0.86
C VAL E 40 -2.47 17.12 -1.90
N ASP F 1 18.40 1.34 29.03
CA ASP F 1 18.22 1.44 30.51
C ASP F 1 16.82 1.97 30.80
N ALA F 2 16.27 2.74 29.87
CA ALA F 2 14.94 3.31 30.04
C ALA F 2 13.87 2.24 29.82
N GLU F 3 14.30 1.09 29.29
CA GLU F 3 13.36 0.00 29.03
C GLU F 3 14.12 -1.25 28.61
N PHE F 4 13.55 -2.42 28.92
CA PHE F 4 14.18 -3.68 28.57
C PHE F 4 14.37 -3.78 27.06
N ARG F 5 15.11 -4.81 26.63
CA ARG F 5 15.36 -5.01 25.21
C ARG F 5 14.78 -6.34 24.75
N HIS F 6 14.00 -6.31 23.66
CA HIS F 6 13.40 -7.52 23.13
C HIS F 6 13.46 -7.51 21.60
N ASP F 7 12.32 -7.26 20.97
CA ASP F 7 12.25 -7.23 19.52
C ASP F 7 12.55 -5.84 18.99
N SER F 8 13.64 -5.25 19.48
CA SER F 8 14.03 -3.91 19.05
C SER F 8 15.51 -3.68 19.31
N GLY F 9 15.93 -3.84 20.57
CA GLY F 9 17.32 -3.65 20.93
C GLY F 9 18.22 -4.65 20.21
N TYR F 10 18.06 -5.93 20.57
CA TYR F 10 18.86 -6.98 19.95
C TYR F 10 18.55 -7.08 18.45
N GLU F 11 17.36 -7.56 18.13
CA GLU F 11 16.95 -7.69 16.74
C GLU F 11 15.44 -7.54 16.62
N VAL F 12 15.00 -6.97 15.50
CA VAL F 12 13.57 -6.77 15.27
C VAL F 12 13.01 -7.85 14.34
N HIS F 13 11.92 -8.47 14.76
CA HIS F 13 11.30 -9.53 13.95
C HIS F 13 9.93 -9.88 14.51
N HIS F 14 9.32 -10.92 13.94
CA HIS F 14 7.99 -11.35 14.38
C HIS F 14 7.56 -12.60 13.61
N GLN F 15 8.35 -12.98 12.63
CA GLN F 15 8.04 -14.16 11.81
C GLN F 15 6.73 -13.96 11.06
N LYS F 16 6.47 -14.84 10.10
CA LYS F 16 5.24 -14.76 9.32
C LYS F 16 5.17 -13.43 8.58
N LEU F 17 4.15 -12.63 8.89
CA LEU F 17 3.97 -11.33 8.26
C LEU F 17 3.31 -10.36 9.23
N VAL F 18 3.70 -9.09 9.16
CA VAL F 18 3.12 -8.08 10.05
C VAL F 18 3.97 -6.81 10.04
N PHE F 19 3.76 -5.98 11.06
CA PHE F 19 4.50 -4.73 11.18
C PHE F 19 4.59 -4.31 12.65
N PHE F 20 5.64 -3.56 12.98
CA PHE F 20 5.84 -3.11 14.35
C PHE F 20 6.69 -1.83 14.39
N ALA F 21 6.51 -1.05 15.45
CA ALA F 21 7.26 0.19 15.60
C ALA F 21 8.12 0.14 16.86
N GLU F 22 9.43 0.26 16.69
CA GLU F 22 10.34 0.23 17.83
C GLU F 22 10.50 1.61 18.44
N ASP F 23 10.19 1.73 19.73
CA ASP F 23 10.30 3.01 20.42
C ASP F 23 10.64 2.80 21.89
N VAL F 24 11.91 3.03 22.24
CA VAL F 24 12.35 2.87 23.62
C VAL F 24 11.42 3.62 24.56
N GLY F 25 11.17 3.05 25.73
CA GLY F 25 10.29 3.68 26.72
C GLY F 25 8.86 3.73 26.20
N SER F 26 8.04 4.56 26.84
CA SER F 26 6.65 4.70 26.44
C SER F 26 6.47 5.91 25.52
N ASN F 27 5.32 5.99 24.87
CA ASN F 27 5.04 7.10 23.96
C ASN F 27 4.74 8.36 24.75
N LYS F 28 5.38 9.46 24.36
CA LYS F 28 5.18 10.74 25.03
C LYS F 28 3.95 11.45 24.47
N GLY F 29 3.86 12.75 24.72
CA GLY F 29 2.72 13.53 24.23
C GLY F 29 2.63 13.45 22.71
N ALA F 30 2.12 12.33 22.21
CA ALA F 30 1.98 12.14 20.76
C ALA F 30 0.82 11.19 20.46
N ILE F 31 0.73 10.76 19.22
CA ILE F 31 -0.34 9.85 18.81
C ILE F 31 0.17 8.88 17.74
N ILE F 32 -0.31 7.65 17.78
CA ILE F 32 0.10 6.65 16.81
C ILE F 32 -1.02 5.65 16.56
N GLY F 33 -1.09 5.13 15.33
CA GLY F 33 -2.11 4.16 14.96
C GLY F 33 -1.61 3.21 13.88
N LEU F 34 -2.10 1.98 13.91
CA LEU F 34 -1.69 0.99 12.92
C LEU F 34 -2.81 -0.02 12.68
N MET F 35 -2.87 -0.55 11.46
CA MET F 35 -3.89 -1.53 11.11
C MET F 35 -3.37 -2.49 10.04
N VAL F 36 -3.84 -3.73 10.09
CA VAL F 36 -3.42 -4.74 9.12
C VAL F 36 -4.55 -5.73 8.84
N GLY F 37 -4.60 -6.22 7.61
CA GLY F 37 -5.64 -7.18 7.24
C GLY F 37 -5.15 -8.09 6.12
N GLY F 38 -5.65 -9.32 6.09
CA GLY F 38 -5.25 -10.29 5.08
C GLY F 38 -6.30 -11.38 4.91
N VAL F 39 -6.30 -12.01 3.75
CA VAL F 39 -7.26 -13.09 3.47
C VAL F 39 -6.54 -14.33 2.96
N VAL F 40 -6.99 -15.50 3.41
CA VAL F 40 -6.38 -16.76 3.00
C VAL F 40 -7.32 -17.52 2.07
N ASP G 1 22.73 10.46 26.59
CA ASP G 1 21.95 11.19 27.64
C ASP G 1 20.65 10.45 27.92
N ALA G 2 19.71 10.55 26.99
CA ALA G 2 18.41 9.88 27.15
C ALA G 2 18.61 8.42 27.55
N GLU G 3 19.39 7.70 26.75
CA GLU G 3 19.66 6.29 27.03
C GLU G 3 21.05 6.11 27.64
N PHE G 4 21.58 7.19 28.22
CA PHE G 4 22.90 7.15 28.82
C PHE G 4 23.88 6.38 27.93
N ARG G 5 24.14 5.13 28.28
CA ARG G 5 25.04 4.30 27.50
C ARG G 5 24.35 3.75 26.26
N HIS G 6 24.70 4.29 25.10
CA HIS G 6 24.10 3.85 23.85
C HIS G 6 24.72 2.54 23.38
N ASP G 7 25.65 2.61 22.45
CA ASP G 7 26.31 1.42 21.93
C ASP G 7 25.32 0.28 21.76
N SER G 8 24.08 0.63 21.43
CA SER G 8 23.04 -0.37 21.24
C SER G 8 23.21 -1.08 19.90
N GLY G 9 22.41 -2.11 19.67
CA GLY G 9 22.49 -2.86 18.42
C GLY G 9 21.13 -3.45 18.05
N TYR G 10 20.87 -3.57 16.76
CA TYR G 10 19.60 -4.11 16.29
C TYR G 10 19.78 -4.79 14.94
N GLU G 11 18.98 -5.84 14.70
CA GLU G 11 19.05 -6.57 13.44
C GLU G 11 17.67 -7.11 13.06
N VAL G 12 17.41 -7.21 11.77
CA VAL G 12 16.12 -7.72 11.31
C VAL G 12 16.22 -9.20 10.95
N HIS G 13 15.14 -9.94 11.19
CA HIS G 13 15.12 -11.35 10.88
C HIS G 13 13.68 -11.88 10.88
N HIS G 14 13.03 -11.80 9.73
CA HIS G 14 11.66 -12.27 9.61
C HIS G 14 11.60 -13.54 8.77
N GLN G 15 10.46 -13.77 8.12
CA GLN G 15 10.29 -14.97 7.29
C GLN G 15 9.64 -14.60 5.97
N LYS G 16 8.32 -14.41 5.99
CA LYS G 16 7.59 -14.06 4.77
C LYS G 16 7.84 -12.61 4.39
N LEU G 17 7.11 -11.70 5.03
CA LEU G 17 7.26 -10.27 4.75
C LEU G 17 7.03 -9.46 6.00
N VAL G 18 7.77 -8.36 6.15
CA VAL G 18 7.62 -7.51 7.32
C VAL G 18 7.94 -6.06 6.96
N PHE G 19 7.25 -5.12 7.62
CA PHE G 19 7.47 -3.71 7.36
C PHE G 19 7.04 -2.88 8.56
N PHE G 20 7.63 -1.69 8.69
CA PHE G 20 7.30 -0.80 9.80
C PHE G 20 8.28 0.35 9.91
N ALA G 21 8.24 1.06 11.03
CA ALA G 21 9.14 2.19 11.25
C ALA G 21 9.98 1.96 12.49
N GLU G 22 11.17 2.57 12.51
CA GLU G 22 12.08 2.43 13.65
C GLU G 22 12.32 3.78 14.31
N ASP G 23 11.63 4.02 15.42
CA ASP G 23 11.79 5.27 16.15
C ASP G 23 12.12 5.00 17.62
N VAL G 24 13.39 5.11 17.96
CA VAL G 24 13.83 4.86 19.33
C VAL G 24 14.58 6.08 19.87
N GLY G 25 15.20 5.90 21.04
CA GLY G 25 15.95 6.98 21.67
C GLY G 25 15.02 7.86 22.50
N SER G 26 14.36 8.80 21.84
CA SER G 26 13.44 9.70 22.53
C SER G 26 12.38 10.22 21.57
N ASN G 27 11.15 9.73 21.73
CA ASN G 27 10.05 10.16 20.87
C ASN G 27 9.44 11.46 21.38
N LYS G 28 9.49 12.50 20.56
CA LYS G 28 8.95 13.80 20.93
C LYS G 28 7.49 13.92 20.48
N GLY G 29 6.92 15.10 20.68
CA GLY G 29 5.54 15.33 20.28
C GLY G 29 5.38 15.27 18.77
N ALA G 30 4.88 14.14 18.28
CA ALA G 30 4.69 13.96 16.84
C ALA G 30 3.56 12.97 16.58
N ILE G 31 3.48 12.49 15.34
CA ILE G 31 2.44 11.54 14.97
C ILE G 31 2.98 10.55 13.94
N ILE G 32 2.54 9.30 14.03
CA ILE G 32 2.99 8.28 13.09
C ILE G 32 1.87 7.28 12.82
N GLY G 33 1.81 6.76 11.59
CA GLY G 33 0.79 5.80 11.22
C GLY G 33 1.28 4.88 10.12
N LEU G 34 0.80 3.64 10.11
CA LEU G 34 1.21 2.67 9.11
C LEU G 34 0.13 1.60 8.92
N MET G 35 0.10 1.02 7.71
CA MET G 35 -0.89 -0.02 7.41
C MET G 35 -0.30 -1.01 6.41
N VAL G 36 -0.72 -2.27 6.51
CA VAL G 36 -0.24 -3.30 5.61
C VAL G 36 -1.32 -4.34 5.35
N GLY G 37 -1.34 -4.88 4.13
CA GLY G 37 -2.33 -5.88 3.77
C GLY G 37 -1.77 -6.86 2.74
N GLY G 38 -2.20 -8.12 2.82
CA GLY G 38 -1.74 -9.13 1.90
C GLY G 38 -2.80 -10.19 1.66
N VAL G 39 -2.82 -10.76 0.45
CA VAL G 39 -3.80 -11.78 0.12
C VAL G 39 -3.11 -13.00 -0.50
N VAL G 40 -3.61 -14.19 -0.17
CA VAL G 40 -3.03 -15.42 -0.69
C VAL G 40 -3.82 -15.90 -1.91
N ASP H 1 22.79 16.26 18.95
CA ASP H 1 24.02 15.63 19.53
C ASP H 1 23.60 14.61 20.58
N ALA H 2 23.89 13.34 20.29
CA ALA H 2 23.55 12.26 21.21
C ALA H 2 24.41 11.03 20.95
N GLU H 3 24.50 10.64 19.69
CA GLU H 3 25.30 9.48 19.32
C GLU H 3 26.78 9.84 19.24
N PHE H 4 27.63 8.95 19.70
CA PHE H 4 29.07 9.18 19.68
C PHE H 4 29.83 7.86 19.69
N ARG H 5 29.22 6.83 20.28
CA ARG H 5 29.85 5.52 20.35
C ARG H 5 29.59 4.73 19.08
N HIS H 6 30.54 4.77 18.15
CA HIS H 6 30.40 4.06 16.88
C HIS H 6 30.30 2.55 17.13
N ASP H 7 30.53 2.14 18.38
CA ASP H 7 30.46 0.74 18.73
C ASP H 7 29.16 0.12 18.25
N SER H 8 28.10 0.93 18.23
CA SER H 8 26.79 0.45 17.78
C SER H 8 26.91 -0.19 16.40
N GLY H 9 26.05 -1.17 16.13
CA GLY H 9 26.06 -1.86 14.85
C GLY H 9 24.69 -2.44 14.52
N TYR H 10 24.39 -2.56 13.23
CA TYR H 10 23.10 -3.10 12.81
C TYR H 10 23.23 -3.77 11.44
N GLU H 11 22.36 -4.74 11.19
CA GLU H 11 22.38 -5.47 9.92
C GLU H 11 21.02 -6.10 9.64
N VAL H 12 20.72 -6.29 8.36
CA VAL H 12 19.45 -6.89 7.97
C VAL H 12 19.67 -8.27 7.36
N HIS H 13 19.07 -9.29 7.98
CA HIS H 13 19.22 -10.66 7.49
C HIS H 13 18.49 -10.83 6.16
N HIS H 14 17.84 -11.98 5.99
CA HIS H 14 17.11 -12.26 4.76
C HIS H 14 15.73 -12.85 5.07
N GLN H 15 14.79 -12.61 4.17
CA GLN H 15 13.43 -13.12 4.36
C GLN H 15 12.52 -12.64 3.23
N LYS H 16 12.18 -13.54 2.32
CA LYS H 16 11.33 -13.20 1.19
C LYS H 16 11.51 -11.75 0.79
N LEU H 17 10.75 -10.85 1.42
CA LEU H 17 10.87 -9.43 1.11
C LEU H 17 10.62 -8.60 2.37
N VAL H 18 11.35 -7.50 2.51
CA VAL H 18 11.20 -6.64 3.67
C VAL H 18 11.48 -5.19 3.30
N PHE H 19 10.77 -4.27 3.96
CA PHE H 19 10.95 -2.85 3.69
C PHE H 19 10.52 -2.01 4.89
N PHE H 20 11.12 -0.83 5.03
CA PHE H 20 10.79 0.06 6.13
C PHE H 20 11.78 1.20 6.23
N ALA H 21 11.73 1.91 7.35
CA ALA H 21 12.64 3.03 7.58
C ALA H 21 13.41 2.84 8.88
N GLU H 22 14.70 2.56 8.76
CA GLU H 22 15.54 2.35 9.94
C GLU H 22 16.09 3.68 10.45
N ASP H 23 15.48 4.19 11.51
CA ASP H 23 15.91 5.47 12.08
C ASP H 23 16.21 5.29 13.57
N VAL H 24 17.47 5.52 13.95
CA VAL H 24 17.87 5.38 15.34
C VAL H 24 18.44 6.70 15.86
N GLY H 25 18.92 6.67 17.10
CA GLY H 25 19.48 7.87 17.71
C GLY H 25 18.42 8.67 18.44
N SER H 26 17.81 9.63 17.74
CA SER H 26 16.77 10.45 18.34
C SER H 26 15.81 10.98 17.28
N ASN H 27 14.52 10.85 17.53
CA ASN H 27 13.51 11.31 16.58
C ASN H 27 13.30 12.81 16.73
N LYS H 28 12.43 13.36 15.88
CA LYS H 28 12.14 14.79 15.92
C LYS H 28 10.63 15.04 15.90
N GLY H 29 10.23 16.26 16.22
CA GLY H 29 8.81 16.61 16.24
C GLY H 29 8.31 16.86 14.83
N ALA H 30 7.69 15.84 14.24
CA ALA H 30 7.17 15.96 12.88
C ALA H 30 6.07 14.92 12.64
N ILE H 31 6.02 14.39 11.43
CA ILE H 31 5.03 13.39 11.08
C ILE H 31 5.61 12.39 10.08
N ILE H 32 5.19 11.13 10.18
CA ILE H 32 5.68 10.10 9.28
C ILE H 32 4.60 9.06 9.02
N GLY H 33 4.58 8.52 7.81
CA GLY H 33 3.58 7.52 7.44
C GLY H 33 4.13 6.56 6.40
N LEU H 34 3.70 5.31 6.45
CA LEU H 34 4.16 4.31 5.49
C LEU H 34 3.06 3.27 5.23
N MET H 35 3.04 2.74 4.01
CA MET H 35 2.05 1.74 3.65
C MET H 35 2.63 0.78 2.62
N VAL H 36 2.22 -0.49 2.69
CA VAL H 36 2.72 -1.48 1.75
C VAL H 36 1.77 -2.67 1.66
N GLY H 37 1.84 -3.41 0.56
CA GLY H 37 0.98 -4.57 0.37
C GLY H 37 1.60 -5.54 -0.64
N GLY H 38 1.19 -6.81 -0.54
CA GLY H 38 1.70 -7.83 -1.45
C GLY H 38 0.67 -8.93 -1.67
N VAL H 39 0.69 -9.52 -2.86
CA VAL H 39 -0.25 -10.60 -3.18
C VAL H 39 0.46 -11.76 -3.85
N VAL H 40 0.00 -12.97 -3.58
CA VAL H 40 0.60 -14.16 -4.16
C VAL H 40 -0.46 -15.23 -4.43
N ASP I 1 31.37 16.47 17.93
CA ASP I 1 30.55 16.24 16.71
C ASP I 1 30.09 14.79 16.67
N ALA I 2 28.87 14.55 16.20
CA ALA I 2 28.33 13.21 16.13
C ALA I 2 28.86 12.49 14.88
N GLU I 3 29.02 11.18 14.99
CA GLU I 3 29.51 10.38 13.87
C GLU I 3 30.89 10.88 13.43
N PHE I 4 31.69 9.98 12.87
CA PHE I 4 33.03 10.34 12.40
C PHE I 4 33.02 10.60 10.90
N ARG I 5 33.82 9.84 10.17
CA ARG I 5 33.90 10.00 8.72
C ARG I 5 33.95 8.65 8.03
N HIS I 6 34.13 7.59 8.81
CA HIS I 6 34.19 6.24 8.27
C HIS I 6 32.85 5.54 8.43
N ASP I 7 32.84 4.22 8.20
CA ASP I 7 31.62 3.44 8.32
C ASP I 7 31.24 3.25 9.79
N SER I 8 29.96 3.37 10.10
CA SER I 8 29.49 3.21 11.47
C SER I 8 29.14 1.75 11.74
N GLY I 9 29.77 0.84 11.01
CA GLY I 9 29.53 -0.59 11.19
C GLY I 9 28.10 -0.96 10.83
N TYR I 10 27.78 -0.91 9.53
CA TYR I 10 26.45 -1.26 9.08
C TYR I 10 26.52 -2.00 7.74
N GLU I 11 25.68 -3.00 7.56
CA GLU I 11 25.67 -3.77 6.32
C GLU I 11 24.28 -4.34 6.04
N VAL I 12 23.95 -4.49 4.76
CA VAL I 12 22.65 -5.03 4.39
C VAL I 12 22.80 -6.17 3.38
N HIS I 13 22.32 -7.35 3.76
CA HIS I 13 22.40 -8.52 2.88
C HIS I 13 21.12 -9.36 2.98
N HIS I 14 20.22 -9.15 2.03
CA HIS I 14 18.96 -9.90 2.03
C HIS I 14 18.96 -10.93 0.89
N GLN I 15 17.96 -11.80 0.89
CA GLN I 15 17.85 -12.82 -0.14
C GLN I 15 17.00 -12.31 -1.31
N LYS I 16 15.77 -12.79 -1.40
CA LYS I 16 14.88 -12.38 -2.48
C LYS I 16 15.11 -10.92 -2.85
N LEU I 17 14.39 -10.01 -2.20
CA LEU I 17 14.53 -8.59 -2.48
C LEU I 17 14.28 -7.77 -1.22
N VAL I 18 15.00 -6.66 -1.07
CA VAL I 18 14.84 -5.80 0.10
C VAL I 18 15.07 -4.35 -0.28
N PHE I 19 14.34 -3.44 0.36
CA PHE I 19 14.49 -2.02 0.09
C PHE I 19 14.09 -1.20 1.31
N PHE I 20 14.69 -0.02 1.46
CA PHE I 20 14.38 0.85 2.59
C PHE I 20 15.29 2.07 2.62
N ALA I 21 15.16 2.86 3.68
CA ALA I 21 15.97 4.06 3.83
C ALA I 21 16.58 4.11 5.21
N GLU I 22 17.91 4.24 5.26
CA GLU I 22 18.61 4.29 6.54
C GLU I 22 18.95 5.74 6.90
N ASP I 23 18.20 6.30 7.83
CA ASP I 23 18.41 7.68 8.27
C ASP I 23 18.66 7.73 9.77
N VAL I 24 19.88 8.14 10.14
CA VAL I 24 20.23 8.24 11.55
C VAL I 24 21.07 9.48 11.81
N GLY I 25 21.75 9.51 12.97
CA GLY I 25 22.58 10.65 13.32
C GLY I 25 21.73 11.81 13.82
N SER I 26 21.16 12.57 12.88
CA SER I 26 20.32 13.71 13.22
C SER I 26 19.23 13.91 12.18
N ASN I 27 17.99 13.63 12.55
CA ASN I 27 16.87 13.79 11.63
C ASN I 27 16.37 15.24 11.65
N LYS I 28 15.45 15.55 10.75
CA LYS I 28 14.90 16.89 10.67
C LYS I 28 13.41 16.89 11.05
N GLY I 29 12.91 18.04 11.48
CA GLY I 29 11.51 18.16 11.87
C GLY I 29 10.66 18.62 10.70
N ALA I 30 10.19 17.65 9.91
CA ALA I 30 9.37 17.97 8.74
C ALA I 30 8.34 16.86 8.51
N ILE I 31 8.36 16.29 7.31
CA ILE I 31 7.42 15.23 6.97
C ILE I 31 8.09 14.22 6.05
N ILE I 32 7.75 12.94 6.22
CA ILE I 32 8.33 11.88 5.40
C ILE I 32 7.31 10.77 5.17
N GLY I 33 7.35 10.15 4.00
CA GLY I 33 6.44 9.07 3.67
C GLY I 33 7.05 8.11 2.67
N LEU I 34 6.67 6.83 2.76
CA LEU I 34 7.19 5.83 1.86
C LEU I 34 6.16 4.71 1.64
N MET I 35 6.19 4.10 0.46
CA MET I 35 5.26 3.02 0.14
C MET I 35 5.89 2.05 -0.85
N VAL I 36 5.52 0.78 -0.75
CA VAL I 36 6.05 -0.24 -1.64
C VAL I 36 5.08 -1.41 -1.76
N GLY I 37 5.17 -2.13 -2.88
CA GLY I 37 4.30 -3.27 -3.11
C GLY I 37 4.95 -4.26 -4.06
N GLY I 38 4.59 -5.54 -3.93
CA GLY I 38 5.15 -6.58 -4.78
C GLY I 38 4.16 -7.73 -4.96
N VAL I 39 4.24 -8.37 -6.12
CA VAL I 39 3.34 -9.50 -6.40
C VAL I 39 4.14 -10.70 -6.89
N VAL I 40 3.81 -11.87 -6.35
CA VAL I 40 4.50 -13.09 -6.73
C VAL I 40 3.50 -14.23 -6.97
N ASP J 1 30.13 20.21 5.77
CA ASP J 1 30.69 20.19 7.16
C ASP J 1 30.86 18.74 7.61
N ALA J 2 30.09 18.35 8.62
CA ALA J 2 30.18 16.99 9.14
C ALA J 2 29.53 16.00 8.17
N GLU J 3 28.93 16.54 7.10
CA GLU J 3 28.29 15.69 6.11
C GLU J 3 29.26 15.31 5.01
N PHE J 4 30.12 14.33 5.30
CA PHE J 4 31.11 13.88 4.33
C PHE J 4 30.46 12.92 3.32
N ARG J 5 30.29 13.40 2.10
CA ARG J 5 29.68 12.59 1.04
C ARG J 5 28.43 11.89 1.57
N HIS J 6 28.56 10.61 1.88
CA HIS J 6 27.42 9.85 2.39
C HIS J 6 27.86 8.43 2.78
N ASP J 7 27.93 8.18 4.08
CA ASP J 7 28.34 6.86 4.57
C ASP J 7 27.87 6.67 6.01
N SER J 8 28.82 6.55 6.93
CA SER J 8 28.50 6.35 8.34
C SER J 8 27.98 4.94 8.57
N GLY J 9 28.49 3.99 7.79
CA GLY J 9 28.08 2.61 7.91
C GLY J 9 28.38 1.83 6.63
N TYR J 10 27.67 0.73 6.43
CA TYR J 10 27.89 -0.08 5.24
C TYR J 10 26.66 -0.92 4.92
N GLU J 11 26.52 -1.30 3.65
CA GLU J 11 25.38 -2.11 3.22
C GLU J 11 25.82 -3.06 2.10
N VAL J 12 25.27 -4.27 2.11
CA VAL J 12 25.63 -5.25 1.08
C VAL J 12 24.58 -5.26 -0.03
N HIS J 13 24.27 -6.45 -0.54
CA HIS J 13 23.28 -6.60 -1.60
C HIS J 13 23.56 -7.85 -2.42
N HIS J 14 22.52 -8.38 -3.06
CA HIS J 14 22.67 -9.58 -3.88
C HIS J 14 21.31 -10.22 -4.14
N GLN J 15 21.33 -11.39 -4.76
CA GLN J 15 20.09 -12.11 -5.08
C GLN J 15 19.20 -11.27 -5.99
N LYS J 16 17.93 -11.68 -6.09
CA LYS J 16 16.98 -10.97 -6.94
C LYS J 16 17.42 -9.51 -7.15
N LEU J 17 16.87 -8.62 -6.35
CA LEU J 17 17.21 -7.20 -6.47
C LEU J 17 17.03 -6.49 -5.13
N VAL J 18 17.84 -5.46 -4.89
CA VAL J 18 17.76 -4.71 -3.66
C VAL J 18 18.17 -3.26 -3.88
N PHE J 19 17.58 -2.35 -3.11
CA PHE J 19 17.89 -0.93 -3.24
C PHE J 19 17.67 -0.22 -1.91
N PHE J 20 18.46 0.83 -1.67
CA PHE J 20 18.34 1.58 -0.42
C PHE J 20 18.98 2.96 -0.56
N ALA J 21 18.59 3.87 0.33
CA ALA J 21 19.14 5.22 0.30
C ALA J 21 19.87 5.53 1.61
N GLU J 22 21.18 5.70 1.52
CA GLU J 22 21.97 6.01 2.72
C GLU J 22 22.10 7.51 2.92
N ASP J 23 21.34 8.03 3.88
CA ASP J 23 21.37 9.46 4.16
C ASP J 23 21.53 9.69 5.66
N VAL J 24 22.67 10.28 6.05
CA VAL J 24 22.93 10.56 7.46
C VAL J 24 23.78 11.81 7.60
N GLY J 25 24.04 12.20 8.85
CA GLY J 25 24.85 13.38 9.11
C GLY J 25 23.97 14.61 9.34
N SER J 26 23.71 15.36 8.27
CA SER J 26 22.88 16.55 8.37
C SER J 26 21.94 16.64 7.18
N ASN J 27 20.66 16.35 7.40
CA ASN J 27 19.68 16.41 6.33
C ASN J 27 19.00 17.77 6.30
N LYS J 28 18.14 17.98 5.31
CA LYS J 28 17.42 19.24 5.17
C LYS J 28 16.01 19.13 5.72
N GLY J 29 15.48 20.25 6.21
CA GLY J 29 14.13 20.27 6.76
C GLY J 29 13.11 20.67 5.70
N ALA J 30 12.36 19.69 5.20
CA ALA J 30 11.36 19.95 4.18
C ALA J 30 10.42 18.76 4.04
N ILE J 31 10.50 18.08 2.91
CA ILE J 31 9.66 16.92 2.65
C ILE J 31 10.41 15.90 1.81
N ILE J 32 10.14 14.61 2.05
CA ILE J 32 10.80 13.55 1.31
C ILE J 32 9.85 12.36 1.13
N GLY J 33 9.96 11.69 -0.02
CA GLY J 33 9.11 10.54 -0.28
C GLY J 33 9.81 9.55 -1.21
N LEU J 34 9.48 8.27 -1.05
CA LEU J 34 10.09 7.23 -1.88
C LEU J 34 9.12 6.07 -2.06
N MET J 35 9.20 5.42 -3.21
CA MET J 35 8.33 4.28 -3.50
C MET J 35 9.01 3.32 -4.46
N VAL J 36 8.68 2.03 -4.32
CA VAL J 36 9.27 1.01 -5.18
C VAL J 36 8.36 -0.21 -5.25
N GLY J 37 8.49 -0.98 -6.34
CA GLY J 37 7.68 -2.17 -6.52
C GLY J 37 8.37 -3.17 -7.43
N GLY J 38 8.05 -4.44 -7.27
CA GLY J 38 8.66 -5.50 -8.09
C GLY J 38 7.71 -6.68 -8.25
N VAL J 39 7.82 -7.36 -9.38
CA VAL J 39 6.97 -8.52 -9.64
C VAL J 39 7.81 -9.70 -10.12
N VAL J 40 7.31 -10.91 -9.88
CA VAL J 40 8.02 -12.12 -10.28
C VAL J 40 7.03 -13.20 -10.71
P 2PO K . -29.70 -4.08 -14.04
O1P 2PO K . -30.69 -5.25 -13.63
O2P 2PO K . -29.22 -3.39 -12.69
O3P 2PO K . -28.62 -4.44 -14.99
P 2PO L . -25.13 -4.82 -18.13
O1P 2PO L . -26.34 -5.63 -17.50
O2P 2PO L . -25.06 -5.23 -19.66
O3P 2PO L . -23.84 -4.91 -17.39
P 2PO M . -19.03 -1.95 -15.78
O1P 2PO M . -18.85 -2.29 -14.24
O2P 2PO M . -19.14 -3.35 -16.54
O3P 2PO M . -18.05 -1.00 -16.36
P 2PO N . -19.44 -4.00 -22.08
O1P 2PO N . -19.34 -3.50 -20.59
O2P 2PO N . -18.00 -3.81 -22.73
O3P 2PO N . -20.04 -5.36 -22.27
P 2PO O . -15.12 -3.82 -26.50
O1P 2PO O . -15.41 -4.66 -27.79
O2P 2PO O . -13.60 -3.36 -26.59
O3P 2PO O . -15.51 -4.43 -25.20
P 2PO P . 12.53 -1.34 21.80
O1P 2PO P . 13.67 -0.25 21.76
O2P 2PO P . 12.14 -1.54 23.32
O3P 2PO P . 11.37 -1.11 20.87
P 2PO Q . 19.48 1.23 22.38
O1P 2PO Q . 19.13 2.20 23.58
O2P 2PO Q . 19.46 2.13 21.06
O3P 2PO Q . 18.69 -0.03 22.29
P 2PO R . 24.48 3.70 18.51
O1P 2PO R . 24.80 4.32 17.10
O2P 2PO R . 24.63 4.88 19.57
O3P 2PO R . 23.22 2.93 18.60
P 2PO S . 26.79 5.79 13.00
O1P 2PO S . 25.94 5.53 11.69
O2P 2PO S . 27.62 7.11 12.73
O3P 2PO S . 26.03 5.77 14.28
P 2PO T . 29.38 9.10 8.42
O1P 2PO T . 29.46 10.64 8.08
O2P 2PO T . 30.35 8.36 7.41
O3P 2PO T . 29.55 8.74 9.86
N ASP A 1 -32.98 -14.24 -11.30
CA ASP A 1 -32.92 -12.78 -11.01
C ASP A 1 -31.46 -12.35 -10.87
N ALA A 2 -31.25 -11.09 -10.52
CA ALA A 2 -29.90 -10.57 -10.36
C ALA A 2 -29.92 -9.28 -9.54
N GLU A 3 -30.88 -9.17 -8.64
CA GLU A 3 -31.00 -7.97 -7.80
C GLU A 3 -31.01 -6.72 -8.66
N PHE A 4 -30.61 -5.60 -8.07
CA PHE A 4 -30.58 -4.32 -8.79
C PHE A 4 -29.61 -3.36 -8.13
N ARG A 5 -28.33 -3.73 -8.11
CA ARG A 5 -27.31 -2.88 -7.52
C ARG A 5 -25.97 -3.06 -8.23
N HIS A 6 -25.20 -1.98 -8.32
CA HIS A 6 -23.90 -2.03 -8.97
C HIS A 6 -24.05 -2.51 -10.41
N ASP A 7 -23.37 -1.83 -11.33
CA ASP A 7 -23.44 -2.19 -12.75
C ASP A 7 -24.88 -2.47 -13.16
N SER A 8 -25.79 -1.62 -12.70
CA SER A 8 -27.21 -1.78 -13.04
C SER A 8 -28.06 -0.85 -12.19
N GLY A 9 -28.08 0.43 -12.53
CA GLY A 9 -28.85 1.41 -11.79
C GLY A 9 -28.40 1.48 -10.34
N TYR A 10 -27.19 1.99 -10.13
CA TYR A 10 -26.65 2.11 -8.78
C TYR A 10 -25.56 3.18 -8.73
N GLU A 11 -25.34 3.72 -7.53
CA GLU A 11 -24.33 4.76 -7.35
C GLU A 11 -23.82 4.76 -5.91
N VAL A 12 -22.58 5.20 -5.72
CA VAL A 12 -22.00 5.24 -4.39
C VAL A 12 -21.59 6.66 -4.03
N HIS A 13 -21.94 7.09 -2.82
CA HIS A 13 -21.61 8.43 -2.35
C HIS A 13 -21.65 8.50 -0.83
N HIS A 14 -20.69 9.22 -0.26
CA HIS A 14 -20.62 9.35 1.19
C HIS A 14 -19.58 10.40 1.59
N GLN A 15 -19.05 10.27 2.80
CA GLN A 15 -18.05 11.22 3.29
C GLN A 15 -16.84 10.47 3.85
N LYS A 16 -15.98 11.19 4.55
CA LYS A 16 -14.78 10.59 5.13
C LYS A 16 -14.13 9.63 4.15
N LEU A 17 -14.30 8.34 4.39
CA LEU A 17 -13.73 7.32 3.51
C LEU A 17 -14.65 6.10 3.44
N VAL A 18 -14.72 5.49 2.26
CA VAL A 18 -15.57 4.32 2.09
C VAL A 18 -14.97 3.37 1.06
N PHE A 19 -15.18 2.07 1.26
CA PHE A 19 -14.64 1.08 0.34
C PHE A 19 -15.53 -0.17 0.34
N PHE A 20 -15.56 -0.86 -0.79
CA PHE A 20 -16.36 -2.07 -0.92
C PHE A 20 -15.80 -2.99 -1.99
N ALA A 21 -16.05 -4.29 -1.87
CA ALA A 21 -15.56 -5.26 -2.83
C ALA A 21 -16.29 -6.59 -2.66
N GLU A 22 -17.06 -6.97 -3.67
CA GLU A 22 -17.79 -8.23 -3.62
C GLU A 22 -18.63 -8.43 -4.88
N ASP A 23 -19.25 -9.60 -5.00
CA ASP A 23 -20.07 -9.91 -6.15
C ASP A 23 -21.52 -9.51 -5.89
N VAL A 24 -22.08 -8.69 -6.78
CA VAL A 24 -23.47 -8.25 -6.63
C VAL A 24 -24.37 -9.00 -7.60
N GLY A 25 -25.34 -9.71 -7.06
CA GLY A 25 -26.28 -10.47 -7.88
C GLY A 25 -26.35 -11.92 -7.44
N SER A 26 -25.37 -12.71 -7.85
CA SER A 26 -25.33 -14.13 -7.48
C SER A 26 -23.90 -14.55 -7.15
N ASN A 27 -23.66 -14.93 -5.90
CA ASN A 27 -22.34 -15.36 -5.47
C ASN A 27 -22.22 -16.88 -5.53
N LYS A 28 -21.21 -17.36 -6.26
CA LYS A 28 -21.00 -18.79 -6.39
C LYS A 28 -19.95 -19.27 -5.39
N GLY A 29 -19.45 -20.48 -5.60
CA GLY A 29 -18.44 -21.04 -4.71
C GLY A 29 -17.15 -20.23 -4.77
N ALA A 30 -17.08 -19.19 -3.95
CA ALA A 30 -15.89 -18.33 -3.92
C ALA A 30 -15.62 -17.86 -2.50
N ILE A 31 -14.62 -17.00 -2.35
CA ILE A 31 -14.27 -16.46 -1.04
C ILE A 31 -13.78 -15.02 -1.17
N ILE A 32 -14.10 -14.19 -0.19
CA ILE A 32 -13.68 -12.79 -0.21
C ILE A 32 -13.47 -12.28 1.21
N GLY A 33 -12.51 -11.37 1.36
CA GLY A 33 -12.21 -10.80 2.67
C GLY A 33 -11.69 -9.38 2.54
N LEU A 34 -11.97 -8.55 3.54
CA LEU A 34 -11.52 -7.16 3.52
C LEU A 34 -11.28 -6.64 4.93
N MET A 35 -10.31 -5.75 5.07
CA MET A 35 -9.99 -5.18 6.37
C MET A 35 -9.50 -3.74 6.22
N VAL A 36 -9.84 -2.90 7.19
CA VAL A 36 -9.42 -1.50 7.14
C VAL A 36 -9.22 -0.94 8.55
N GLY A 37 -8.30 0.01 8.68
CA GLY A 37 -8.03 0.61 9.98
C GLY A 37 -7.54 2.05 9.80
N GLY A 38 -7.86 2.90 10.77
CA GLY A 38 -7.45 4.30 10.72
C GLY A 38 -7.26 4.88 12.12
N VAL A 39 -6.35 5.83 12.25
CA VAL A 39 -6.10 6.44 13.55
C VAL A 39 -6.45 7.93 13.52
N VAL A 40 -7.12 8.39 14.57
CA VAL A 40 -7.53 9.79 14.65
C VAL A 40 -6.48 10.60 15.39
N ASP B 1 -32.45 -11.91 -21.23
CA ASP B 1 -31.45 -10.80 -21.09
C ASP B 1 -30.86 -10.86 -19.68
N ALA B 2 -29.54 -10.96 -19.60
CA ALA B 2 -28.87 -11.02 -18.30
C ALA B 2 -28.99 -9.69 -17.58
N GLU B 3 -28.24 -8.69 -18.06
CA GLU B 3 -28.27 -7.37 -17.45
C GLU B 3 -29.08 -6.40 -18.31
N PHE B 4 -29.15 -5.15 -17.87
CA PHE B 4 -29.89 -4.14 -18.61
C PHE B 4 -29.44 -4.10 -20.07
N ARG B 5 -30.33 -3.64 -20.94
CA ARG B 5 -30.01 -3.56 -22.38
C ARG B 5 -29.01 -2.45 -22.63
N HIS B 6 -29.39 -1.21 -22.28
CA HIS B 6 -28.52 -0.07 -22.49
C HIS B 6 -27.33 -0.12 -21.53
N ASP B 7 -26.56 0.96 -21.49
CA ASP B 7 -25.39 1.03 -20.62
C ASP B 7 -25.70 0.38 -19.27
N SER B 8 -24.65 -0.01 -18.56
CA SER B 8 -24.81 -0.64 -17.26
C SER B 8 -25.48 0.32 -16.27
N GLY B 9 -25.33 1.61 -16.52
CA GLY B 9 -25.93 2.63 -15.67
C GLY B 9 -25.33 2.56 -14.26
N TYR B 10 -24.06 2.94 -14.14
CA TYR B 10 -23.39 2.93 -12.85
C TYR B 10 -22.41 4.10 -12.76
N GLU B 11 -22.31 4.69 -11.58
CA GLU B 11 -21.40 5.82 -11.38
C GLU B 11 -20.88 5.85 -9.95
N VAL B 12 -19.65 6.33 -9.79
CA VAL B 12 -19.04 6.41 -8.46
C VAL B 12 -18.55 7.83 -8.18
N HIS B 13 -18.78 8.29 -6.95
CA HIS B 13 -18.35 9.63 -6.56
C HIS B 13 -18.82 9.93 -5.14
N HIS B 14 -17.99 10.66 -4.39
CA HIS B 14 -18.32 11.03 -3.02
C HIS B 14 -17.92 12.47 -2.73
N GLN B 15 -17.05 12.65 -1.74
CA GLN B 15 -16.59 13.98 -1.38
C GLN B 15 -15.14 13.94 -0.90
N LYS B 16 -14.85 13.03 0.03
CA LYS B 16 -13.50 12.90 0.56
C LYS B 16 -12.67 11.95 -0.30
N LEU B 17 -12.68 10.67 0.07
CA LEU B 17 -11.94 9.66 -0.69
C LEU B 17 -12.69 8.34 -0.68
N VAL B 18 -12.62 7.61 -1.79
CA VAL B 18 -13.29 6.32 -1.89
C VAL B 18 -12.58 5.41 -2.88
N PHE B 19 -12.67 4.10 -2.65
CA PHE B 19 -12.04 3.13 -3.53
C PHE B 19 -12.68 1.76 -3.35
N PHE B 20 -12.52 0.90 -4.36
CA PHE B 20 -13.09 -0.44 -4.28
C PHE B 20 -12.96 -1.18 -5.61
N ALA B 21 -13.61 -2.34 -5.70
CA ALA B 21 -13.58 -3.15 -6.91
C ALA B 21 -14.98 -3.67 -7.20
N GLU B 22 -15.53 -3.28 -8.35
CA GLU B 22 -16.87 -3.71 -8.73
C GLU B 22 -16.82 -5.05 -9.46
N ASP B 23 -17.79 -5.91 -9.14
CA ASP B 23 -17.88 -7.23 -9.76
C ASP B 23 -19.33 -7.68 -9.83
N VAL B 24 -19.91 -7.63 -11.03
CA VAL B 24 -21.29 -8.02 -11.23
C VAL B 24 -21.44 -8.87 -12.49
N GLY B 25 -22.64 -8.86 -13.06
CA GLY B 25 -22.90 -9.64 -14.26
C GLY B 25 -23.05 -11.11 -13.94
N SER B 26 -21.94 -11.75 -13.60
CA SER B 26 -21.96 -13.17 -13.26
C SER B 26 -20.64 -13.59 -12.61
N ASN B 27 -20.62 -13.65 -11.28
CA ASN B 27 -19.42 -14.04 -10.57
C ASN B 27 -19.26 -15.56 -10.59
N LYS B 28 -18.02 -16.01 -10.67
CA LYS B 28 -17.74 -17.45 -10.70
C LYS B 28 -16.83 -17.85 -9.55
N GLY B 29 -16.35 -19.09 -9.57
CA GLY B 29 -15.47 -19.58 -8.52
C GLY B 29 -14.12 -18.87 -8.55
N ALA B 30 -13.99 -17.82 -7.73
CA ALA B 30 -12.76 -17.07 -7.67
C ALA B 30 -12.53 -16.53 -6.26
N ILE B 31 -11.56 -15.62 -6.12
CA ILE B 31 -11.27 -15.03 -4.82
C ILE B 31 -10.87 -13.57 -4.98
N ILE B 32 -11.28 -12.73 -4.04
CA ILE B 32 -10.96 -11.31 -4.08
C ILE B 32 -10.75 -10.78 -2.67
N GLY B 33 -9.79 -9.87 -2.53
CA GLY B 33 -9.50 -9.28 -1.22
C GLY B 33 -8.90 -7.89 -1.35
N LEU B 34 -9.11 -7.06 -0.34
CA LEU B 34 -8.58 -5.70 -0.36
C LEU B 34 -8.51 -5.13 1.05
N MET B 35 -7.66 -4.12 1.23
CA MET B 35 -7.49 -3.48 2.52
C MET B 35 -7.10 -2.02 2.35
N VAL B 36 -7.50 -1.18 3.29
CA VAL B 36 -7.18 0.24 3.21
C VAL B 36 -7.10 0.86 4.61
N GLY B 37 -6.29 1.89 4.74
CA GLY B 37 -6.14 2.56 6.03
C GLY B 37 -5.70 4.01 5.84
N GLY B 38 -6.06 4.86 6.80
CA GLY B 38 -5.70 6.27 6.72
C GLY B 38 -5.57 6.88 8.12
N VAL B 39 -4.72 7.88 8.25
CA VAL B 39 -4.53 8.55 9.54
C VAL B 39 -4.70 10.05 9.40
N VAL B 40 -5.30 10.66 10.42
CA VAL B 40 -5.53 12.11 10.41
C VAL B 40 -4.63 12.81 11.41
N ASP C 1 -20.51 -15.32 -25.33
CA ASP C 1 -21.71 -15.98 -24.75
C ASP C 1 -22.27 -15.12 -23.63
N ALA C 2 -21.80 -13.88 -23.56
CA ALA C 2 -22.25 -12.95 -22.52
C ALA C 2 -22.17 -11.51 -23.01
N GLU C 3 -22.79 -10.60 -22.27
CA GLU C 3 -22.78 -9.19 -22.64
C GLU C 3 -23.14 -9.01 -24.11
N PHE C 4 -24.35 -9.46 -24.47
CA PHE C 4 -24.81 -9.34 -25.85
C PHE C 4 -25.29 -7.92 -26.14
N ARG C 5 -26.59 -7.70 -26.00
CA ARG C 5 -27.16 -6.38 -26.26
C ARG C 5 -26.83 -5.43 -25.12
N HIS C 6 -26.03 -5.91 -24.17
CA HIS C 6 -25.66 -5.09 -23.02
C HIS C 6 -24.57 -4.09 -23.41
N ASP C 7 -24.95 -2.82 -23.51
CA ASP C 7 -24.01 -1.77 -23.88
C ASP C 7 -22.98 -1.56 -22.77
N SER C 8 -23.46 -1.55 -21.52
CA SER C 8 -22.57 -1.35 -20.38
C SER C 8 -21.92 0.02 -20.43
N GLY C 9 -22.10 0.80 -19.37
CA GLY C 9 -21.52 2.14 -19.31
C GLY C 9 -21.20 2.53 -17.88
N TYR C 10 -20.14 3.31 -17.70
CA TYR C 10 -19.73 3.76 -16.37
C TYR C 10 -19.10 5.15 -16.45
N GLU C 11 -19.27 5.94 -15.40
CA GLU C 11 -18.71 7.28 -15.37
C GLU C 11 -18.41 7.71 -13.94
N VAL C 12 -17.39 8.55 -13.78
CA VAL C 12 -17.00 9.03 -12.45
C VAL C 12 -17.34 10.51 -12.31
N HIS C 13 -17.79 10.91 -11.14
CA HIS C 13 -18.14 12.31 -10.88
C HIS C 13 -17.02 13.02 -10.13
N HIS C 14 -17.36 14.13 -9.48
CA HIS C 14 -16.37 14.90 -8.72
C HIS C 14 -16.08 14.22 -7.39
N GLN C 15 -15.00 14.66 -6.74
CA GLN C 15 -14.61 14.09 -5.46
C GLN C 15 -13.11 14.26 -5.23
N LYS C 16 -12.73 14.67 -4.02
CA LYS C 16 -11.32 14.86 -3.68
C LYS C 16 -10.45 13.91 -4.51
N LEU C 17 -10.43 12.64 -4.12
CA LEU C 17 -9.64 11.65 -4.83
C LEU C 17 -10.35 10.30 -4.82
N VAL C 18 -10.25 9.56 -5.92
CA VAL C 18 -10.89 8.26 -6.00
C VAL C 18 -10.08 7.31 -6.88
N PHE C 19 -10.10 6.03 -6.53
CA PHE C 19 -9.35 5.03 -7.28
C PHE C 19 -10.02 3.66 -7.14
N PHE C 20 -9.87 2.83 -8.17
CA PHE C 20 -10.46 1.49 -8.13
C PHE C 20 -10.25 0.75 -9.44
N ALA C 21 -10.85 -0.44 -9.53
CA ALA C 21 -10.74 -1.25 -10.74
C ALA C 21 -12.12 -1.65 -11.24
N GLU C 22 -12.39 -1.37 -12.50
CA GLU C 22 -13.68 -1.70 -13.09
C GLU C 22 -13.68 -3.14 -13.62
N ASP C 23 -14.28 -4.04 -12.86
CA ASP C 23 -14.35 -5.44 -13.27
C ASP C 23 -15.80 -5.90 -13.36
N VAL C 24 -16.37 -5.85 -14.56
CA VAL C 24 -17.75 -6.27 -14.76
C VAL C 24 -17.89 -7.01 -16.08
N GLY C 25 -19.04 -7.68 -16.25
CA GLY C 25 -19.29 -8.45 -17.47
C GLY C 25 -19.34 -9.94 -17.17
N SER C 26 -18.18 -10.56 -17.05
CA SER C 26 -18.10 -11.97 -16.77
C SER C 26 -16.77 -12.32 -16.11
N ASN C 27 -16.79 -12.59 -14.81
CA ASN C 27 -15.59 -12.93 -14.09
C ASN C 27 -15.12 -14.33 -14.46
N LYS C 28 -13.89 -14.66 -14.07
CA LYS C 28 -13.33 -15.97 -14.37
C LYS C 28 -12.56 -16.52 -13.17
N GLY C 29 -12.32 -17.83 -13.16
CA GLY C 29 -11.60 -18.46 -12.07
C GLY C 29 -10.20 -17.85 -11.94
N ALA C 30 -10.13 -16.64 -11.39
CA ALA C 30 -8.87 -15.96 -11.22
C ALA C 30 -8.75 -15.36 -9.82
N ILE C 31 -7.87 -14.37 -9.67
CA ILE C 31 -7.68 -13.72 -8.38
C ILE C 31 -7.36 -12.25 -8.57
N ILE C 32 -7.81 -11.41 -7.65
CA ILE C 32 -7.56 -9.97 -7.72
C ILE C 32 -7.39 -9.39 -6.33
N GLY C 33 -6.47 -8.45 -6.18
CA GLY C 33 -6.23 -7.82 -4.89
C GLY C 33 -5.87 -6.35 -5.06
N LEU C 34 -6.32 -5.52 -4.12
CA LEU C 34 -6.04 -4.09 -4.19
C LEU C 34 -5.97 -3.49 -2.79
N MET C 35 -5.14 -2.47 -2.62
CA MET C 35 -4.99 -1.80 -1.33
C MET C 35 -4.71 -0.32 -1.54
N VAL C 36 -5.21 0.52 -0.64
CA VAL C 36 -4.99 1.95 -0.74
C VAL C 36 -4.98 2.60 0.63
N GLY C 37 -4.20 3.67 0.78
CA GLY C 37 -4.11 4.37 2.05
C GLY C 37 -3.73 5.83 1.85
N GLY C 38 -4.15 6.69 2.77
CA GLY C 38 -3.84 8.11 2.68
C GLY C 38 -3.71 8.73 4.07
N VAL C 39 -2.84 9.73 4.18
CA VAL C 39 -2.63 10.40 5.46
C VAL C 39 -2.83 11.90 5.32
N VAL C 40 -3.46 12.51 6.32
CA VAL C 40 -3.71 13.94 6.30
C VAL C 40 -4.52 14.33 5.07
N ASP D 1 -11.12 -15.33 -26.34
CA ASP D 1 -11.29 -14.07 -25.57
C ASP D 1 -12.76 -13.90 -25.19
N ALA D 2 -13.01 -13.65 -23.90
CA ALA D 2 -14.37 -13.47 -23.42
C ALA D 2 -15.00 -12.21 -24.01
N GLU D 3 -14.19 -11.45 -24.75
CA GLU D 3 -14.67 -10.23 -25.37
C GLU D 3 -14.03 -10.03 -26.73
N PHE D 4 -13.89 -8.77 -27.14
CA PHE D 4 -13.29 -8.45 -28.43
C PHE D 4 -12.41 -7.20 -28.31
N ARG D 5 -12.66 -6.23 -29.17
CA ARG D 5 -11.90 -4.99 -29.16
C ARG D 5 -12.70 -3.84 -29.77
N HIS D 6 -13.40 -3.10 -28.91
CA HIS D 6 -14.21 -1.98 -29.38
C HIS D 6 -14.58 -1.06 -28.21
N ASP D 7 -13.63 -0.25 -27.78
CA ASP D 7 -13.87 0.67 -26.68
C ASP D 7 -14.34 -0.08 -25.43
N SER D 8 -14.66 0.66 -24.38
CA SER D 8 -15.12 0.04 -23.13
C SER D 8 -16.36 0.75 -22.61
N GLY D 9 -16.72 1.86 -23.25
CA GLY D 9 -17.90 2.62 -22.83
C GLY D 9 -17.68 3.21 -21.45
N TYR D 10 -16.76 4.17 -21.35
CA TYR D 10 -16.48 4.81 -20.07
C TYR D 10 -16.08 6.27 -20.27
N GLU D 11 -16.48 7.13 -19.34
CA GLU D 11 -16.15 8.55 -19.43
C GLU D 11 -15.88 9.11 -18.04
N VAL D 12 -14.93 10.03 -17.94
CA VAL D 12 -14.60 10.64 -16.65
C VAL D 12 -14.79 12.15 -16.69
N HIS D 13 -15.44 12.68 -15.66
CA HIS D 13 -15.68 14.12 -15.59
C HIS D 13 -15.69 14.58 -14.14
N HIS D 14 -14.62 14.27 -13.40
CA HIS D 14 -14.53 14.66 -12.01
C HIS D 14 -14.20 16.15 -11.89
N GLN D 15 -13.41 16.49 -10.88
CA GLN D 15 -13.02 17.88 -10.66
C GLN D 15 -11.64 17.97 -10.01
N LYS D 16 -11.38 17.04 -9.09
CA LYS D 16 -10.09 17.02 -8.38
C LYS D 16 -9.11 16.11 -9.12
N LEU D 17 -8.96 14.88 -8.64
CA LEU D 17 -8.05 13.93 -9.25
C LEU D 17 -8.61 12.51 -9.15
N VAL D 18 -8.39 11.71 -10.19
CA VAL D 18 -8.88 10.34 -10.20
C VAL D 18 -7.94 9.43 -11.00
N PHE D 19 -7.85 8.18 -10.58
CA PHE D 19 -6.99 7.22 -11.25
C PHE D 19 -7.54 5.80 -11.07
N PHE D 20 -7.29 4.94 -12.05
CA PHE D 20 -7.75 3.56 -11.97
C PHE D 20 -7.54 2.83 -13.29
N ALA D 21 -8.12 1.63 -13.38
CA ALA D 21 -8.01 0.82 -14.59
C ALA D 21 -9.38 0.49 -15.14
N GLU D 22 -9.65 0.96 -16.36
CA GLU D 22 -10.94 0.71 -17.00
C GLU D 22 -10.78 -0.27 -18.16
N ASP D 23 -11.45 -1.41 -18.06
CA ASP D 23 -11.38 -2.42 -19.11
C ASP D 23 -12.70 -3.18 -19.21
N VAL D 24 -13.13 -3.43 -20.44
CA VAL D 24 -14.38 -4.16 -20.66
C VAL D 24 -14.22 -5.63 -20.29
N GLY D 25 -14.89 -6.04 -19.23
CA GLY D 25 -14.82 -7.42 -18.77
C GLY D 25 -14.41 -7.50 -17.30
N SER D 26 -13.68 -8.54 -16.95
CA SER D 26 -13.22 -8.73 -15.58
C SER D 26 -11.78 -9.24 -15.54
N ASN D 27 -11.22 -9.33 -14.36
CA ASN D 27 -9.85 -9.80 -14.21
C ASN D 27 -9.71 -11.20 -14.80
N LYS D 28 -9.05 -11.29 -15.93
CA LYS D 28 -8.85 -12.58 -16.59
C LYS D 28 -8.27 -13.59 -15.62
N GLY D 29 -7.59 -14.61 -16.16
CA GLY D 29 -7.00 -15.64 -15.33
C GLY D 29 -6.42 -15.05 -14.04
N ALA D 30 -6.03 -15.92 -13.11
CA ALA D 30 -5.47 -15.46 -11.85
C ALA D 30 -4.92 -14.06 -11.98
N ILE D 31 -5.14 -13.23 -10.97
CA ILE D 31 -4.65 -11.85 -10.99
C ILE D 31 -4.67 -11.25 -9.59
N ILE D 32 -3.92 -10.18 -9.40
CA ILE D 32 -3.87 -9.52 -8.09
C ILE D 32 -2.57 -8.73 -7.94
N GLY D 33 -2.18 -8.48 -6.70
CA GLY D 33 -0.96 -7.73 -6.41
C GLY D 33 -1.06 -6.28 -6.89
N LEU D 34 -1.88 -5.50 -6.21
CA LEU D 34 -2.03 -4.09 -6.57
C LEU D 34 -2.24 -3.25 -5.31
N MET D 35 -1.64 -2.06 -5.27
CA MET D 35 -1.77 -1.19 -4.11
C MET D 35 -1.50 0.27 -4.49
N VAL D 36 -2.02 1.19 -3.69
CA VAL D 36 -1.84 2.61 -3.95
C VAL D 36 -2.05 3.42 -2.69
N GLY D 37 -1.50 4.64 -2.66
CA GLY D 37 -1.64 5.51 -1.50
C GLY D 37 -1.50 6.97 -1.90
N GLY D 38 -2.14 7.85 -1.12
CA GLY D 38 -2.09 9.28 -1.41
C GLY D 38 -2.31 10.09 -0.14
N VAL D 39 -1.75 11.30 -0.10
CA VAL D 39 -1.90 12.17 1.06
C VAL D 39 -2.60 13.47 0.68
N VAL D 40 -3.08 14.20 1.68
CA VAL D 40 -3.78 15.45 1.44
C VAL D 40 -3.38 16.49 2.47
N ASP E 1 -16.67 -13.62 -27.48
CA ASP E 1 -16.51 -12.59 -28.54
C ASP E 1 -17.53 -11.47 -28.32
N ALA E 2 -17.56 -10.94 -27.10
CA ALA E 2 -18.50 -9.86 -26.78
C ALA E 2 -17.92 -8.52 -27.18
N GLU E 3 -18.55 -7.44 -26.70
CA GLU E 3 -18.09 -6.10 -27.02
C GLU E 3 -18.34 -5.77 -28.48
N PHE E 4 -19.21 -4.80 -28.73
CA PHE E 4 -19.54 -4.40 -30.10
C PHE E 4 -19.40 -2.89 -30.26
N ARG E 5 -19.70 -2.40 -31.46
CA ARG E 5 -19.61 -0.97 -31.73
C ARG E 5 -20.96 -0.30 -31.49
N HIS E 6 -21.00 0.59 -30.51
CA HIS E 6 -22.24 1.30 -30.18
C HIS E 6 -21.97 2.43 -29.21
N ASP E 7 -21.11 3.37 -29.61
CA ASP E 7 -20.77 4.50 -28.76
C ASP E 7 -20.32 4.02 -27.38
N SER E 8 -19.01 3.83 -27.23
CA SER E 8 -18.46 3.37 -25.96
C SER E 8 -17.00 3.78 -25.84
N GLY E 9 -16.45 3.70 -24.63
CA GLY E 9 -15.06 4.06 -24.39
C GLY E 9 -14.83 5.54 -24.66
N TYR E 10 -15.36 6.39 -23.79
CA TYR E 10 -15.20 7.83 -23.94
C TYR E 10 -15.11 8.50 -22.58
N GLU E 11 -14.27 9.52 -22.46
CA GLU E 11 -14.12 10.24 -21.20
C GLU E 11 -13.85 11.72 -21.45
N VAL E 12 -14.37 12.57 -20.58
CA VAL E 12 -14.17 14.01 -20.73
C VAL E 12 -12.74 14.40 -20.37
N HIS E 13 -12.32 14.04 -19.16
CA HIS E 13 -10.97 14.36 -18.71
C HIS E 13 -10.91 15.78 -18.16
N HIS E 14 -9.78 16.44 -18.35
CA HIS E 14 -9.61 17.81 -17.87
C HIS E 14 -9.49 17.83 -16.35
N GLN E 15 -10.02 18.88 -15.74
CA GLN E 15 -9.97 19.02 -14.28
C GLN E 15 -8.52 19.05 -13.79
N LYS E 16 -8.34 19.11 -12.48
CA LYS E 16 -7.00 19.14 -11.90
C LYS E 16 -6.07 18.22 -12.67
N LEU E 17 -6.00 16.95 -12.24
CA LEU E 17 -5.15 15.98 -12.90
C LEU E 17 -5.79 14.59 -12.85
N VAL E 18 -5.60 13.81 -13.91
CA VAL E 18 -6.17 12.47 -13.97
C VAL E 18 -5.28 11.55 -14.77
N PHE E 19 -5.22 10.28 -14.38
CA PHE E 19 -4.40 9.31 -15.09
C PHE E 19 -4.93 7.89 -14.87
N PHE E 20 -4.67 7.00 -15.82
CA PHE E 20 -5.13 5.62 -15.72
C PHE E 20 -4.80 4.83 -16.97
N ALA E 21 -5.26 3.58 -17.00
CA ALA E 21 -5.01 2.71 -18.14
C ALA E 21 -6.32 2.46 -18.89
N GLU E 22 -6.45 3.07 -20.07
CA GLU E 22 -7.65 2.90 -20.88
C GLU E 22 -7.52 1.70 -21.81
N ASP E 23 -7.59 0.51 -21.24
CA ASP E 23 -7.48 -0.72 -22.03
C ASP E 23 -8.85 -1.37 -22.16
N VAL E 24 -9.33 -1.51 -23.39
CA VAL E 24 -10.63 -2.12 -23.64
C VAL E 24 -10.48 -3.45 -24.36
N GLY E 25 -11.61 -4.02 -24.78
CA GLY E 25 -11.59 -5.30 -25.47
C GLY E 25 -11.43 -6.46 -24.50
N SER E 26 -10.21 -6.98 -24.42
CA SER E 26 -9.94 -8.09 -23.52
C SER E 26 -8.62 -7.87 -22.78
N ASN E 27 -8.30 -8.76 -21.85
CA ASN E 27 -7.07 -8.66 -21.07
C ASN E 27 -6.26 -9.95 -21.16
N LYS E 28 -5.18 -10.02 -20.39
CA LYS E 28 -4.33 -11.20 -20.39
C LYS E 28 -4.68 -12.12 -19.22
N GLY E 29 -4.74 -13.42 -19.49
CA GLY E 29 -5.06 -14.39 -18.46
C GLY E 29 -3.80 -14.91 -17.77
N ALA E 30 -3.64 -14.59 -16.49
CA ALA E 30 -2.48 -15.02 -15.74
C ALA E 30 -2.43 -14.33 -14.39
N ILE E 31 -1.62 -13.27 -14.30
CA ILE E 31 -1.48 -12.51 -13.06
C ILE E 31 -1.21 -11.05 -13.39
N ILE E 32 -1.73 -10.15 -12.56
CA ILE E 32 -1.52 -8.72 -12.79
C ILE E 32 -1.41 -7.98 -11.46
N GLY E 33 -0.61 -6.93 -11.43
CA GLY E 33 -0.44 -6.14 -10.21
C GLY E 33 0.02 -4.73 -10.54
N LEU E 34 -0.33 -3.79 -9.66
CA LEU E 34 0.06 -2.39 -9.86
C LEU E 34 0.13 -1.66 -8.53
N MET E 35 0.94 -0.60 -8.48
CA MET E 35 1.10 0.18 -7.26
C MET E 35 1.40 1.63 -7.62
N VAL E 36 0.90 2.56 -6.80
CA VAL E 36 1.12 3.98 -7.04
C VAL E 36 0.21 4.84 -6.18
N GLY E 37 0.12 6.12 -6.51
CA GLY E 37 -0.73 7.03 -5.76
C GLY E 37 -0.45 8.48 -6.14
N GLY E 38 -0.97 9.41 -5.33
CA GLY E 38 -0.77 10.83 -5.59
C GLY E 38 -0.91 11.65 -4.31
N VAL E 39 -0.29 12.81 -4.28
CA VAL E 39 -0.34 13.68 -3.11
C VAL E 39 -1.08 14.97 -3.43
N VAL E 40 -1.88 15.45 -2.48
CA VAL E 40 -2.64 16.68 -2.68
C VAL E 40 -3.56 16.56 -3.89
N ASP F 1 9.50 6.26 32.73
CA ASP F 1 9.97 4.88 33.05
C ASP F 1 10.86 4.37 31.91
N ALA F 2 11.23 3.09 31.99
CA ALA F 2 12.08 2.50 30.96
C ALA F 2 12.10 0.98 31.10
N GLU F 3 13.09 0.35 30.49
CA GLU F 3 13.22 -1.10 30.55
C GLU F 3 14.66 -1.53 30.29
N PHE F 4 15.06 -2.65 30.87
CA PHE F 4 16.41 -3.16 30.70
C PHE F 4 17.44 -2.11 31.11
N ARG F 5 18.20 -2.41 32.15
CA ARG F 5 19.22 -1.48 32.63
C ARG F 5 20.55 -1.74 31.95
N HIS F 6 20.84 -3.01 31.70
CA HIS F 6 22.09 -3.38 31.04
C HIS F 6 22.19 -2.74 29.66
N ASP F 7 23.15 -3.18 28.87
CA ASP F 7 23.34 -2.64 27.53
C ASP F 7 22.01 -2.51 26.81
N SER F 8 21.75 -1.33 26.25
CA SER F 8 20.50 -1.09 25.54
C SER F 8 20.50 -1.80 24.20
N GLY F 9 19.75 -2.89 24.11
CA GLY F 9 19.67 -3.66 22.87
C GLY F 9 18.32 -4.35 22.75
N TYR F 10 17.85 -4.51 21.51
CA TYR F 10 16.57 -5.16 21.28
C TYR F 10 16.56 -5.85 19.92
N GLU F 11 15.78 -6.94 19.82
CA GLU F 11 15.68 -7.68 18.58
C GLU F 11 14.32 -8.34 18.46
N VAL F 12 13.84 -8.51 17.24
CA VAL F 12 12.54 -9.12 17.00
C VAL F 12 12.67 -10.35 16.11
N HIS F 13 11.69 -11.25 16.19
CA HIS F 13 11.71 -12.47 15.39
C HIS F 13 10.41 -13.25 15.57
N HIS F 14 9.93 -13.86 14.49
CA HIS F 14 8.70 -14.64 14.55
C HIS F 14 8.50 -15.42 13.26
N GLN F 15 7.26 -15.85 13.01
CA GLN F 15 6.96 -16.61 11.81
C GLN F 15 5.82 -15.95 11.03
N LYS F 16 5.28 -16.68 10.06
CA LYS F 16 4.18 -16.15 9.25
C LYS F 16 4.41 -14.68 8.94
N LEU F 17 3.85 -13.81 9.77
CA LEU F 17 4.00 -12.37 9.57
C LEU F 17 4.05 -11.67 10.92
N VAL F 18 4.85 -10.61 11.00
CA VAL F 18 4.98 -9.85 12.25
C VAL F 18 5.32 -8.40 11.96
N PHE F 19 4.85 -7.50 12.82
CA PHE F 19 5.11 -6.08 12.64
C PHE F 19 5.05 -5.36 13.99
N PHE F 20 5.77 -4.24 14.08
CA PHE F 20 5.79 -3.47 15.32
C PHE F 20 6.20 -2.03 15.05
N ALA F 21 5.82 -1.13 15.95
CA ALA F 21 6.16 0.28 15.80
C ALA F 21 6.02 1.01 17.13
N GLU F 22 7.14 1.50 17.65
CA GLU F 22 7.13 2.21 18.93
C GLU F 22 8.53 2.71 19.28
N ASP F 23 8.61 3.50 20.34
CA ASP F 23 9.89 4.04 20.78
C ASP F 23 10.46 3.22 21.94
N VAL F 24 11.75 2.89 21.85
CA VAL F 24 12.39 2.10 22.89
C VAL F 24 13.14 3.01 23.87
N GLY F 25 12.93 2.77 25.17
CA GLY F 25 13.59 3.57 26.19
C GLY F 25 12.56 4.40 26.96
N SER F 26 12.24 5.57 26.43
CA SER F 26 11.27 6.45 27.08
C SER F 26 10.42 7.17 26.04
N ASN F 27 9.11 6.92 26.06
CA ASN F 27 8.21 7.55 25.12
C ASN F 27 7.80 8.93 25.61
N LYS F 28 7.84 9.91 24.72
CA LYS F 28 7.45 11.27 25.08
C LYS F 28 5.99 11.52 24.77
N GLY F 29 5.55 12.77 24.92
CA GLY F 29 4.16 13.12 24.66
C GLY F 29 3.84 13.02 23.17
N ALA F 30 3.45 11.83 22.74
CA ALA F 30 3.12 11.60 21.35
C ALA F 30 1.97 10.60 21.22
N ILE F 31 1.70 10.17 19.99
CA ILE F 31 0.62 9.20 19.75
C ILE F 31 1.01 8.27 18.61
N ILE F 32 0.61 7.01 18.71
CA ILE F 32 0.91 6.03 17.68
C ILE F 32 -0.20 5.01 17.56
N GLY F 33 -0.46 4.54 16.35
CA GLY F 33 -1.51 3.56 16.11
C GLY F 33 -1.19 2.71 14.88
N LEU F 34 -1.66 1.47 14.88
CA LEU F 34 -1.41 0.57 13.76
C LEU F 34 -2.43 -0.56 13.72
N MET F 35 -2.62 -1.14 12.53
CA MET F 35 -3.56 -2.23 12.36
C MET F 35 -3.11 -3.15 11.23
N VAL F 36 -3.45 -4.43 11.36
CA VAL F 36 -3.06 -5.40 10.33
C VAL F 36 -4.09 -6.54 10.26
N GLY F 37 -4.24 -7.10 9.06
CA GLY F 37 -5.18 -8.20 8.87
C GLY F 37 -4.75 -9.10 7.71
N GLY F 38 -5.09 -10.37 7.80
CA GLY F 38 -4.72 -11.33 6.76
C GLY F 38 -5.72 -12.47 6.69
N VAL F 39 -5.87 -13.05 5.51
CA VAL F 39 -6.80 -14.16 5.33
C VAL F 39 -6.05 -15.46 5.07
N VAL F 40 -6.30 -16.46 5.90
CA VAL F 40 -5.64 -17.75 5.75
C VAL F 40 -6.17 -18.49 4.53
N ASP G 1 18.20 13.10 26.03
CA ASP G 1 17.19 13.35 27.09
C ASP G 1 17.32 12.29 28.18
N ALA G 2 17.31 11.02 27.77
CA ALA G 2 17.43 9.91 28.71
C ALA G 2 18.04 8.70 28.04
N GLU G 3 17.60 7.51 28.43
CA GLU G 3 18.12 6.27 27.86
C GLU G 3 19.64 6.22 27.98
N PHE G 4 20.13 5.86 29.17
CA PHE G 4 21.56 5.78 29.40
C PHE G 4 22.19 4.70 28.52
N ARG G 5 23.27 4.11 29.01
CA ARG G 5 23.95 3.06 28.26
C ARG G 5 24.37 3.57 26.88
N HIS G 6 24.97 2.70 26.08
CA HIS G 6 25.41 3.07 24.74
C HIS G 6 24.22 3.52 23.89
N ASP G 7 24.14 3.00 22.67
CA ASP G 7 23.04 3.36 21.77
C ASP G 7 22.89 2.31 20.68
N SER G 8 21.77 2.36 19.97
CA SER G 8 21.50 1.41 18.90
C SER G 8 21.57 -0.01 19.43
N GLY G 9 22.38 -0.85 18.77
CA GLY G 9 22.51 -2.24 19.17
C GLY G 9 21.19 -2.98 19.06
N TYR G 10 20.74 -3.18 17.82
CA TYR G 10 19.48 -3.88 17.57
C TYR G 10 19.50 -4.56 16.21
N GLU G 11 18.76 -5.65 16.10
CA GLU G 11 18.70 -6.39 14.84
C GLU G 11 17.36 -7.11 14.71
N VAL G 12 16.92 -7.30 13.47
CA VAL G 12 15.65 -7.97 13.22
C VAL G 12 15.85 -9.16 12.28
N HIS G 13 15.52 -10.36 12.77
CA HIS G 13 15.66 -11.56 11.96
C HIS G 13 14.39 -12.41 12.01
N HIS G 14 14.13 -13.14 10.93
CA HIS G 14 12.94 -13.99 10.86
C HIS G 14 12.74 -14.50 9.44
N GLN G 15 11.56 -15.03 9.17
CA GLN G 15 11.25 -15.56 7.84
C GLN G 15 9.91 -15.02 7.35
N LYS G 16 9.38 -15.63 6.30
CA LYS G 16 8.10 -15.20 5.73
C LYS G 16 8.16 -13.74 5.34
N LEU G 17 7.45 -12.89 6.08
CA LEU G 17 7.43 -11.46 5.80
C LEU G 17 7.36 -10.67 7.10
N VAL G 18 8.05 -9.53 7.13
CA VAL G 18 8.06 -8.70 8.33
C VAL G 18 8.25 -7.22 7.97
N PHE G 19 7.67 -6.35 8.79
CA PHE G 19 7.79 -4.91 8.54
C PHE G 19 7.53 -4.13 9.83
N PHE G 20 8.08 -2.92 9.90
CA PHE G 20 7.90 -2.09 11.09
C PHE G 20 8.73 -0.81 11.00
N ALA G 21 8.72 -0.05 12.10
CA ALA G 21 9.47 1.20 12.16
C ALA G 21 10.27 1.26 13.47
N GLU G 22 11.59 1.22 13.35
CA GLU G 22 12.45 1.27 14.53
C GLU G 22 12.73 2.71 14.94
N ASP G 23 12.40 3.03 16.19
CA ASP G 23 12.63 4.38 16.72
C ASP G 23 13.17 4.30 18.14
N VAL G 24 14.43 4.67 18.31
CA VAL G 24 15.05 4.65 19.63
C VAL G 24 15.84 5.93 19.88
N GLY G 25 16.48 6.00 21.05
CA GLY G 25 17.27 7.18 21.39
C GLY G 25 16.43 8.15 22.23
N SER G 26 15.48 8.81 21.59
CA SER G 26 14.61 9.75 22.29
C SER G 26 13.46 10.20 21.39
N ASN G 27 12.25 9.78 21.73
CA ASN G 27 11.08 10.14 20.95
C ASN G 27 10.62 11.56 21.29
N LYS G 28 10.06 12.25 20.30
CA LYS G 28 9.60 13.62 20.51
C LYS G 28 8.08 13.71 20.29
N GLY G 29 7.54 14.91 20.48
CA GLY G 29 6.10 15.10 20.29
C GLY G 29 5.72 15.01 18.83
N ALA G 30 5.35 13.81 18.40
CA ALA G 30 4.96 13.59 17.01
C ALA G 30 3.88 12.51 16.92
N ILE G 31 3.66 12.02 15.71
CA ILE G 31 2.66 10.98 15.50
C ILE G 31 3.12 10.01 14.40
N ILE G 32 2.80 8.73 14.55
CA ILE G 32 3.18 7.74 13.56
C ILE G 32 2.11 6.65 13.46
N GLY G 33 1.90 6.15 12.25
CA GLY G 33 0.91 5.11 12.03
C GLY G 33 1.33 4.18 10.89
N LEU G 34 0.96 2.91 10.99
CA LEU G 34 1.32 1.94 9.95
C LEU G 34 0.29 0.82 9.88
N MET G 35 0.14 0.24 8.69
CA MET G 35 -0.82 -0.85 8.50
C MET G 35 -0.32 -1.79 7.42
N VAL G 36 -0.61 -3.08 7.57
CA VAL G 36 -0.18 -4.07 6.59
C VAL G 36 -1.15 -5.24 6.54
N GLY G 37 -1.27 -5.86 5.38
CA GLY G 37 -2.17 -6.99 5.21
C GLY G 37 -1.67 -7.94 4.11
N GLY G 38 -1.99 -9.21 4.25
CA GLY G 38 -1.57 -10.21 3.26
C GLY G 38 -2.57 -11.36 3.19
N VAL G 39 -2.71 -11.93 2.01
CA VAL G 39 -3.64 -13.04 1.81
C VAL G 39 -2.89 -14.31 1.46
N VAL G 40 -3.54 -15.45 1.64
CA VAL G 40 -2.93 -16.75 1.33
C VAL G 40 -3.92 -17.65 0.60
N ASP H 1 21.72 15.36 23.52
CA ASP H 1 22.57 14.76 24.58
C ASP H 1 22.21 13.28 24.74
N ALA H 2 21.31 12.80 23.89
CA ALA H 2 20.88 11.41 23.94
C ALA H 2 21.90 10.50 23.27
N GLU H 3 21.53 9.25 23.05
CA GLU H 3 22.44 8.28 22.43
C GLU H 3 23.74 8.18 23.21
N PHE H 4 23.80 8.87 24.35
CA PHE H 4 24.99 8.84 25.19
C PHE H 4 26.23 9.14 24.35
N ARG H 5 27.17 8.19 24.32
CA ARG H 5 28.39 8.36 23.55
C ARG H 5 29.25 7.10 23.64
N HIS H 6 28.84 6.05 22.94
CA HIS H 6 29.57 4.79 22.95
C HIS H 6 29.27 3.98 21.69
N ASP H 7 29.10 2.68 21.86
CA ASP H 7 28.80 1.81 20.73
C ASP H 7 27.46 2.18 20.09
N SER H 8 27.34 1.93 18.79
CA SER H 8 26.11 2.26 18.07
C SER H 8 26.11 1.59 16.71
N GLY H 9 25.34 0.52 16.57
CA GLY H 9 25.25 -0.20 15.29
C GLY H 9 24.01 -1.07 15.23
N TYR H 10 23.61 -1.43 14.01
CA TYR H 10 22.42 -2.26 13.83
C TYR H 10 22.46 -2.97 12.48
N GLU H 11 21.75 -4.09 12.38
CA GLU H 11 21.72 -4.86 11.14
C GLU H 11 20.37 -5.57 11.00
N VAL H 12 19.92 -5.75 9.76
CA VAL H 12 18.65 -6.41 9.50
C VAL H 12 18.83 -7.61 8.57
N HIS H 13 17.92 -8.56 8.66
CA HIS H 13 17.98 -9.75 7.82
C HIS H 13 16.63 -10.47 7.81
N HIS H 14 16.28 -11.03 6.66
CA HIS H 14 15.01 -11.74 6.52
C HIS H 14 15.07 -12.77 5.40
N GLN H 15 13.91 -13.07 4.82
CA GLN H 15 13.85 -14.06 3.74
C GLN H 15 12.87 -13.60 2.66
N LYS H 16 11.78 -14.33 2.52
CA LYS H 16 10.77 -14.00 1.52
C LYS H 16 10.85 -12.52 1.13
N LEU H 17 10.18 -11.67 1.89
CA LEU H 17 10.20 -10.24 1.62
C LEU H 17 10.07 -9.45 2.92
N VAL H 18 10.73 -8.30 2.98
CA VAL H 18 10.68 -7.46 4.17
C VAL H 18 10.91 -5.99 3.82
N PHE H 19 10.32 -5.10 4.61
CA PHE H 19 10.46 -3.67 4.38
C PHE H 19 10.23 -2.89 5.67
N PHE H 20 10.79 -1.69 5.73
CA PHE H 20 10.63 -0.86 6.92
C PHE H 20 11.46 0.41 6.83
N ALA H 21 11.47 1.17 7.92
CA ALA H 21 12.23 2.42 7.98
C ALA H 21 13.04 2.49 9.27
N GLU H 22 14.35 2.60 9.14
CA GLU H 22 15.22 2.67 10.32
C GLU H 22 15.50 4.12 10.68
N ASP H 23 14.83 4.61 11.72
CA ASP H 23 15.01 5.98 12.16
C ASP H 23 15.50 6.01 13.61
N VAL H 24 16.73 6.47 13.80
CA VAL H 24 17.31 6.53 15.15
C VAL H 24 18.22 7.74 15.29
N GLY H 25 18.81 7.89 16.46
CA GLY H 25 19.72 9.02 16.72
C GLY H 25 18.97 10.15 17.43
N SER H 26 18.14 10.87 16.68
CA SER H 26 17.38 11.97 17.23
C SER H 26 16.21 12.34 16.33
N ASN H 27 15.01 11.94 16.74
CA ASN H 27 13.82 12.24 15.95
C ASN H 27 13.40 13.70 16.14
N LYS H 28 12.33 14.10 15.45
CA LYS H 28 11.84 15.47 15.55
C LYS H 28 10.32 15.49 15.55
N GLY H 29 9.75 16.65 15.82
CA GLY H 29 8.30 16.81 15.85
C GLY H 29 7.72 16.81 14.45
N ALA H 30 7.36 15.63 13.96
CA ALA H 30 6.80 15.50 12.62
C ALA H 30 5.80 14.35 12.56
N ILE H 31 5.64 13.78 11.37
CA ILE H 31 4.72 12.66 11.18
C ILE H 31 5.27 11.69 10.16
N ILE H 32 5.02 10.40 10.37
CA ILE H 32 5.51 9.38 9.45
C ILE H 32 4.52 8.22 9.37
N GLY H 33 4.39 7.63 8.19
CA GLY H 33 3.47 6.52 8.00
C GLY H 33 3.97 5.57 6.92
N LEU H 34 3.68 4.29 7.07
CA LEU H 34 4.11 3.29 6.10
C LEU H 34 3.09 2.16 6.02
N MET H 35 2.94 1.59 4.83
CA MET H 35 2.00 0.50 4.62
C MET H 35 2.51 -0.45 3.54
N VAL H 36 2.22 -1.73 3.71
CA VAL H 36 2.66 -2.73 2.73
C VAL H 36 1.73 -3.94 2.73
N GLY H 37 1.65 -4.61 1.59
CA GLY H 37 0.80 -5.79 1.45
C GLY H 37 1.37 -6.75 0.42
N GLY H 38 1.11 -8.04 0.61
CA GLY H 38 1.60 -9.05 -0.32
C GLY H 38 0.68 -10.27 -0.33
N VAL H 39 0.63 -10.95 -1.47
CA VAL H 39 -0.21 -12.13 -1.59
C VAL H 39 0.63 -13.36 -1.96
N VAL H 40 0.34 -14.47 -1.30
CA VAL H 40 1.08 -15.70 -1.56
C VAL H 40 0.21 -16.71 -2.32
N ASP I 1 24.50 19.13 20.37
CA ASP I 1 24.34 18.40 19.07
C ASP I 1 23.87 16.98 19.34
N ALA I 2 24.17 16.07 18.43
CA ALA I 2 23.77 14.68 18.57
C ALA I 2 24.81 13.75 17.94
N GLU I 3 24.95 12.56 18.51
CA GLU I 3 25.91 11.59 18.00
C GLU I 3 27.27 12.24 17.79
N PHE I 4 28.02 12.39 18.88
CA PHE I 4 29.35 13.00 18.79
C PHE I 4 30.10 12.49 17.58
N ARG I 5 30.89 11.43 17.77
CA ARG I 5 31.66 10.85 16.69
C ARG I 5 32.45 9.63 17.18
N HIS I 6 31.73 8.59 17.57
CA HIS I 6 32.37 7.37 18.06
C HIS I 6 31.46 6.17 17.82
N ASP I 7 32.00 5.18 17.09
CA ASP I 7 31.23 3.97 16.80
C ASP I 7 29.94 4.32 16.05
N SER I 8 29.80 3.77 14.85
CA SER I 8 28.61 4.02 14.03
C SER I 8 28.70 3.26 12.72
N GLY I 9 28.02 2.12 12.65
CA GLY I 9 28.02 1.31 11.44
C GLY I 9 26.74 0.49 11.34
N TYR I 10 26.33 0.20 10.10
CA TYR I 10 25.12 -0.59 9.88
C TYR I 10 25.25 -1.40 8.60
N GLU I 11 24.62 -2.57 8.57
CA GLU I 11 24.68 -3.43 7.39
C GLU I 11 23.40 -4.24 7.26
N VAL I 12 23.00 -4.52 6.02
CA VAL I 12 21.78 -5.28 5.77
C VAL I 12 22.07 -6.45 4.84
N HIS I 13 21.76 -7.66 5.30
CA HIS I 13 21.98 -8.86 4.52
C HIS I 13 20.74 -9.74 4.50
N HIS I 14 20.42 -10.30 3.34
CA HIS I 14 19.26 -11.16 3.20
C HIS I 14 19.17 -11.73 1.79
N GLN I 15 18.03 -12.34 1.48
CA GLN I 15 17.82 -12.92 0.15
C GLN I 15 16.48 -12.50 -0.43
N LYS I 16 15.97 -13.29 -1.37
CA LYS I 16 14.68 -12.98 -1.99
C LYS I 16 14.65 -11.52 -2.45
N LEU I 17 13.87 -10.70 -1.76
CA LEU I 17 13.76 -9.29 -2.10
C LEU I 17 13.56 -8.45 -0.84
N VAL I 18 14.16 -7.26 -0.81
CA VAL I 18 14.03 -6.39 0.35
C VAL I 18 14.10 -4.92 -0.07
N PHE I 19 13.41 -4.06 0.68
CA PHE I 19 13.41 -2.64 0.38
C PHE I 19 13.16 -1.84 1.66
N PHE I 20 13.71 -0.63 1.72
CA PHE I 20 13.53 0.22 2.90
C PHE I 20 14.31 1.52 2.77
N ALA I 21 14.27 2.32 3.83
CA ALA I 21 14.97 3.60 3.85
C ALA I 21 15.68 3.79 5.19
N GLU I 22 16.99 3.98 5.14
CA GLU I 22 17.78 4.16 6.35
C GLU I 22 18.07 5.65 6.59
N ASP I 23 17.64 6.15 7.73
CA ASP I 23 17.87 7.56 8.07
C ASP I 23 18.35 7.69 9.51
N VAL I 24 19.55 8.24 9.68
CA VAL I 24 20.11 8.42 11.01
C VAL I 24 20.89 9.73 11.09
N GLY I 25 21.43 10.02 12.27
CA GLY I 25 22.21 11.24 12.48
C GLY I 25 21.33 12.35 13.02
N SER I 26 20.73 13.13 12.12
CA SER I 26 19.87 14.23 12.52
C SER I 26 18.77 14.45 11.49
N ASN I 27 17.54 14.13 11.85
CA ASN I 27 16.41 14.29 10.94
C ASN I 27 15.91 15.74 10.99
N LYS I 28 14.79 15.99 10.32
CA LYS I 28 14.22 17.33 10.28
C LYS I 28 12.70 17.27 10.49
N GLY I 29 12.13 18.39 10.93
CA GLY I 29 10.69 18.46 11.17
C GLY I 29 9.93 18.54 9.85
N ALA I 30 9.38 17.42 9.42
CA ALA I 30 8.63 17.38 8.17
C ALA I 30 7.69 16.16 8.15
N ILE I 31 7.59 15.53 6.97
CA ILE I 31 6.74 14.36 6.83
C ILE I 31 7.36 13.38 5.84
N ILE I 32 7.16 12.08 6.08
CA ILE I 32 7.71 11.06 5.20
C ILE I 32 6.78 9.85 5.17
N GLY I 33 6.70 9.21 4.01
CA GLY I 33 5.85 8.03 3.86
C GLY I 33 6.40 7.08 2.80
N LEU I 34 6.15 5.79 2.98
CA LEU I 34 6.63 4.79 2.03
C LEU I 34 5.67 3.60 1.99
N MET I 35 5.56 2.99 0.81
CA MET I 35 4.67 1.84 0.64
C MET I 35 5.23 0.90 -0.42
N VAL I 36 4.99 -0.40 -0.23
CA VAL I 36 5.47 -1.40 -1.19
C VAL I 36 4.58 -2.64 -1.17
N GLY I 37 4.53 -3.34 -2.30
CA GLY I 37 3.71 -4.54 -2.41
C GLY I 37 4.26 -5.48 -3.48
N GLY I 38 3.98 -6.78 -3.32
CA GLY I 38 4.45 -7.76 -4.28
C GLY I 38 3.48 -8.94 -4.35
N VAL I 39 3.37 -9.54 -5.53
CA VAL I 39 2.47 -10.67 -5.72
C VAL I 39 3.23 -11.99 -5.57
N VAL I 40 2.51 -13.04 -5.19
CA VAL I 40 3.13 -14.35 -5.02
C VAL I 40 4.44 -14.22 -4.26
N ASP J 1 24.40 20.74 10.44
CA ASP J 1 25.81 20.32 10.21
C ASP J 1 26.25 19.34 11.30
N ALA J 2 26.43 18.08 10.92
CA ALA J 2 26.84 17.06 11.87
C ALA J 2 27.47 15.88 11.15
N GLU J 3 27.78 16.07 9.88
CA GLU J 3 28.39 15.01 9.08
C GLU J 3 29.77 14.65 9.62
N PHE J 4 30.68 15.63 9.61
CA PHE J 4 32.03 15.40 10.11
C PHE J 4 32.66 14.21 9.42
N ARG J 5 33.98 14.07 9.57
CA ARG J 5 34.69 12.95 8.95
C ARG J 5 34.79 11.78 9.91
N HIS J 6 35.32 10.66 9.43
CA HIS J 6 35.46 9.46 10.26
C HIS J 6 34.09 8.92 10.64
N ASP J 7 34.02 7.61 10.85
CA ASP J 7 32.76 6.98 11.23
C ASP J 7 31.73 7.10 10.10
N SER J 8 30.49 6.74 10.40
CA SER J 8 29.43 6.82 9.40
C SER J 8 29.75 5.93 8.21
N GLY J 9 29.29 4.68 8.26
CA GLY J 9 29.53 3.74 7.18
C GLY J 9 28.41 2.71 7.09
N TYR J 10 28.14 2.24 5.87
CA TYR J 10 27.09 1.25 5.66
C TYR J 10 27.44 0.35 4.49
N GLU J 11 27.01 -0.90 4.55
CA GLU J 11 27.28 -1.86 3.48
C GLU J 11 26.16 -2.90 3.40
N VAL J 12 25.92 -3.40 2.19
CA VAL J 12 24.88 -4.41 1.99
C VAL J 12 25.47 -5.68 1.39
N HIS J 13 24.74 -6.78 1.54
CA HIS J 13 25.20 -8.06 1.02
C HIS J 13 24.04 -9.04 0.90
N HIS J 14 23.39 -9.03 -0.26
CA HIS J 14 22.26 -9.92 -0.50
C HIS J 14 22.64 -11.04 -1.45
N GLN J 15 21.65 -11.65 -2.09
CA GLN J 15 21.91 -12.73 -3.02
C GLN J 15 20.94 -12.65 -4.21
N LYS J 16 19.72 -12.19 -3.95
CA LYS J 16 18.72 -12.07 -5.00
C LYS J 16 18.66 -10.64 -5.51
N LEU J 17 17.84 -9.82 -4.86
CA LEU J 17 17.69 -8.43 -5.26
C LEU J 17 17.39 -7.55 -4.04
N VAL J 18 17.89 -6.33 -4.06
CA VAL J 18 17.67 -5.40 -2.95
C VAL J 18 17.71 -3.96 -3.43
N PHE J 19 16.95 -3.10 -2.74
CA PHE J 19 16.90 -1.68 -3.10
C PHE J 19 16.51 -0.85 -1.90
N PHE J 20 16.91 0.42 -1.91
CA PHE J 20 16.59 1.32 -0.80
C PHE J 20 17.28 2.66 -0.96
N ALA J 21 17.15 3.51 0.06
CA ALA J 21 17.76 4.84 0.04
C ALA J 21 18.46 5.12 1.36
N GLU J 22 19.78 5.23 1.32
CA GLU J 22 20.55 5.50 2.53
C GLU J 22 20.90 6.98 2.63
N ASP J 23 20.28 7.67 3.57
CA ASP J 23 20.53 9.09 3.76
C ASP J 23 20.94 9.38 5.20
N VAL J 24 22.06 10.06 5.37
CA VAL J 24 22.56 10.39 6.71
C VAL J 24 23.14 11.79 6.74
N GLY J 25 23.56 12.23 7.92
CA GLY J 25 24.14 13.55 8.07
C GLY J 25 23.07 14.59 8.40
N SER J 26 22.66 15.35 7.39
CA SER J 26 21.63 16.36 7.57
C SER J 26 20.66 16.38 6.40
N ASN J 27 19.39 16.12 6.67
CA ASN J 27 18.38 16.10 5.64
C ASN J 27 17.67 17.45 5.54
N LYS J 28 16.81 17.60 4.56
CA LYS J 28 16.08 18.85 4.37
C LYS J 28 14.67 18.73 4.94
N GLY J 29 14.16 19.84 5.49
CA GLY J 29 12.82 19.86 6.07
C GLY J 29 11.78 20.11 4.99
N ALA J 30 11.04 19.06 4.63
CA ALA J 30 10.01 19.19 3.62
C ALA J 30 9.12 17.94 3.60
N ILE J 31 9.06 17.28 2.45
CA ILE J 31 8.25 16.07 2.31
C ILE J 31 8.94 15.10 1.35
N ILE J 32 8.80 13.81 1.62
CA ILE J 32 9.41 12.78 0.77
C ILE J 32 8.55 11.52 0.77
N GLY J 33 8.55 10.82 -0.37
CA GLY J 33 7.77 9.60 -0.48
C GLY J 33 8.42 8.64 -1.48
N LEU J 34 8.25 7.35 -1.24
CA LEU J 34 8.83 6.34 -2.12
C LEU J 34 7.97 5.08 -2.12
N MET J 35 7.94 4.39 -3.25
CA MET J 35 7.15 3.16 -3.37
C MET J 35 7.77 2.23 -4.40
N VAL J 36 7.58 0.92 -4.20
CA VAL J 36 8.12 -0.07 -5.13
C VAL J 36 7.34 -1.37 -5.03
N GLY J 37 7.37 -2.15 -6.11
CA GLY J 37 6.65 -3.42 -6.14
C GLY J 37 7.29 -4.37 -7.14
N GLY J 38 7.11 -5.68 -6.91
CA GLY J 38 7.68 -6.69 -7.81
C GLY J 38 6.82 -7.95 -7.81
N VAL J 39 6.81 -8.64 -8.95
CA VAL J 39 6.02 -9.87 -9.06
C VAL J 39 6.90 -11.09 -8.79
N VAL J 40 6.33 -12.07 -8.10
CA VAL J 40 7.06 -13.29 -7.77
C VAL J 40 8.36 -12.96 -7.05
P 2PO K . -27.60 -5.63 -11.84
O1P 2PO K . -26.86 -6.46 -10.72
O2P 2PO K . -27.10 -6.22 -13.23
O3P 2PO K . -29.09 -5.52 -11.71
P 2PO L . -23.55 -3.67 -16.60
O1P 2PO L . -24.31 -3.44 -17.95
O2P 2PO L . -22.01 -3.88 -16.95
O3P 2PO L . -24.12 -4.71 -15.68
P 2PO M . -19.85 -3.86 -21.82
O1P 2PO M . -19.21 -2.60 -22.53
O2P 2PO M . -19.12 -3.99 -20.41
O3P 2PO M . -19.90 -5.12 -22.62
P 2PO N . -14.53 0.20 -19.52
O1P 2PO N . -15.79 -0.73 -19.78
O2P 2PO N . -14.97 1.26 -18.43
O3P 2PO N . -13.25 -0.51 -19.24
P 2PO O . -17.80 -0.63 -25.69
O1P 2PO O . -19.19 -0.83 -24.96
O2P 2PO O . -18.07 -0.82 -27.24
O3P 2PO O . -16.66 -1.41 -25.15
P 2PO P . 19.54 2.62 24.18
O1P 2PO P . 18.24 2.82 25.06
O2P 2PO P . 19.18 3.13 22.72
O3P 2PO P . 20.82 3.15 24.75
P 2PO Q . 21.17 3.77 17.29
O1P 2PO Q . 20.45 4.04 18.67
O2P 2PO Q . 21.48 5.18 16.66
O3P 2PO Q . 20.49 2.80 16.39
P 2PO R . 25.89 6.28 18.59
O1P 2PO R . 27.01 6.55 17.53
O2P 2PO R . 26.22 7.19 19.85
O3P 2PO R . 24.48 6.38 18.10
P 2PO S . 27.56 7.72 12.75
O1P 2PO S . 27.04 8.16 14.17
O2P 2PO S . 26.47 8.19 11.70
O3P 2PO S . 28.96 8.11 12.43
P 2PO T . 29.65 10.43 7.55
O1P 2PO T . 30.72 11.04 6.57
O2P 2PO T . 29.78 11.22 8.92
O3P 2PO T . 28.26 10.32 7.02
N ASP A 1 -34.40 -16.13 -11.41
CA ASP A 1 -33.38 -15.47 -10.56
C ASP A 1 -32.98 -14.13 -11.18
N ALA A 2 -31.72 -13.76 -11.03
CA ALA A 2 -31.23 -12.50 -11.57
C ALA A 2 -32.09 -11.33 -11.08
N GLU A 3 -31.59 -10.12 -11.29
CA GLU A 3 -32.32 -8.93 -10.86
C GLU A 3 -33.46 -8.61 -11.84
N PHE A 4 -34.68 -8.63 -11.32
CA PHE A 4 -35.84 -8.35 -12.16
C PHE A 4 -35.69 -7.00 -12.86
N ARG A 5 -36.79 -6.52 -13.43
CA ARG A 5 -36.75 -5.23 -14.14
C ARG A 5 -35.80 -5.29 -15.33
N HIS A 6 -36.34 -5.03 -16.51
CA HIS A 6 -35.52 -5.07 -17.73
C HIS A 6 -34.19 -4.36 -17.49
N ASP A 7 -34.20 -3.03 -17.64
CA ASP A 7 -32.98 -2.25 -17.44
C ASP A 7 -32.69 -2.09 -15.95
N SER A 8 -31.48 -1.62 -15.65
CA SER A 8 -31.08 -1.43 -14.26
C SER A 8 -29.93 -0.43 -14.17
N GLY A 9 -29.68 0.08 -12.97
CA GLY A 9 -28.61 1.04 -12.77
C GLY A 9 -28.10 1.00 -11.32
N TYR A 10 -26.85 1.37 -11.12
CA TYR A 10 -26.26 1.38 -9.79
C TYR A 10 -25.19 2.45 -9.67
N GLU A 11 -25.05 3.02 -8.48
CA GLU A 11 -24.06 4.06 -8.25
C GLU A 11 -23.57 4.03 -6.81
N VAL A 12 -22.32 4.43 -6.60
CA VAL A 12 -21.74 4.44 -5.26
C VAL A 12 -21.43 5.87 -4.83
N HIS A 13 -21.52 6.12 -3.52
CA HIS A 13 -21.24 7.45 -3.00
C HIS A 13 -21.32 7.45 -1.47
N HIS A 14 -20.51 8.31 -0.84
CA HIS A 14 -20.49 8.40 0.61
C HIS A 14 -19.54 9.51 1.06
N GLN A 15 -19.31 9.59 2.37
CA GLN A 15 -18.42 10.61 2.92
C GLN A 15 -17.18 9.97 3.53
N LYS A 16 -16.35 10.79 4.17
CA LYS A 16 -15.14 10.29 4.79
C LYS A 16 -14.43 9.30 3.87
N LEU A 17 -14.60 8.01 4.15
CA LEU A 17 -13.98 6.98 3.33
C LEU A 17 -14.86 5.74 3.26
N VAL A 18 -14.84 5.05 2.13
CA VAL A 18 -15.65 3.85 1.97
C VAL A 18 -14.96 2.87 1.02
N PHE A 19 -15.16 1.58 1.28
CA PHE A 19 -14.55 0.55 0.45
C PHE A 19 -15.45 -0.69 0.39
N PHE A 20 -15.44 -1.38 -0.73
CA PHE A 20 -16.26 -2.58 -0.89
C PHE A 20 -15.70 -3.48 -1.99
N ALA A 21 -16.02 -4.77 -1.90
CA ALA A 21 -15.55 -5.73 -2.88
C ALA A 21 -16.60 -6.81 -3.11
N GLU A 22 -17.33 -6.70 -4.21
CA GLU A 22 -18.37 -7.68 -4.52
C GLU A 22 -19.02 -7.36 -5.86
N ASP A 23 -19.85 -8.28 -6.33
CA ASP A 23 -20.55 -8.09 -7.61
C ASP A 23 -21.99 -7.66 -7.38
N VAL A 24 -22.51 -6.84 -8.29
CA VAL A 24 -23.89 -6.37 -8.17
C VAL A 24 -24.84 -7.31 -8.89
N GLY A 25 -25.57 -8.11 -8.12
CA GLY A 25 -26.52 -9.05 -8.69
C GLY A 25 -26.73 -10.24 -7.77
N SER A 26 -25.95 -11.30 -8.00
CA SER A 26 -26.05 -12.51 -7.17
C SER A 26 -24.67 -13.01 -6.79
N ASN A 27 -24.59 -13.76 -5.69
CA ASN A 27 -23.32 -14.30 -5.22
C ASN A 27 -23.30 -15.82 -5.38
N LYS A 28 -22.28 -16.31 -6.10
CA LYS A 28 -22.14 -17.74 -6.31
C LYS A 28 -21.22 -18.36 -5.26
N GLY A 29 -20.82 -19.61 -5.49
CA GLY A 29 -19.94 -20.29 -4.56
C GLY A 29 -18.55 -19.66 -4.54
N ALA A 30 -18.37 -18.70 -3.65
CA ALA A 30 -17.08 -18.00 -3.54
C ALA A 30 -16.88 -17.50 -2.12
N ILE A 31 -15.87 -16.65 -1.94
CA ILE A 31 -15.57 -16.10 -0.62
C ILE A 31 -15.03 -14.67 -0.77
N ILE A 32 -15.38 -13.82 0.19
CA ILE A 32 -14.94 -12.43 0.15
C ILE A 32 -14.77 -11.88 1.56
N GLY A 33 -13.81 -10.98 1.74
CA GLY A 33 -13.56 -10.38 3.05
C GLY A 33 -13.01 -8.97 2.90
N LEU A 34 -13.34 -8.11 3.87
CA LEU A 34 -12.87 -6.73 3.83
C LEU A 34 -12.71 -6.20 5.25
N MET A 35 -11.74 -5.30 5.43
CA MET A 35 -11.49 -4.71 6.74
C MET A 35 -10.94 -3.30 6.59
N VAL A 36 -11.29 -2.44 7.54
CA VAL A 36 -10.84 -1.05 7.51
C VAL A 36 -10.65 -0.51 8.92
N GLY A 37 -9.68 0.38 9.09
CA GLY A 37 -9.41 0.97 10.40
C GLY A 37 -8.79 2.36 10.26
N GLY A 38 -9.06 3.23 11.22
CA GLY A 38 -8.53 4.58 11.20
C GLY A 38 -8.39 5.15 12.60
N VAL A 39 -7.45 6.08 12.78
CA VAL A 39 -7.23 6.69 14.07
C VAL A 39 -7.52 8.19 14.01
N VAL A 40 -8.34 8.67 14.94
CA VAL A 40 -8.67 10.09 14.97
C VAL A 40 -8.90 10.55 16.41
N ASP B 1 -24.37 -17.19 -19.17
CA ASP B 1 -25.58 -16.75 -19.93
C ASP B 1 -26.36 -15.73 -19.10
N ALA B 2 -26.33 -14.48 -19.54
CA ALA B 2 -27.03 -13.43 -18.83
C ALA B 2 -26.90 -12.09 -19.56
N GLU B 3 -27.57 -11.07 -19.07
CA GLU B 3 -27.52 -9.75 -19.68
C GLU B 3 -27.67 -9.86 -21.20
N PHE B 4 -28.62 -10.68 -21.63
CA PHE B 4 -28.86 -10.87 -23.05
C PHE B 4 -28.91 -9.52 -23.78
N ARG B 5 -29.53 -8.54 -23.14
CA ARG B 5 -29.64 -7.20 -23.73
C ARG B 5 -30.05 -6.18 -22.68
N HIS B 6 -31.20 -5.55 -22.87
CA HIS B 6 -31.69 -4.56 -21.93
C HIS B 6 -30.64 -3.47 -21.71
N ASP B 7 -31.07 -2.35 -21.15
CA ASP B 7 -30.17 -1.24 -20.88
C ASP B 7 -29.52 -1.38 -19.51
N SER B 8 -28.39 -0.72 -19.32
CA SER B 8 -27.67 -0.79 -18.05
C SER B 8 -26.60 0.30 -17.98
N GLY B 9 -26.44 0.88 -16.80
CA GLY B 9 -25.44 1.93 -16.61
C GLY B 9 -25.08 2.08 -15.14
N TYR B 10 -23.89 2.62 -14.88
CA TYR B 10 -23.43 2.81 -13.51
C TYR B 10 -22.43 3.95 -13.44
N GLU B 11 -22.33 4.57 -12.26
CA GLU B 11 -21.39 5.67 -12.07
C GLU B 11 -20.97 5.76 -10.60
N VAL B 12 -19.75 6.25 -10.37
CA VAL B 12 -19.24 6.38 -9.02
C VAL B 12 -18.98 7.85 -8.68
N HIS B 13 -19.37 8.25 -7.48
CA HIS B 13 -19.18 9.63 -7.03
C HIS B 13 -18.98 9.70 -5.52
N HIS B 14 -17.76 9.98 -5.09
CA HIS B 14 -17.46 10.06 -3.67
C HIS B 14 -16.93 11.44 -3.32
N GLN B 15 -16.50 11.61 -2.08
CA GLN B 15 -15.97 12.89 -1.62
C GLN B 15 -14.50 12.77 -1.23
N LYS B 16 -14.25 12.50 0.04
CA LYS B 16 -12.87 12.37 0.53
C LYS B 16 -12.11 11.35 -0.32
N LEU B 17 -12.23 10.07 0.02
CA LEU B 17 -11.54 9.04 -0.73
C LEU B 17 -12.40 7.77 -0.78
N VAL B 18 -12.35 7.07 -1.91
CA VAL B 18 -13.13 5.84 -2.08
C VAL B 18 -12.39 4.85 -2.97
N PHE B 19 -12.55 3.57 -2.66
CA PHE B 19 -11.89 2.53 -3.45
C PHE B 19 -12.65 1.21 -3.34
N PHE B 20 -12.55 0.38 -4.36
CA PHE B 20 -13.24 -0.91 -4.36
C PHE B 20 -13.13 -1.60 -5.72
N ALA B 21 -13.87 -2.69 -5.87
CA ALA B 21 -13.88 -3.44 -7.12
C ALA B 21 -15.30 -3.64 -7.61
N GLU B 22 -15.61 -3.07 -8.77
CA GLU B 22 -16.95 -3.18 -9.34
C GLU B 22 -17.03 -4.37 -10.28
N ASP B 23 -18.11 -5.15 -10.13
CA ASP B 23 -18.31 -6.33 -10.97
C ASP B 23 -19.80 -6.62 -11.12
N VAL B 24 -20.32 -6.46 -12.33
CA VAL B 24 -21.73 -6.71 -12.58
C VAL B 24 -21.92 -7.97 -13.43
N GLY B 25 -23.17 -8.28 -13.76
CA GLY B 25 -23.46 -9.46 -14.57
C GLY B 25 -23.65 -10.68 -13.68
N SER B 26 -22.57 -11.46 -13.53
CA SER B 26 -22.63 -12.67 -12.70
C SER B 26 -21.23 -13.06 -12.25
N ASN B 27 -21.03 -13.10 -10.93
CA ASN B 27 -19.73 -13.47 -10.39
C ASN B 27 -19.53 -14.98 -10.46
N LYS B 28 -18.27 -15.40 -10.57
CA LYS B 28 -17.95 -16.82 -10.66
C LYS B 28 -17.31 -17.30 -9.37
N GLY B 29 -17.06 -18.60 -9.28
CA GLY B 29 -16.44 -19.18 -8.09
C GLY B 29 -14.99 -18.74 -7.96
N ALA B 30 -14.76 -17.73 -7.12
CA ALA B 30 -13.41 -17.22 -6.92
C ALA B 30 -13.24 -16.68 -5.50
N ILE B 31 -12.26 -15.81 -5.32
CA ILE B 31 -12.01 -15.22 -4.01
C ILE B 31 -11.53 -13.78 -4.17
N ILE B 32 -11.92 -12.92 -3.24
CA ILE B 32 -11.51 -11.52 -3.28
C ILE B 32 -11.36 -10.96 -1.87
N GLY B 33 -10.39 -10.06 -1.71
CA GLY B 33 -10.15 -9.46 -0.40
C GLY B 33 -9.49 -8.09 -0.54
N LEU B 34 -9.72 -7.22 0.44
CA LEU B 34 -9.13 -5.89 0.40
C LEU B 34 -9.15 -5.25 1.78
N MET B 35 -8.31 -4.24 1.97
CA MET B 35 -8.21 -3.54 3.24
C MET B 35 -7.81 -2.08 3.02
N VAL B 36 -8.27 -1.20 3.90
CA VAL B 36 -7.96 0.22 3.78
C VAL B 36 -7.87 0.86 5.16
N GLY B 37 -6.98 1.83 5.30
CA GLY B 37 -6.81 2.51 6.59
C GLY B 37 -6.32 3.95 6.38
N GLY B 38 -6.69 4.82 7.29
CA GLY B 38 -6.29 6.22 7.21
C GLY B 38 -6.21 6.85 8.60
N VAL B 39 -5.32 7.83 8.75
CA VAL B 39 -5.16 8.50 10.03
C VAL B 39 -5.27 10.02 9.86
N VAL B 40 -5.83 10.68 10.87
CA VAL B 40 -6.00 12.12 10.81
C VAL B 40 -4.89 12.82 11.62
N ASP C 1 -21.64 -13.21 -26.09
CA ASP C 1 -22.54 -14.04 -25.23
C ASP C 1 -23.05 -13.21 -24.07
N ALA C 2 -23.04 -11.90 -24.24
CA ALA C 2 -23.51 -10.99 -23.19
C ALA C 2 -23.59 -9.56 -23.73
N GLU C 3 -22.44 -8.99 -24.09
CA GLU C 3 -22.41 -7.63 -24.61
C GLU C 3 -22.19 -7.65 -26.12
N PHE C 4 -23.01 -6.89 -26.84
CA PHE C 4 -22.90 -6.82 -28.29
C PHE C 4 -23.56 -5.55 -28.82
N ARG C 5 -24.76 -5.27 -28.33
CA ARG C 5 -25.49 -4.07 -28.77
C ARG C 5 -24.78 -2.81 -28.27
N HIS C 6 -25.48 -1.69 -28.34
CA HIS C 6 -24.92 -0.42 -27.90
C HIS C 6 -25.94 0.36 -27.07
N ASP C 7 -25.81 0.26 -25.75
CA ASP C 7 -26.73 0.96 -24.86
C ASP C 7 -26.13 1.07 -23.45
N SER C 8 -25.10 0.27 -23.19
CA SER C 8 -24.45 0.29 -21.89
C SER C 8 -23.44 1.43 -21.81
N GLY C 9 -23.35 2.05 -20.63
CA GLY C 9 -22.42 3.16 -20.44
C GLY C 9 -21.95 3.22 -18.99
N TYR C 10 -20.72 3.68 -18.80
CA TYR C 10 -20.15 3.78 -17.46
C TYR C 10 -19.20 4.97 -17.37
N GLU C 11 -19.17 5.62 -16.22
CA GLU C 11 -18.30 6.78 -16.03
C GLU C 11 -17.92 6.93 -14.55
N VAL C 12 -16.75 7.49 -14.31
CA VAL C 12 -16.28 7.69 -12.94
C VAL C 12 -15.88 9.15 -12.71
N HIS C 13 -16.23 9.67 -11.54
CA HIS C 13 -15.91 11.05 -11.20
C HIS C 13 -16.14 11.31 -9.72
N HIS C 14 -15.08 11.70 -9.02
CA HIS C 14 -15.18 11.98 -7.59
C HIS C 14 -14.34 13.19 -7.21
N GLN C 15 -13.99 13.29 -5.93
CA GLN C 15 -13.18 14.40 -5.45
C GLN C 15 -11.91 13.88 -4.78
N LYS C 16 -11.23 14.77 -4.05
CA LYS C 16 -10.01 14.40 -3.36
C LYS C 16 -9.22 13.38 -4.18
N LEU C 17 -9.33 12.11 -3.82
CA LEU C 17 -8.62 11.06 -4.55
C LEU C 17 -9.43 9.77 -4.55
N VAL C 18 -9.36 9.02 -5.65
CA VAL C 18 -10.10 7.76 -5.76
C VAL C 18 -9.32 6.77 -6.63
N PHE C 19 -9.45 5.49 -6.30
CA PHE C 19 -8.77 4.45 -7.06
C PHE C 19 -9.50 3.11 -6.93
N PHE C 20 -9.35 2.26 -7.94
CA PHE C 20 -10.00 0.96 -7.92
C PHE C 20 -9.86 0.24 -9.26
N ALA C 21 -10.58 -0.87 -9.40
CA ALA C 21 -10.54 -1.65 -10.64
C ALA C 21 -11.92 -1.70 -11.28
N GLU C 22 -12.00 -1.23 -12.52
CA GLU C 22 -13.27 -1.23 -13.24
C GLU C 22 -13.40 -2.47 -14.12
N ASP C 23 -14.34 -3.34 -13.77
CA ASP C 23 -14.55 -4.56 -14.52
C ASP C 23 -16.05 -4.86 -14.66
N VAL C 24 -16.56 -4.71 -15.87
CA VAL C 24 -17.98 -4.96 -16.12
C VAL C 24 -18.17 -6.16 -17.03
N GLY C 25 -19.42 -6.51 -17.31
CA GLY C 25 -19.71 -7.65 -18.16
C GLY C 25 -19.77 -8.94 -17.36
N SER C 26 -18.66 -9.67 -17.35
CA SER C 26 -18.59 -10.92 -16.60
C SER C 26 -17.18 -11.16 -16.07
N ASN C 27 -17.10 -11.69 -14.85
CA ASN C 27 -15.81 -11.96 -14.23
C ASN C 27 -15.38 -13.40 -14.50
N LYS C 28 -14.15 -13.72 -14.11
CA LYS C 28 -13.63 -15.07 -14.31
C LYS C 28 -13.29 -15.72 -12.97
N GLY C 29 -13.03 -17.02 -12.99
CA GLY C 29 -12.69 -17.74 -11.76
C GLY C 29 -11.20 -17.64 -11.46
N ALA C 30 -10.86 -16.75 -10.53
CA ALA C 30 -9.46 -16.55 -10.16
C ALA C 30 -9.35 -15.94 -8.76
N ILE C 31 -8.42 -15.01 -8.61
CA ILE C 31 -8.22 -14.35 -7.32
C ILE C 31 -7.82 -12.90 -7.53
N ILE C 32 -8.28 -12.02 -6.64
CA ILE C 32 -7.96 -10.60 -6.75
C ILE C 32 -7.86 -9.97 -5.37
N GLY C 33 -6.97 -9.00 -5.23
CA GLY C 33 -6.79 -8.31 -3.94
C GLY C 33 -6.35 -6.87 -4.16
N LEU C 34 -6.80 -5.98 -3.27
CA LEU C 34 -6.45 -4.58 -3.38
C LEU C 34 -6.37 -3.93 -2.00
N MET C 35 -5.49 -2.95 -1.86
CA MET C 35 -5.32 -2.26 -0.59
C MET C 35 -4.92 -0.81 -0.81
N VAL C 36 -5.38 0.08 0.06
CA VAL C 36 -5.07 1.50 -0.07
C VAL C 36 -5.04 2.16 1.30
N GLY C 37 -4.20 3.20 1.44
CA GLY C 37 -4.09 3.91 2.70
C GLY C 37 -3.68 5.36 2.48
N GLY C 38 -4.13 6.24 3.36
CA GLY C 38 -3.79 7.66 3.25
C GLY C 38 -3.75 8.32 4.62
N VAL C 39 -2.89 9.32 4.77
CA VAL C 39 -2.76 10.02 6.03
C VAL C 39 -2.91 11.53 5.84
N VAL C 40 -3.22 12.23 6.91
CA VAL C 40 -3.40 13.68 6.84
C VAL C 40 -2.71 14.36 8.02
N ASP D 1 -18.64 -14.18 -29.74
CA ASP D 1 -19.19 -12.85 -30.15
C ASP D 1 -19.21 -11.93 -28.95
N ALA D 2 -18.18 -11.08 -28.84
CA ALA D 2 -18.09 -10.14 -27.72
C ALA D 2 -16.97 -9.13 -27.97
N GLU D 3 -17.05 -8.00 -27.28
CA GLU D 3 -16.03 -6.95 -27.44
C GLU D 3 -15.79 -6.65 -28.91
N PHE D 4 -16.39 -5.58 -29.40
CA PHE D 4 -16.23 -5.20 -30.80
C PHE D 4 -16.48 -3.70 -30.98
N ARG D 5 -17.13 -3.34 -32.08
CA ARG D 5 -17.42 -1.94 -32.35
C ARG D 5 -16.16 -1.09 -32.25
N HIS D 6 -16.11 -0.22 -31.24
CA HIS D 6 -14.95 0.64 -31.05
C HIS D 6 -15.10 1.45 -29.77
N ASP D 7 -16.23 2.15 -29.65
CA ASP D 7 -16.48 2.97 -28.47
C ASP D 7 -17.47 2.28 -27.54
N SER D 8 -16.95 1.53 -26.58
CA SER D 8 -17.81 0.82 -25.63
C SER D 8 -18.62 1.81 -24.80
N GLY D 9 -18.53 3.09 -25.15
CA GLY D 9 -19.27 4.13 -24.44
C GLY D 9 -18.81 4.25 -22.99
N TYR D 10 -17.59 4.75 -22.81
CA TYR D 10 -17.05 4.93 -21.46
C TYR D 10 -16.20 6.19 -21.38
N GLU D 11 -16.26 6.89 -20.26
CA GLU D 11 -15.48 8.11 -20.09
C GLU D 11 -15.04 8.27 -18.64
N VAL D 12 -13.84 8.81 -18.43
CA VAL D 12 -13.33 9.00 -17.08
C VAL D 12 -13.18 10.49 -16.76
N HIS D 13 -13.41 10.85 -15.51
CA HIS D 13 -13.31 12.24 -15.09
C HIS D 13 -12.95 12.34 -13.61
N HIS D 14 -12.65 13.54 -13.15
CA HIS D 14 -12.30 13.74 -11.74
C HIS D 14 -12.15 15.23 -11.44
N GLN D 15 -11.68 15.54 -10.23
CA GLN D 15 -11.50 16.92 -9.83
C GLN D 15 -10.08 17.15 -9.30
N LYS D 16 -9.60 16.19 -8.50
CA LYS D 16 -8.25 16.28 -7.95
C LYS D 16 -7.31 15.31 -8.66
N LEU D 17 -7.29 14.07 -8.20
CA LEU D 17 -6.42 13.06 -8.80
C LEU D 17 -7.10 11.69 -8.73
N VAL D 18 -6.89 10.88 -9.76
CA VAL D 18 -7.48 9.54 -9.80
C VAL D 18 -6.58 8.57 -10.55
N PHE D 19 -6.60 7.32 -10.14
CA PHE D 19 -5.78 6.28 -10.78
C PHE D 19 -6.42 4.91 -10.62
N PHE D 20 -6.20 4.04 -11.60
CA PHE D 20 -6.77 2.70 -11.53
C PHE D 20 -6.50 1.92 -12.81
N ALA D 21 -7.09 0.73 -12.91
CA ALA D 21 -6.91 -0.12 -14.08
C ALA D 21 -8.27 -0.46 -14.69
N GLU D 22 -8.44 -0.10 -15.96
CA GLU D 22 -9.69 -0.37 -16.66
C GLU D 22 -9.61 -1.67 -17.44
N ASP D 23 -10.36 -2.67 -17.00
CA ASP D 23 -10.37 -3.98 -17.66
C ASP D 23 -11.80 -4.49 -17.80
N VAL D 24 -12.29 -4.53 -19.03
CA VAL D 24 -13.64 -5.01 -19.28
C VAL D 24 -13.67 -5.94 -20.50
N GLY D 25 -14.83 -6.53 -20.75
CA GLY D 25 -14.97 -7.44 -21.89
C GLY D 25 -14.81 -8.89 -21.44
N SER D 26 -13.56 -9.35 -21.39
CA SER D 26 -13.29 -10.72 -20.98
C SER D 26 -11.94 -10.81 -20.28
N ASN D 27 -11.96 -11.10 -18.98
CA ASN D 27 -10.73 -11.20 -18.21
C ASN D 27 -10.20 -12.64 -18.24
N LYS D 28 -8.96 -12.82 -17.78
CA LYS D 28 -8.35 -14.14 -17.77
C LYS D 28 -8.37 -14.72 -16.36
N GLY D 29 -8.14 -16.03 -16.25
CA GLY D 29 -8.12 -16.70 -14.96
C GLY D 29 -6.69 -16.81 -14.44
N ALA D 30 -6.33 -15.91 -13.53
CA ALA D 30 -4.99 -15.91 -12.95
C ALA D 30 -4.98 -15.22 -11.60
N ILE D 31 -4.13 -14.21 -11.47
CA ILE D 31 -4.04 -13.45 -10.22
C ILE D 31 -3.75 -11.98 -10.51
N ILE D 32 -4.31 -11.10 -9.70
CA ILE D 32 -4.10 -9.67 -9.89
C ILE D 32 -4.12 -8.95 -8.54
N GLY D 33 -3.30 -7.90 -8.43
CA GLY D 33 -3.23 -7.14 -7.18
C GLY D 33 -2.84 -5.69 -7.45
N LEU D 34 -3.31 -4.78 -6.61
CA LEU D 34 -3.00 -3.37 -6.77
C LEU D 34 -2.99 -2.67 -5.41
N MET D 35 -2.16 -1.64 -5.29
CA MET D 35 -2.06 -0.89 -4.04
C MET D 35 -1.75 0.57 -4.33
N VAL D 36 -2.29 1.46 -3.51
CA VAL D 36 -2.06 2.90 -3.69
C VAL D 36 -2.07 3.62 -2.36
N GLY D 37 -1.29 4.68 -2.25
CA GLY D 37 -1.23 5.46 -1.02
C GLY D 37 -0.88 6.92 -1.30
N GLY D 38 -1.40 7.82 -0.47
CA GLY D 38 -1.13 9.24 -0.64
C GLY D 38 -1.14 9.96 0.69
N VAL D 39 -0.33 11.01 0.79
CA VAL D 39 -0.26 11.80 2.03
C VAL D 39 -0.84 13.19 1.83
N VAL D 40 -1.69 13.60 2.76
CA VAL D 40 -2.32 14.92 2.68
C VAL D 40 -3.03 15.09 1.34
N ASP E 1 -10.97 -13.56 -29.47
CA ASP E 1 -10.43 -12.55 -30.41
C ASP E 1 -10.85 -11.15 -29.97
N ALA E 2 -9.92 -10.44 -29.34
CA ALA E 2 -10.21 -9.09 -28.87
C ALA E 2 -8.91 -8.34 -28.56
N GLU E 3 -7.80 -8.87 -29.07
CA GLU E 3 -6.50 -8.25 -28.85
C GLU E 3 -6.21 -7.22 -29.95
N PHE E 4 -7.27 -6.74 -30.59
CA PHE E 4 -7.12 -5.76 -31.65
C PHE E 4 -7.16 -4.34 -31.08
N ARG E 5 -8.29 -3.67 -31.29
CA ARG E 5 -8.46 -2.31 -30.78
C ARG E 5 -9.91 -2.06 -30.37
N HIS E 6 -10.43 -2.92 -29.51
CA HIS E 6 -11.79 -2.79 -29.04
C HIS E 6 -11.85 -2.82 -27.52
N ASP E 7 -11.22 -1.82 -26.89
CA ASP E 7 -11.20 -1.74 -25.44
C ASP E 7 -12.35 -0.88 -24.93
N SER E 8 -12.32 -0.55 -23.64
CA SER E 8 -13.37 0.27 -23.05
C SER E 8 -13.78 1.39 -24.02
N GLY E 9 -14.95 1.97 -23.79
CA GLY E 9 -15.45 3.04 -24.64
C GLY E 9 -14.47 4.21 -24.65
N TYR E 10 -14.37 4.91 -23.51
CA TYR E 10 -13.48 6.04 -23.40
C TYR E 10 -13.24 6.42 -21.94
N GLU E 11 -12.20 7.20 -21.71
CA GLU E 11 -11.86 7.62 -20.36
C GLU E 11 -11.14 8.97 -20.39
N VAL E 12 -11.31 9.77 -19.33
CA VAL E 12 -10.66 11.07 -19.27
C VAL E 12 -11.42 12.09 -20.12
N HIS E 13 -11.84 13.18 -19.48
CA HIS E 13 -12.57 14.22 -20.19
C HIS E 13 -11.96 15.59 -19.89
N HIS E 14 -11.86 15.92 -18.61
CA HIS E 14 -11.29 17.20 -18.19
C HIS E 14 -11.24 17.30 -16.68
N GLN E 15 -10.03 17.38 -16.13
CA GLN E 15 -9.87 17.48 -14.68
C GLN E 15 -8.44 17.91 -14.34
N LYS E 16 -8.08 17.75 -13.07
CA LYS E 16 -6.74 18.12 -12.62
C LYS E 16 -5.70 17.21 -13.25
N LEU E 17 -5.56 16.00 -12.70
CA LEU E 17 -4.60 15.04 -13.22
C LEU E 17 -5.12 13.62 -13.06
N VAL E 18 -4.79 12.76 -14.02
CA VAL E 18 -5.24 11.37 -13.97
C VAL E 18 -4.21 10.45 -14.63
N PHE E 19 -4.11 9.23 -14.11
CA PHE E 19 -3.18 8.26 -14.65
C PHE E 19 -3.69 6.84 -14.43
N PHE E 20 -3.38 5.94 -15.35
CA PHE E 20 -3.83 4.56 -15.23
C PHE E 20 -3.52 3.76 -16.49
N ALA E 21 -4.07 2.55 -16.56
CA ALA E 21 -3.85 1.68 -17.71
C ALA E 21 -5.18 1.11 -18.19
N GLU E 22 -5.68 1.64 -19.31
CA GLU E 22 -6.94 1.19 -19.87
C GLU E 22 -6.71 0.46 -21.19
N ASP E 23 -6.92 -0.85 -21.18
CA ASP E 23 -6.74 -1.66 -22.39
C ASP E 23 -7.84 -2.70 -22.51
N VAL E 24 -8.02 -3.23 -23.71
CA VAL E 24 -9.05 -4.24 -23.95
C VAL E 24 -8.76 -5.49 -23.13
N GLY E 25 -9.79 -6.32 -22.96
CA GLY E 25 -9.62 -7.56 -22.20
C GLY E 25 -8.32 -8.26 -22.56
N SER E 26 -7.21 -7.73 -22.03
CA SER E 26 -5.91 -8.31 -22.31
C SER E 26 -5.52 -9.28 -21.19
N ASN E 27 -4.55 -10.15 -21.48
CA ASN E 27 -4.08 -11.12 -20.49
C ASN E 27 -2.57 -11.28 -20.56
N LYS E 28 -1.89 -10.78 -19.53
CA LYS E 28 -0.43 -10.89 -19.47
C LYS E 28 -0.01 -12.14 -18.73
N GLY E 29 1.17 -12.10 -18.11
CA GLY E 29 1.67 -13.23 -17.36
C GLY E 29 0.58 -13.78 -16.44
N ALA E 30 0.79 -15.01 -15.96
CA ALA E 30 -0.18 -15.63 -15.06
C ALA E 30 -0.35 -14.80 -13.79
N ILE E 31 0.32 -13.65 -13.75
CA ILE E 31 0.24 -12.78 -12.59
C ILE E 31 0.44 -11.33 -13.00
N ILE E 32 -0.22 -10.42 -12.29
CA ILE E 32 -0.10 -9.00 -12.58
C ILE E 32 -0.21 -8.17 -11.30
N GLY E 33 0.51 -7.07 -11.25
CA GLY E 33 0.48 -6.20 -10.07
C GLY E 33 0.86 -4.77 -10.42
N LEU E 34 0.38 -3.82 -9.62
CA LEU E 34 0.67 -2.41 -9.86
C LEU E 34 0.59 -1.63 -8.56
N MET E 35 1.33 -0.53 -8.49
CA MET E 35 1.34 0.30 -7.29
C MET E 35 1.61 1.76 -7.67
N VAL E 36 1.01 2.69 -6.92
CA VAL E 36 1.19 4.11 -7.19
C VAL E 36 0.91 4.93 -5.94
N GLY E 37 1.49 6.13 -5.89
CA GLY E 37 1.30 7.01 -4.75
C GLY E 37 1.51 8.48 -5.14
N GLY E 38 0.88 9.38 -4.40
CA GLY E 38 1.00 10.79 -4.68
C GLY E 38 0.81 11.62 -3.41
N VAL E 39 1.46 12.78 -3.36
CA VAL E 39 1.37 13.66 -2.20
C VAL E 39 0.78 15.01 -2.59
N VAL E 40 -0.21 15.47 -1.84
CA VAL E 40 -0.84 16.76 -2.12
C VAL E 40 -0.13 17.88 -1.36
N ASP F 1 12.38 5.28 35.13
CA ASP F 1 13.67 5.83 34.64
C ASP F 1 14.03 5.14 33.33
N ALA F 2 15.31 5.22 32.96
CA ALA F 2 15.77 4.60 31.72
C ALA F 2 15.79 3.08 31.86
N GLU F 3 16.21 2.41 30.80
CA GLU F 3 16.27 0.95 30.81
C GLU F 3 17.26 0.46 31.87
N PHE F 4 18.05 -0.56 31.52
CA PHE F 4 19.02 -1.11 32.45
C PHE F 4 20.14 -1.82 31.70
N ARG F 5 21.04 -2.45 32.45
CA ARG F 5 22.16 -3.17 31.84
C ARG F 5 22.98 -2.24 30.96
N HIS F 6 24.26 -2.54 30.83
CA HIS F 6 25.15 -1.72 30.01
C HIS F 6 25.01 -2.08 28.54
N ASP F 7 25.59 -1.24 27.67
CA ASP F 7 25.52 -1.48 26.23
C ASP F 7 24.10 -1.90 25.84
N SER F 8 23.29 -0.93 25.43
CA SER F 8 21.93 -1.21 25.02
C SER F 8 21.89 -1.83 23.62
N GLY F 9 21.04 -2.82 23.42
CA GLY F 9 20.92 -3.49 22.13
C GLY F 9 19.54 -4.09 21.96
N TYR F 10 19.11 -4.23 20.71
CA TYR F 10 17.79 -4.80 20.42
C TYR F 10 17.80 -5.51 19.07
N GLU F 11 16.99 -6.56 18.96
CA GLU F 11 16.90 -7.32 17.72
C GLU F 11 15.51 -7.92 17.56
N VAL F 12 15.07 -8.06 16.31
CA VAL F 12 13.75 -8.62 16.05
C VAL F 12 13.85 -9.76 15.02
N HIS F 13 13.01 -10.78 15.20
CA HIS F 13 13.00 -11.92 14.29
C HIS F 13 11.89 -12.89 14.65
N HIS F 14 11.90 -14.06 14.03
CA HIS F 14 10.88 -15.07 14.28
C HIS F 14 9.55 -14.68 13.63
N GLN F 15 8.53 -15.50 13.85
CA GLN F 15 7.21 -15.23 13.29
C GLN F 15 7.26 -15.28 11.76
N LYS F 16 6.17 -15.74 11.16
CA LYS F 16 6.09 -15.84 9.70
C LYS F 16 6.00 -14.46 9.08
N LEU F 17 5.09 -13.63 9.59
CA LEU F 17 4.90 -12.29 9.09
C LEU F 17 4.42 -11.37 10.21
N VAL F 18 4.85 -10.11 10.16
CA VAL F 18 4.44 -9.15 11.20
C VAL F 18 5.21 -7.84 11.05
N PHE F 19 5.09 -6.99 12.07
CA PHE F 19 5.75 -5.69 12.07
C PHE F 19 6.04 -5.25 13.51
N PHE F 20 7.08 -4.45 13.69
CA PHE F 20 7.43 -3.97 15.03
C PHE F 20 8.11 -2.62 14.96
N ALA F 21 7.92 -1.80 15.99
CA ALA F 21 8.52 -0.48 16.04
C ALA F 21 9.45 -0.37 17.25
N GLU F 22 10.68 0.06 17.02
CA GLU F 22 11.65 0.20 18.11
C GLU F 22 11.42 1.51 18.86
N ASP F 23 11.43 1.42 20.18
CA ASP F 23 11.22 2.61 21.01
C ASP F 23 11.77 2.37 22.43
N VAL F 24 13.06 2.57 22.60
CA VAL F 24 13.69 2.37 23.90
C VAL F 24 13.74 3.67 24.68
N GLY F 25 14.29 3.62 25.89
CA GLY F 25 14.40 4.81 26.73
C GLY F 25 13.10 5.04 27.49
N SER F 26 12.33 6.03 27.06
CA SER F 26 11.06 6.35 27.72
C SER F 26 10.05 6.87 26.71
N ASN F 27 8.77 6.71 27.03
CA ASN F 27 7.71 7.16 26.13
C ASN F 27 7.35 8.62 26.44
N LYS F 28 7.40 9.45 25.40
CA LYS F 28 7.08 10.87 25.56
C LYS F 28 5.62 11.13 25.21
N GLY F 29 5.23 12.41 25.19
CA GLY F 29 3.86 12.78 24.87
C GLY F 29 3.60 12.64 23.38
N ALA F 30 3.38 11.41 22.93
CA ALA F 30 3.11 11.15 21.52
C ALA F 30 2.05 10.07 21.36
N ILE F 31 1.91 9.54 20.15
CA ILE F 31 0.93 8.49 19.90
C ILE F 31 1.46 7.53 18.85
N ILE F 32 1.13 6.24 19.01
CA ILE F 32 1.59 5.23 18.07
C ILE F 32 0.53 4.13 17.92
N GLY F 33 0.42 3.58 16.72
CA GLY F 33 -0.55 2.53 16.45
C GLY F 33 -0.07 1.63 15.33
N LEU F 34 -0.43 0.35 15.39
CA LEU F 34 -0.01 -0.61 14.36
C LEU F 34 -1.01 -1.76 14.24
N MET F 35 -1.08 -2.34 13.05
CA MET F 35 -1.99 -3.46 12.81
C MET F 35 -1.44 -4.36 11.70
N VAL F 36 -1.75 -5.65 11.78
CA VAL F 36 -1.28 -6.61 10.78
C VAL F 36 -2.24 -7.78 10.64
N GLY F 37 -2.26 -8.40 9.46
CA GLY F 37 -3.13 -9.54 9.22
C GLY F 37 -4.60 -9.15 9.29
N GLY F 38 -5.08 -8.42 8.29
CA GLY F 38 -6.48 -8.00 8.26
C GLY F 38 -7.40 -9.21 8.20
N VAL F 39 -7.44 -9.87 7.05
CA VAL F 39 -8.30 -11.05 6.89
C VAL F 39 -7.45 -12.32 6.74
N VAL F 40 -7.76 -13.32 7.54
CA VAL F 40 -7.02 -14.58 7.48
C VAL F 40 -7.97 -15.74 7.16
N ASP G 1 15.98 12.42 30.53
CA ASP G 1 15.63 10.99 30.28
C ASP G 1 16.23 10.56 28.95
N ALA G 2 17.42 9.96 29.00
CA ALA G 2 18.08 9.50 27.80
C ALA G 2 19.10 8.40 28.12
N GLU G 3 19.54 7.69 27.10
CA GLU G 3 20.51 6.61 27.29
C GLU G 3 21.89 7.18 27.58
N PHE G 4 22.58 6.60 28.55
CA PHE G 4 23.92 7.05 28.91
C PHE G 4 24.93 5.91 28.81
N ARG G 5 24.46 4.75 28.37
CA ARG G 5 25.32 3.58 28.23
C ARG G 5 26.05 3.62 26.89
N HIS G 6 27.35 3.38 26.93
CA HIS G 6 28.15 3.39 25.71
C HIS G 6 27.99 2.07 24.96
N ASP G 7 28.42 2.06 23.69
CA ASP G 7 28.31 0.85 22.88
C ASP G 7 26.85 0.48 22.67
N SER G 8 26.50 0.18 21.42
CA SER G 8 25.13 -0.20 21.09
C SER G 8 25.05 -0.80 19.70
N GLY G 9 24.16 -1.77 19.52
CA GLY G 9 24.00 -2.43 18.23
C GLY G 9 22.61 -3.04 18.10
N TYR G 10 22.14 -3.17 16.85
CA TYR G 10 20.82 -3.74 16.61
C TYR G 10 20.76 -4.37 15.22
N GLU G 11 19.90 -5.36 15.05
CA GLU G 11 19.75 -6.04 13.77
C GLU G 11 18.33 -6.56 13.60
N VAL G 12 17.87 -6.62 12.36
CA VAL G 12 16.51 -7.10 12.07
C VAL G 12 16.55 -8.25 11.06
N HIS G 13 15.68 -9.23 11.27
CA HIS G 13 15.62 -10.37 10.37
C HIS G 13 14.49 -11.32 10.79
N HIS G 14 13.48 -11.44 9.93
CA HIS G 14 12.34 -12.31 10.22
C HIS G 14 12.18 -13.36 9.12
N GLN G 15 10.93 -13.64 8.75
CA GLN G 15 10.65 -14.62 7.71
C GLN G 15 9.61 -14.08 6.73
N LYS G 16 8.91 -14.99 6.05
CA LYS G 16 7.90 -14.60 5.08
C LYS G 16 8.07 -13.13 4.69
N LEU G 17 7.41 -12.24 5.42
CA LEU G 17 7.49 -10.82 5.15
C LEU G 17 7.41 -10.02 6.44
N VAL G 18 8.15 -8.91 6.51
CA VAL G 18 8.15 -8.07 7.70
C VAL G 18 8.39 -6.62 7.34
N PHE G 19 7.78 -5.72 8.11
CA PHE G 19 7.93 -4.29 7.85
C PHE G 19 7.65 -3.48 9.11
N PHE G 20 8.23 -2.29 9.19
CA PHE G 20 8.03 -1.44 10.35
C PHE G 20 9.01 -0.28 10.36
N ALA G 21 9.12 0.40 11.51
CA ALA G 21 10.03 1.53 11.64
C ALA G 21 10.99 1.31 12.81
N GLU G 22 12.28 1.50 12.55
CA GLU G 22 13.29 1.32 13.59
C GLU G 22 13.63 2.65 14.24
N ASP G 23 13.23 2.82 15.49
CA ASP G 23 13.51 4.06 16.21
C ASP G 23 14.00 3.76 17.62
N VAL G 24 15.31 3.89 17.84
CA VAL G 24 15.89 3.62 19.14
C VAL G 24 16.28 4.93 19.83
N GLY G 25 16.76 4.83 21.06
CA GLY G 25 17.17 6.00 21.81
C GLY G 25 16.00 6.54 22.64
N SER G 26 15.37 7.60 22.14
CA SER G 26 14.24 8.20 22.84
C SER G 26 13.28 8.83 21.84
N ASN G 27 11.98 8.60 22.05
CA ASN G 27 10.96 9.15 21.17
C ASN G 27 10.79 10.65 21.42
N LYS G 28 9.78 11.24 20.79
CA LYS G 28 9.52 12.66 20.95
C LYS G 28 8.02 12.94 20.96
N GLY G 29 7.65 14.18 21.27
CA GLY G 29 6.24 14.55 21.31
C GLY G 29 5.70 14.71 19.89
N ALA G 30 5.03 13.67 19.40
CA ALA G 30 4.46 13.71 18.06
C ALA G 30 3.33 12.69 17.92
N ILE G 31 3.11 12.22 16.71
CA ILE G 31 2.06 11.24 16.45
C ILE G 31 2.51 10.26 15.36
N ILE G 32 2.11 9.01 15.50
CA ILE G 32 2.47 7.98 14.53
C ILE G 32 1.39 6.92 14.43
N GLY G 33 1.21 6.39 13.23
CA GLY G 33 0.19 5.36 13.01
C GLY G 33 0.63 4.39 11.93
N LEU G 34 0.22 3.13 12.06
CA LEU G 34 0.57 2.11 11.07
C LEU G 34 -0.56 1.09 10.94
N MET G 35 -0.76 0.61 9.72
CA MET G 35 -1.80 -0.37 9.47
C MET G 35 -1.31 -1.39 8.44
N VAL G 36 -1.67 -2.65 8.63
CA VAL G 36 -1.25 -3.70 7.70
C VAL G 36 -2.22 -4.88 7.75
N GLY G 37 -2.31 -5.59 6.63
CA GLY G 37 -3.20 -6.75 6.55
C GLY G 37 -2.72 -7.73 5.49
N GLY G 38 -3.11 -8.99 5.65
CA GLY G 38 -2.71 -10.02 4.70
C GLY G 38 -3.83 -11.06 4.54
N VAL G 39 -3.99 -11.58 3.34
CA VAL G 39 -5.01 -12.59 3.08
C VAL G 39 -4.50 -13.99 3.40
N VAL G 40 -5.19 -14.67 4.30
CA VAL G 40 -4.79 -16.01 4.69
C VAL G 40 -3.35 -16.03 5.19
N ASP H 1 21.29 12.53 26.23
CA ASP H 1 21.89 13.29 25.11
C ASP H 1 22.10 12.36 23.91
N ALA H 2 21.01 11.87 23.36
CA ALA H 2 21.09 10.96 22.22
C ALA H 2 21.98 9.77 22.53
N GLU H 3 21.93 8.75 21.67
CA GLU H 3 22.73 7.56 21.88
C GLU H 3 24.21 7.92 21.97
N PHE H 4 24.83 7.63 23.11
CA PHE H 4 26.24 7.92 23.30
C PHE H 4 27.08 7.32 22.18
N ARG H 5 28.04 8.09 21.69
CA ARG H 5 28.91 7.62 20.61
C ARG H 5 29.82 6.50 21.11
N HIS H 6 30.97 6.35 20.45
CA HIS H 6 31.92 5.31 20.84
C HIS H 6 31.31 3.92 20.64
N ASP H 7 31.89 3.16 19.71
CA ASP H 7 31.41 1.82 19.43
C ASP H 7 29.92 1.85 19.07
N SER H 8 29.61 1.44 17.84
CA SER H 8 28.22 1.42 17.38
C SER H 8 28.14 0.87 15.96
N GLY H 9 27.23 -0.07 15.75
CA GLY H 9 27.06 -0.68 14.44
C GLY H 9 25.62 -1.14 14.23
N TYR H 10 25.16 -1.14 12.98
CA TYR H 10 23.79 -1.56 12.68
C TYR H 10 23.75 -2.25 11.31
N GLU H 11 22.89 -3.27 11.20
CA GLU H 11 22.76 -4.00 9.94
C GLU H 11 21.32 -4.47 9.74
N VAL H 12 20.87 -4.49 8.50
CA VAL H 12 19.51 -4.93 8.20
C VAL H 12 19.51 -6.21 7.37
N HIS H 13 18.59 -7.11 7.68
CA HIS H 13 18.48 -8.37 6.95
C HIS H 13 17.05 -8.90 7.00
N HIS H 14 16.81 -10.01 6.30
CA HIS H 14 15.48 -10.61 6.27
C HIS H 14 15.49 -11.90 5.45
N GLN H 15 14.34 -12.25 4.88
CA GLN H 15 14.24 -13.46 4.08
C GLN H 15 13.53 -13.18 2.76
N LYS H 16 12.26 -13.58 2.68
CA LYS H 16 11.47 -13.38 1.47
C LYS H 16 11.55 -11.92 1.02
N LEU H 17 10.81 -11.05 1.69
CA LEU H 17 10.80 -9.63 1.35
C LEU H 17 10.64 -8.78 2.60
N VAL H 18 11.31 -7.63 2.63
CA VAL H 18 11.23 -6.74 3.77
C VAL H 18 11.34 -5.29 3.33
N PHE H 19 10.64 -4.40 4.03
CA PHE H 19 10.67 -2.98 3.69
C PHE H 19 10.33 -2.14 4.92
N PHE H 20 10.86 -0.92 4.95
CA PHE H 20 10.59 -0.02 6.07
C PHE H 20 11.53 1.19 6.04
N ALA H 21 11.57 1.92 7.15
CA ALA H 21 12.42 3.10 7.25
C ALA H 21 13.42 2.94 8.39
N GLU H 22 14.70 3.16 8.08
CA GLU H 22 15.74 3.04 9.09
C GLU H 22 16.06 4.39 9.71
N ASP H 23 15.73 4.55 10.99
CA ASP H 23 15.99 5.80 11.69
C ASP H 23 16.55 5.53 13.08
N VAL H 24 17.87 5.67 13.23
CA VAL H 24 18.52 5.44 14.51
C VAL H 24 18.90 6.76 15.17
N GLY H 25 19.60 6.67 16.29
CA GLY H 25 20.02 7.86 17.02
C GLY H 25 18.85 8.50 17.75
N SER H 26 18.27 9.54 17.15
CA SER H 26 17.13 10.23 17.77
C SER H 26 16.15 10.69 16.69
N ASN H 27 14.91 10.92 17.11
CA ASN H 27 13.88 11.37 16.17
C ASN H 27 13.51 12.83 16.44
N LYS H 28 12.51 13.32 15.72
CA LYS H 28 12.06 14.70 15.89
C LYS H 28 10.55 14.75 16.10
N GLY H 29 10.06 15.90 16.54
CA GLY H 29 8.64 16.08 16.78
C GLY H 29 7.90 16.37 15.47
N ALA H 30 7.22 15.36 14.95
CA ALA H 30 6.47 15.52 13.70
C ALA H 30 5.38 14.46 13.58
N ILE H 31 5.20 13.93 12.38
CA ILE H 31 4.19 12.91 12.14
C ILE H 31 4.70 11.91 11.10
N ILE H 32 4.33 10.64 11.27
CA ILE H 32 4.75 9.61 10.33
C ILE H 32 3.70 8.51 10.23
N GLY H 33 3.57 7.92 9.06
CA GLY H 33 2.59 6.85 8.85
C GLY H 33 3.07 5.89 7.76
N LEU H 34 2.69 4.62 7.90
CA LEU H 34 3.09 3.60 6.92
C LEU H 34 2.04 2.51 6.84
N MET H 35 1.91 1.91 5.66
CA MET H 35 0.94 0.83 5.46
C MET H 35 1.45 -0.14 4.40
N VAL H 36 1.11 -1.41 4.56
CA VAL H 36 1.54 -2.43 3.61
C VAL H 36 0.57 -3.62 3.61
N GLY H 37 0.51 -4.33 2.49
CA GLY H 37 -0.37 -5.47 2.37
C GLY H 37 0.17 -6.47 1.35
N GLY H 38 -0.17 -7.75 1.53
CA GLY H 38 0.30 -8.78 0.61
C GLY H 38 -0.70 -9.93 0.55
N VAL H 39 -0.78 -10.57 -0.62
CA VAL H 39 -1.71 -11.69 -0.80
C VAL H 39 -0.99 -13.02 -0.56
N VAL H 40 -1.49 -13.78 0.40
CA VAL H 40 -0.89 -15.07 0.73
C VAL H 40 -1.94 -16.02 1.31
N ASP I 1 22.74 17.01 19.38
CA ASP I 1 23.76 15.94 19.18
C ASP I 1 23.26 14.97 18.10
N ALA I 2 24.14 14.07 17.68
CA ALA I 2 23.79 13.09 16.66
C ALA I 2 24.69 11.86 16.76
N GLU I 3 25.39 11.57 15.67
CA GLU I 3 26.29 10.42 15.64
C GLU I 3 27.70 10.85 15.25
N PHE I 4 28.67 10.55 16.11
CA PHE I 4 30.06 10.91 15.84
C PHE I 4 30.95 9.69 15.93
N ARG I 5 31.94 9.61 15.04
CA ARG I 5 32.86 8.49 15.03
C ARG I 5 32.11 7.17 14.85
N HIS I 6 32.06 6.38 15.91
CA HIS I 6 31.36 5.10 15.85
C HIS I 6 29.88 5.31 15.61
N ASP I 7 29.33 4.59 14.63
CA ASP I 7 27.91 4.71 14.30
C ASP I 7 27.60 3.94 13.02
N SER I 8 26.40 3.39 12.95
CA SER I 8 25.98 2.65 11.76
C SER I 8 27.14 1.79 11.24
N GLY I 9 27.34 0.63 11.86
CA GLY I 9 28.43 -0.26 11.45
C GLY I 9 28.20 -0.78 10.04
N TYR I 10 27.22 -1.67 9.87
CA TYR I 10 26.93 -2.24 8.57
C TYR I 10 25.43 -2.51 8.43
N GLU I 11 24.90 -2.33 7.23
CA GLU I 11 23.48 -2.57 6.97
C GLU I 11 23.27 -2.96 5.51
N VAL I 12 22.25 -3.76 5.25
CA VAL I 12 21.93 -4.19 3.89
C VAL I 12 22.31 -5.64 3.66
N HIS I 13 21.31 -6.53 3.72
CA HIS I 13 21.54 -7.95 3.51
C HIS I 13 20.39 -8.58 2.74
N HIS I 14 19.36 -8.99 3.48
CA HIS I 14 18.20 -9.61 2.87
C HIS I 14 18.61 -10.83 2.04
N GLN I 15 17.68 -11.31 1.21
CA GLN I 15 17.95 -12.47 0.37
C GLN I 15 17.20 -12.35 -0.96
N LYS I 16 15.88 -12.48 -0.89
CA LYS I 16 15.06 -12.39 -2.10
C LYS I 16 15.04 -10.97 -2.64
N LEU I 17 14.21 -10.11 -2.04
CA LEU I 17 14.12 -8.73 -2.47
C LEU I 17 13.84 -7.82 -1.28
N VAL I 18 14.42 -6.62 -1.29
CA VAL I 18 14.21 -5.68 -0.21
C VAL I 18 14.27 -4.25 -0.72
N PHE I 19 13.50 -3.36 -0.10
CA PHE I 19 13.47 -1.96 -0.50
C PHE I 19 13.05 -1.07 0.66
N PHE I 20 13.52 0.18 0.65
CA PHE I 20 13.17 1.11 1.72
C PHE I 20 14.00 2.39 1.62
N ALA I 21 13.94 3.20 2.68
CA ALA I 21 14.67 4.44 2.73
C ALA I 21 15.35 4.61 4.08
N GLU I 22 16.66 4.90 4.06
CA GLU I 22 17.40 5.07 5.30
C GLU I 22 17.60 6.55 5.62
N ASP I 23 17.10 6.98 6.77
CA ASP I 23 17.23 8.36 7.19
C ASP I 23 17.63 8.44 8.66
N VAL I 24 18.84 8.91 8.92
CA VAL I 24 19.33 9.03 10.29
C VAL I 24 20.18 10.28 10.46
N GLY I 25 21.20 10.19 11.31
CA GLY I 25 22.07 11.33 11.56
C GLY I 25 21.34 12.44 12.29
N SER I 26 20.53 13.20 11.55
CA SER I 26 19.77 14.30 12.15
C SER I 26 18.51 14.57 11.34
N ASN I 27 17.36 14.17 11.89
CA ASN I 27 16.10 14.38 11.20
C ASN I 27 15.45 15.69 11.65
N LYS I 28 14.52 16.19 10.84
CA LYS I 28 13.84 17.45 11.17
C LYS I 28 12.34 17.21 11.36
N GLY I 29 11.67 18.19 11.96
CA GLY I 29 10.23 18.08 12.19
C GLY I 29 9.45 18.31 10.91
N ALA I 30 8.89 17.23 10.36
CA ALA I 30 8.12 17.32 9.13
C ALA I 30 7.10 16.19 9.04
N ILE I 31 7.00 15.59 7.86
CA ILE I 31 6.06 14.49 7.65
C ILE I 31 6.66 13.48 6.67
N ILE I 32 6.39 12.20 6.91
CA ILE I 32 6.90 11.15 6.03
C ILE I 32 5.91 9.99 5.96
N GLY I 33 5.83 9.37 4.79
CA GLY I 33 4.92 8.25 4.60
C GLY I 33 5.45 7.27 3.56
N LEU I 34 5.13 5.99 3.73
CA LEU I 34 5.59 4.97 2.80
C LEU I 34 4.63 3.79 2.79
N MET I 35 4.57 3.10 1.65
CA MET I 35 3.69 1.94 1.51
C MET I 35 4.26 0.95 0.51
N VAL I 36 3.98 -0.33 0.71
CA VAL I 36 4.47 -1.37 -0.18
C VAL I 36 3.54 -2.57 -0.19
N GLY I 37 3.52 -3.29 -1.31
CA GLY I 37 2.66 -4.46 -1.43
C GLY I 37 3.24 -5.44 -2.44
N GLY I 38 2.95 -6.72 -2.25
CA GLY I 38 3.45 -7.77 -3.15
C GLY I 38 2.47 -8.93 -3.23
N VAL I 39 2.41 -9.58 -4.39
CA VAL I 39 1.51 -10.70 -4.58
C VAL I 39 2.28 -12.02 -4.51
N VAL I 40 1.87 -12.90 -3.60
CA VAL I 40 2.52 -14.19 -3.44
C VAL I 40 4.03 -14.03 -3.51
N ASP J 1 20.33 20.93 6.81
CA ASP J 1 20.70 19.53 6.42
C ASP J 1 22.13 19.25 6.87
N ALA J 2 22.24 18.60 8.03
CA ALA J 2 23.56 18.26 8.56
C ALA J 2 24.14 17.04 7.85
N GLU J 3 24.66 17.25 6.64
CA GLU J 3 25.23 16.16 5.87
C GLU J 3 26.59 15.76 6.43
N PHE J 4 26.84 16.12 7.69
CA PHE J 4 28.10 15.79 8.33
C PHE J 4 28.05 14.40 8.95
N ARG J 5 26.87 14.00 9.41
CA ARG J 5 26.70 12.70 10.02
C ARG J 5 26.62 11.61 8.94
N HIS J 6 25.97 10.50 9.27
CA HIS J 6 25.84 9.40 8.33
C HIS J 6 24.65 8.51 8.70
N ASP J 7 24.50 7.41 7.98
CA ASP J 7 23.40 6.49 8.24
C ASP J 7 23.72 5.10 7.69
N SER J 8 22.73 4.21 7.73
CA SER J 8 22.91 2.86 7.23
C SER J 8 24.39 2.50 7.13
N GLY J 9 24.89 1.78 8.14
CA GLY J 9 26.30 1.39 8.17
C GLY J 9 26.64 0.53 6.96
N TYR J 10 26.10 -0.70 6.94
CA TYR J 10 26.37 -1.62 5.84
C TYR J 10 25.97 -3.04 6.24
N GLU J 11 26.42 -4.00 5.45
CA GLU J 11 26.12 -5.41 5.72
C GLU J 11 26.40 -6.26 4.49
N VAL J 12 25.90 -7.49 4.49
CA VAL J 12 26.10 -8.40 3.37
C VAL J 12 25.95 -7.66 2.04
N HIS J 13 24.72 -7.61 1.54
CA HIS J 13 24.45 -6.92 0.28
C HIS J 13 23.08 -7.34 -0.27
N HIS J 14 23.05 -8.48 -0.96
CA HIS J 14 21.81 -8.98 -1.53
C HIS J 14 22.05 -10.29 -2.27
N GLN J 15 20.99 -10.80 -2.91
CA GLN J 15 21.10 -12.05 -3.66
C GLN J 15 20.33 -11.95 -4.97
N LYS J 16 19.07 -11.54 -4.87
CA LYS J 16 18.23 -11.40 -6.06
C LYS J 16 18.25 -9.97 -6.57
N LEU J 17 17.46 -9.11 -5.95
CA LEU J 17 17.40 -7.70 -6.36
C LEU J 17 17.05 -6.81 -5.17
N VAL J 18 17.57 -5.59 -5.18
CA VAL J 18 17.30 -4.65 -4.10
C VAL J 18 17.37 -3.21 -4.59
N PHE J 19 16.61 -2.33 -3.95
CA PHE J 19 16.60 -0.93 -4.34
C PHE J 19 16.18 -0.05 -3.15
N PHE J 20 16.64 1.19 -3.16
CA PHE J 20 16.30 2.11 -2.07
C PHE J 20 17.06 3.43 -2.22
N ALA J 21 16.91 4.28 -1.20
CA ALA J 21 17.59 5.57 -1.20
C ALA J 21 18.64 5.63 -0.10
N GLU J 22 19.91 5.72 -0.51
CA GLU J 22 21.01 5.78 0.45
C GLU J 22 21.67 7.16 0.42
N ASP J 23 21.35 7.97 1.42
CA ASP J 23 21.92 9.31 1.51
C ASP J 23 22.26 9.63 2.97
N VAL J 24 23.38 10.32 3.16
CA VAL J 24 23.81 10.69 4.50
C VAL J 24 22.62 10.96 5.41
N GLY J 25 22.63 10.36 6.59
CA GLY J 25 21.53 10.54 7.54
C GLY J 25 21.18 12.01 7.69
N SER J 26 20.50 12.56 6.67
CA SER J 26 20.11 13.97 6.70
C SER J 26 18.75 14.14 6.04
N ASN J 27 17.70 14.29 6.85
CA ASN J 27 16.36 14.47 6.33
C ASN J 27 16.12 15.94 5.99
N LYS J 28 14.98 16.21 5.34
CA LYS J 28 14.65 17.57 4.97
C LYS J 28 13.32 17.99 5.60
N GLY J 29 13.24 19.24 6.04
CA GLY J 29 12.03 19.75 6.67
C GLY J 29 10.97 20.06 5.62
N ALA J 30 10.10 19.09 5.37
CA ALA J 30 9.03 19.27 4.37
C ALA J 30 8.11 18.06 4.35
N ILE J 31 8.08 17.38 3.20
CA ILE J 31 7.25 16.19 3.05
C ILE J 31 7.92 15.19 2.11
N ILE J 32 7.72 13.91 2.39
CA ILE J 32 8.32 12.87 1.56
C ILE J 32 7.42 11.63 1.51
N GLY J 33 7.42 10.94 0.38
CA GLY J 33 6.61 9.75 0.21
C GLY J 33 7.26 8.78 -0.75
N LEU J 34 7.04 7.48 -0.53
CA LEU J 34 7.62 6.46 -1.39
C LEU J 34 6.74 5.21 -1.41
N MET J 35 6.76 4.50 -2.54
CA MET J 35 5.96 3.29 -2.68
C MET J 35 6.65 2.30 -3.60
N VAL J 36 6.46 1.01 -3.34
CA VAL J 36 7.09 -0.03 -4.16
C VAL J 36 6.28 -1.32 -4.08
N GLY J 37 6.37 -2.12 -5.12
CA GLY J 37 5.64 -3.39 -5.16
C GLY J 37 6.33 -4.38 -6.10
N GLY J 38 6.11 -5.67 -5.85
CA GLY J 38 6.70 -6.70 -6.70
C GLY J 38 5.83 -7.96 -6.71
N VAL J 39 5.86 -8.68 -7.83
CA VAL J 39 5.07 -9.90 -7.95
C VAL J 39 5.97 -11.12 -8.10
N VAL J 40 5.57 -12.22 -7.48
CA VAL J 40 6.36 -13.45 -7.56
C VAL J 40 5.45 -14.67 -7.62
P 2PO K . -29.50 -4.42 -12.02
O1P 2PO K . -30.92 -5.05 -11.73
O2P 2PO K . -28.72 -4.40 -10.64
O3P 2PO K . -28.75 -5.02 -13.16
P 2PO L . -26.82 -4.75 -17.92
O1P 2PO L . -27.42 -5.98 -18.72
O2P 2PO L . -25.34 -4.53 -18.48
O3P 2PO L . -26.91 -4.82 -16.43
P 2PO M . -22.24 -3.11 -22.10
O1P 2PO M . -21.58 -2.82 -20.70
O2P 2PO M . -23.53 -4.02 -21.82
O3P 2PO M . -21.33 -3.64 -23.16
P 2PO N . -16.29 -2.38 -25.62
O1P 2PO N . -17.75 -2.38 -26.22
O2P 2PO N . -16.39 -2.99 -24.16
O3P 2PO N . -15.22 -2.99 -26.49
P 2PO O . -11.76 -1.39 -21.10
O1P 2PO O . -10.52 -0.60 -21.67
O2P 2PO O . -11.32 -2.01 -19.71
O3P 2PO O . -12.41 -2.35 -22.03
P 2PO P . 19.82 0.50 27.26
O1P 2PO P . 20.15 0.99 28.73
O2P 2PO P . 19.66 -1.08 27.33
O3P 2PO P . 18.71 1.22 26.57
P 2PO Q . 22.65 2.81 22.21
O1P 2PO Q . 22.92 3.40 20.77
O2P 2PO Q . 21.27 2.04 22.13
O3P 2PO Q . 22.77 3.77 23.34
P 2PO R . 25.85 4.71 17.22
O1P 2PO R . 25.20 5.35 15.94
O2P 2PO R . 27.18 5.52 17.50
O3P 2PO R . 24.95 4.54 18.41
P 2PO S . 25.98 6.17 10.61
O1P 2PO S . 26.09 5.97 9.04
O2P 2PO S . 27.43 5.89 11.21
O3P 2PO S . 25.35 7.44 11.07
P 2PO T . 22.85 4.96 4.61
O1P 2PO T . 21.50 5.24 5.39
O2P 2PO T . 22.52 5.16 3.07
O3P 2PO T . 24.05 5.69 5.10
N ASP A 1 -33.86 -7.91 -16.76
CA ASP A 1 -34.44 -7.04 -15.69
C ASP A 1 -35.33 -7.88 -14.79
N ALA A 2 -34.78 -8.26 -13.63
CA ALA A 2 -35.54 -9.06 -12.67
C ALA A 2 -35.05 -8.79 -11.25
N GLU A 3 -35.55 -7.72 -10.66
CA GLU A 3 -35.16 -7.36 -9.30
C GLU A 3 -36.16 -6.37 -8.70
N PHE A 4 -36.75 -6.75 -7.57
CA PHE A 4 -37.73 -5.89 -6.91
C PHE A 4 -37.86 -6.26 -5.44
N ARG A 5 -37.61 -7.53 -5.13
CA ARG A 5 -37.69 -8.00 -3.75
C ARG A 5 -36.35 -7.83 -3.04
N HIS A 6 -36.00 -8.80 -2.21
CA HIS A 6 -34.74 -8.76 -1.48
C HIS A 6 -33.58 -8.57 -2.44
N ASP A 7 -32.79 -9.63 -2.64
CA ASP A 7 -31.66 -9.57 -3.54
C ASP A 7 -30.67 -8.49 -3.10
N SER A 8 -29.38 -8.79 -3.18
CA SER A 8 -28.35 -7.84 -2.80
C SER A 8 -28.92 -6.79 -1.85
N GLY A 9 -28.34 -5.58 -1.90
CA GLY A 9 -28.81 -4.50 -1.05
C GLY A 9 -28.54 -4.79 0.42
N TYR A 10 -27.26 -4.78 0.80
CA TYR A 10 -26.89 -5.02 2.19
C TYR A 10 -25.75 -4.08 2.58
N GLU A 11 -25.84 -3.49 3.76
CA GLU A 11 -24.79 -2.57 4.22
C GLU A 11 -24.58 -2.72 5.72
N VAL A 12 -23.34 -2.56 6.15
CA VAL A 12 -23.01 -2.69 7.57
C VAL A 12 -22.51 -1.37 8.14
N HIS A 13 -23.40 -0.38 8.23
CA HIS A 13 -23.03 0.92 8.77
C HIS A 13 -21.61 1.32 8.36
N HIS A 14 -21.04 2.27 9.08
CA HIS A 14 -19.69 2.74 8.78
C HIS A 14 -19.05 3.35 10.04
N GLN A 15 -17.94 4.07 9.84
CA GLN A 15 -17.24 4.70 10.95
C GLN A 15 -16.06 5.53 10.44
N LYS A 16 -15.63 6.49 11.26
CA LYS A 16 -14.51 7.35 10.88
C LYS A 16 -14.64 7.78 9.42
N LEU A 17 -15.87 7.89 8.96
CA LEU A 17 -16.15 8.30 7.59
C LEU A 17 -17.47 7.69 7.13
N VAL A 18 -17.59 7.38 5.84
CA VAL A 18 -18.82 6.80 5.33
C VAL A 18 -18.68 6.34 3.88
N PHE A 19 -19.68 5.61 3.41
CA PHE A 19 -19.69 5.10 2.04
C PHE A 19 -20.57 3.85 1.94
N PHE A 20 -20.29 3.02 0.95
CA PHE A 20 -21.06 1.80 0.76
C PHE A 20 -20.99 1.34 -0.69
N ALA A 21 -22.03 0.66 -1.14
CA ALA A 21 -22.09 0.16 -2.51
C ALA A 21 -22.84 -1.17 -2.54
N GLU A 22 -23.74 -1.31 -3.51
CA GLU A 22 -24.52 -2.54 -3.63
C GLU A 22 -24.79 -2.87 -5.09
N ASP A 23 -25.36 -4.05 -5.32
CA ASP A 23 -25.67 -4.49 -6.68
C ASP A 23 -27.12 -4.18 -7.02
N VAL A 24 -27.34 -3.63 -8.21
CA VAL A 24 -28.69 -3.30 -8.66
C VAL A 24 -29.11 -4.23 -9.79
N GLY A 25 -28.91 -5.53 -9.58
CA GLY A 25 -29.27 -6.52 -10.58
C GLY A 25 -28.84 -7.91 -10.15
N SER A 26 -27.60 -8.27 -10.46
CA SER A 26 -27.07 -9.59 -10.09
C SER A 26 -25.57 -9.66 -10.37
N ASN A 27 -24.76 -9.42 -9.35
CA ASN A 27 -23.31 -9.48 -9.50
C ASN A 27 -22.82 -10.91 -9.36
N LYS A 28 -21.87 -11.29 -10.19
CA LYS A 28 -21.33 -12.65 -10.14
C LYS A 28 -19.80 -12.64 -10.16
N GLY A 29 -19.21 -13.75 -10.60
CA GLY A 29 -17.76 -13.86 -10.66
C GLY A 29 -17.10 -12.51 -10.91
N ALA A 30 -16.33 -12.03 -9.93
CA ALA A 30 -15.65 -10.75 -10.06
C ALA A 30 -15.84 -9.93 -8.78
N ILE A 31 -14.94 -8.96 -8.55
CA ILE A 31 -15.02 -8.13 -7.36
C ILE A 31 -14.47 -6.73 -7.65
N ILE A 32 -15.09 -5.71 -7.05
CA ILE A 32 -14.65 -4.32 -7.26
C ILE A 32 -15.17 -3.43 -6.13
N GLY A 33 -14.54 -2.26 -5.98
CA GLY A 33 -14.95 -1.30 -4.95
C GLY A 33 -14.58 0.13 -5.32
N LEU A 34 -15.32 1.09 -4.76
CA LEU A 34 -15.07 2.50 -5.03
C LEU A 34 -15.42 3.33 -3.78
N MET A 35 -14.65 4.39 -3.53
CA MET A 35 -14.91 5.23 -2.36
C MET A 35 -14.30 6.62 -2.51
N VAL A 36 -14.82 7.56 -1.73
CA VAL A 36 -14.33 8.94 -1.75
C VAL A 36 -14.43 9.53 -0.35
N GLY A 37 -13.42 10.31 0.04
CA GLY A 37 -13.43 10.92 1.37
C GLY A 37 -12.01 11.17 1.86
N GLY A 38 -11.82 11.10 3.19
CA GLY A 38 -10.49 11.33 3.76
C GLY A 38 -10.41 10.88 5.22
N VAL A 39 -9.19 10.73 5.70
CA VAL A 39 -8.96 10.31 7.08
C VAL A 39 -9.03 11.51 8.02
N VAL A 40 -10.00 11.49 8.93
CA VAL A 40 -10.17 12.59 9.87
C VAL A 40 -10.78 12.07 11.18
N ASP B 1 -27.83 -11.11 -20.63
CA ASP B 1 -28.89 -10.35 -19.90
C ASP B 1 -29.66 -11.30 -18.99
N ALA B 2 -29.62 -11.02 -17.69
CA ALA B 2 -30.32 -11.86 -16.72
C ALA B 2 -29.95 -11.45 -15.29
N GLU B 3 -30.96 -11.23 -14.46
CA GLU B 3 -30.73 -10.84 -13.08
C GLU B 3 -31.38 -11.84 -12.13
N PHE B 4 -30.59 -12.35 -11.19
CA PHE B 4 -31.10 -13.32 -10.22
C PHE B 4 -31.81 -12.60 -9.07
N ARG B 5 -31.75 -13.20 -7.88
CA ARG B 5 -32.39 -12.60 -6.71
C ARG B 5 -31.79 -13.17 -5.42
N HIS B 6 -32.42 -12.87 -4.31
CA HIS B 6 -31.94 -13.36 -3.01
C HIS B 6 -30.47 -12.99 -2.81
N ASP B 7 -30.23 -11.96 -2.00
CA ASP B 7 -28.87 -11.52 -1.74
C ASP B 7 -28.11 -11.31 -3.04
N SER B 8 -26.99 -10.59 -2.97
CA SER B 8 -26.19 -10.33 -4.15
C SER B 8 -25.08 -9.32 -3.85
N GLY B 9 -25.17 -8.69 -2.69
CA GLY B 9 -24.17 -7.70 -2.29
C GLY B 9 -23.97 -7.72 -0.78
N TYR B 10 -22.73 -7.52 -0.34
CA TYR B 10 -22.43 -7.52 1.09
C TYR B 10 -21.29 -6.55 1.39
N GLU B 11 -21.38 -5.90 2.55
CA GLU B 11 -20.34 -4.95 2.98
C GLU B 11 -20.09 -5.09 4.47
N VAL B 12 -18.83 -4.95 4.88
CA VAL B 12 -18.48 -5.09 6.29
C VAL B 12 -17.89 -3.78 6.83
N HIS B 13 -18.47 -3.29 7.94
CA HIS B 13 -18.01 -2.05 8.57
C HIS B 13 -16.53 -1.80 8.29
N HIS B 14 -16.02 -0.71 8.84
CA HIS B 14 -14.61 -0.35 8.66
C HIS B 14 -14.12 0.51 9.83
N GLN B 15 -13.36 1.56 9.52
CA GLN B 15 -12.84 2.44 10.56
C GLN B 15 -11.83 3.44 9.99
N LYS B 16 -11.42 4.40 10.81
CA LYS B 16 -10.46 5.41 10.40
C LYS B 16 -10.58 5.68 8.90
N LEU B 17 -11.81 5.68 8.41
CA LEU B 17 -12.08 5.93 6.99
C LEU B 17 -13.34 5.19 6.57
N VAL B 18 -13.40 4.75 5.32
CA VAL B 18 -14.57 4.05 4.84
C VAL B 18 -14.41 3.57 3.40
N PHE B 19 -15.41 2.85 2.92
CA PHE B 19 -15.39 2.31 1.57
C PHE B 19 -16.33 1.12 1.46
N PHE B 20 -16.08 0.26 0.49
CA PHE B 20 -16.91 -0.91 0.27
C PHE B 20 -16.98 -1.23 -1.23
N ALA B 21 -18.13 -1.74 -1.67
CA ALA B 21 -18.28 -2.08 -3.07
C ALA B 21 -19.61 -2.79 -3.31
N GLU B 22 -19.54 -3.92 -4.01
CA GLU B 22 -20.74 -4.69 -4.32
C GLU B 22 -21.35 -4.21 -5.63
N ASP B 23 -20.66 -4.47 -6.72
CA ASP B 23 -21.12 -4.04 -8.04
C ASP B 23 -22.44 -4.71 -8.40
N VAL B 24 -22.60 -5.05 -9.68
CA VAL B 24 -23.83 -5.68 -10.14
C VAL B 24 -23.60 -6.39 -11.48
N GLY B 25 -24.47 -7.35 -11.77
CA GLY B 25 -24.36 -8.10 -13.03
C GLY B 25 -23.93 -7.20 -14.17
N SER B 26 -24.11 -5.89 -14.00
CA SER B 26 -23.73 -4.94 -15.03
C SER B 26 -22.36 -4.33 -14.74
N ASN B 27 -21.32 -4.99 -15.22
CA ASN B 27 -19.96 -4.51 -15.01
C ASN B 27 -18.96 -5.34 -15.81
N LYS B 28 -17.71 -5.35 -15.36
CA LYS B 28 -16.68 -6.12 -16.04
C LYS B 28 -16.57 -7.52 -15.45
N GLY B 29 -15.96 -8.44 -16.21
CA GLY B 29 -15.80 -9.81 -15.75
C GLY B 29 -14.40 -10.04 -15.21
N ALA B 30 -14.17 -9.59 -13.98
CA ALA B 30 -12.88 -9.74 -13.34
C ALA B 30 -12.91 -9.16 -11.94
N ILE B 31 -11.90 -8.39 -11.60
CA ILE B 31 -11.84 -7.77 -10.28
C ILE B 31 -11.30 -6.35 -10.42
N ILE B 32 -11.86 -5.41 -9.67
CA ILE B 32 -11.42 -4.02 -9.74
C ILE B 32 -11.68 -3.32 -8.41
N GLY B 33 -10.82 -2.38 -8.06
CA GLY B 33 -10.97 -1.63 -6.81
C GLY B 33 -10.51 -0.19 -7.00
N LEU B 34 -11.15 0.76 -6.32
CA LEU B 34 -10.76 2.17 -6.45
C LEU B 34 -11.01 2.90 -5.13
N MET B 35 -10.13 3.83 -4.80
CA MET B 35 -10.26 4.60 -3.57
C MET B 35 -9.75 6.03 -3.77
N VAL B 36 -10.36 6.97 -3.06
CA VAL B 36 -9.95 8.37 -3.15
C VAL B 36 -10.10 9.04 -1.79
N GLY B 37 -9.16 9.90 -1.43
CA GLY B 37 -9.22 10.59 -0.15
C GLY B 37 -7.83 10.96 0.35
N GLY B 38 -7.68 11.03 1.67
CA GLY B 38 -6.38 11.38 2.25
C GLY B 38 -6.26 10.86 3.68
N VAL B 39 -5.02 10.68 4.12
CA VAL B 39 -4.76 10.19 5.47
C VAL B 39 -4.31 11.33 6.38
N VAL B 40 -5.12 11.63 7.40
CA VAL B 40 -4.80 12.70 8.33
C VAL B 40 -3.32 12.64 8.71
N ASP C 1 -21.29 -15.31 -19.65
CA ASP C 1 -22.42 -15.52 -20.61
C ASP C 1 -23.65 -15.98 -19.84
N ALA C 2 -23.57 -15.93 -18.51
CA ALA C 2 -24.69 -16.34 -17.67
C ALA C 2 -24.70 -15.55 -16.37
N GLU C 3 -25.89 -15.37 -15.80
CA GLU C 3 -26.02 -14.63 -14.55
C GLU C 3 -27.17 -15.19 -13.72
N PHE C 4 -26.86 -16.19 -12.90
CA PHE C 4 -27.88 -16.80 -12.05
C PHE C 4 -27.25 -17.32 -10.76
N ARG C 5 -27.36 -16.53 -9.70
CA ARG C 5 -26.80 -16.94 -8.40
C ARG C 5 -27.19 -15.94 -7.32
N HIS C 6 -26.79 -16.22 -6.08
CA HIS C 6 -27.11 -15.35 -4.97
C HIS C 6 -25.84 -14.98 -4.20
N ASP C 7 -25.82 -13.76 -3.66
CA ASP C 7 -24.66 -13.29 -2.91
C ASP C 7 -23.37 -13.71 -3.61
N SER C 8 -22.85 -12.83 -4.47
CA SER C 8 -21.62 -13.13 -5.20
C SER C 8 -20.56 -12.08 -4.88
N GLY C 9 -20.69 -11.44 -3.73
CA GLY C 9 -19.73 -10.42 -3.31
C GLY C 9 -19.54 -10.46 -1.80
N TYR C 10 -18.29 -10.27 -1.36
CA TYR C 10 -18.00 -10.30 0.07
C TYR C 10 -16.86 -9.35 0.40
N GLU C 11 -16.93 -8.73 1.57
CA GLU C 11 -15.89 -7.80 2.00
C GLU C 11 -15.65 -7.93 3.50
N VAL C 12 -14.39 -7.78 3.92
CA VAL C 12 -14.05 -7.90 5.34
C VAL C 12 -13.67 -6.55 5.95
N HIS C 13 -14.47 -6.09 6.91
CA HIS C 13 -14.22 -4.81 7.58
C HIS C 13 -12.73 -4.44 7.55
N HIS C 14 -12.42 -3.24 8.04
CA HIS C 14 -11.03 -2.77 8.05
C HIS C 14 -10.91 -1.50 8.88
N GLN C 15 -9.77 -0.81 8.73
CA GLN C 15 -9.54 0.43 9.47
C GLN C 15 -8.60 1.36 8.71
N LYS C 16 -8.16 2.42 9.37
CA LYS C 16 -7.25 3.39 8.75
C LYS C 16 -7.42 3.41 7.24
N LEU C 17 -8.65 3.17 6.78
CA LEU C 17 -8.95 3.16 5.36
C LEU C 17 -9.88 1.99 5.05
N VAL C 18 -9.65 1.26 3.97
CA VAL C 18 -10.51 0.13 3.63
C VAL C 18 -10.68 0.02 2.12
N PHE C 19 -11.90 -0.31 1.68
CA PHE C 19 -12.19 -0.41 0.25
C PHE C 19 -11.57 -1.64 -0.40
N PHE C 20 -12.07 -2.84 -0.11
CA PHE C 20 -11.53 -4.04 -0.73
C PHE C 20 -11.80 -4.04 -2.23
N ALA C 21 -13.05 -4.31 -2.61
CA ALA C 21 -13.43 -4.35 -4.02
C ALA C 21 -14.81 -5.00 -4.16
N GLU C 22 -15.00 -5.85 -5.16
CA GLU C 22 -16.30 -6.51 -5.37
C GLU C 22 -16.89 -6.13 -6.73
N ASP C 23 -16.98 -7.09 -7.65
CA ASP C 23 -17.52 -6.83 -8.98
C ASP C 23 -18.67 -7.78 -9.32
N VAL C 24 -18.61 -8.33 -10.54
CA VAL C 24 -19.64 -9.26 -10.99
C VAL C 24 -19.08 -10.17 -12.09
N GLY C 25 -19.75 -11.29 -12.34
CA GLY C 25 -19.31 -12.22 -13.37
C GLY C 25 -20.12 -12.04 -14.65
N SER C 26 -19.68 -11.13 -15.50
CA SER C 26 -20.37 -10.87 -16.76
C SER C 26 -19.51 -10.01 -17.68
N ASN C 27 -18.35 -10.54 -18.07
CA ASN C 27 -17.45 -9.81 -18.95
C ASN C 27 -16.10 -10.52 -19.06
N LYS C 28 -15.03 -9.75 -19.08
CA LYS C 28 -13.69 -10.31 -19.18
C LYS C 28 -13.49 -11.40 -18.13
N GLY C 29 -12.24 -11.84 -17.97
CA GLY C 29 -11.93 -12.87 -16.99
C GLY C 29 -10.50 -12.72 -16.48
N ALA C 30 -10.36 -12.02 -15.36
CA ALA C 30 -9.04 -11.81 -14.78
C ALA C 30 -9.16 -11.14 -13.40
N ILE C 31 -8.17 -10.31 -13.07
CA ILE C 31 -8.17 -9.59 -11.80
C ILE C 31 -7.72 -8.16 -12.02
N ILE C 32 -8.38 -7.21 -11.37
CA ILE C 32 -8.01 -5.80 -11.52
C ILE C 32 -8.31 -5.04 -10.23
N GLY C 33 -7.49 -4.05 -9.92
CA GLY C 33 -7.69 -3.26 -8.71
C GLY C 33 -7.14 -1.85 -8.88
N LEU C 34 -7.72 -0.89 -8.15
CA LEU C 34 -7.26 0.49 -8.23
C LEU C 34 -7.54 1.23 -6.92
N MET C 35 -6.68 2.19 -6.60
CA MET C 35 -6.84 2.96 -5.38
C MET C 35 -6.31 4.37 -5.58
N VAL C 36 -6.89 5.34 -4.88
CA VAL C 36 -6.47 6.73 -4.99
C VAL C 36 -6.63 7.43 -3.65
N GLY C 37 -5.70 8.31 -3.33
CA GLY C 37 -5.75 9.05 -2.08
C GLY C 37 -4.35 9.32 -1.55
N GLY C 38 -4.19 9.30 -0.23
CA GLY C 38 -2.88 9.54 0.37
C GLY C 38 -3.00 10.19 1.74
N VAL C 39 -2.04 11.04 2.06
CA VAL C 39 -2.04 11.73 3.35
C VAL C 39 -2.45 13.19 3.17
N VAL C 40 -2.98 13.79 4.24
CA VAL C 40 -3.41 15.19 4.18
C VAL C 40 -3.15 15.87 5.53
N ASP D 1 -17.59 -17.56 -20.08
CA ASP D 1 -17.46 -18.90 -19.44
C ASP D 1 -18.48 -19.03 -18.32
N ALA D 2 -18.32 -20.06 -17.50
CA ALA D 2 -19.24 -20.29 -16.39
C ALA D 2 -19.48 -19.00 -15.62
N GLU D 3 -18.74 -18.81 -14.53
CA GLU D 3 -18.89 -17.61 -13.72
C GLU D 3 -20.31 -17.50 -13.18
N PHE D 4 -20.79 -18.57 -12.57
CA PHE D 4 -22.13 -18.58 -12.01
C PHE D 4 -22.15 -19.30 -10.67
N ARG D 5 -21.07 -20.02 -10.37
CA ARG D 5 -20.98 -20.76 -9.12
C ARG D 5 -19.97 -20.09 -8.18
N HIS D 6 -20.41 -19.78 -6.96
CA HIS D 6 -19.54 -19.14 -5.99
C HIS D 6 -18.16 -19.80 -5.98
N ASP D 7 -17.15 -19.07 -6.43
CA ASP D 7 -15.80 -19.58 -6.47
C ASP D 7 -14.78 -18.46 -6.35
N SER D 8 -15.13 -17.43 -5.58
CA SER D 8 -14.24 -16.29 -5.40
C SER D 8 -14.92 -15.21 -4.57
N GLY D 9 -14.45 -13.97 -4.72
CA GLY D 9 -15.03 -12.85 -3.99
C GLY D 9 -14.79 -12.99 -2.49
N TYR D 10 -13.53 -12.87 -2.08
CA TYR D 10 -13.18 -12.97 -0.67
C TYR D 10 -12.09 -11.96 -0.33
N GLU D 11 -12.23 -11.29 0.81
CA GLU D 11 -11.24 -10.31 1.23
C GLU D 11 -10.93 -10.48 2.72
N VAL D 12 -9.66 -10.38 3.10
CA VAL D 12 -9.28 -10.56 4.49
C VAL D 12 -8.95 -9.22 5.18
N HIS D 13 -9.87 -8.77 6.03
CA HIS D 13 -9.69 -7.52 6.78
C HIS D 13 -8.87 -6.51 5.97
N HIS D 14 -8.47 -5.42 6.64
CA HIS D 14 -7.69 -4.39 5.98
C HIS D 14 -7.52 -3.17 6.90
N GLN D 15 -6.60 -2.29 6.54
CA GLN D 15 -6.35 -1.09 7.33
C GLN D 15 -5.73 0.02 6.49
N LYS D 16 -5.14 1.01 7.15
CA LYS D 16 -4.51 2.14 6.46
C LYS D 16 -4.56 1.97 4.95
N LEU D 17 -5.73 1.62 4.43
CA LEU D 17 -5.89 1.41 3.00
C LEU D 17 -4.95 0.31 2.54
N VAL D 18 -5.22 -0.92 3.00
CA VAL D 18 -4.37 -2.05 2.66
C VAL D 18 -4.37 -2.39 1.17
N PHE D 19 -5.46 -2.98 0.70
CA PHE D 19 -5.54 -3.36 -0.70
C PHE D 19 -6.73 -4.28 -0.92
N PHE D 20 -6.76 -4.93 -2.08
CA PHE D 20 -7.84 -5.84 -2.41
C PHE D 20 -7.93 -6.09 -3.90
N ALA D 21 -9.09 -6.58 -4.34
CA ALA D 21 -9.31 -6.87 -5.75
C ALA D 21 -10.11 -8.17 -5.87
N GLU D 22 -9.42 -9.31 -5.71
CA GLU D 22 -10.06 -10.61 -5.80
C GLU D 22 -10.05 -11.11 -7.24
N ASP D 23 -10.60 -12.31 -7.46
CA ASP D 23 -10.64 -12.88 -8.80
C ASP D 23 -12.07 -13.29 -9.18
N VAL D 24 -12.30 -13.40 -10.48
CA VAL D 24 -13.62 -13.78 -10.97
C VAL D 24 -13.97 -15.21 -10.53
N GLY D 25 -15.27 -15.48 -10.42
CA GLY D 25 -15.73 -16.81 -10.01
C GLY D 25 -14.95 -17.89 -10.74
N SER D 26 -14.91 -17.79 -12.07
CA SER D 26 -14.20 -18.77 -12.88
C SER D 26 -13.44 -18.08 -14.01
N ASN D 27 -12.41 -17.31 -13.64
CA ASN D 27 -11.61 -16.60 -14.63
C ASN D 27 -10.46 -17.47 -15.10
N LYS D 28 -9.95 -17.17 -16.30
CA LYS D 28 -8.84 -17.92 -16.86
C LYS D 28 -7.54 -17.57 -16.15
N GLY D 29 -6.47 -18.27 -16.51
CA GLY D 29 -5.17 -18.02 -15.90
C GLY D 29 -4.70 -16.60 -16.21
N ALA D 30 -5.06 -15.66 -15.35
CA ALA D 30 -4.67 -14.27 -15.53
C ALA D 30 -4.93 -13.45 -14.27
N ILE D 31 -4.07 -12.48 -14.01
CA ILE D 31 -4.22 -11.63 -12.84
C ILE D 31 -3.81 -10.20 -13.19
N ILE D 32 -4.50 -9.22 -12.62
CA ILE D 32 -4.19 -7.82 -12.88
C ILE D 32 -4.53 -6.97 -11.67
N GLY D 33 -3.74 -5.93 -11.43
CA GLY D 33 -3.97 -5.05 -10.28
C GLY D 33 -3.45 -3.65 -10.55
N LEU D 34 -4.05 -2.67 -9.89
CA LEU D 34 -3.64 -1.28 -10.05
C LEU D 34 -3.89 -0.49 -8.76
N MET D 35 -3.01 0.47 -8.47
CA MET D 35 -3.15 1.28 -7.27
C MET D 35 -2.68 2.71 -7.53
N VAL D 36 -3.32 3.66 -6.88
CA VAL D 36 -2.95 5.07 -7.03
C VAL D 36 -3.17 5.80 -5.70
N GLY D 37 -2.27 6.71 -5.37
CA GLY D 37 -2.38 7.47 -4.13
C GLY D 37 -1.00 7.81 -3.58
N GLY D 38 -0.87 7.83 -2.26
CA GLY D 38 0.41 8.14 -1.64
C GLY D 38 0.20 8.92 -0.35
N VAL D 39 1.08 9.87 -0.08
CA VAL D 39 0.98 10.67 1.13
C VAL D 39 1.26 12.14 0.83
N VAL D 40 0.37 13.01 1.28
CA VAL D 40 0.54 14.45 1.05
C VAL D 40 0.28 15.23 2.34
N ASP E 1 -14.46 -30.06 -12.30
CA ASP E 1 -13.91 -30.33 -13.66
C ASP E 1 -12.86 -29.28 -13.99
N ALA E 2 -13.25 -28.01 -13.88
CA ALA E 2 -12.34 -26.91 -14.18
C ALA E 2 -11.75 -26.34 -12.88
N GLU E 3 -12.41 -25.32 -12.35
CA GLU E 3 -11.95 -24.68 -11.12
C GLU E 3 -12.27 -25.56 -9.92
N PHE E 4 -12.46 -26.86 -10.17
CA PHE E 4 -12.77 -27.80 -9.09
C PHE E 4 -14.04 -27.36 -8.35
N ARG E 5 -14.50 -28.21 -7.43
CA ARG E 5 -15.70 -27.91 -6.66
C ARG E 5 -15.35 -27.70 -5.19
N HIS E 6 -15.54 -26.48 -4.71
CA HIS E 6 -15.23 -26.16 -3.33
C HIS E 6 -15.95 -24.89 -2.89
N ASP E 7 -16.40 -24.85 -1.65
CA ASP E 7 -17.09 -23.67 -1.12
C ASP E 7 -16.10 -22.62 -0.64
N SER E 8 -16.03 -21.50 -1.35
CA SER E 8 -15.12 -20.43 -0.98
C SER E 8 -15.83 -19.40 -0.11
N GLY E 9 -15.39 -18.16 -0.18
CA GLY E 9 -15.98 -17.08 0.61
C GLY E 9 -14.98 -15.96 0.88
N TYR E 10 -15.15 -15.28 2.01
CA TYR E 10 -14.26 -14.19 2.37
C TYR E 10 -14.00 -14.20 3.88
N GLU E 11 -12.77 -13.92 4.29
CA GLU E 11 -12.43 -13.90 5.70
C GLU E 11 -11.42 -12.79 5.99
N VAL E 12 -11.58 -12.12 7.13
CA VAL E 12 -10.68 -11.02 7.49
C VAL E 12 -9.30 -11.55 7.92
N HIS E 13 -8.26 -10.75 7.64
CA HIS E 13 -6.90 -11.12 8.00
C HIS E 13 -5.89 -10.60 6.97
N HIS E 14 -5.47 -9.35 7.14
CA HIS E 14 -4.51 -8.76 6.21
C HIS E 14 -4.65 -7.23 6.18
N GLN E 15 -3.66 -6.56 5.57
CA GLN E 15 -3.68 -5.10 5.48
C GLN E 15 -2.30 -4.56 5.08
N LYS E 16 -2.28 -3.57 4.18
CA LYS E 16 -1.00 -2.99 3.73
C LYS E 16 -1.17 -2.08 2.51
N LEU E 17 -2.36 -1.51 2.33
CA LEU E 17 -2.62 -0.62 1.20
C LEU E 17 -4.07 -0.78 0.73
N VAL E 18 -4.30 -0.64 -0.58
CA VAL E 18 -5.66 -0.78 -1.12
C VAL E 18 -5.59 -1.50 -2.46
N PHE E 19 -6.55 -2.41 -2.71
CA PHE E 19 -6.59 -3.15 -3.97
C PHE E 19 -5.47 -4.17 -4.05
N PHE E 20 -5.58 -5.27 -3.30
CA PHE E 20 -4.54 -6.31 -3.32
C PHE E 20 -4.42 -6.97 -4.69
N ALA E 21 -5.34 -7.88 -4.98
CA ALA E 21 -5.33 -8.61 -6.24
C ALA E 21 -6.06 -9.94 -6.10
N GLU E 22 -5.33 -10.96 -5.66
CA GLU E 22 -5.91 -12.28 -5.45
C GLU E 22 -5.64 -13.20 -6.64
N ASP E 23 -6.16 -14.42 -6.59
CA ASP E 23 -5.97 -15.39 -7.66
C ASP E 23 -7.25 -16.17 -7.92
N VAL E 24 -7.37 -16.68 -9.15
CA VAL E 24 -8.54 -17.45 -9.54
C VAL E 24 -8.34 -18.92 -9.16
N GLY E 25 -9.24 -19.78 -9.64
CA GLY E 25 -9.15 -21.19 -9.35
C GLY E 25 -7.69 -21.64 -9.30
N SER E 26 -6.93 -21.26 -10.32
CA SER E 26 -5.52 -21.63 -10.38
C SER E 26 -4.83 -20.96 -11.56
N ASN E 27 -3.97 -19.98 -11.27
CA ASN E 27 -3.26 -19.26 -12.32
C ASN E 27 -1.76 -19.50 -12.19
N LYS E 28 -1.28 -20.57 -12.82
CA LYS E 28 0.14 -20.90 -12.78
C LYS E 28 0.77 -20.74 -14.16
N GLY E 29 0.48 -19.62 -14.81
CA GLY E 29 1.03 -19.35 -16.13
C GLY E 29 0.48 -18.03 -16.68
N ALA E 30 0.33 -17.05 -15.80
CA ALA E 30 -0.18 -15.75 -16.21
C ALA E 30 -0.48 -14.90 -14.97
N ILE E 31 0.34 -13.88 -14.75
CA ILE E 31 0.15 -12.99 -13.62
C ILE E 31 0.52 -11.57 -13.99
N ILE E 32 -0.21 -10.59 -13.44
CA ILE E 32 0.05 -9.20 -13.74
C ILE E 32 -0.33 -8.33 -12.54
N GLY E 33 0.45 -7.27 -12.31
CA GLY E 33 0.18 -6.38 -11.19
C GLY E 33 0.85 -5.03 -11.39
N LEU E 34 0.38 -4.03 -10.65
CA LEU E 34 0.95 -2.69 -10.76
C LEU E 34 0.63 -1.86 -9.52
N MET E 35 1.46 -0.84 -9.29
CA MET E 35 1.28 0.05 -8.15
C MET E 35 1.63 1.47 -8.55
N VAL E 36 0.88 2.44 -8.03
CA VAL E 36 1.12 3.84 -8.36
C VAL E 36 0.82 4.71 -7.15
N GLY E 37 1.63 5.76 -6.96
CA GLY E 37 1.44 6.66 -5.84
C GLY E 37 2.80 7.14 -5.32
N GLY E 38 2.91 7.27 -4.00
CA GLY E 38 4.18 7.72 -3.42
C GLY E 38 3.94 8.53 -2.16
N VAL E 39 4.81 9.52 -1.93
CA VAL E 39 4.69 10.37 -0.76
C VAL E 39 5.21 11.77 -1.07
N VAL E 40 4.71 12.75 -0.32
CA VAL E 40 5.14 14.14 -0.52
C VAL E 40 4.53 15.05 0.54
N ASP F 1 5.62 7.28 31.69
CA ASP F 1 5.33 6.15 30.76
C ASP F 1 4.92 6.71 29.40
N ALA F 2 5.86 7.34 28.72
CA ALA F 2 5.58 7.92 27.41
C ALA F 2 5.05 6.85 26.46
N GLU F 3 5.93 5.94 26.04
CA GLU F 3 5.54 4.88 25.13
C GLU F 3 5.72 3.52 25.79
N PHE F 4 4.91 2.55 25.39
CA PHE F 4 4.98 1.21 25.95
C PHE F 4 5.93 0.34 25.13
N ARG F 5 5.65 0.22 23.84
CA ARG F 5 6.48 -0.59 22.96
C ARG F 5 7.94 -0.15 23.03
N HIS F 6 8.80 -0.82 22.27
CA HIS F 6 10.21 -0.47 22.27
C HIS F 6 10.94 -1.24 21.15
N ASP F 7 11.90 -0.57 20.52
CA ASP F 7 12.66 -1.19 19.44
C ASP F 7 14.06 -0.58 19.34
N SER F 8 14.42 0.21 20.36
CA SER F 8 15.73 0.85 20.38
C SER F 8 16.81 -0.14 19.98
N GLY F 9 16.74 -1.35 20.53
CA GLY F 9 17.72 -2.38 20.22
C GLY F 9 17.10 -3.77 20.30
N TYR F 10 17.61 -4.70 19.50
CA TYR F 10 17.08 -6.06 19.48
C TYR F 10 17.07 -6.60 18.06
N GLU F 11 16.01 -7.33 17.70
CA GLU F 11 15.90 -7.88 16.35
C GLU F 11 14.45 -7.86 15.91
N VAL F 12 14.21 -7.54 14.64
CA VAL F 12 12.86 -7.48 14.11
C VAL F 12 12.63 -8.59 13.08
N HIS F 13 12.00 -9.67 13.50
CA HIS F 13 11.73 -10.79 12.61
C HIS F 13 10.46 -11.53 13.02
N HIS F 14 10.05 -12.49 12.20
CA HIS F 14 8.85 -13.27 12.49
C HIS F 14 8.65 -14.36 11.44
N GLN F 15 7.44 -14.43 10.89
CA GLN F 15 7.13 -15.44 9.88
C GLN F 15 6.44 -14.78 8.69
N LYS F 16 6.28 -15.55 7.61
CA LYS F 16 5.63 -15.03 6.41
C LYS F 16 6.10 -13.61 6.11
N LEU F 17 5.46 -12.63 6.73
CA LEU F 17 5.83 -11.23 6.53
C LEU F 17 5.67 -10.47 7.84
N VAL F 18 6.59 -9.54 8.10
CA VAL F 18 6.54 -8.76 9.33
C VAL F 18 7.14 -7.37 9.10
N PHE F 19 6.59 -6.37 9.77
CA PHE F 19 7.09 -5.01 9.62
C PHE F 19 6.83 -4.20 10.88
N PHE F 20 7.67 -3.19 11.11
CA PHE F 20 7.54 -2.34 12.29
C PHE F 20 8.09 -0.95 11.99
N ALA F 21 7.48 0.06 12.60
CA ALA F 21 7.91 1.44 12.40
C ALA F 21 7.21 2.37 13.37
N GLU F 22 7.98 3.17 14.09
CA GLU F 22 7.42 4.12 15.05
C GLU F 22 8.53 4.78 15.86
N ASP F 23 8.20 5.88 16.51
CA ASP F 23 9.17 6.61 17.31
C ASP F 23 9.36 5.91 18.66
N VAL F 24 10.61 5.56 18.96
CA VAL F 24 10.91 4.88 20.22
C VAL F 24 11.51 5.87 21.22
N GLY F 25 10.73 6.20 22.24
CA GLY F 25 11.18 7.14 23.27
C GLY F 25 10.06 8.08 23.68
N SER F 26 9.78 9.06 22.83
CA SER F 26 8.72 10.02 23.11
C SER F 26 8.06 10.50 21.83
N ASN F 27 6.76 10.24 21.70
CA ASN F 27 6.02 10.64 20.51
C ASN F 27 5.43 12.03 20.70
N LYS F 28 5.34 12.79 19.60
CA LYS F 28 4.79 14.14 19.66
C LYS F 28 3.58 14.26 18.73
N GLY F 29 3.14 15.49 18.50
CA GLY F 29 1.99 15.74 17.65
C GLY F 29 2.27 15.25 16.22
N ALA F 30 1.85 14.03 15.93
CA ALA F 30 2.06 13.46 14.61
C ALA F 30 1.02 12.37 14.32
N ILE F 31 1.17 11.70 13.18
CA ILE F 31 0.25 10.64 12.80
C ILE F 31 1.00 9.54 12.07
N ILE F 32 0.63 8.29 12.31
CA ILE F 32 1.30 7.17 11.67
C ILE F 32 0.35 5.98 11.51
N GLY F 33 0.59 5.19 10.47
CA GLY F 33 -0.25 4.01 10.21
C GLY F 33 0.61 2.89 9.62
N LEU F 34 0.31 1.65 10.00
CA LEU F 34 1.06 0.50 9.50
C LEU F 34 0.14 -0.70 9.32
N MET F 35 0.37 -1.48 8.27
CA MET F 35 -0.46 -2.65 8.02
C MET F 35 0.26 -3.66 7.13
N VAL F 36 -0.17 -4.92 7.24
CA VAL F 36 0.43 -6.00 6.45
C VAL F 36 -0.62 -7.06 6.14
N GLY F 37 -0.51 -7.69 4.97
CA GLY F 37 -1.47 -8.72 4.59
C GLY F 37 -1.67 -8.76 3.08
N GLY F 38 -2.88 -9.07 2.64
CA GLY F 38 -3.19 -9.14 1.22
C GLY F 38 -4.38 -10.05 0.94
N VAL F 39 -4.42 -10.61 -0.26
CA VAL F 39 -5.50 -11.51 -0.65
C VAL F 39 -4.93 -12.70 -1.41
N VAL F 40 -5.69 -13.79 -1.45
CA VAL F 40 -5.24 -15.00 -2.14
C VAL F 40 -6.25 -16.13 -1.97
N ASP G 1 8.59 9.92 29.32
CA ASP G 1 9.95 10.50 29.04
C ASP G 1 10.57 9.77 27.86
N ALA G 2 11.77 10.22 27.47
CA ALA G 2 12.47 9.60 26.35
C ALA G 2 12.77 8.13 26.65
N GLU G 3 13.79 7.59 25.99
CA GLU G 3 14.18 6.20 26.20
C GLU G 3 14.18 5.86 27.68
N PHE G 4 13.47 4.79 28.04
CA PHE G 4 13.41 4.37 29.44
C PHE G 4 14.40 3.24 29.70
N ARG G 5 14.35 2.21 28.87
CA ARG G 5 15.25 1.07 29.02
C ARG G 5 16.66 1.44 28.60
N HIS G 6 17.33 0.53 27.90
CA HIS G 6 18.70 0.78 27.44
C HIS G 6 19.29 -0.48 26.82
N ASP G 7 19.24 -0.55 25.50
CA ASP G 7 19.78 -1.71 24.79
C ASP G 7 20.42 -1.28 23.47
N SER G 8 19.59 -0.87 22.52
CA SER G 8 20.08 -0.44 21.22
C SER G 8 20.91 -1.53 20.56
N GLY G 9 20.58 -2.79 20.87
CA GLY G 9 21.30 -3.92 20.31
C GLY G 9 21.20 -3.96 18.79
N TYR G 10 20.01 -4.28 18.28
CA TYR G 10 19.81 -4.34 16.83
C TYR G 10 18.34 -4.53 16.49
N GLU G 11 18.03 -4.47 15.20
CA GLU G 11 16.66 -4.63 14.74
C GLU G 11 16.64 -5.19 13.32
N VAL G 12 15.59 -5.93 12.97
CA VAL G 12 15.47 -6.51 11.64
C VAL G 12 16.40 -7.71 11.49
N HIS G 13 15.82 -8.90 11.42
CA HIS G 13 16.60 -10.12 11.27
C HIS G 13 15.97 -11.05 10.23
N HIS G 14 15.49 -12.19 10.69
CA HIS G 14 14.87 -13.16 9.79
C HIS G 14 13.48 -12.70 9.36
N GLN G 15 13.03 -13.17 8.21
CA GLN G 15 11.72 -12.80 7.69
C GLN G 15 11.67 -13.00 6.18
N LYS G 16 10.54 -13.51 5.68
CA LYS G 16 10.38 -13.73 4.25
C LYS G 16 10.48 -12.41 3.49
N LEU G 17 9.50 -11.53 3.68
CA LEU G 17 9.49 -10.25 3.00
C LEU G 17 8.77 -9.21 3.86
N VAL G 18 9.22 -7.96 3.77
CA VAL G 18 8.62 -6.89 4.55
C VAL G 18 9.52 -5.66 4.60
N PHE G 19 9.28 -4.79 5.58
CA PHE G 19 10.08 -3.58 5.73
C PHE G 19 10.05 -3.08 7.18
N PHE G 20 11.09 -2.35 7.56
CA PHE G 20 11.18 -1.82 8.92
C PHE G 20 11.90 -0.48 8.91
N ALA G 21 11.48 0.44 9.76
CA ALA G 21 12.10 1.75 9.84
C ALA G 21 11.68 2.48 11.11
N GLU G 22 12.62 3.16 11.74
CA GLU G 22 12.34 3.90 12.96
C GLU G 22 13.61 4.48 13.56
N ASP G 23 13.50 5.68 14.13
CA ASP G 23 14.65 6.33 14.74
C ASP G 23 14.87 5.78 16.15
N VAL G 24 16.13 5.57 16.50
CA VAL G 24 16.46 5.05 17.83
C VAL G 24 16.77 6.19 18.79
N GLY G 25 15.77 6.60 19.55
CA GLY G 25 15.94 7.68 20.51
C GLY G 25 14.66 8.51 20.64
N SER G 26 14.49 9.47 19.73
CA SER G 26 13.31 10.32 19.75
C SER G 26 12.91 10.71 18.33
N ASN G 27 11.82 11.46 18.21
CA ASN G 27 11.33 11.89 16.91
C ASN G 27 10.69 13.27 16.99
N LYS G 28 10.40 13.86 15.83
CA LYS G 28 9.79 15.18 15.79
C LYS G 28 8.35 15.08 15.27
N GLY G 29 7.67 16.22 15.22
CA GLY G 29 6.30 16.25 14.74
C GLY G 29 6.24 16.05 13.23
N ALA G 30 5.88 14.84 12.82
CA ALA G 30 5.79 14.52 11.39
C ALA G 30 4.78 13.41 11.16
N ILE G 31 4.94 12.70 10.04
CA ILE G 31 4.05 11.60 9.70
C ILE G 31 4.82 10.49 9.01
N ILE G 32 4.46 9.24 9.30
CA ILE G 32 5.15 8.10 8.69
C ILE G 32 4.17 6.96 8.45
N GLY G 33 4.37 6.24 7.35
CA GLY G 33 3.50 5.12 7.01
C GLY G 33 4.29 4.05 6.26
N LEU G 34 3.96 2.79 6.50
CA LEU G 34 4.66 1.69 5.82
C LEU G 34 3.71 0.51 5.60
N MET G 35 3.94 -0.24 4.53
CA MET G 35 3.11 -1.39 4.22
C MET G 35 3.92 -2.43 3.43
N VAL G 36 3.58 -3.70 3.59
CA VAL G 36 4.29 -4.77 2.88
C VAL G 36 3.42 -6.01 2.72
N GLY G 37 3.73 -6.82 1.70
CA GLY G 37 2.98 -8.04 1.45
C GLY G 37 1.56 -7.75 1.03
N GLY G 38 1.38 -7.26 -0.19
CA GLY G 38 0.05 -6.94 -0.69
C GLY G 38 -0.82 -8.19 -0.83
N VAL G 39 -0.54 -8.99 -1.85
CA VAL G 39 -1.31 -10.21 -2.08
C VAL G 39 -0.46 -11.28 -2.73
N VAL G 40 -0.60 -12.52 -2.27
CA VAL G 40 0.17 -13.63 -2.83
C VAL G 40 -0.73 -14.84 -3.06
N ASP H 1 15.50 14.64 25.80
CA ASP H 1 14.89 14.54 24.44
C ASP H 1 15.91 14.01 23.45
N ALA H 2 16.55 12.90 23.80
CA ALA H 2 17.56 12.30 22.93
C ALA H 2 18.13 11.03 23.57
N GLU H 3 19.14 10.46 22.93
CA GLU H 3 19.76 9.24 23.44
C GLU H 3 20.80 9.58 24.50
N PHE H 4 21.00 8.66 25.45
CA PHE H 4 21.97 8.87 26.51
C PHE H 4 23.39 8.74 25.97
N ARG H 5 23.65 9.38 24.83
CA ARG H 5 24.97 9.33 24.22
C ARG H 5 25.40 7.89 23.99
N HIS H 6 25.18 7.39 22.79
CA HIS H 6 25.55 6.02 22.45
C HIS H 6 25.68 5.85 20.94
N ASP H 7 26.21 4.71 20.53
CA ASP H 7 26.39 4.43 19.10
C ASP H 7 25.14 3.77 18.53
N SER H 8 25.19 3.45 17.24
CA SER H 8 24.06 2.81 16.58
C SER H 8 23.83 1.41 17.15
N GLY H 9 24.68 0.46 16.77
CA GLY H 9 24.56 -0.90 17.27
C GLY H 9 23.25 -1.55 16.81
N TYR H 10 23.17 -1.85 15.52
CA TYR H 10 21.97 -2.48 14.98
C TYR H 10 22.27 -3.21 13.67
N GLU H 11 21.45 -4.20 13.35
CA GLU H 11 21.63 -4.98 12.13
C GLU H 11 20.30 -5.46 11.58
N VAL H 12 20.21 -5.60 10.26
CA VAL H 12 18.97 -6.06 9.63
C VAL H 12 19.23 -7.28 8.76
N HIS H 13 18.15 -7.94 8.34
CA HIS H 13 18.28 -9.13 7.50
C HIS H 13 16.92 -9.54 6.96
N HIS H 14 16.93 -10.39 5.93
CA HIS H 14 15.68 -10.85 5.33
C HIS H 14 15.93 -12.06 4.43
N GLN H 15 14.95 -12.38 3.59
CA GLN H 15 15.08 -13.52 2.68
C GLN H 15 14.62 -13.14 1.27
N LYS H 16 13.31 -13.16 1.06
CA LYS H 16 12.76 -12.82 -0.24
C LYS H 16 13.15 -11.41 -0.65
N LEU H 17 12.42 -10.43 -0.13
CA LEU H 17 12.70 -9.02 -0.44
C LEU H 17 12.45 -8.16 0.80
N VAL H 18 13.30 -7.15 0.99
CA VAL H 18 13.14 -6.26 2.14
C VAL H 18 13.68 -4.86 1.83
N PHE H 19 13.06 -3.86 2.42
CA PHE H 19 13.48 -2.48 2.21
C PHE H 19 13.03 -1.59 3.37
N PHE H 20 13.73 -0.47 3.55
CA PHE H 20 13.38 0.45 4.63
C PHE H 20 14.45 1.51 4.82
N ALA H 21 14.36 2.24 5.93
CA ALA H 21 15.32 3.29 6.23
C ALA H 21 15.63 3.34 7.73
N GLU H 22 16.90 3.52 8.06
CA GLU H 22 17.31 3.58 9.46
C GLU H 22 18.21 4.79 9.69
N ASP H 23 17.82 5.65 10.64
CA ASP H 23 18.61 6.83 10.94
C ASP H 23 18.65 7.09 12.45
N VAL H 24 19.77 7.63 12.91
CA VAL H 24 19.94 7.93 14.32
C VAL H 24 18.62 8.34 14.95
N GLY H 25 18.55 8.28 16.28
CA GLY H 25 17.34 8.65 16.99
C GLY H 25 16.82 10.00 16.52
N SER H 26 17.59 10.66 15.65
CA SER H 26 17.19 11.96 15.13
C SER H 26 16.32 11.79 13.89
N ASN H 27 15.04 12.13 14.01
CA ASN H 27 14.12 12.02 12.89
C ASN H 27 13.94 13.37 12.21
N LYS H 28 13.09 13.41 11.18
CA LYS H 28 12.84 14.64 10.46
C LYS H 28 11.44 15.17 10.77
N GLY H 29 11.32 16.50 10.84
CA GLY H 29 10.03 17.12 11.13
C GLY H 29 9.30 17.47 9.84
N ALA H 30 8.57 16.51 9.30
CA ALA H 30 7.82 16.74 8.07
C ALA H 30 6.83 15.60 7.82
N ILE H 31 7.01 14.88 6.72
CA ILE H 31 6.13 13.77 6.38
C ILE H 31 6.91 12.66 5.67
N ILE H 32 6.53 11.41 5.93
CA ILE H 32 7.20 10.28 5.30
C ILE H 32 6.20 9.14 5.06
N GLY H 33 6.38 8.42 3.97
CA GLY H 33 5.48 7.31 3.65
C GLY H 33 6.22 6.22 2.88
N LEU H 34 5.81 4.97 3.08
CA LEU H 34 6.44 3.84 2.39
C LEU H 34 5.40 2.75 2.13
N MET H 35 5.56 2.06 1.00
CA MET H 35 4.64 0.99 0.65
C MET H 35 5.40 -0.13 -0.08
N VAL H 36 5.01 -1.37 0.18
CA VAL H 36 5.67 -2.50 -0.45
C VAL H 36 4.84 -3.78 -0.33
N GLY H 37 5.18 -4.76 -1.15
CA GLY H 37 4.48 -6.04 -1.13
C GLY H 37 4.59 -6.75 -2.46
N GLY H 38 3.64 -7.64 -2.73
CA GLY H 38 3.64 -8.38 -4.00
C GLY H 38 2.22 -8.69 -4.44
N VAL H 39 1.99 -8.68 -5.75
CA VAL H 39 0.67 -8.95 -6.29
C VAL H 39 0.69 -10.25 -7.10
N VAL H 40 -0.15 -11.21 -6.71
CA VAL H 40 -0.21 -12.48 -7.41
C VAL H 40 -1.66 -12.96 -7.52
N ASP I 1 23.48 14.61 23.13
CA ASP I 1 24.01 15.23 21.88
C ASP I 1 23.35 14.58 20.68
N ALA I 2 23.72 13.34 20.40
CA ALA I 2 23.16 12.61 19.27
C ALA I 2 23.58 11.15 19.30
N GLU I 3 24.89 10.91 19.25
CA GLU I 3 25.42 9.55 19.27
C GLU I 3 26.63 9.47 20.19
N PHE I 4 27.70 10.19 19.82
CA PHE I 4 28.91 10.18 20.62
C PHE I 4 29.46 8.77 20.76
N ARG I 5 30.61 8.64 21.41
CA ARG I 5 31.24 7.34 21.60
C ARG I 5 31.78 6.81 20.29
N HIS I 6 32.89 6.06 20.36
CA HIS I 6 33.50 5.51 19.17
C HIS I 6 32.83 4.18 18.80
N ASP I 7 33.63 3.23 18.31
CA ASP I 7 33.11 1.94 17.91
C ASP I 7 31.99 2.10 16.89
N SER I 8 30.77 1.74 17.29
CA SER I 8 29.62 1.84 16.41
C SER I 8 29.84 1.04 15.14
N GLY I 9 28.97 0.05 14.91
CA GLY I 9 29.08 -0.78 13.72
C GLY I 9 27.69 -1.17 13.22
N TYR I 10 27.53 -1.23 11.90
CA TYR I 10 26.25 -1.60 11.32
C TYR I 10 26.45 -2.35 10.01
N GLU I 11 25.54 -3.29 9.73
CA GLU I 11 25.63 -4.08 8.50
C GLU I 11 24.24 -4.46 8.01
N VAL I 12 24.07 -4.53 6.69
CA VAL I 12 22.78 -4.90 6.11
C VAL I 12 22.88 -6.27 5.44
N HIS I 13 22.14 -7.24 5.98
CA HIS I 13 22.16 -8.59 5.43
C HIS I 13 21.01 -8.78 4.45
N HIS I 14 21.10 -9.82 3.62
CA HIS I 14 20.06 -10.10 2.64
C HIS I 14 20.22 -11.50 2.07
N GLN I 15 19.35 -11.87 1.13
CA GLN I 15 19.41 -13.18 0.52
C GLN I 15 19.06 -13.11 -0.97
N LYS I 16 17.90 -12.52 -1.26
CA LYS I 16 17.46 -12.38 -2.64
C LYS I 16 17.75 -10.98 -3.17
N LEU I 17 16.94 -10.02 -2.75
CA LEU I 17 17.12 -8.64 -3.18
C LEU I 17 16.72 -7.68 -2.06
N VAL I 18 17.45 -6.57 -1.94
CA VAL I 18 17.17 -5.58 -0.92
C VAL I 18 17.51 -4.18 -1.41
N PHE I 19 16.73 -3.19 -0.98
CA PHE I 19 16.96 -1.82 -1.39
C PHE I 19 16.36 -0.84 -0.39
N PHE I 20 16.91 0.38 -0.36
CA PHE I 20 16.41 1.41 0.55
C PHE I 20 17.45 2.51 0.74
N ALA I 21 17.32 3.24 1.84
CA ALA I 21 18.24 4.32 2.14
C ALA I 21 18.70 4.23 3.60
N GLU I 22 20.01 4.18 3.80
CA GLU I 22 20.56 4.09 5.15
C GLU I 22 21.20 5.41 5.55
N ASP I 23 20.44 6.23 6.29
CA ASP I 23 20.93 7.53 6.74
C ASP I 23 21.02 7.56 8.26
N VAL I 24 22.21 7.85 8.78
CA VAL I 24 22.40 7.91 10.23
C VAL I 24 23.23 9.13 10.62
N GLY I 25 23.24 9.45 11.90
CA GLY I 25 23.99 10.60 12.38
C GLY I 25 23.06 11.76 12.71
N SER I 26 22.32 12.22 11.70
CA SER I 26 21.39 13.33 11.89
C SER I 26 20.50 13.49 10.66
N ASN I 27 19.23 13.81 10.89
CA ASN I 27 18.29 14.00 9.79
C ASN I 27 17.77 15.43 9.78
N LYS I 28 17.26 15.86 8.63
CA LYS I 28 16.73 17.21 8.49
C LYS I 28 15.23 17.17 8.22
N GLY I 29 14.55 18.30 8.43
CA GLY I 29 13.12 18.37 8.19
C GLY I 29 12.81 18.35 6.70
N ALA I 30 12.32 17.21 6.22
CA ALA I 30 11.99 17.07 4.81
C ALA I 30 10.95 15.97 4.61
N ILE I 31 11.06 15.26 3.49
CA ILE I 31 10.13 14.18 3.19
C ILE I 31 10.86 13.07 2.45
N ILE I 32 10.45 11.82 2.70
CA ILE I 32 11.08 10.68 2.05
C ILE I 32 10.05 9.57 1.81
N GLY I 33 10.20 8.87 0.70
CA GLY I 33 9.29 7.78 0.36
C GLY I 33 9.99 6.74 -0.50
N LEU I 34 9.57 5.49 -0.37
CA LEU I 34 10.17 4.41 -1.15
C LEU I 34 9.22 3.22 -1.29
N MET I 35 9.44 2.43 -2.34
CA MET I 35 8.62 1.25 -2.58
C MET I 35 9.45 0.18 -3.27
N VAL I 36 9.17 -1.09 -2.97
CA VAL I 36 9.92 -2.18 -3.57
C VAL I 36 9.10 -3.47 -3.60
N GLY I 37 9.45 -4.36 -4.52
CA GLY I 37 8.75 -5.63 -4.66
C GLY I 37 7.30 -5.42 -5.04
N GLY I 38 7.07 -4.98 -6.28
CA GLY I 38 5.72 -4.72 -6.76
C GLY I 38 4.89 -6.00 -6.78
N VAL I 39 5.17 -6.88 -7.72
CA VAL I 39 4.41 -8.13 -7.84
C VAL I 39 5.36 -9.32 -7.90
N VAL I 40 4.82 -10.51 -7.62
CA VAL I 40 5.62 -11.73 -7.64
C VAL I 40 4.76 -12.93 -8.01
N ASP J 1 26.05 22.74 12.82
CA ASP J 1 25.64 21.54 12.03
C ASP J 1 25.29 20.40 12.98
N ALA J 2 25.40 19.18 12.49
CA ALA J 2 25.10 18.01 13.30
C ALA J 2 25.90 16.79 12.82
N GLU J 3 27.22 16.97 12.72
CA GLU J 3 28.09 15.88 12.27
C GLU J 3 28.86 15.30 13.45
N PHE J 4 28.24 15.35 14.64
CA PHE J 4 28.89 14.82 15.83
C PHE J 4 29.57 13.49 15.53
N ARG J 5 30.88 13.54 15.28
CA ARG J 5 31.64 12.34 14.98
C ARG J 5 30.94 11.51 13.90
N HIS J 6 31.51 10.36 13.58
CA HIS J 6 30.94 9.49 12.56
C HIS J 6 29.53 9.05 12.97
N ASP J 7 28.88 8.29 12.09
CA ASP J 7 27.53 7.81 12.37
C ASP J 7 27.35 6.38 11.86
N SER J 8 26.48 6.20 10.88
CA SER J 8 26.24 4.88 10.32
C SER J 8 27.52 4.06 10.27
N GLY J 9 27.61 3.06 11.13
CA GLY J 9 28.80 2.21 11.18
C GLY J 9 29.04 1.54 9.83
N TYR J 10 28.16 0.63 9.47
CA TYR J 10 28.29 -0.07 8.20
C TYR J 10 26.96 -0.71 7.78
N GLU J 11 26.86 -1.05 6.50
CA GLU J 11 25.64 -1.65 5.98
C GLU J 11 25.95 -2.49 4.74
N VAL J 12 25.14 -3.51 4.50
CA VAL J 12 25.34 -4.38 3.34
C VAL J 12 26.48 -5.35 3.59
N HIS J 13 26.25 -6.61 3.25
CA HIS J 13 27.27 -7.65 3.43
C HIS J 13 27.76 -8.17 2.08
N HIS J 14 26.91 -8.96 1.42
CA HIS J 14 27.26 -9.52 0.12
C HIS J 14 26.49 -10.81 -0.13
N GLN J 15 25.77 -10.85 -1.25
CA GLN J 15 24.99 -12.04 -1.60
C GLN J 15 24.41 -11.91 -3.01
N LYS J 16 23.14 -12.26 -3.16
CA LYS J 16 22.48 -12.20 -4.45
C LYS J 16 22.68 -10.82 -5.09
N LEU J 17 21.80 -9.88 -4.77
CA LEU J 17 21.90 -8.53 -5.32
C LEU J 17 21.33 -7.51 -4.34
N VAL J 18 21.92 -6.31 -4.33
CA VAL J 18 21.46 -5.26 -3.45
C VAL J 18 21.71 -3.88 -4.06
N PHE J 19 20.85 -2.92 -3.71
CA PHE J 19 20.99 -1.57 -4.23
C PHE J 19 20.39 -0.57 -3.24
N PHE J 20 20.94 0.64 -3.22
CA PHE J 20 20.43 1.67 -2.31
C PHE J 20 21.37 2.87 -2.27
N ALA J 21 21.13 3.75 -1.30
CA ALA J 21 21.95 4.94 -1.14
C ALA J 21 22.23 5.20 0.34
N GLU J 22 23.51 5.12 0.72
CA GLU J 22 23.89 5.34 2.10
C GLU J 22 24.97 6.41 2.19
N ASP J 23 24.61 7.57 2.74
CA ASP J 23 25.55 8.67 2.88
C ASP J 23 25.53 9.21 4.30
N VAL J 24 26.56 9.97 4.68
CA VAL J 24 26.64 10.54 6.01
C VAL J 24 25.30 11.12 6.43
N GLY J 25 25.12 11.31 7.74
CA GLY J 25 23.87 11.86 8.25
C GLY J 25 23.54 13.19 7.58
N SER J 26 24.39 13.60 6.64
CA SER J 26 24.18 14.85 5.93
C SER J 26 23.21 14.65 4.77
N ASN J 27 21.94 14.95 4.99
CA ASN J 27 20.92 14.80 3.96
C ASN J 27 20.45 16.16 3.48
N LYS J 28 19.55 16.15 2.49
CA LYS J 28 19.02 17.39 1.94
C LYS J 28 17.65 17.69 2.53
N GLY J 29 17.49 18.89 3.07
CA GLY J 29 16.23 19.29 3.67
C GLY J 29 15.25 19.79 2.60
N ALA J 30 14.40 18.89 2.13
CA ALA J 30 13.41 19.24 1.11
C ALA J 30 12.39 18.12 0.94
N ILE J 31 12.50 17.39 -0.17
CA ILE J 31 11.59 16.30 -0.44
C ILE J 31 12.31 15.18 -1.20
N ILE J 32 11.88 13.94 -0.97
CA ILE J 32 12.50 12.81 -1.64
C ILE J 32 11.48 11.69 -1.82
N GLY J 33 11.61 10.94 -2.92
CA GLY J 33 10.68 9.84 -3.19
C GLY J 33 11.37 8.74 -3.99
N LEU J 34 10.92 7.51 -3.80
CA LEU J 34 11.50 6.38 -4.50
C LEU J 34 10.45 5.27 -4.69
N MET J 35 10.56 4.54 -5.80
CA MET J 35 9.63 3.47 -6.08
C MET J 35 10.30 2.39 -6.93
N VAL J 36 9.86 1.15 -6.78
CA VAL J 36 10.44 0.05 -7.54
C VAL J 36 9.96 -1.30 -7.00
N GLY J 37 10.63 -2.35 -7.44
CA GLY J 37 10.29 -3.70 -7.01
C GLY J 37 10.71 -4.73 -8.05
N GLY J 38 10.04 -5.88 -8.08
CA GLY J 38 10.37 -6.91 -9.05
C GLY J 38 9.15 -7.76 -9.38
N VAL J 39 9.11 -8.29 -10.59
CA VAL J 39 7.99 -9.12 -11.02
C VAL J 39 8.41 -10.58 -11.10
N VAL J 40 7.73 -11.43 -10.33
CA VAL J 40 8.04 -12.85 -10.33
C VAL J 40 9.54 -13.08 -10.16
P 2PO K . -29.90 -5.67 -4.41
O1P 2PO K . -30.07 -4.40 -5.34
O2P 2PO K . -30.69 -5.35 -3.07
O3P 2PO K . -30.23 -6.98 -5.03
P 2PO L . -25.42 -10.75 -7.06
O1P 2PO L . -24.95 -9.24 -6.96
O2P 2PO L . -24.48 -11.58 -6.09
O3P 2PO L . -25.56 -11.31 -8.44
P 2PO M . -19.44 -13.91 -7.16
O1P 2PO M . -19.01 -14.13 -5.65
O2P 2PO M . -18.69 -15.02 -8.01
O3P 2PO M . -19.30 -12.52 -7.68
P 2PO N . -11.80 -14.71 -5.48
O1P 2PO N . -12.31 -14.93 -4.00
O2P 2PO N . -10.97 -13.36 -5.47
O3P 2PO N . -11.10 -15.86 -6.10
P 2PO O . -13.05 -20.32 -4.29
O1P 2PO O . -13.29 -20.67 -5.82
O2P 2PO O . -12.76 -18.75 -4.23
O3P 2PO O . -12.06 -21.17 -3.57
P 2PO P . 15.53 2.33 24.16
O1P 2PO P . 16.91 3.08 23.96
O2P 2PO P . 15.88 0.91 24.79
O3P 2PO P . 14.47 3.09 24.86
P 2PO Q . 21.33 3.34 21.92
O1P 2PO Q . 22.69 2.90 21.26
O2P 2PO Q . 20.48 4.05 20.77
O3P 2PO Q . 21.43 4.12 23.19
P 2PO R . 21.91 3.68 14.72
O1P 2PO R . 20.96 3.26 15.90
O2P 2PO R . 21.01 3.76 13.41
O3P 2PO R . 22.76 4.88 14.97
P 2PO S . 28.13 5.42 15.16
O1P 2PO S . 28.11 6.12 16.57
O2P 2PO S . 26.76 5.79 14.44
O3P 2PO S . 29.35 5.65 14.33
P 2PO T . 27.63 6.31 7.80
O1P 2PO T . 28.05 6.72 9.27
O2P 2PO T . 26.57 7.39 7.32
O3P 2PO T . 28.75 6.06 6.84
N ASP A 1 -32.40 -16.20 -11.49
CA ASP A 1 -31.96 -15.37 -10.33
C ASP A 1 -31.06 -14.25 -10.83
N ALA A 2 -30.86 -14.18 -12.13
CA ALA A 2 -30.02 -13.15 -12.72
C ALA A 2 -30.84 -11.92 -13.07
N GLU A 3 -30.17 -10.77 -13.18
CA GLU A 3 -30.85 -9.53 -13.51
C GLU A 3 -31.39 -9.57 -14.94
N PHE A 4 -32.65 -9.94 -15.08
CA PHE A 4 -33.26 -10.01 -16.41
C PHE A 4 -33.87 -8.67 -16.78
N ARG A 5 -33.55 -7.63 -16.02
CA ARG A 5 -34.07 -6.30 -16.29
C ARG A 5 -33.09 -5.50 -17.15
N HIS A 6 -33.57 -4.39 -17.69
CA HIS A 6 -32.73 -3.54 -18.52
C HIS A 6 -31.69 -2.80 -17.68
N ASP A 7 -31.69 -1.48 -17.76
CA ASP A 7 -30.75 -0.68 -17.00
C ASP A 7 -30.65 -1.17 -15.55
N SER A 8 -29.45 -1.12 -14.99
CA SER A 8 -29.25 -1.58 -13.63
C SER A 8 -29.90 -0.62 -12.64
N GLY A 9 -29.73 0.68 -12.86
CA GLY A 9 -30.32 1.68 -11.99
C GLY A 9 -29.75 1.57 -10.58
N TYR A 10 -28.48 1.92 -10.43
CA TYR A 10 -27.83 1.85 -9.13
C TYR A 10 -26.70 2.87 -9.04
N GLU A 11 -26.45 3.36 -7.83
CA GLU A 11 -25.39 4.35 -7.62
C GLU A 11 -24.82 4.22 -6.22
N VAL A 12 -23.54 4.56 -6.06
CA VAL A 12 -22.89 4.48 -4.77
C VAL A 12 -22.53 5.88 -4.26
N HIS A 13 -22.55 6.06 -2.95
CA HIS A 13 -22.23 7.35 -2.35
C HIS A 13 -22.19 7.25 -0.82
N HIS A 14 -21.42 8.12 -0.20
CA HIS A 14 -21.30 8.11 1.26
C HIS A 14 -20.49 9.32 1.73
N GLN A 15 -19.73 9.14 2.80
CA GLN A 15 -18.91 10.22 3.35
C GLN A 15 -17.60 9.68 3.90
N LYS A 16 -16.81 10.56 4.51
CA LYS A 16 -15.54 10.16 5.09
C LYS A 16 -14.80 9.20 4.15
N LEU A 17 -14.90 7.91 4.43
CA LEU A 17 -14.25 6.90 3.60
C LEU A 17 -15.11 5.64 3.53
N VAL A 18 -15.11 4.99 2.38
CA VAL A 18 -15.90 3.77 2.21
C VAL A 18 -15.22 2.83 1.22
N PHE A 19 -15.38 1.52 1.47
CA PHE A 19 -14.77 0.52 0.60
C PHE A 19 -15.65 -0.73 0.54
N PHE A 20 -15.67 -1.38 -0.61
CA PHE A 20 -16.48 -2.59 -0.78
C PHE A 20 -15.92 -3.47 -1.89
N ALA A 21 -16.19 -4.77 -1.81
CA ALA A 21 -15.72 -5.71 -2.81
C ALA A 21 -16.70 -6.87 -2.95
N GLU A 22 -17.51 -6.83 -4.00
CA GLU A 22 -18.49 -7.90 -4.23
C GLU A 22 -19.26 -7.64 -5.52
N ASP A 23 -20.07 -8.61 -5.91
CA ASP A 23 -20.87 -8.49 -7.13
C ASP A 23 -22.29 -8.04 -6.80
N VAL A 24 -22.84 -7.16 -7.63
CA VAL A 24 -24.19 -6.66 -7.42
C VAL A 24 -25.18 -7.40 -8.32
N GLY A 25 -26.04 -8.21 -7.70
CA GLY A 25 -27.03 -8.97 -8.44
C GLY A 25 -27.17 -10.38 -7.88
N SER A 26 -26.25 -11.26 -8.26
CA SER A 26 -26.29 -12.64 -7.79
C SER A 26 -24.88 -13.13 -7.46
N ASN A 27 -24.71 -13.71 -6.28
CA ASN A 27 -23.41 -14.22 -5.86
C ASN A 27 -23.37 -15.74 -5.93
N LYS A 28 -22.34 -16.29 -6.56
CA LYS A 28 -22.20 -17.72 -6.69
C LYS A 28 -21.27 -18.28 -5.62
N GLY A 29 -20.85 -19.52 -5.79
CA GLY A 29 -19.95 -20.15 -4.82
C GLY A 29 -18.57 -19.50 -4.85
N ALA A 30 -18.38 -18.50 -3.99
CA ALA A 30 -17.11 -17.79 -3.92
C ALA A 30 -16.83 -17.35 -2.49
N ILE A 31 -15.80 -16.51 -2.33
CA ILE A 31 -15.45 -16.01 -1.01
C ILE A 31 -14.92 -14.58 -1.11
N ILE A 32 -15.22 -13.77 -0.10
CA ILE A 32 -14.75 -12.38 -0.10
C ILE A 32 -14.51 -11.91 1.33
N GLY A 33 -13.53 -11.02 1.50
CA GLY A 33 -13.20 -10.50 2.82
C GLY A 33 -12.65 -9.08 2.71
N LEU A 34 -12.92 -8.26 3.73
CA LEU A 34 -12.43 -6.89 3.73
C LEU A 34 -12.16 -6.42 5.16
N MET A 35 -11.15 -5.57 5.32
CA MET A 35 -10.80 -5.06 6.63
C MET A 35 -10.22 -3.64 6.51
N VAL A 36 -10.50 -2.80 7.52
CA VAL A 36 -9.99 -1.43 7.50
C VAL A 36 -9.78 -0.92 8.92
N GLY A 37 -8.82 -0.01 9.07
CA GLY A 37 -8.53 0.56 10.37
C GLY A 37 -8.00 1.99 10.24
N GLY A 38 -8.29 2.82 11.23
CA GLY A 38 -7.83 4.21 11.21
C GLY A 38 -7.63 4.74 12.62
N VAL A 39 -6.69 5.67 12.78
CA VAL A 39 -6.43 6.24 14.10
C VAL A 39 -6.87 7.70 14.14
N VAL A 40 -7.26 8.17 15.32
CA VAL A 40 -7.71 9.54 15.48
C VAL A 40 -6.51 10.49 15.46
N ASP B 1 -27.28 -17.75 -18.70
CA ASP B 1 -28.06 -16.51 -18.43
C ASP B 1 -27.16 -15.29 -18.67
N ALA B 2 -27.80 -14.14 -18.88
CA ALA B 2 -27.04 -12.91 -19.12
C ALA B 2 -27.91 -11.69 -18.81
N GLU B 3 -27.37 -10.51 -19.09
CA GLU B 3 -28.10 -9.27 -18.85
C GLU B 3 -28.88 -8.83 -20.09
N PHE B 4 -28.33 -9.16 -21.26
CA PHE B 4 -28.97 -8.81 -22.52
C PHE B 4 -29.14 -7.29 -22.61
N ARG B 5 -30.03 -6.86 -23.50
CA ARG B 5 -30.28 -5.43 -23.69
C ARG B 5 -28.97 -4.66 -23.73
N HIS B 6 -29.08 -3.33 -23.67
CA HIS B 6 -27.88 -2.49 -23.70
C HIS B 6 -27.89 -1.52 -22.52
N ASP B 7 -26.78 -0.81 -22.34
CA ASP B 7 -26.66 0.15 -21.25
C ASP B 7 -26.86 -0.55 -19.90
N SER B 8 -25.91 -0.36 -19.00
CA SER B 8 -25.98 -0.98 -17.68
C SER B 8 -26.65 -0.04 -16.69
N GLY B 9 -26.49 1.26 -16.92
CA GLY B 9 -27.09 2.27 -16.03
C GLY B 9 -26.51 2.16 -14.62
N TYR B 10 -25.24 2.52 -14.48
CA TYR B 10 -24.58 2.46 -13.18
C TYR B 10 -23.54 3.57 -13.07
N GLU B 11 -23.38 4.11 -11.87
CA GLU B 11 -22.41 5.19 -11.65
C GLU B 11 -21.96 5.23 -10.19
N VAL B 12 -20.74 5.71 -9.98
CA VAL B 12 -20.20 5.79 -8.62
C VAL B 12 -19.80 7.23 -8.29
N HIS B 13 -20.20 7.69 -7.11
CA HIS B 13 -19.89 9.05 -6.68
C HIS B 13 -20.11 9.21 -5.18
N HIS B 14 -19.12 9.78 -4.51
CA HIS B 14 -19.21 9.97 -3.06
C HIS B 14 -18.45 11.23 -2.65
N GLN B 15 -17.99 11.25 -1.40
CA GLN B 15 -17.25 12.40 -0.89
C GLN B 15 -15.95 11.95 -0.24
N LYS B 16 -15.09 12.92 0.09
CA LYS B 16 -13.82 12.61 0.71
C LYS B 16 -13.00 11.65 -0.15
N LEU B 17 -13.05 10.38 0.19
CA LEU B 17 -12.32 9.36 -0.57
C LEU B 17 -13.08 8.04 -0.58
N VAL B 18 -13.02 7.33 -1.69
CA VAL B 18 -13.71 6.05 -1.80
C VAL B 18 -12.98 5.12 -2.76
N PHE B 19 -13.09 3.82 -2.52
CA PHE B 19 -12.43 2.83 -3.36
C PHE B 19 -13.09 1.46 -3.21
N PHE B 20 -12.94 0.62 -4.23
CA PHE B 20 -13.53 -0.72 -4.19
C PHE B 20 -13.45 -1.39 -5.55
N ALA B 21 -14.17 -2.51 -5.68
CA ALA B 21 -14.18 -3.26 -6.93
C ALA B 21 -15.62 -3.54 -7.35
N GLU B 22 -16.04 -2.96 -8.46
CA GLU B 22 -17.39 -3.16 -8.95
C GLU B 22 -17.48 -4.36 -9.88
N ASP B 23 -18.50 -5.18 -9.69
CA ASP B 23 -18.70 -6.37 -10.52
C ASP B 23 -20.18 -6.70 -10.61
N VAL B 24 -20.75 -6.55 -11.79
CA VAL B 24 -22.16 -6.84 -12.00
C VAL B 24 -22.34 -7.92 -13.07
N GLY B 25 -23.59 -8.24 -13.36
CA GLY B 25 -23.89 -9.26 -14.37
C GLY B 25 -24.01 -10.64 -13.71
N SER B 26 -22.88 -11.31 -13.59
CA SER B 26 -22.86 -12.64 -12.99
C SER B 26 -21.46 -12.99 -12.49
N ASN B 27 -21.32 -13.15 -11.17
CA ASN B 27 -20.03 -13.48 -10.58
C ASN B 27 -19.76 -14.97 -10.72
N LYS B 28 -18.48 -15.33 -10.77
CA LYS B 28 -18.09 -16.73 -10.90
C LYS B 28 -17.40 -17.21 -9.63
N GLY B 29 -17.10 -18.51 -9.58
CA GLY B 29 -16.43 -19.08 -8.41
C GLY B 29 -14.98 -18.62 -8.32
N ALA B 30 -14.75 -17.55 -7.57
CA ALA B 30 -13.41 -17.01 -7.41
C ALA B 30 -13.20 -16.50 -5.99
N ILE B 31 -12.22 -15.61 -5.83
CA ILE B 31 -11.92 -15.04 -4.52
C ILE B 31 -11.48 -13.59 -4.67
N ILE B 32 -11.86 -12.76 -3.70
CA ILE B 32 -11.50 -11.35 -3.74
C ILE B 32 -11.31 -10.81 -2.32
N GLY B 33 -10.37 -9.88 -2.16
CA GLY B 33 -10.10 -9.30 -0.86
C GLY B 33 -9.49 -7.91 -1.00
N LEU B 34 -9.71 -7.07 0.02
CA LEU B 34 -9.18 -5.71 -0.01
C LEU B 34 -9.08 -5.14 1.40
N MET B 35 -8.20 -4.15 1.57
CA MET B 35 -8.02 -3.52 2.88
C MET B 35 -7.59 -2.06 2.70
N VAL B 36 -7.98 -1.21 3.64
CA VAL B 36 -7.62 0.20 3.57
C VAL B 36 -7.52 0.80 4.97
N GLY B 37 -6.68 1.82 5.11
CA GLY B 37 -6.50 2.48 6.40
C GLY B 37 -6.09 3.93 6.21
N GLY B 38 -6.47 4.78 7.16
CA GLY B 38 -6.13 6.20 7.08
C GLY B 38 -6.00 6.80 8.48
N VAL B 39 -5.12 7.79 8.61
CA VAL B 39 -4.91 8.44 9.90
C VAL B 39 -5.33 9.90 9.85
N VAL B 40 -5.91 10.39 10.93
CA VAL B 40 -6.35 11.79 10.99
C VAL B 40 -7.01 12.19 9.68
N ASP C 1 -22.81 -15.74 -20.99
CA ASP C 1 -22.07 -15.02 -19.93
C ASP C 1 -21.23 -13.92 -20.55
N ALA C 2 -21.78 -13.25 -21.57
CA ALA C 2 -21.07 -12.18 -22.25
C ALA C 2 -22.04 -11.20 -22.88
N GLU C 3 -21.80 -9.92 -22.69
CA GLU C 3 -22.67 -8.88 -23.26
C GLU C 3 -22.70 -8.98 -24.78
N PHE C 4 -23.89 -9.16 -25.33
CA PHE C 4 -24.05 -9.27 -26.77
C PHE C 4 -24.06 -7.89 -27.42
N ARG C 5 -25.04 -7.07 -27.04
CA ARG C 5 -25.15 -5.73 -27.59
C ARG C 5 -23.95 -4.88 -27.17
N HIS C 6 -24.07 -3.57 -27.37
CA HIS C 6 -22.99 -2.65 -27.02
C HIS C 6 -23.49 -1.62 -26.01
N ASP C 7 -22.69 -0.58 -25.81
CA ASP C 7 -23.06 0.48 -24.87
C ASP C 7 -23.19 -0.08 -23.46
N SER C 8 -22.12 -0.01 -22.70
CA SER C 8 -22.12 -0.51 -21.32
C SER C 8 -22.90 0.43 -20.41
N GLY C 9 -22.83 1.73 -20.70
CA GLY C 9 -23.53 2.71 -19.90
C GLY C 9 -23.00 2.75 -18.48
N TYR C 10 -21.76 3.21 -18.32
CA TYR C 10 -21.14 3.29 -17.00
C TYR C 10 -20.22 4.49 -16.92
N GLU C 11 -20.14 5.11 -15.74
CA GLU C 11 -19.28 6.27 -15.56
C GLU C 11 -18.86 6.40 -14.11
N VAL C 12 -17.68 6.98 -13.88
CA VAL C 12 -17.16 7.15 -12.52
C VAL C 12 -17.02 8.63 -12.19
N HIS C 13 -17.19 8.96 -10.91
CA HIS C 13 -17.07 10.35 -10.47
C HIS C 13 -16.77 10.41 -8.98
N HIS C 14 -16.26 11.55 -8.53
CA HIS C 14 -15.94 11.72 -7.12
C HIS C 14 -15.53 13.17 -6.83
N GLN C 15 -15.03 13.40 -5.62
CA GLN C 15 -14.61 14.74 -5.23
C GLN C 15 -13.10 14.77 -4.97
N LYS C 16 -12.73 14.66 -3.69
CA LYS C 16 -11.32 14.69 -3.31
C LYS C 16 -10.52 13.74 -4.18
N LEU C 17 -10.55 12.45 -3.84
CA LEU C 17 -9.82 11.45 -4.61
C LEU C 17 -10.57 10.11 -4.60
N VAL C 18 -10.47 9.38 -5.70
CA VAL C 18 -11.13 8.08 -5.81
C VAL C 18 -10.33 7.14 -6.69
N PHE C 19 -10.37 5.85 -6.37
CA PHE C 19 -9.64 4.85 -7.14
C PHE C 19 -10.27 3.47 -6.97
N PHE C 20 -10.10 2.62 -7.98
CA PHE C 20 -10.65 1.28 -7.93
C PHE C 20 -10.52 0.57 -9.28
N ALA C 21 -11.19 -0.57 -9.40
CA ALA C 21 -11.16 -1.34 -10.64
C ALA C 21 -12.56 -1.53 -11.19
N GLU C 22 -12.77 -1.10 -12.42
CA GLU C 22 -14.09 -1.22 -13.05
C GLU C 22 -14.16 -2.49 -13.89
N ASP C 23 -15.06 -3.39 -13.50
CA ASP C 23 -15.23 -4.65 -14.23
C ASP C 23 -16.71 -5.02 -14.30
N VAL C 24 -17.27 -4.90 -15.50
CA VAL C 24 -18.68 -5.23 -15.70
C VAL C 24 -18.84 -6.30 -16.78
N GLY C 25 -20.07 -6.75 -16.99
CA GLY C 25 -20.34 -7.77 -18.00
C GLY C 25 -20.31 -9.16 -17.38
N SER C 26 -19.18 -9.83 -17.47
CA SER C 26 -19.03 -11.17 -16.91
C SER C 26 -17.60 -11.40 -16.44
N ASN C 27 -17.45 -11.67 -15.14
CA ASN C 27 -16.13 -11.90 -14.57
C ASN C 27 -15.68 -13.34 -14.83
N LYS C 28 -14.44 -13.65 -14.48
CA LYS C 28 -13.90 -14.98 -14.67
C LYS C 28 -13.47 -15.60 -13.34
N GLY C 29 -13.20 -16.90 -13.36
CA GLY C 29 -12.78 -17.59 -12.14
C GLY C 29 -11.29 -17.39 -11.90
N ALA C 30 -10.95 -16.42 -11.05
CA ALA C 30 -9.55 -16.14 -10.74
C ALA C 30 -9.43 -15.55 -9.35
N ILE C 31 -8.52 -14.58 -9.21
CA ILE C 31 -8.30 -13.93 -7.91
C ILE C 31 -7.96 -12.46 -8.12
N ILE C 32 -8.43 -11.61 -7.21
CA ILE C 32 -8.16 -10.19 -7.30
C ILE C 32 -8.01 -9.58 -5.90
N GLY C 33 -7.12 -8.60 -5.78
CA GLY C 33 -6.89 -7.95 -4.49
C GLY C 33 -6.49 -6.49 -4.70
N LEU C 34 -6.93 -5.63 -3.77
CA LEU C 34 -6.61 -4.21 -3.86
C LEU C 34 -6.51 -3.60 -2.47
N MET C 35 -5.65 -2.58 -2.33
CA MET C 35 -5.46 -1.92 -1.04
C MET C 35 -5.08 -0.45 -1.26
N VAL C 36 -5.52 0.41 -0.35
CA VAL C 36 -5.21 1.83 -0.46
C VAL C 36 -5.21 2.49 0.92
N GLY C 37 -4.45 3.57 1.06
CA GLY C 37 -4.36 4.28 2.32
C GLY C 37 -4.02 5.75 2.10
N GLY C 38 -4.46 6.60 3.01
CA GLY C 38 -4.19 8.04 2.90
C GLY C 38 -4.11 8.68 4.28
N VAL C 39 -3.29 9.72 4.39
CA VAL C 39 -3.13 10.41 5.66
C VAL C 39 -3.51 11.89 5.52
N VAL C 40 -4.44 12.33 6.36
CA VAL C 40 -4.90 13.72 6.31
C VAL C 40 -5.44 14.07 4.93
N ASP D 1 -16.89 -11.45 -30.65
CA ASP D 1 -18.20 -11.66 -29.98
C ASP D 1 -18.18 -10.99 -28.61
N ALA D 2 -17.23 -10.09 -28.41
CA ALA D 2 -17.10 -9.37 -27.15
C ALA D 2 -17.94 -8.10 -27.17
N GLU D 3 -17.37 -7.04 -27.73
CA GLU D 3 -18.06 -5.76 -27.81
C GLU D 3 -18.05 -5.23 -29.24
N PHE D 4 -17.60 -6.07 -30.18
CA PHE D 4 -17.55 -5.67 -31.58
C PHE D 4 -16.89 -4.31 -31.73
N ARG D 5 -16.82 -3.81 -32.96
CA ARG D 5 -16.21 -2.52 -33.22
C ARG D 5 -17.15 -1.39 -32.80
N HIS D 6 -18.12 -1.72 -31.95
CA HIS D 6 -19.08 -0.73 -31.48
C HIS D 6 -18.50 0.04 -30.30
N ASP D 7 -19.28 0.99 -29.78
CA ASP D 7 -18.84 1.80 -28.65
C ASP D 7 -19.18 1.11 -27.34
N SER D 8 -18.31 1.29 -26.34
CA SER D 8 -18.54 0.69 -25.03
C SER D 8 -19.38 1.61 -24.15
N GLY D 9 -19.39 2.89 -24.48
CA GLY D 9 -20.16 3.87 -23.71
C GLY D 9 -19.65 3.96 -22.28
N TYR D 10 -18.44 4.48 -22.11
CA TYR D 10 -17.86 4.62 -20.78
C TYR D 10 -16.99 5.87 -20.73
N GLU D 11 -16.98 6.54 -19.57
CA GLU D 11 -16.18 7.74 -19.41
C GLU D 11 -15.73 7.91 -17.96
N VAL D 12 -14.57 8.53 -17.78
CA VAL D 12 -14.04 8.74 -16.44
C VAL D 12 -14.13 10.21 -16.05
N HIS D 13 -14.54 10.49 -14.81
CA HIS D 13 -14.67 11.85 -14.34
C HIS D 13 -14.37 11.93 -12.85
N HIS D 14 -14.21 13.15 -12.34
CA HIS D 14 -13.93 13.36 -10.92
C HIS D 14 -13.92 14.84 -10.58
N GLN D 15 -12.97 15.25 -9.76
CA GLN D 15 -12.86 16.65 -9.36
C GLN D 15 -11.40 17.04 -9.11
N LYS D 16 -10.82 16.44 -8.07
CA LYS D 16 -9.42 16.73 -7.73
C LYS D 16 -8.48 15.80 -8.50
N LEU D 17 -8.41 14.54 -8.07
CA LEU D 17 -7.55 13.57 -8.73
C LEU D 17 -8.19 12.19 -8.69
N VAL D 18 -8.00 11.42 -9.76
CA VAL D 18 -8.58 10.08 -9.82
C VAL D 18 -7.68 9.15 -10.62
N PHE D 19 -7.62 7.88 -10.23
CA PHE D 19 -6.80 6.91 -10.92
C PHE D 19 -7.34 5.50 -10.72
N PHE D 20 -7.07 4.62 -11.68
CA PHE D 20 -7.54 3.24 -11.58
C PHE D 20 -7.28 2.48 -12.88
N ALA D 21 -7.84 1.27 -12.95
CA ALA D 21 -7.67 0.44 -14.14
C ALA D 21 -9.04 0.07 -14.72
N GLU D 22 -9.21 0.32 -16.01
CA GLU D 22 -10.48 0.02 -16.68
C GLU D 22 -10.40 -1.33 -17.40
N ASP D 23 -11.11 -2.32 -16.86
CA ASP D 23 -11.12 -3.65 -17.45
C ASP D 23 -12.55 -4.18 -17.55
N VAL D 24 -13.09 -4.18 -18.76
CA VAL D 24 -14.45 -4.66 -18.99
C VAL D 24 -14.54 -5.43 -20.29
N GLY D 25 -15.72 -5.95 -20.58
CA GLY D 25 -15.94 -6.72 -21.81
C GLY D 25 -15.71 -8.21 -21.56
N SER D 26 -14.46 -8.64 -21.68
CA SER D 26 -14.13 -10.03 -21.47
C SER D 26 -12.76 -10.17 -20.81
N ASN D 27 -12.75 -10.58 -19.55
CA ASN D 27 -11.51 -10.75 -18.82
C ASN D 27 -11.01 -12.19 -18.90
N LYS D 28 -9.79 -12.42 -18.43
CA LYS D 28 -9.22 -13.77 -18.45
C LYS D 28 -9.03 -14.30 -17.04
N GLY D 29 -8.84 -15.61 -16.92
CA GLY D 29 -8.64 -16.23 -15.62
C GLY D 29 -7.17 -16.20 -15.22
N ALA D 30 -6.83 -15.28 -14.32
CA ALA D 30 -5.45 -15.15 -13.86
C ALA D 30 -5.40 -14.48 -12.50
N ILE D 31 -4.57 -13.44 -12.38
CA ILE D 31 -4.44 -12.71 -11.13
C ILE D 31 -4.20 -11.23 -11.40
N ILE D 32 -4.75 -10.37 -10.55
CA ILE D 32 -4.59 -8.93 -10.71
C ILE D 32 -4.55 -8.24 -9.35
N GLY D 33 -3.74 -7.19 -9.25
CA GLY D 33 -3.63 -6.45 -8.00
C GLY D 33 -3.32 -4.99 -8.25
N LEU D 34 -3.82 -4.12 -7.38
CA LEU D 34 -3.59 -2.69 -7.52
C LEU D 34 -3.58 -2.01 -6.16
N MET D 35 -2.79 -0.93 -6.04
CA MET D 35 -2.70 -0.21 -4.78
C MET D 35 -2.40 1.26 -5.05
N VAL D 36 -2.90 2.14 -4.18
CA VAL D 36 -2.66 3.57 -4.33
C VAL D 36 -2.75 4.27 -2.98
N GLY D 37 -2.05 5.40 -2.86
CA GLY D 37 -2.05 6.16 -1.62
C GLY D 37 -1.75 7.63 -1.88
N GLY D 38 -2.24 8.50 -1.00
CA GLY D 38 -2.01 9.93 -1.15
C GLY D 38 -2.02 10.62 0.21
N VAL D 39 -1.26 11.71 0.31
CA VAL D 39 -1.18 12.46 1.56
C VAL D 39 -1.55 13.92 1.34
N VAL D 40 -2.03 14.57 2.39
CA VAL D 40 -2.43 15.97 2.30
C VAL D 40 -1.92 16.75 3.50
N ASP E 1 -16.37 -7.34 -35.73
CA ASP E 1 -16.18 -8.78 -35.41
C ASP E 1 -15.47 -8.92 -34.06
N ALA E 2 -14.36 -8.21 -33.92
CA ALA E 2 -13.59 -8.26 -32.68
C ALA E 2 -12.73 -6.99 -32.53
N GLU E 3 -13.39 -5.84 -32.44
CA GLU E 3 -12.68 -4.58 -32.30
C GLU E 3 -11.51 -4.51 -33.27
N PHE E 4 -11.80 -4.04 -34.49
CA PHE E 4 -10.76 -3.92 -35.50
C PHE E 4 -9.75 -2.85 -35.11
N ARG E 5 -10.11 -1.59 -35.35
CA ARG E 5 -9.22 -0.47 -35.04
C ARG E 5 -9.94 0.85 -35.24
N HIS E 6 -10.61 1.32 -34.20
CA HIS E 6 -11.33 2.59 -34.28
C HIS E 6 -11.38 3.27 -32.91
N ASP E 7 -12.37 2.89 -32.11
CA ASP E 7 -12.52 3.46 -30.78
C ASP E 7 -13.38 2.57 -29.90
N SER E 8 -12.84 2.17 -28.75
CA SER E 8 -13.57 1.31 -27.83
C SER E 8 -14.72 2.07 -27.18
N GLY E 9 -15.02 3.25 -27.72
CA GLY E 9 -16.09 4.07 -27.17
C GLY E 9 -15.80 4.49 -25.74
N TYR E 10 -14.77 5.30 -25.57
CA TYR E 10 -14.39 5.78 -24.24
C TYR E 10 -13.80 7.18 -24.32
N GLU E 11 -14.05 7.99 -23.30
CA GLU E 11 -13.53 9.35 -23.26
C GLU E 11 -13.30 9.81 -21.84
N VAL E 12 -12.32 10.69 -21.65
CA VAL E 12 -12.00 11.21 -20.33
C VAL E 12 -12.40 12.68 -20.21
N HIS E 13 -12.76 13.10 -19.00
CA HIS E 13 -13.16 14.48 -18.77
C HIS E 13 -11.94 15.35 -18.47
N HIS E 14 -12.17 16.63 -18.22
CA HIS E 14 -11.09 17.55 -17.92
C HIS E 14 -10.81 17.58 -16.42
N GLN E 15 -11.54 18.44 -15.71
CA GLN E 15 -11.37 18.56 -14.27
C GLN E 15 -9.93 18.93 -13.93
N LYS E 16 -9.41 18.37 -12.83
CA LYS E 16 -8.05 18.66 -12.42
C LYS E 16 -7.06 17.77 -13.15
N LEU E 17 -6.93 16.52 -12.68
CA LEU E 17 -6.02 15.57 -13.31
C LEU E 17 -6.57 14.15 -13.19
N VAL E 18 -6.29 13.33 -14.20
CA VAL E 18 -6.76 11.95 -14.19
C VAL E 18 -5.78 11.05 -14.95
N PHE E 19 -5.66 9.81 -14.50
CA PHE E 19 -4.77 8.85 -15.14
C PHE E 19 -5.26 7.42 -14.92
N PHE E 20 -4.95 6.54 -15.86
CA PHE E 20 -5.38 5.15 -15.73
C PHE E 20 -4.89 4.31 -16.92
N ALA E 21 -5.22 3.02 -16.88
CA ALA E 21 -4.83 2.11 -17.95
C ALA E 21 -6.05 1.42 -18.53
N GLU E 22 -6.27 1.63 -19.83
CA GLU E 22 -7.42 1.02 -20.50
C GLU E 22 -7.05 -0.33 -21.11
N ASP E 23 -7.63 -1.39 -20.57
CA ASP E 23 -7.36 -2.74 -21.07
C ASP E 23 -8.65 -3.53 -21.18
N VAL E 24 -9.09 -3.78 -22.42
CA VAL E 24 -10.31 -4.53 -22.66
C VAL E 24 -10.40 -4.95 -24.12
N GLY E 25 -11.17 -6.00 -24.39
CA GLY E 25 -11.33 -6.49 -25.74
C GLY E 25 -10.20 -7.45 -26.11
N SER E 26 -9.01 -7.16 -25.60
CA SER E 26 -7.85 -8.01 -25.88
C SER E 26 -6.95 -8.11 -24.65
N ASN E 27 -6.99 -9.27 -24.00
CA ASN E 27 -6.18 -9.49 -22.80
C ASN E 27 -5.56 -10.88 -22.84
N LYS E 28 -4.67 -11.15 -21.87
CA LYS E 28 -4.02 -12.45 -21.80
C LYS E 28 -4.07 -12.99 -20.37
N GLY E 29 -4.05 -14.31 -20.24
CA GLY E 29 -4.09 -14.95 -18.93
C GLY E 29 -2.70 -15.02 -18.32
N ALA E 30 -2.40 -14.08 -17.43
CA ALA E 30 -1.10 -14.05 -16.78
C ALA E 30 -1.18 -13.30 -15.45
N ILE E 31 -0.45 -12.19 -15.37
CA ILE E 31 -0.45 -11.39 -14.16
C ILE E 31 -0.33 -9.91 -14.50
N ILE E 32 -0.99 -9.05 -13.73
CA ILE E 32 -0.94 -7.62 -13.97
C ILE E 32 -1.00 -6.86 -12.65
N GLY E 33 -0.29 -5.74 -12.58
CA GLY E 33 -0.28 -4.94 -11.37
C GLY E 33 -0.03 -3.47 -11.68
N LEU E 34 -0.59 -2.59 -10.85
CA LEU E 34 -0.43 -1.16 -11.05
C LEU E 34 -0.48 -0.43 -9.71
N MET E 35 0.25 0.68 -9.61
CA MET E 35 0.27 1.46 -8.38
C MET E 35 0.56 2.93 -8.69
N VAL E 36 0.02 3.81 -7.86
CA VAL E 36 0.22 5.24 -8.05
C VAL E 36 0.02 6.00 -6.74
N GLY E 37 0.64 7.17 -6.65
CA GLY E 37 0.53 7.99 -5.44
C GLY E 37 0.72 9.47 -5.76
N GLY E 38 0.13 10.33 -4.95
CA GLY E 38 0.26 11.77 -5.16
C GLY E 38 0.17 12.52 -3.84
N VAL E 39 0.86 13.65 -3.76
CA VAL E 39 0.87 14.45 -2.54
C VAL E 39 0.23 15.82 -2.80
N VAL E 40 -0.30 16.43 -1.74
CA VAL E 40 -0.94 17.74 -1.87
C VAL E 40 -0.54 18.64 -0.71
N ASP F 1 14.48 2.67 35.21
CA ASP F 1 15.09 4.02 35.33
C ASP F 1 15.97 4.28 34.10
N ALA F 2 15.34 4.35 32.94
CA ALA F 2 16.08 4.61 31.70
C ALA F 2 15.34 5.63 30.83
N GLU F 3 15.53 5.52 29.53
CA GLU F 3 14.88 6.43 28.60
C GLU F 3 15.17 7.89 28.99
N PHE F 4 16.03 8.53 28.21
CA PHE F 4 16.38 9.92 28.48
C PHE F 4 16.99 10.57 27.24
N ARG F 5 18.32 10.51 27.15
CA ARG F 5 19.01 11.11 26.00
C ARG F 5 18.87 10.21 24.77
N HIS F 6 19.78 10.39 23.82
CA HIS F 6 19.75 9.59 22.60
C HIS F 6 20.42 8.24 22.82
N ASP F 7 20.01 7.25 22.03
CA ASP F 7 20.57 5.92 22.14
C ASP F 7 19.72 4.91 21.37
N SER F 8 20.28 4.35 20.31
CA SER F 8 19.57 3.37 19.50
C SER F 8 19.72 1.97 20.07
N GLY F 9 20.61 1.17 19.49
CA GLY F 9 20.84 -0.18 19.96
C GLY F 9 19.59 -1.03 19.82
N TYR F 10 19.23 -1.37 18.59
CA TYR F 10 18.04 -2.18 18.35
C TYR F 10 18.03 -2.78 16.95
N GLU F 11 17.22 -3.81 16.77
CA GLU F 11 17.10 -4.48 15.48
C GLU F 11 15.67 -4.98 15.30
N VAL F 12 15.18 -4.97 14.07
CA VAL F 12 13.81 -5.43 13.81
C VAL F 12 13.73 -6.94 13.95
N HIS F 13 13.40 -7.40 15.16
CA HIS F 13 13.29 -8.83 15.42
C HIS F 13 11.84 -9.29 15.32
N HIS F 14 11.62 -10.40 14.62
CA HIS F 14 10.28 -10.95 14.46
C HIS F 14 10.30 -12.18 13.55
N GLN F 15 9.17 -12.86 13.45
CA GLN F 15 9.07 -14.05 12.62
C GLN F 15 7.67 -14.19 12.03
N LYS F 16 7.45 -15.27 11.29
CA LYS F 16 6.14 -15.51 10.67
C LYS F 16 5.73 -14.33 9.81
N LEU F 17 4.60 -13.73 10.15
CA LEU F 17 4.10 -12.58 9.40
C LEU F 17 3.34 -11.63 10.33
N VAL F 18 3.46 -10.33 10.08
CA VAL F 18 2.77 -9.35 10.92
C VAL F 18 3.38 -7.97 10.74
N PHE F 19 3.16 -7.10 11.72
CA PHE F 19 3.70 -5.74 11.67
C PHE F 19 3.74 -5.14 13.07
N PHE F 20 4.57 -4.11 13.24
CA PHE F 20 4.70 -3.45 14.53
C PHE F 20 5.34 -2.07 14.38
N ALA F 21 5.14 -1.23 15.37
CA ALA F 21 5.69 0.12 15.35
C ALA F 21 5.56 0.78 16.72
N GLU F 22 6.64 1.42 17.18
CA GLU F 22 6.63 2.08 18.47
C GLU F 22 7.96 2.79 18.72
N ASP F 23 7.89 4.04 19.15
CA ASP F 23 9.09 4.82 19.43
C ASP F 23 9.72 4.38 20.75
N VAL F 24 11.04 4.44 20.82
CA VAL F 24 11.76 4.06 22.04
C VAL F 24 12.87 5.05 22.35
N GLY F 25 13.36 5.03 23.57
CA GLY F 25 14.42 5.94 23.98
C GLY F 25 13.86 7.12 24.76
N SER F 26 12.77 7.69 24.24
CA SER F 26 12.13 8.83 24.90
C SER F 26 10.76 9.11 24.29
N ASN F 27 9.73 8.49 24.86
CA ASN F 27 8.36 8.67 24.36
C ASN F 27 7.64 9.74 25.17
N LYS F 28 7.40 10.89 24.54
CA LYS F 28 6.71 11.98 25.21
C LYS F 28 5.27 12.08 24.73
N GLY F 29 4.67 13.25 24.90
CA GLY F 29 3.28 13.46 24.47
C GLY F 29 3.13 13.19 22.98
N ALA F 30 2.84 11.92 22.65
CA ALA F 30 2.67 11.53 21.25
C ALA F 30 1.55 10.51 21.12
N ILE F 31 1.32 10.05 19.90
CA ILE F 31 0.28 9.05 19.65
C ILE F 31 0.70 8.12 18.52
N ILE F 32 0.31 6.85 18.62
CA ILE F 32 0.65 5.88 17.58
C ILE F 32 -0.46 4.84 17.46
N GLY F 33 -0.69 4.37 16.23
CA GLY F 33 -1.73 3.38 15.98
C GLY F 33 -1.32 2.46 14.83
N LEU F 34 -1.72 1.20 14.91
CA LEU F 34 -1.40 0.22 13.87
C LEU F 34 -2.49 -0.82 13.75
N MET F 35 -2.71 -1.32 12.54
CA MET F 35 -3.74 -2.32 12.29
C MET F 35 -3.36 -3.21 11.10
N VAL F 36 -3.78 -4.46 11.14
CA VAL F 36 -3.47 -5.39 10.06
C VAL F 36 -4.55 -6.46 9.94
N GLY F 37 -4.73 -6.98 8.72
CA GLY F 37 -5.73 -8.01 8.49
C GLY F 37 -5.28 -8.94 7.36
N GLY F 38 -5.65 -10.21 7.45
CA GLY F 38 -5.28 -11.18 6.43
C GLY F 38 -6.26 -12.34 6.39
N VAL F 39 -6.38 -12.96 5.22
CA VAL F 39 -7.29 -14.09 5.07
C VAL F 39 -6.57 -15.28 4.43
N VAL F 40 -6.86 -16.48 4.93
CA VAL F 40 -6.24 -17.69 4.39
C VAL F 40 -7.30 -18.72 4.03
N ASP G 1 21.12 8.14 30.84
CA ASP G 1 21.08 6.65 30.64
C ASP G 1 20.56 6.34 29.25
N ALA G 2 19.32 6.75 28.98
CA ALA G 2 18.72 6.51 27.68
C ALA G 2 18.83 5.03 27.31
N GLU G 3 17.86 4.24 27.75
CA GLU G 3 17.86 2.81 27.46
C GLU G 3 19.09 2.14 28.04
N PHE G 4 18.86 1.11 28.86
CA PHE G 4 19.97 0.39 29.48
C PHE G 4 20.76 -0.38 28.43
N ARG G 5 22.02 -0.66 28.74
CA ARG G 5 22.88 -1.40 27.82
C ARG G 5 22.85 -0.76 26.43
N HIS G 6 23.45 0.42 26.31
CA HIS G 6 23.48 1.12 25.03
C HIS G 6 24.20 0.28 23.98
N ASP G 7 23.48 -0.04 22.90
CA ASP G 7 24.05 -0.84 21.82
C ASP G 7 24.03 -0.06 20.51
N SER G 8 23.13 0.92 20.42
CA SER G 8 23.03 1.73 19.21
C SER G 8 23.28 0.88 17.97
N GLY G 9 22.72 -0.33 17.96
CA GLY G 9 22.90 -1.25 16.84
C GLY G 9 22.25 -0.72 15.56
N TYR G 10 20.92 -0.74 15.54
CA TYR G 10 20.17 -0.28 14.36
C TYR G 10 18.89 -1.10 14.23
N GLU G 11 18.49 -1.39 12.99
CA GLU G 11 17.26 -2.17 12.79
C GLU G 11 17.19 -2.73 11.37
N VAL G 12 16.34 -3.75 11.18
CA VAL G 12 16.16 -4.35 9.86
C VAL G 12 16.40 -5.86 9.91
N HIS G 13 15.62 -6.55 10.73
CA HIS G 13 15.76 -8.01 10.86
C HIS G 13 14.39 -8.68 10.78
N HIS G 14 14.39 -9.98 10.52
CA HIS G 14 13.15 -10.74 10.41
C HIS G 14 13.43 -12.18 10.02
N GLN G 15 12.40 -12.88 9.58
CA GLN G 15 12.53 -14.28 9.16
C GLN G 15 11.73 -14.56 7.91
N LYS G 16 10.40 -14.51 8.04
CA LYS G 16 9.52 -14.77 6.90
C LYS G 16 9.20 -13.46 6.17
N LEU G 17 8.16 -12.78 6.62
CA LEU G 17 7.76 -11.52 5.99
C LEU G 17 7.11 -10.61 7.04
N VAL G 18 7.31 -9.30 6.89
CA VAL G 18 6.73 -8.35 7.84
C VAL G 18 7.19 -6.92 7.55
N PHE G 19 6.82 -6.01 8.44
CA PHE G 19 7.21 -4.61 8.30
C PHE G 19 7.37 -3.98 9.68
N PHE G 20 8.27 -3.00 9.79
CA PHE G 20 8.52 -2.33 11.06
C PHE G 20 8.82 -0.86 10.83
N ALA G 21 8.33 -0.01 11.73
CA ALA G 21 8.57 1.43 11.60
C ALA G 21 8.53 2.09 12.98
N GLU G 22 9.56 2.86 13.30
CA GLU G 22 9.62 3.54 14.59
C GLU G 22 10.96 4.23 14.77
N ASP G 23 10.98 5.26 15.62
CA ASP G 23 12.21 5.99 15.90
C ASP G 23 12.79 5.57 17.24
N VAL G 24 14.10 5.62 17.36
CA VAL G 24 14.77 5.23 18.61
C VAL G 24 15.83 6.25 18.98
N GLY G 25 16.08 6.38 20.29
CA GLY G 25 17.07 7.32 20.78
C GLY G 25 16.41 8.43 21.59
N SER G 26 15.67 9.29 20.89
CA SER G 26 14.98 10.39 21.55
C SER G 26 13.77 10.84 20.73
N ASN G 27 12.60 10.33 21.08
CA ASN G 27 11.38 10.69 20.37
C ASN G 27 10.70 11.87 21.03
N LYS G 28 10.23 12.81 20.23
CA LYS G 28 9.55 14.00 20.74
C LYS G 28 8.06 13.95 20.42
N GLY G 29 7.35 15.02 20.75
CA GLY G 29 5.92 15.09 20.48
C GLY G 29 5.64 14.89 19.00
N ALA G 30 5.37 13.64 18.61
CA ALA G 30 5.10 13.33 17.22
C ALA G 30 4.00 12.28 17.11
N ILE G 31 3.76 11.79 15.89
CA ILE G 31 2.75 10.77 15.66
C ILE G 31 3.17 9.83 14.55
N ILE G 32 2.82 8.56 14.68
CA ILE G 32 3.18 7.57 13.67
C ILE G 32 2.08 6.51 13.53
N GLY G 33 1.87 6.03 12.33
CA GLY G 33 0.84 5.01 12.09
C GLY G 33 1.19 4.17 10.87
N LEU G 34 0.74 2.92 10.86
CA LEU G 34 1.01 2.02 9.74
C LEU G 34 0.01 0.88 9.70
N MET G 35 -0.12 0.25 8.54
CA MET G 35 -1.04 -0.87 8.38
C MET G 35 -0.57 -1.77 7.24
N VAL G 36 -0.89 -3.05 7.34
CA VAL G 36 -0.50 -4.01 6.31
C VAL G 36 -1.45 -5.21 6.30
N GLY G 37 -1.53 -5.87 5.15
CA GLY G 37 -2.40 -7.04 5.02
C GLY G 37 -1.89 -7.98 3.94
N GLY G 38 -2.19 -9.27 4.10
CA GLY G 38 -1.74 -10.27 3.15
C GLY G 38 -2.76 -11.41 3.04
N VAL G 39 -2.90 -11.97 1.84
CA VAL G 39 -3.85 -13.05 1.64
C VAL G 39 -3.17 -14.22 0.91
N VAL G 40 -3.78 -15.39 1.00
CA VAL G 40 -3.24 -16.58 0.35
C VAL G 40 -3.41 -16.48 -1.17
N ASP H 1 26.36 9.37 26.96
CA ASP H 1 26.67 9.47 25.51
C ASP H 1 25.61 8.71 24.72
N ALA H 2 26.01 8.19 23.56
CA ALA H 2 25.08 7.45 22.71
C ALA H 2 25.85 6.68 21.63
N GLU H 3 26.29 7.39 20.61
CA GLU H 3 27.04 6.77 19.52
C GLU H 3 28.44 6.39 19.98
N PHE H 4 28.72 6.63 21.25
CA PHE H 4 30.04 6.31 21.81
C PHE H 4 30.07 4.88 22.32
N ARG H 5 30.08 3.93 21.40
CA ARG H 5 30.11 2.51 21.77
C ARG H 5 30.70 1.67 20.65
N HIS H 6 31.95 1.24 20.83
CA HIS H 6 32.61 0.43 19.81
C HIS H 6 31.67 -0.62 19.25
N ASP H 7 31.72 -0.82 17.94
CA ASP H 7 30.86 -1.79 17.28
C ASP H 7 29.40 -1.55 17.66
N SER H 8 28.68 -0.84 16.78
CA SER H 8 27.27 -0.55 17.04
C SER H 8 26.66 0.19 15.86
N GLY H 9 25.35 0.40 15.90
CA GLY H 9 24.65 1.10 14.82
C GLY H 9 24.68 0.29 13.53
N TYR H 10 24.01 -0.86 13.52
CA TYR H 10 23.96 -1.69 12.33
C TYR H 10 22.55 -2.22 12.14
N GLU H 11 22.04 -2.21 10.91
CA GLU H 11 20.71 -2.69 10.62
C GLU H 11 20.56 -4.15 11.06
N VAL H 12 21.22 -5.04 10.33
CA VAL H 12 21.18 -6.47 10.64
C VAL H 12 20.99 -7.28 9.36
N HIS H 13 19.99 -8.18 9.37
CA HIS H 13 19.73 -9.02 8.21
C HIS H 13 18.97 -10.28 8.63
N HIS H 14 18.99 -11.29 7.76
CA HIS H 14 18.31 -12.55 8.05
C HIS H 14 16.81 -12.42 7.80
N GLN H 15 16.34 -13.04 6.72
CA GLN H 15 14.92 -12.99 6.38
C GLN H 15 14.71 -13.30 4.90
N LYS H 16 13.44 -13.44 4.51
CA LYS H 16 13.12 -13.73 3.13
C LYS H 16 12.78 -12.46 2.37
N LEU H 17 11.72 -11.77 2.80
CA LEU H 17 11.30 -10.53 2.17
C LEU H 17 10.66 -9.62 3.22
N VAL H 18 10.86 -8.31 3.08
CA VAL H 18 10.29 -7.38 4.04
C VAL H 18 10.70 -5.94 3.73
N PHE H 19 10.27 -5.03 4.60
CA PHE H 19 10.57 -3.61 4.45
C PHE H 19 10.65 -2.95 5.82
N PHE H 20 11.49 -1.93 5.94
CA PHE H 20 11.64 -1.23 7.21
C PHE H 20 12.03 0.22 7.00
N ALA H 21 11.62 1.07 7.93
CA ALA H 21 11.95 2.50 7.83
C ALA H 21 12.22 3.07 9.22
N GLU H 22 13.50 3.36 9.49
CA GLU H 22 13.88 3.90 10.79
C GLU H 22 15.30 4.46 10.74
N ASP H 23 15.60 5.35 11.68
CA ASP H 23 16.93 5.96 11.74
C ASP H 23 17.56 5.69 13.11
N VAL H 24 18.88 5.91 13.21
CA VAL H 24 19.58 5.69 14.46
C VAL H 24 20.15 7.00 15.00
N GLY H 25 20.78 6.94 16.17
CA GLY H 25 21.36 8.13 16.77
C GLY H 25 20.30 8.92 17.53
N SER H 26 19.61 9.81 16.81
CA SER H 26 18.58 10.63 17.42
C SER H 26 17.59 11.12 16.36
N ASN H 27 16.30 10.97 16.65
CA ASN H 27 15.28 11.41 15.70
C ASN H 27 14.75 12.78 16.10
N LYS H 28 13.71 13.24 15.40
CA LYS H 28 13.12 14.53 15.68
C LYS H 28 11.61 14.42 15.88
N GLY H 29 10.96 15.54 16.14
CA GLY H 29 9.52 15.56 16.34
C GLY H 29 8.79 15.87 15.03
N ALA H 30 8.21 14.83 14.44
CA ALA H 30 7.48 14.99 13.18
C ALA H 30 6.36 13.95 13.07
N ILE H 31 6.13 13.49 11.85
CA ILE H 31 5.10 12.49 11.60
C ILE H 31 5.53 11.55 10.49
N ILE H 32 5.18 10.27 10.62
CA ILE H 32 5.56 9.29 9.61
C ILE H 32 4.47 8.22 9.48
N GLY H 33 4.27 7.72 8.27
CA GLY H 33 3.28 6.68 8.02
C GLY H 33 3.74 5.76 6.90
N LEU H 34 3.41 4.47 7.02
CA LEU H 34 3.81 3.51 6.00
C LEU H 34 2.81 2.36 5.92
N MET H 35 2.68 1.77 4.74
CA MET H 35 1.76 0.65 4.53
C MET H 35 2.33 -0.31 3.50
N VAL H 36 2.08 -1.60 3.69
CA VAL H 36 2.58 -2.60 2.76
C VAL H 36 1.67 -3.83 2.75
N GLY H 37 1.64 -4.52 1.63
CA GLY H 37 0.82 -5.72 1.49
C GLY H 37 1.41 -6.68 0.46
N GLY H 38 1.17 -7.98 0.66
CA GLY H 38 1.69 -8.98 -0.26
C GLY H 38 0.74 -10.17 -0.34
N VAL H 39 0.66 -10.79 -1.52
CA VAL H 39 -0.21 -11.94 -1.71
C VAL H 39 0.62 -13.21 -1.90
N VAL H 40 0.27 -14.25 -1.15
CA VAL H 40 0.98 -15.52 -1.23
C VAL H 40 0.31 -16.45 -2.24
N ASP I 1 25.91 18.54 18.46
CA ASP I 1 27.28 17.96 18.30
C ASP I 1 27.21 16.46 18.51
N ALA I 2 27.57 15.70 17.48
CA ALA I 2 27.55 14.25 17.56
C ALA I 2 28.23 13.63 16.35
N GLU I 3 28.09 12.32 16.19
CA GLU I 3 28.69 11.61 15.07
C GLU I 3 30.20 11.85 15.04
N PHE I 4 30.97 10.81 15.34
CA PHE I 4 32.42 10.91 15.35
C PHE I 4 33.06 9.52 15.33
N ARG I 5 34.35 9.48 15.02
CA ARG I 5 35.07 8.21 14.97
C ARG I 5 34.39 7.26 13.99
N HIS I 6 35.15 6.25 13.54
CA HIS I 6 34.62 5.27 12.59
C HIS I 6 33.82 4.20 13.32
N ASP I 7 33.75 4.31 14.64
CA ASP I 7 33.02 3.35 15.45
C ASP I 7 31.65 3.04 14.82
N SER I 8 30.80 4.05 14.78
CA SER I 8 29.47 3.89 14.19
C SER I 8 29.55 3.13 12.88
N GLY I 9 28.86 1.99 12.81
CA GLY I 9 28.87 1.17 11.60
C GLY I 9 27.55 0.43 11.43
N TYR I 10 27.13 0.24 10.18
CA TYR I 10 25.88 -0.45 9.91
C TYR I 10 25.99 -1.29 8.63
N GLU I 11 25.33 -2.45 8.62
CA GLU I 11 25.38 -3.32 7.45
C GLU I 11 24.04 -4.02 7.25
N VAL I 12 23.64 -4.19 6.00
CA VAL I 12 22.36 -4.85 5.71
C VAL I 12 22.58 -6.06 4.78
N HIS I 13 21.84 -7.13 5.06
CA HIS I 13 21.94 -8.34 4.24
C HIS I 13 20.63 -9.12 4.28
N HIS I 14 20.28 -9.74 3.17
CA HIS I 14 19.04 -10.51 3.11
C HIS I 14 19.09 -11.54 1.98
N GLN I 15 17.92 -12.04 1.60
CA GLN I 15 17.85 -13.04 0.52
C GLN I 15 16.83 -12.62 -0.53
N LYS I 16 15.90 -13.51 -0.83
CA LYS I 16 14.87 -13.23 -1.82
C LYS I 16 14.91 -11.76 -2.25
N LEU I 17 14.18 -10.91 -1.53
CA LEU I 17 14.15 -9.49 -1.83
C LEU I 17 13.97 -8.68 -0.55
N VAL I 18 14.61 -7.51 -0.51
CA VAL I 18 14.52 -6.65 0.67
C VAL I 18 14.65 -5.19 0.28
N PHE I 19 14.00 -4.32 1.05
CA PHE I 19 14.06 -2.89 0.79
C PHE I 19 13.79 -2.09 2.06
N PHE I 20 14.35 -0.88 2.13
CA PHE I 20 14.14 -0.03 3.30
C PHE I 20 15.07 1.17 3.26
N ALA I 21 15.17 1.86 4.39
CA ALA I 21 16.02 3.04 4.49
C ALA I 21 16.60 3.16 5.90
N GLU I 22 17.93 3.14 6.00
CA GLU I 22 18.59 3.24 7.29
C GLU I 22 19.41 4.53 7.37
N ASP I 23 18.78 5.60 7.82
CA ASP I 23 19.46 6.89 7.94
C ASP I 23 19.88 7.14 9.38
N VAL I 24 21.01 7.80 9.57
CA VAL I 24 21.51 8.10 10.91
C VAL I 24 22.08 9.51 10.97
N GLY I 25 22.50 9.92 12.16
CA GLY I 25 23.08 11.24 12.35
C GLY I 25 22.04 12.20 12.93
N SER I 26 21.40 12.97 12.05
CA SER I 26 20.39 13.93 12.48
C SER I 26 19.27 14.01 11.45
N ASN I 27 18.10 13.46 11.79
CA ASN I 27 16.96 13.49 10.88
C ASN I 27 16.39 14.90 10.78
N LYS I 28 15.54 15.11 9.79
CA LYS I 28 14.93 16.42 9.58
C LYS I 28 13.48 16.42 10.06
N GLY I 29 13.13 17.41 10.88
CA GLY I 29 11.77 17.50 11.41
C GLY I 29 10.79 17.86 10.31
N ALA I 30 10.05 16.87 9.83
CA ALA I 30 9.07 17.10 8.77
C ALA I 30 8.09 15.94 8.68
N ILE I 31 7.96 15.36 7.48
CA ILE I 31 7.05 14.23 7.29
C ILE I 31 7.64 13.27 6.26
N ILE I 32 7.41 11.98 6.47
CA ILE I 32 7.91 10.97 5.55
C ILE I 32 6.97 9.76 5.51
N GLY I 33 6.89 9.12 4.35
CA GLY I 33 6.03 7.96 4.19
C GLY I 33 6.57 7.01 3.12
N LEU I 34 6.30 5.72 3.29
CA LEU I 34 6.77 4.73 2.33
C LEU I 34 5.83 3.54 2.27
N MET I 35 5.74 2.91 1.10
CA MET I 35 4.87 1.75 0.94
C MET I 35 5.46 0.78 -0.09
N VAL I 36 5.23 -0.51 0.12
CA VAL I 36 5.76 -1.51 -0.80
C VAL I 36 4.89 -2.77 -0.79
N GLY I 37 4.87 -3.49 -1.90
CA GLY I 37 4.08 -4.72 -2.00
C GLY I 37 4.70 -5.68 -3.00
N GLY I 38 4.48 -6.97 -2.78
CA GLY I 38 5.02 -7.99 -3.67
C GLY I 38 4.11 -9.21 -3.73
N VAL I 39 4.06 -9.87 -4.89
CA VAL I 39 3.22 -11.05 -5.05
C VAL I 39 4.07 -12.27 -5.34
N VAL I 40 3.73 -13.39 -4.73
CA VAL I 40 4.47 -14.63 -4.93
C VAL I 40 4.06 -15.29 -6.25
N ASP J 1 26.19 18.75 13.83
CA ASP J 1 26.22 19.11 12.39
C ASP J 1 26.58 17.87 11.57
N ALA J 2 25.60 16.98 11.40
CA ALA J 2 25.83 15.76 10.63
C ALA J 2 26.15 16.09 9.18
N GLU J 3 27.34 15.71 8.74
CA GLU J 3 27.76 15.98 7.37
C GLU J 3 28.88 15.02 6.95
N PHE J 4 29.45 14.33 7.93
CA PHE J 4 30.53 13.38 7.67
C PHE J 4 29.96 12.00 7.32
N ARG J 5 30.75 11.20 6.61
CA ARG J 5 30.31 9.87 6.22
C ARG J 5 30.63 8.87 7.33
N HIS J 6 31.22 9.35 8.42
CA HIS J 6 31.57 8.48 9.54
C HIS J 6 30.43 7.52 9.85
N ASP J 7 29.21 8.06 9.90
CA ASP J 7 28.04 7.23 10.20
C ASP J 7 27.88 6.14 9.15
N SER J 8 26.88 5.29 9.34
CA SER J 8 26.63 4.20 8.39
C SER J 8 27.93 3.54 7.98
N GLY J 9 28.33 2.51 8.72
CA GLY J 9 29.57 1.81 8.43
C GLY J 9 29.51 1.13 7.07
N TYR J 10 28.73 0.06 6.97
CA TYR J 10 28.60 -0.66 5.70
C TYR J 10 27.28 -1.43 5.65
N GLU J 11 26.80 -1.68 4.44
CA GLU J 11 25.54 -2.39 4.26
C GLU J 11 25.48 -3.04 2.88
N VAL J 12 24.64 -4.08 2.76
CA VAL J 12 24.49 -4.78 1.49
C VAL J 12 25.53 -5.89 1.36
N HIS J 13 25.06 -7.13 1.25
CA HIS J 13 25.96 -8.27 1.12
C HIS J 13 25.58 -9.10 -0.10
N HIS J 14 24.81 -8.50 -1.00
CA HIS J 14 24.39 -9.18 -2.22
C HIS J 14 23.25 -10.16 -1.91
N GLN J 15 23.15 -11.22 -2.71
CA GLN J 15 22.11 -12.22 -2.53
C GLN J 15 20.82 -11.79 -3.24
N LYS J 16 20.30 -12.67 -4.08
CA LYS J 16 19.07 -12.39 -4.81
C LYS J 16 19.06 -10.94 -5.29
N LEU J 17 18.26 -10.11 -4.61
CA LEU J 17 18.17 -8.69 -4.98
C LEU J 17 17.89 -7.84 -3.74
N VAL J 18 18.43 -6.62 -3.74
CA VAL J 18 18.23 -5.72 -2.62
C VAL J 18 18.23 -4.27 -3.08
N PHE J 19 17.47 -3.43 -2.40
CA PHE J 19 17.40 -2.01 -2.74
C PHE J 19 17.04 -1.18 -1.52
N PHE J 20 17.51 0.06 -1.49
CA PHE J 20 17.23 0.95 -0.36
C PHE J 20 17.95 2.28 -0.50
N ALA J 21 17.84 3.11 0.53
CA ALA J 21 18.48 4.42 0.52
C ALA J 21 19.20 4.66 1.85
N GLU J 22 20.46 5.08 1.76
CA GLU J 22 21.25 5.35 2.96
C GLU J 22 22.01 6.66 2.81
N ASP J 23 21.43 7.72 3.35
CA ASP J 23 22.07 9.04 3.28
C ASP J 23 22.24 9.63 4.68
N VAL J 24 23.14 10.59 4.81
CA VAL J 24 23.38 11.23 6.10
C VAL J 24 22.07 11.74 6.70
N GLY J 25 21.94 11.62 8.01
CA GLY J 25 20.73 12.09 8.69
C GLY J 25 20.26 13.42 8.11
N SER J 26 21.17 14.15 7.48
CA SER J 26 20.83 15.43 6.89
C SER J 26 20.28 15.25 5.48
N ASN J 27 19.11 15.85 5.22
CA ASN J 27 18.49 15.75 3.91
C ASN J 27 18.13 17.13 3.38
N LYS J 28 17.58 17.17 2.16
CA LYS J 28 17.20 18.44 1.55
C LYS J 28 15.75 18.40 1.08
N GLY J 29 14.82 18.52 2.03
CA GLY J 29 13.40 18.49 1.70
C GLY J 29 12.55 18.42 2.96
N ALA J 30 11.34 18.98 2.89
CA ALA J 30 10.45 18.98 4.03
C ALA J 30 9.58 17.72 4.02
N ILE J 31 9.60 17.01 2.91
CA ILE J 31 8.81 15.79 2.78
C ILE J 31 9.51 14.81 1.83
N ILE J 32 9.39 13.52 2.11
CA ILE J 32 10.01 12.50 1.27
C ILE J 32 9.17 11.23 1.28
N GLY J 33 9.17 10.52 0.16
CA GLY J 33 8.41 9.28 0.07
C GLY J 33 9.05 8.31 -0.93
N LEU J 34 8.87 7.02 -0.69
CA LEU J 34 9.45 6.01 -1.58
C LEU J 34 8.55 4.77 -1.61
N MET J 35 8.50 4.12 -2.76
CA MET J 35 7.68 2.92 -2.91
C MET J 35 8.29 1.97 -3.94
N VAL J 36 8.08 0.68 -3.72
CA VAL J 36 8.62 -0.33 -4.64
C VAL J 36 7.80 -1.60 -4.59
N GLY J 37 7.81 -2.36 -5.68
CA GLY J 37 7.06 -3.60 -5.75
C GLY J 37 7.69 -4.56 -6.76
N GLY J 38 7.49 -5.86 -6.54
CA GLY J 38 8.05 -6.86 -7.44
C GLY J 38 7.19 -8.13 -7.45
N VAL J 39 7.21 -8.83 -8.57
CA VAL J 39 6.42 -10.06 -8.69
C VAL J 39 7.34 -11.28 -8.65
N VAL J 40 6.81 -12.40 -8.17
CA VAL J 40 7.58 -13.63 -8.09
C VAL J 40 8.97 -13.34 -7.52
P 2PO K . -28.17 -3.87 -12.01
O1P 2PO K . -27.10 -4.70 -11.19
O2P 2PO K . -28.03 -4.34 -13.52
O3P 2PO K . -29.56 -3.88 -11.47
P 2PO L . -25.06 -3.85 -17.68
O1P 2PO L . -26.09 -3.99 -18.87
O2P 2PO L . -24.07 -5.09 -17.80
O3P 2PO L . -25.64 -3.62 -16.33
P 2PO M . -20.62 -2.89 -22.12
O1P 2PO M . -21.77 -2.75 -23.20
O2P 2PO M . -19.48 -3.77 -22.81
O3P 2PO M . -21.04 -3.36 -20.78
P 2PO N . -14.92 -0.73 -23.88
O1P 2PO N . -13.83 -1.58 -24.65
O2P 2PO N . -15.51 -1.67 -22.75
O3P 2PO N . -14.48 0.62 -23.43
P 2PO O . -10.84 -0.09 -28.44
O1P 2PO O . -9.36 0.25 -28.89
O2P 2PO O . -10.76 -1.50 -27.71
O3P 2PO O . -11.89 0.02 -29.49
P 2PO P . 19.14 5.83 18.21
O1P 2PO P . 18.62 6.90 17.18
O2P 2PO P . 20.65 6.19 18.53
O3P 2PO P . 18.28 5.60 19.41
P 2PO Q . 23.12 3.39 21.67
O1P 2PO Q . 21.74 2.64 21.67
O2P 2PO Q . 24.24 2.29 21.92
O3P 2PO Q . 23.21 4.60 22.54
P 2PO R . 26.91 2.73 17.37
O1P 2PO R . 28.22 2.18 16.67
O2P 2PO R . 27.39 3.62 18.59
O3P 2PO R . 25.91 3.37 16.47
P 2PO S . 28.79 7.82 13.55
O1P 2PO S . 27.25 7.52 13.37
O2P 2PO S . 29.21 8.76 12.35
O3P 2PO S . 29.22 8.28 14.90
P 2PO T . 24.31 6.47 8.27
O1P 2PO T . 23.09 6.13 7.33
O2P 2PO T . 24.26 8.03 8.54
O3P 2PO T . 24.46 5.61 9.48
N ASP A 1 -31.33 -16.39 -13.47
CA ASP A 1 -32.09 -15.10 -13.42
C ASP A 1 -31.26 -14.05 -12.70
N ALA A 2 -30.56 -13.22 -13.47
CA ALA A 2 -29.73 -12.18 -12.89
C ALA A 2 -30.60 -11.06 -12.33
N GLU A 3 -30.26 -9.82 -12.69
CA GLU A 3 -31.02 -8.66 -12.21
C GLU A 3 -32.32 -8.51 -13.00
N PHE A 4 -33.06 -9.61 -13.14
CA PHE A 4 -34.32 -9.59 -13.87
C PHE A 4 -34.11 -9.02 -15.28
N ARG A 5 -32.85 -8.98 -15.70
CA ARG A 5 -32.51 -8.46 -17.03
C ARG A 5 -33.13 -7.07 -17.23
N HIS A 6 -32.95 -6.20 -16.25
CA HIS A 6 -33.47 -4.84 -16.33
C HIS A 6 -32.37 -3.82 -16.15
N ASP A 7 -32.63 -2.58 -16.57
CA ASP A 7 -31.64 -1.51 -16.45
C ASP A 7 -31.01 -1.53 -15.05
N SER A 8 -29.68 -1.52 -15.02
CA SER A 8 -28.98 -1.53 -13.75
C SER A 8 -29.59 -0.52 -12.78
N GLY A 9 -29.29 0.76 -12.98
CA GLY A 9 -29.82 1.81 -12.13
C GLY A 9 -29.32 1.65 -10.69
N TYR A 10 -28.02 1.89 -10.49
CA TYR A 10 -27.44 1.78 -9.17
C TYR A 10 -26.21 2.68 -9.04
N GLU A 11 -25.94 3.13 -7.81
CA GLU A 11 -24.80 4.00 -7.56
C GLU A 11 -24.35 3.88 -6.11
N VAL A 12 -23.07 4.15 -5.88
CA VAL A 12 -22.51 4.07 -4.54
C VAL A 12 -21.97 5.43 -4.09
N HIS A 13 -22.59 6.01 -3.07
CA HIS A 13 -22.17 7.30 -2.56
C HIS A 13 -22.60 7.49 -1.11
N HIS A 14 -22.04 8.48 -0.44
CA HIS A 14 -22.37 8.75 0.95
C HIS A 14 -21.67 10.02 1.44
N GLN A 15 -20.78 9.85 2.41
CA GLN A 15 -20.05 10.98 2.97
C GLN A 15 -18.76 10.51 3.63
N LYS A 16 -17.91 11.47 4.01
CA LYS A 16 -16.64 11.14 4.65
C LYS A 16 -15.85 10.14 3.80
N LEU A 17 -15.98 8.86 4.13
CA LEU A 17 -15.28 7.81 3.39
C LEU A 17 -16.15 6.55 3.33
N VAL A 18 -16.07 5.83 2.22
CA VAL A 18 -16.85 4.62 2.05
C VAL A 18 -16.13 3.64 1.13
N PHE A 19 -16.36 2.35 1.36
CA PHE A 19 -15.73 1.32 0.53
C PHE A 19 -16.62 0.08 0.46
N PHE A 20 -16.57 -0.61 -0.67
CA PHE A 20 -17.37 -1.81 -0.86
C PHE A 20 -16.66 -2.79 -1.78
N ALA A 21 -16.86 -4.08 -1.53
CA ALA A 21 -16.23 -5.11 -2.36
C ALA A 21 -17.15 -6.34 -2.48
N GLU A 22 -17.80 -6.46 -3.63
CA GLU A 22 -18.70 -7.59 -3.86
C GLU A 22 -19.47 -7.40 -5.16
N ASP A 23 -19.96 -8.50 -5.72
CA ASP A 23 -20.71 -8.44 -6.96
C ASP A 23 -22.10 -7.84 -6.72
N VAL A 24 -22.48 -6.89 -7.57
CA VAL A 24 -23.78 -6.25 -7.44
C VAL A 24 -24.77 -6.82 -8.44
N GLY A 25 -25.80 -7.50 -7.94
CA GLY A 25 -26.82 -8.09 -8.80
C GLY A 25 -27.16 -9.50 -8.33
N SER A 26 -26.22 -10.42 -8.52
CA SER A 26 -26.44 -11.80 -8.12
C SER A 26 -25.14 -12.42 -7.61
N ASN A 27 -25.14 -12.82 -6.33
CA ASN A 27 -23.94 -13.42 -5.74
C ASN A 27 -23.96 -14.94 -5.95
N LYS A 28 -22.92 -15.45 -6.59
CA LYS A 28 -22.83 -16.88 -6.85
C LYS A 28 -21.88 -17.54 -5.85
N GLY A 29 -21.52 -18.79 -6.12
CA GLY A 29 -20.62 -19.52 -5.23
C GLY A 29 -19.24 -18.88 -5.20
N ALA A 30 -19.11 -17.81 -4.42
CA ALA A 30 -17.84 -17.11 -4.31
C ALA A 30 -17.63 -16.62 -2.87
N ILE A 31 -16.59 -15.82 -2.68
CA ILE A 31 -16.28 -15.28 -1.35
C ILE A 31 -15.70 -13.88 -1.47
N ILE A 32 -16.02 -13.02 -0.52
CA ILE A 32 -15.51 -11.65 -0.54
C ILE A 32 -15.36 -11.10 0.88
N GLY A 33 -14.38 -10.24 1.06
CA GLY A 33 -14.13 -9.63 2.38
C GLY A 33 -13.49 -8.27 2.23
N LEU A 34 -13.76 -7.38 3.18
CA LEU A 34 -13.20 -6.03 3.12
C LEU A 34 -13.08 -5.43 4.52
N MET A 35 -12.13 -4.51 4.68
CA MET A 35 -11.92 -3.86 5.97
C MET A 35 -11.23 -2.51 5.77
N VAL A 36 -11.46 -1.58 6.70
CA VAL A 36 -10.84 -0.27 6.62
C VAL A 36 -11.44 0.70 7.64
N GLY A 37 -11.08 1.98 7.48
CA GLY A 37 -11.58 3.02 8.37
C GLY A 37 -11.02 2.85 9.79
N GLY A 38 -9.72 3.10 9.96
CA GLY A 38 -9.11 2.98 11.27
C GLY A 38 -8.05 4.07 11.45
N VAL A 39 -7.98 4.63 12.65
CA VAL A 39 -7.00 5.69 12.93
C VAL A 39 -5.59 5.15 12.82
N VAL A 40 -5.28 4.52 11.69
CA VAL A 40 -3.94 3.97 11.47
C VAL A 40 -3.53 4.13 10.02
N ASP B 1 -27.10 -16.45 -19.79
CA ASP B 1 -25.85 -15.69 -20.07
C ASP B 1 -25.18 -15.32 -18.74
N ALA B 2 -24.99 -14.03 -18.52
CA ALA B 2 -24.36 -13.56 -17.29
C ALA B 2 -24.78 -12.13 -16.98
N GLU B 3 -25.44 -11.49 -17.95
CA GLU B 3 -25.89 -10.11 -17.77
C GLU B 3 -26.92 -9.75 -18.82
N PHE B 4 -27.04 -10.59 -19.84
CA PHE B 4 -28.00 -10.35 -20.92
C PHE B 4 -27.86 -8.93 -21.46
N ARG B 5 -28.67 -8.59 -22.46
CA ARG B 5 -28.62 -7.27 -23.05
C ARG B 5 -29.32 -6.24 -22.15
N HIS B 6 -30.41 -5.69 -22.64
CA HIS B 6 -31.16 -4.69 -21.87
C HIS B 6 -30.26 -3.53 -21.48
N ASP B 7 -30.86 -2.37 -21.23
CA ASP B 7 -30.11 -1.19 -20.85
C ASP B 7 -29.52 -1.36 -19.45
N SER B 8 -28.96 -0.28 -18.92
CA SER B 8 -28.36 -0.32 -17.58
C SER B 8 -27.32 0.77 -17.43
N GLY B 9 -27.23 1.37 -16.24
CA GLY B 9 -26.28 2.42 -15.98
C GLY B 9 -25.81 2.40 -14.52
N TYR B 10 -24.56 2.75 -14.30
CA TYR B 10 -24.01 2.76 -12.95
C TYR B 10 -22.95 3.86 -12.81
N GLU B 11 -22.88 4.46 -11.62
CA GLU B 11 -21.92 5.53 -11.38
C GLU B 11 -21.58 5.62 -9.91
N VAL B 12 -20.38 6.14 -9.62
CA VAL B 12 -19.93 6.28 -8.23
C VAL B 12 -19.64 7.75 -7.90
N HIS B 13 -19.63 8.06 -6.62
CA HIS B 13 -19.36 9.44 -6.18
C HIS B 13 -19.37 9.52 -4.65
N HIS B 14 -18.33 10.11 -4.09
CA HIS B 14 -18.24 10.25 -2.63
C HIS B 14 -17.65 11.61 -2.26
N GLN B 15 -16.92 11.65 -1.15
CA GLN B 15 -16.30 12.89 -0.68
C GLN B 15 -14.82 12.70 -0.41
N LYS B 16 -14.45 12.72 0.86
CA LYS B 16 -13.05 12.55 1.25
C LYS B 16 -12.36 11.54 0.35
N LEU B 17 -12.58 10.26 0.62
CA LEU B 17 -11.96 9.20 -0.17
C LEU B 17 -12.87 7.98 -0.25
N VAL B 18 -12.84 7.29 -1.38
CA VAL B 18 -13.66 6.10 -1.57
C VAL B 18 -12.97 5.11 -2.48
N PHE B 19 -13.18 3.81 -2.22
CA PHE B 19 -12.57 2.77 -3.03
C PHE B 19 -13.40 1.50 -2.97
N PHE B 20 -13.32 0.69 -4.03
CA PHE B 20 -14.08 -0.55 -4.08
C PHE B 20 -13.62 -1.43 -5.24
N ALA B 21 -14.07 -2.68 -5.23
CA ALA B 21 -13.73 -3.62 -6.29
C ALA B 21 -14.88 -4.58 -6.53
N GLU B 22 -15.43 -4.54 -7.75
CA GLU B 22 -16.54 -5.42 -8.09
C GLU B 22 -16.98 -5.20 -9.53
N ASP B 23 -17.84 -6.09 -10.03
CA ASP B 23 -18.33 -5.99 -11.40
C ASP B 23 -19.84 -5.78 -11.40
N VAL B 24 -20.35 -5.17 -12.47
CA VAL B 24 -21.78 -4.92 -12.59
C VAL B 24 -22.45 -5.98 -13.46
N GLY B 25 -23.23 -6.85 -12.82
CA GLY B 25 -23.91 -7.91 -13.55
C GLY B 25 -23.96 -9.19 -12.71
N SER B 26 -23.01 -10.08 -12.93
CA SER B 26 -22.95 -11.33 -12.21
C SER B 26 -21.52 -11.87 -12.15
N ASN B 27 -20.97 -11.94 -10.95
CA ASN B 27 -19.60 -12.44 -10.77
C ASN B 27 -19.59 -13.96 -10.70
N LYS B 28 -18.46 -14.56 -11.06
CA LYS B 28 -18.33 -16.01 -11.03
C LYS B 28 -17.75 -16.47 -9.70
N GLY B 29 -17.56 -17.78 -9.56
CA GLY B 29 -17.02 -18.33 -8.34
C GLY B 29 -15.54 -17.94 -8.18
N ALA B 30 -15.29 -17.02 -7.27
CA ALA B 30 -13.92 -16.55 -7.03
C ALA B 30 -13.76 -16.10 -5.58
N ILE B 31 -12.72 -15.31 -5.34
CA ILE B 31 -12.45 -14.80 -3.99
C ILE B 31 -11.86 -13.39 -4.06
N ILE B 32 -12.20 -12.56 -3.08
CA ILE B 32 -11.69 -11.20 -3.06
C ILE B 32 -11.51 -10.72 -1.61
N GLY B 33 -10.49 -9.91 -1.38
CA GLY B 33 -10.23 -9.41 -0.03
C GLY B 33 -9.45 -8.09 -0.06
N LEU B 34 -9.61 -7.28 0.97
CA LEU B 34 -8.91 -6.01 1.05
C LEU B 34 -8.80 -5.54 2.50
N MET B 35 -7.82 -4.69 2.77
CA MET B 35 -7.62 -4.18 4.12
C MET B 35 -6.95 -2.80 4.08
N VAL B 36 -7.23 -1.98 5.09
CA VAL B 36 -6.65 -0.64 5.17
C VAL B 36 -7.53 0.27 6.01
N GLY B 37 -7.49 1.56 5.71
CA GLY B 37 -8.29 2.54 6.44
C GLY B 37 -7.64 3.92 6.40
N GLY B 38 -7.92 4.74 7.42
CA GLY B 38 -7.36 6.08 7.47
C GLY B 38 -7.04 6.47 8.91
N VAL B 39 -5.93 7.18 9.11
CA VAL B 39 -5.54 7.59 10.46
C VAL B 39 -6.39 8.77 10.92
N VAL B 40 -6.74 8.76 12.20
CA VAL B 40 -7.56 9.83 12.77
C VAL B 40 -7.13 10.12 14.21
N ASP C 1 -21.19 -11.79 -29.25
CA ASP C 1 -20.45 -11.13 -28.14
C ASP C 1 -21.22 -11.29 -26.84
N ALA C 2 -20.64 -10.82 -25.75
CA ALA C 2 -21.29 -10.91 -24.44
C ALA C 2 -22.40 -9.88 -24.32
N GLU C 3 -22.01 -8.62 -24.14
CA GLU C 3 -23.00 -7.55 -24.02
C GLU C 3 -23.29 -6.91 -25.37
N PHE C 4 -24.44 -6.25 -25.48
CA PHE C 4 -24.82 -5.60 -26.72
C PHE C 4 -26.13 -4.84 -26.56
N ARG C 5 -26.06 -3.52 -26.63
CA ARG C 5 -27.24 -2.69 -26.47
C ARG C 5 -26.96 -1.26 -26.94
N HIS C 6 -26.21 -0.51 -26.14
CA HIS C 6 -25.87 0.86 -26.47
C HIS C 6 -24.94 1.46 -25.42
N ASP C 7 -23.63 1.28 -25.62
CA ASP C 7 -22.65 1.80 -24.67
C ASP C 7 -22.92 1.28 -23.27
N SER C 8 -21.92 0.63 -22.68
CA SER C 8 -22.08 0.09 -21.33
C SER C 8 -22.78 1.09 -20.44
N GLY C 9 -22.56 2.37 -20.70
CA GLY C 9 -23.18 3.43 -19.90
C GLY C 9 -22.69 3.38 -18.46
N TYR C 10 -21.43 3.72 -18.25
CA TYR C 10 -20.85 3.73 -16.91
C TYR C 10 -19.85 4.88 -16.77
N GLU C 11 -19.84 5.51 -15.60
CA GLU C 11 -18.92 6.62 -15.37
C GLU C 11 -18.53 6.71 -13.90
N VAL C 12 -17.33 7.19 -13.65
CA VAL C 12 -16.84 7.32 -12.27
C VAL C 12 -16.57 8.78 -11.93
N HIS C 13 -17.09 9.22 -10.79
CA HIS C 13 -16.90 10.61 -10.36
C HIS C 13 -16.46 10.64 -8.90
N HIS C 14 -16.07 11.83 -8.43
CA HIS C 14 -15.62 11.99 -7.05
C HIS C 14 -15.38 13.45 -6.73
N GLN C 15 -14.64 13.70 -5.65
CA GLN C 15 -14.33 15.06 -5.24
C GLN C 15 -12.87 15.18 -4.82
N LYS C 16 -12.52 14.50 -3.73
CA LYS C 16 -11.16 14.54 -3.22
C LYS C 16 -10.28 13.54 -3.98
N LEU C 17 -10.34 12.27 -3.58
CA LEU C 17 -9.56 11.23 -4.23
C LEU C 17 -10.33 9.92 -4.25
N VAL C 18 -10.17 9.16 -5.32
CA VAL C 18 -10.87 7.89 -5.44
C VAL C 18 -10.08 6.91 -6.29
N PHE C 19 -10.19 5.62 -5.98
CA PHE C 19 -9.47 4.60 -6.73
C PHE C 19 -10.15 3.24 -6.57
N PHE C 20 -9.91 2.35 -7.53
CA PHE C 20 -10.51 1.02 -7.48
C PHE C 20 -10.30 0.26 -8.78
N ALA C 21 -10.99 -0.87 -8.91
CA ALA C 21 -10.89 -1.68 -10.12
C ALA C 21 -12.27 -1.88 -10.74
N GLU C 22 -12.46 -1.29 -11.92
CA GLU C 22 -13.75 -1.40 -12.61
C GLU C 22 -13.72 -2.55 -13.61
N ASP C 23 -14.57 -3.54 -13.38
CA ASP C 23 -14.64 -4.70 -14.27
C ASP C 23 -16.10 -5.12 -14.46
N VAL C 24 -16.57 -5.09 -15.70
CA VAL C 24 -17.95 -5.47 -16.00
C VAL C 24 -17.99 -6.50 -17.12
N GLY C 25 -19.19 -6.94 -17.47
CA GLY C 25 -19.36 -7.92 -18.53
C GLY C 25 -19.47 -9.33 -17.94
N SER C 26 -18.32 -9.96 -17.75
CA SER C 26 -18.29 -11.31 -17.19
C SER C 26 -16.94 -11.61 -16.56
N ASN C 27 -16.91 -11.67 -15.23
CA ASN C 27 -15.66 -11.94 -14.52
C ASN C 27 -15.26 -13.41 -14.70
N LYS C 28 -14.18 -13.80 -14.04
CA LYS C 28 -13.69 -15.17 -14.15
C LYS C 28 -13.41 -15.75 -12.76
N GLY C 29 -13.34 -17.08 -12.68
CA GLY C 29 -13.08 -17.74 -11.41
C GLY C 29 -11.60 -17.69 -11.06
N ALA C 30 -11.21 -16.70 -10.28
CA ALA C 30 -9.81 -16.54 -9.89
C ALA C 30 -9.71 -15.94 -8.49
N ILE C 31 -8.75 -15.03 -8.31
CA ILE C 31 -8.56 -14.37 -7.02
C ILE C 31 -8.13 -12.92 -7.22
N ILE C 32 -8.61 -12.04 -6.36
CA ILE C 32 -8.27 -10.63 -6.46
C ILE C 32 -8.18 -10.00 -5.07
N GLY C 33 -7.26 -9.06 -4.90
CA GLY C 33 -7.08 -8.40 -3.61
C GLY C 33 -6.57 -6.97 -3.80
N LEU C 34 -6.97 -6.08 -2.90
CA LEU C 34 -6.54 -4.69 -2.99
C LEU C 34 -6.54 -4.03 -1.62
N MET C 35 -5.70 -3.01 -1.46
CA MET C 35 -5.61 -2.29 -0.19
C MET C 35 -5.27 -0.83 -0.43
N VAL C 36 -5.81 0.05 0.39
CA VAL C 36 -5.54 1.49 0.23
C VAL C 36 -5.61 2.18 1.59
N GLY C 37 -4.79 3.21 1.77
CA GLY C 37 -4.78 3.95 3.03
C GLY C 37 -4.31 5.39 2.82
N GLY C 38 -4.75 6.26 3.71
CA GLY C 38 -4.38 7.67 3.62
C GLY C 38 -4.39 8.32 5.01
N VAL C 39 -3.53 9.31 5.21
CA VAL C 39 -3.46 10.00 6.49
C VAL C 39 -4.32 11.25 6.49
N VAL C 40 -5.30 11.29 7.39
CA VAL C 40 -6.20 12.44 7.48
C VAL C 40 -5.63 13.49 8.42
N ASP D 1 -10.99 -11.87 -31.21
CA ASP D 1 -11.81 -10.62 -31.24
C ASP D 1 -13.19 -10.92 -30.67
N ALA D 2 -13.35 -10.68 -29.37
CA ALA D 2 -14.63 -10.92 -28.71
C ALA D 2 -15.56 -9.72 -28.91
N GLU D 3 -15.23 -8.62 -28.25
CA GLU D 3 -16.05 -7.42 -28.36
C GLU D 3 -15.62 -6.58 -29.56
N PHE D 4 -16.57 -6.30 -30.45
CA PHE D 4 -16.27 -5.50 -31.63
C PHE D 4 -17.54 -5.19 -32.40
N ARG D 5 -18.11 -4.02 -32.15
CA ARG D 5 -19.34 -3.62 -32.83
C ARG D 5 -19.57 -2.11 -32.68
N HIS D 6 -20.03 -1.69 -31.51
CA HIS D 6 -20.29 -0.28 -31.26
C HIS D 6 -20.66 -0.05 -29.80
N ASP D 7 -21.55 -0.89 -29.28
CA ASP D 7 -21.98 -0.78 -27.90
C ASP D 7 -20.78 -0.78 -26.96
N SER D 8 -21.05 -0.73 -25.65
CA SER D 8 -19.98 -0.72 -24.67
C SER D 8 -19.26 0.63 -24.67
N GLY D 9 -19.46 1.41 -23.62
CA GLY D 9 -18.83 2.72 -23.52
C GLY D 9 -18.61 3.11 -22.07
N TYR D 10 -17.53 3.84 -21.81
CA TYR D 10 -17.23 4.28 -20.44
C TYR D 10 -16.47 5.61 -20.46
N GLU D 11 -16.65 6.39 -19.40
CA GLU D 11 -15.97 7.68 -19.30
C GLU D 11 -15.65 7.99 -17.84
N VAL D 12 -14.52 8.65 -17.62
CA VAL D 12 -14.11 9.01 -16.26
C VAL D 12 -13.93 10.52 -16.13
N HIS D 13 -14.48 11.09 -15.06
CA HIS D 13 -14.37 12.52 -14.83
C HIS D 13 -14.55 12.83 -13.35
N HIS D 14 -13.49 13.35 -12.72
CA HIS D 14 -13.54 13.68 -11.31
C HIS D 14 -12.74 14.95 -11.02
N GLN D 15 -12.36 15.15 -9.77
CA GLN D 15 -11.59 16.32 -9.38
C GLN D 15 -10.31 15.92 -8.65
N LYS D 16 -9.66 16.89 -8.03
CA LYS D 16 -8.42 16.62 -7.29
C LYS D 16 -7.56 15.62 -8.03
N LEU D 17 -7.64 14.35 -7.63
CA LEU D 17 -6.85 13.31 -8.28
C LEU D 17 -7.58 11.97 -8.23
N VAL D 18 -7.40 11.16 -9.25
CA VAL D 18 -8.05 9.86 -9.32
C VAL D 18 -7.20 8.85 -10.10
N PHE D 19 -7.29 7.58 -9.72
CA PHE D 19 -6.52 6.54 -10.39
C PHE D 19 -7.21 5.18 -10.25
N PHE D 20 -7.00 4.31 -11.22
CA PHE D 20 -7.60 2.98 -11.18
C PHE D 20 -7.27 2.18 -12.43
N ALA D 21 -7.84 0.98 -12.51
CA ALA D 21 -7.61 0.10 -13.65
C ALA D 21 -8.94 -0.29 -14.30
N GLU D 22 -8.98 -0.25 -15.63
CA GLU D 22 -10.20 -0.61 -16.35
C GLU D 22 -10.00 -1.87 -17.16
N ASP D 23 -10.83 -2.88 -16.90
CA ASP D 23 -10.73 -4.15 -17.63
C ASP D 23 -12.12 -4.73 -17.84
N VAL D 24 -12.53 -4.84 -19.10
CA VAL D 24 -13.84 -5.39 -19.43
C VAL D 24 -13.75 -6.34 -20.62
N GLY D 25 -14.90 -6.80 -21.09
CA GLY D 25 -14.93 -7.72 -22.22
C GLY D 25 -14.83 -9.17 -21.76
N SER D 26 -13.59 -9.68 -21.72
CA SER D 26 -13.36 -11.06 -21.28
C SER D 26 -12.04 -11.17 -20.53
N ASN D 27 -12.12 -11.32 -19.21
CA ASN D 27 -10.93 -11.44 -18.39
C ASN D 27 -10.45 -12.88 -18.34
N LYS D 28 -9.23 -13.08 -17.87
CA LYS D 28 -8.66 -14.42 -17.77
C LYS D 28 -8.62 -14.88 -16.33
N GLY D 29 -8.66 -16.20 -16.12
CA GLY D 29 -8.62 -16.75 -14.77
C GLY D 29 -7.19 -16.81 -14.25
N ALA D 30 -6.84 -15.86 -13.40
CA ALA D 30 -5.48 -15.81 -12.84
C ALA D 30 -5.49 -15.12 -11.49
N ILE D 31 -4.63 -14.12 -11.33
CA ILE D 31 -4.54 -13.38 -10.08
C ILE D 31 -4.23 -11.92 -10.36
N ILE D 32 -4.81 -11.02 -9.56
CA ILE D 32 -4.59 -9.59 -9.74
C ILE D 32 -4.62 -8.87 -8.41
N GLY D 33 -3.79 -7.84 -8.26
CA GLY D 33 -3.74 -7.08 -7.02
C GLY D 33 -3.36 -5.63 -7.28
N LEU D 34 -3.88 -4.72 -6.46
CA LEU D 34 -3.59 -3.30 -6.62
C LEU D 34 -3.69 -2.58 -5.28
N MET D 35 -2.89 -1.53 -5.13
CA MET D 35 -2.88 -0.76 -3.89
C MET D 35 -2.53 0.69 -4.17
N VAL D 36 -3.06 1.61 -3.35
CA VAL D 36 -2.79 3.02 -3.52
C VAL D 36 -2.89 3.76 -2.19
N GLY D 37 -2.13 4.84 -2.07
CA GLY D 37 -2.14 5.63 -0.83
C GLY D 37 -1.77 7.08 -1.10
N GLY D 38 -2.28 7.99 -0.28
CA GLY D 38 -1.99 9.40 -0.44
C GLY D 38 -2.06 10.13 0.89
N VAL D 39 -1.27 11.19 1.03
CA VAL D 39 -1.24 11.97 2.26
C VAL D 39 -1.95 13.30 2.07
N VAL D 40 -2.87 13.62 2.98
CA VAL D 40 -3.61 14.87 2.92
C VAL D 40 -2.99 15.91 3.84
N ASP E 1 -4.52 -11.83 -30.09
CA ASP E 1 -3.92 -10.56 -30.58
C ASP E 1 -5.00 -9.70 -31.22
N ALA E 2 -6.14 -9.57 -30.53
CA ALA E 2 -7.24 -8.77 -31.03
C ALA E 2 -6.89 -7.29 -31.02
N GLU E 3 -5.88 -6.94 -30.22
CA GLU E 3 -5.45 -5.55 -30.12
C GLU E 3 -4.20 -5.43 -29.27
N PHE E 4 -3.49 -4.32 -29.40
CA PHE E 4 -2.27 -4.08 -28.63
C PHE E 4 -2.60 -3.55 -27.24
N ARG E 5 -2.99 -2.29 -27.17
CA ARG E 5 -3.33 -1.67 -25.90
C ARG E 5 -4.15 -0.40 -26.12
N HIS E 6 -4.82 -0.33 -27.26
CA HIS E 6 -5.63 0.84 -27.58
C HIS E 6 -7.00 0.73 -26.94
N ASP E 7 -7.36 1.73 -26.14
CA ASP E 7 -8.65 1.73 -25.46
C ASP E 7 -9.77 1.37 -26.43
N SER E 8 -10.90 0.93 -25.90
CA SER E 8 -12.04 0.55 -26.72
C SER E 8 -13.30 1.28 -26.27
N GLY E 9 -13.61 2.39 -26.95
CA GLY E 9 -14.79 3.17 -26.61
C GLY E 9 -14.68 3.74 -25.20
N TYR E 10 -13.73 4.64 -25.00
CA TYR E 10 -13.53 5.26 -23.70
C TYR E 10 -13.00 6.67 -23.85
N GLU E 11 -13.36 7.55 -22.92
CA GLU E 11 -12.92 8.94 -22.98
C GLU E 11 -12.84 9.52 -21.56
N VAL E 12 -11.91 10.46 -21.37
CA VAL E 12 -11.73 11.09 -20.06
C VAL E 12 -11.81 12.61 -20.19
N HIS E 13 -12.03 13.27 -19.07
CA HIS E 13 -12.14 14.73 -19.06
C HIS E 13 -11.52 15.30 -17.78
N HIS E 14 -12.07 14.90 -16.64
CA HIS E 14 -11.57 15.38 -15.36
C HIS E 14 -11.28 16.88 -15.43
N GLN E 15 -10.57 17.38 -14.42
CA GLN E 15 -10.23 18.80 -14.37
C GLN E 15 -8.82 19.00 -13.79
N LYS E 16 -8.57 18.36 -12.65
CA LYS E 16 -7.27 18.47 -12.00
C LYS E 16 -6.27 17.52 -12.64
N LEU E 17 -6.21 16.29 -12.13
CA LEU E 17 -5.28 15.29 -12.66
C LEU E 17 -5.88 13.90 -12.54
N VAL E 18 -5.57 13.04 -13.50
CA VAL E 18 -6.08 11.67 -13.49
C VAL E 18 -5.11 10.73 -14.21
N PHE E 19 -5.08 9.48 -13.77
CA PHE E 19 -4.22 8.48 -14.38
C PHE E 19 -4.77 7.08 -14.16
N PHE E 20 -4.44 6.16 -15.06
CA PHE E 20 -4.93 4.79 -14.93
C PHE E 20 -4.50 3.95 -16.14
N ALA E 21 -4.99 2.71 -16.17
CA ALA E 21 -4.67 1.80 -17.26
C ALA E 21 -5.95 1.25 -17.89
N GLU E 22 -6.20 1.63 -19.14
CA GLU E 22 -7.39 1.18 -19.83
C GLU E 22 -7.05 0.06 -20.80
N ASP E 23 -7.53 -1.15 -20.51
CA ASP E 23 -7.27 -2.29 -21.37
C ASP E 23 -8.53 -3.14 -21.53
N VAL E 24 -8.84 -3.50 -22.77
CA VAL E 24 -10.02 -4.30 -23.05
C VAL E 24 -9.78 -5.19 -24.27
N GLY E 25 -9.65 -6.49 -24.04
CA GLY E 25 -9.42 -7.44 -25.12
C GLY E 25 -7.97 -7.91 -25.13
N SER E 26 -7.21 -7.52 -24.11
CA SER E 26 -5.81 -7.90 -24.01
C SER E 26 -5.47 -8.34 -22.58
N ASN E 27 -4.53 -9.26 -22.46
CA ASN E 27 -4.12 -9.76 -21.15
C ASN E 27 -2.60 -9.89 -21.06
N LYS E 28 -2.10 -10.19 -19.87
CA LYS E 28 -0.68 -10.33 -19.66
C LYS E 28 -0.37 -11.66 -18.97
N GLY E 29 0.75 -11.71 -18.26
CA GLY E 29 1.14 -12.92 -17.55
C GLY E 29 0.00 -13.44 -16.67
N ALA E 30 0.20 -14.60 -16.05
CA ALA E 30 -0.82 -15.18 -15.19
C ALA E 30 -0.96 -14.37 -13.91
N ILE E 31 -0.24 -13.25 -13.83
CA ILE E 31 -0.29 -12.40 -12.65
C ILE E 31 -0.08 -10.95 -13.05
N ILE E 32 -0.75 -10.04 -12.34
CA ILE E 32 -0.63 -8.61 -12.63
C ILE E 32 -0.78 -7.80 -11.35
N GLY E 33 -0.07 -6.69 -11.27
CA GLY E 33 -0.14 -5.83 -10.09
C GLY E 33 0.15 -4.38 -10.45
N LEU E 34 -0.46 -3.46 -9.71
CA LEU E 34 -0.27 -2.03 -9.96
C LEU E 34 -0.40 -1.24 -8.65
N MET E 35 0.34 -0.15 -8.56
CA MET E 35 0.30 0.68 -7.36
C MET E 35 0.65 2.13 -7.69
N VAL E 36 0.07 3.06 -6.94
CA VAL E 36 0.33 4.48 -7.16
C VAL E 36 0.09 5.28 -5.88
N GLY E 37 0.74 6.43 -5.79
CA GLY E 37 0.59 7.29 -4.61
C GLY E 37 0.86 8.75 -4.96
N GLY E 38 0.25 9.66 -4.20
CA GLY E 38 0.44 11.09 -4.45
C GLY E 38 0.22 11.88 -3.18
N VAL E 39 0.88 13.05 -3.10
CA VAL E 39 0.75 13.90 -1.93
C VAL E 39 -0.40 14.89 -2.11
N VAL E 40 -0.83 15.51 -1.02
CA VAL E 40 -1.92 16.48 -1.06
C VAL E 40 -1.79 17.36 -2.30
N ASP F 1 21.33 1.57 33.56
CA ASP F 1 20.46 2.64 33.00
C ASP F 1 20.79 2.84 31.52
N ALA F 2 19.76 3.14 30.73
CA ALA F 2 19.96 3.36 29.30
C ALA F 2 20.69 2.17 28.68
N GLU F 3 21.29 2.40 27.52
CA GLU F 3 22.02 1.35 26.82
C GLU F 3 23.43 1.21 27.38
N PHE F 4 24.03 0.05 27.17
CA PHE F 4 25.38 -0.20 27.66
C PHE F 4 26.03 -1.36 26.90
N ARG F 5 27.31 -1.59 27.16
CA ARG F 5 28.03 -2.67 26.49
C ARG F 5 27.96 -2.50 24.98
N HIS F 6 29.05 -2.86 24.30
CA HIS F 6 29.11 -2.76 22.85
C HIS F 6 27.80 -3.24 22.22
N ASP F 7 27.70 -4.55 22.04
CA ASP F 7 26.50 -5.14 21.46
C ASP F 7 25.31 -5.00 22.42
N SER F 8 24.89 -3.77 22.66
CA SER F 8 23.78 -3.51 23.57
C SER F 8 22.70 -4.58 23.40
N GLY F 9 22.58 -5.11 22.20
CA GLY F 9 21.58 -6.13 21.92
C GLY F 9 21.11 -6.07 20.47
N TYR F 10 19.84 -6.39 20.25
CA TYR F 10 19.28 -6.38 18.91
C TYR F 10 17.80 -5.96 18.97
N GLU F 11 17.36 -5.22 17.96
CA GLU F 11 15.97 -4.76 17.93
C GLU F 11 15.00 -5.95 17.92
N VAL F 12 14.93 -6.65 16.79
CA VAL F 12 14.04 -7.79 16.66
C VAL F 12 14.63 -8.85 15.74
N HIS F 13 14.17 -10.08 15.87
CA HIS F 13 14.65 -11.17 15.04
C HIS F 13 13.81 -12.43 15.25
N HIS F 14 12.67 -12.49 14.56
CA HIS F 14 11.79 -13.65 14.67
C HIS F 14 10.39 -13.31 14.14
N GLN F 15 9.44 -14.19 14.42
CA GLN F 15 8.06 -13.98 13.97
C GLN F 15 7.93 -14.26 12.48
N LYS F 16 6.97 -15.10 12.12
CA LYS F 16 6.75 -15.43 10.72
C LYS F 16 6.49 -14.18 9.90
N LEU F 17 5.42 -13.47 10.23
CA LEU F 17 5.07 -12.24 9.53
C LEU F 17 4.38 -11.28 10.49
N VAL F 18 4.63 -9.99 10.32
CA VAL F 18 4.02 -8.99 11.20
C VAL F 18 4.62 -7.60 10.97
N PHE F 19 4.29 -6.69 11.87
CA PHE F 19 4.79 -5.32 11.79
C PHE F 19 4.92 -4.72 13.19
N PHE F 20 5.88 -3.81 13.36
CA PHE F 20 6.09 -3.19 14.66
C PHE F 20 6.61 -1.76 14.48
N ALA F 21 6.20 -0.86 15.38
CA ALA F 21 6.63 0.52 15.31
C ALA F 21 6.60 1.15 16.70
N GLU F 22 7.78 1.48 17.21
CA GLU F 22 7.87 2.10 18.53
C GLU F 22 9.33 2.29 18.94
N ASP F 23 9.54 2.90 20.10
CA ASP F 23 10.88 3.14 20.60
C ASP F 23 11.27 2.11 21.65
N VAL F 24 12.47 1.56 21.53
CA VAL F 24 12.94 0.57 22.48
C VAL F 24 13.97 1.17 23.43
N GLY F 25 14.00 0.69 24.66
CA GLY F 25 14.94 1.20 25.65
C GLY F 25 14.32 2.32 26.48
N SER F 26 13.85 3.35 25.78
CA SER F 26 13.23 4.48 26.46
C SER F 26 12.28 5.22 25.53
N ASN F 27 11.00 5.25 25.87
CA ASN F 27 10.00 5.93 25.06
C ASN F 27 9.64 7.28 25.66
N LYS F 28 9.39 8.27 24.80
CA LYS F 28 9.03 9.59 25.26
C LYS F 28 7.55 9.87 25.02
N GLY F 29 7.14 11.11 25.25
CA GLY F 29 5.74 11.49 25.05
C GLY F 29 5.41 11.63 23.57
N ALA F 30 4.64 10.68 23.06
CA ALA F 30 4.24 10.69 21.65
C ALA F 30 2.99 9.85 21.43
N ILE F 31 2.72 9.51 20.18
CA ILE F 31 1.55 8.70 19.85
C ILE F 31 1.89 7.74 18.71
N ILE F 32 1.36 6.52 18.77
CA ILE F 32 1.64 5.53 17.73
C ILE F 32 0.44 4.60 17.57
N GLY F 33 0.21 4.15 16.34
CA GLY F 33 -0.90 3.25 16.05
C GLY F 33 -0.54 2.29 14.92
N LEU F 34 -1.04 1.07 15.00
CA LEU F 34 -0.74 0.07 13.97
C LEU F 34 -1.92 -0.90 13.81
N MET F 35 -2.12 -1.37 12.58
CA MET F 35 -3.21 -2.30 12.29
C MET F 35 -2.84 -3.21 11.14
N VAL F 36 -3.35 -4.44 11.16
CA VAL F 36 -3.06 -5.40 10.10
C VAL F 36 -4.19 -6.40 9.94
N GLY F 37 -4.34 -6.94 8.73
CA GLY F 37 -5.38 -7.91 8.46
C GLY F 37 -4.95 -8.87 7.36
N GLY F 38 -5.41 -10.12 7.43
CA GLY F 38 -5.06 -11.11 6.44
C GLY F 38 -6.16 -12.16 6.31
N VAL F 39 -6.29 -12.73 5.11
CA VAL F 39 -7.30 -13.75 4.87
C VAL F 39 -6.68 -14.99 4.23
N VAL F 40 -7.30 -16.14 4.46
CA VAL F 40 -6.80 -17.39 3.90
C VAL F 40 -7.08 -17.45 2.39
N ASP G 1 17.14 9.60 28.56
CA ASP G 1 17.38 10.86 27.80
C ASP G 1 18.22 10.55 26.57
N ALA G 2 19.53 10.49 26.74
CA ALA G 2 20.43 10.21 25.63
C ALA G 2 20.69 8.72 25.52
N GLU G 3 21.23 8.30 24.38
CA GLU G 3 21.53 6.88 24.16
C GLU G 3 22.93 6.54 24.64
N PHE G 4 23.64 7.55 25.14
CA PHE G 4 24.99 7.36 25.64
C PHE G 4 25.84 6.61 24.61
N ARG G 5 27.06 6.26 24.99
CA ARG G 5 27.96 5.55 24.09
C ARG G 5 27.66 4.05 24.12
N HIS G 6 28.68 3.25 24.40
CA HIS G 6 28.52 1.80 24.45
C HIS G 6 27.87 1.30 23.16
N ASP G 7 27.84 2.15 22.14
CA ASP G 7 27.25 1.78 20.87
C ASP G 7 25.75 1.50 21.02
N SER G 8 25.05 1.46 19.89
CA SER G 8 23.60 1.21 19.92
C SER G 8 23.33 -0.25 20.27
N GLY G 9 23.93 -1.16 19.50
CA GLY G 9 23.74 -2.59 19.74
C GLY G 9 22.28 -2.99 19.53
N TYR G 10 21.83 -2.92 18.28
CA TYR G 10 20.45 -3.31 17.96
C TYR G 10 20.37 -3.82 16.53
N GLU G 11 19.43 -4.74 16.30
CA GLU G 11 19.26 -5.31 14.97
C GLU G 11 17.81 -5.74 14.76
N VAL G 12 17.37 -5.74 13.49
CA VAL G 12 16.01 -6.14 13.17
C VAL G 12 16.02 -7.35 12.23
N HIS G 13 14.97 -8.17 12.32
CA HIS G 13 14.87 -9.35 11.48
C HIS G 13 13.58 -10.12 11.79
N HIS G 14 13.16 -10.95 10.84
CA HIS G 14 11.94 -11.74 11.01
C HIS G 14 11.90 -12.89 10.02
N GLN G 15 10.70 -13.25 9.58
CA GLN G 15 10.53 -14.34 8.63
C GLN G 15 9.50 -13.97 7.57
N LYS G 16 9.15 -14.92 6.72
CA LYS G 16 8.17 -14.69 5.67
C LYS G 16 8.25 -13.25 5.17
N LEU G 17 7.47 -12.37 5.80
CA LEU G 17 7.47 -10.97 5.41
C LEU G 17 7.23 -10.08 6.63
N VAL G 18 7.86 -8.92 6.65
CA VAL G 18 7.69 -8.00 7.78
C VAL G 18 7.99 -6.57 7.35
N PHE G 19 7.40 -5.61 8.04
CA PHE G 19 7.59 -4.20 7.73
C PHE G 19 7.15 -3.31 8.89
N PHE G 20 7.62 -2.07 8.89
CA PHE G 20 7.25 -1.13 9.95
C PHE G 20 8.22 0.05 10.00
N ALA G 21 8.23 0.75 11.13
CA ALA G 21 9.11 1.89 11.31
C ALA G 21 9.82 1.82 12.66
N GLU G 22 11.14 1.92 12.64
CA GLU G 22 11.92 1.86 13.88
C GLU G 22 12.27 3.27 14.36
N ASP G 23 11.74 3.63 15.52
CA ASP G 23 12.00 4.94 16.10
C ASP G 23 12.43 4.80 17.55
N VAL G 24 13.71 5.06 17.82
CA VAL G 24 14.23 4.95 19.18
C VAL G 24 14.93 6.23 19.58
N GLY G 25 15.81 6.14 20.58
CA GLY G 25 16.54 7.31 21.05
C GLY G 25 15.64 8.20 21.90
N SER G 26 14.85 9.04 21.24
CA SER G 26 13.94 9.94 21.93
C SER G 26 12.74 10.27 21.07
N ASN G 27 11.58 9.76 21.47
CA ASN G 27 10.35 10.00 20.72
C ASN G 27 9.69 11.30 21.18
N LYS G 28 10.01 12.40 20.51
CA LYS G 28 9.44 13.69 20.85
C LYS G 28 7.98 13.77 20.44
N GLY G 29 7.35 14.91 20.68
CA GLY G 29 5.95 15.10 20.32
C GLY G 29 5.75 14.89 18.83
N ALA G 30 5.49 13.65 18.43
CA ALA G 30 5.28 13.34 17.02
C ALA G 30 4.16 12.31 16.87
N ILE G 31 4.00 11.80 15.64
CA ILE G 31 2.97 10.81 15.37
C ILE G 31 3.45 9.82 14.32
N ILE G 32 3.06 8.56 14.47
CA ILE G 32 3.47 7.53 13.51
C ILE G 32 2.37 6.48 13.37
N GLY G 33 2.24 5.94 12.16
CA GLY G 33 1.21 4.93 11.90
C GLY G 33 1.64 4.02 10.76
N LEU G 34 1.17 2.77 10.80
CA LEU G 34 1.52 1.80 9.76
C LEU G 34 0.47 0.70 9.68
N MET G 35 0.35 0.09 8.51
CA MET G 35 -0.61 -0.98 8.31
C MET G 35 -0.08 -1.98 7.28
N VAL G 36 -0.46 -3.24 7.43
CA VAL G 36 -0.01 -4.27 6.49
C VAL G 36 -1.01 -5.42 6.45
N GLY G 37 -1.07 -6.11 5.32
CA GLY G 37 -1.98 -7.23 5.16
C GLY G 37 -1.45 -8.22 4.14
N GLY G 38 -1.83 -9.49 4.29
CA GLY G 38 -1.39 -10.53 3.36
C GLY G 38 -2.43 -11.63 3.24
N VAL G 39 -2.52 -12.23 2.05
CA VAL G 39 -3.49 -13.29 1.82
C VAL G 39 -2.81 -14.52 1.26
N VAL G 40 -3.32 -15.70 1.62
CA VAL G 40 -2.75 -16.95 1.14
C VAL G 40 -3.45 -17.42 -0.13
N ASP H 1 28.44 13.37 22.70
CA ASP H 1 27.09 13.39 23.33
C ASP H 1 26.21 12.35 22.65
N ALA H 2 25.42 12.78 21.66
CA ALA H 2 24.54 11.88 20.93
C ALA H 2 25.34 10.74 20.31
N GLU H 3 25.44 9.62 21.05
CA GLU H 3 26.17 8.47 20.56
C GLU H 3 27.64 8.82 20.36
N PHE H 4 28.44 7.81 20.03
CA PHE H 4 29.88 8.02 19.81
C PHE H 4 30.51 6.77 19.21
N ARG H 5 31.80 6.87 18.89
CA ARG H 5 32.52 5.73 18.32
C ARG H 5 32.06 5.48 16.88
N HIS H 6 33.01 5.17 16.02
CA HIS H 6 32.70 4.91 14.62
C HIS H 6 31.54 3.92 14.50
N ASP H 7 31.86 2.67 14.19
CA ASP H 7 30.84 1.64 14.06
C ASP H 7 29.99 1.55 15.33
N SER H 8 28.67 1.50 15.16
CA SER H 8 27.78 1.42 16.30
C SER H 8 27.33 -0.03 16.53
N GLY H 9 27.78 -0.92 15.65
CA GLY H 9 27.43 -2.34 15.77
C GLY H 9 25.93 -2.53 15.59
N TYR H 10 25.45 -2.34 14.37
CA TYR H 10 24.02 -2.50 14.08
C TYR H 10 23.82 -2.90 12.62
N GLU H 11 22.78 -3.68 12.37
CA GLU H 11 22.50 -4.14 11.01
C GLU H 11 21.01 -4.43 10.81
N VAL H 12 20.54 -4.30 9.59
CA VAL H 12 19.14 -4.57 9.27
C VAL H 12 18.98 -5.96 8.68
N HIS H 13 18.84 -6.96 9.54
CA HIS H 13 18.68 -8.33 9.08
C HIS H 13 17.22 -8.63 8.76
N HIS H 14 16.99 -9.74 8.07
CA HIS H 14 15.63 -10.13 7.70
C HIS H 14 15.65 -11.40 6.84
N GLN H 15 14.48 -11.85 6.42
CA GLN H 15 14.38 -13.05 5.60
C GLN H 15 13.36 -12.85 4.48
N LYS H 16 13.25 -13.85 3.61
CA LYS H 16 12.31 -13.78 2.50
C LYS H 16 12.28 -12.36 1.91
N LEU H 17 11.40 -11.53 2.45
CA LEU H 17 11.29 -10.15 1.98
C LEU H 17 10.96 -9.23 3.15
N VAL H 18 11.54 -8.03 3.15
CA VAL H 18 11.30 -7.08 4.22
C VAL H 18 11.45 -5.64 3.73
N PHE H 19 10.72 -4.72 4.35
CA PHE H 19 10.79 -3.31 3.99
C PHE H 19 10.38 -2.44 5.17
N PHE H 20 10.89 -1.21 5.19
CA PHE H 20 10.56 -0.28 6.27
C PHE H 20 11.45 0.96 6.22
N ALA H 21 11.40 1.74 7.29
CA ALA H 21 12.20 2.96 7.38
C ALA H 21 13.13 2.90 8.58
N GLU H 22 14.40 3.23 8.37
CA GLU H 22 15.38 3.20 9.45
C GLU H 22 15.47 4.57 10.13
N ASP H 23 15.13 4.60 11.41
CA ASP H 23 15.18 5.84 12.17
C ASP H 23 15.62 5.57 13.60
N VAL H 24 16.91 5.72 13.85
CA VAL H 24 17.46 5.49 15.18
C VAL H 24 18.51 6.54 15.53
N GLY H 25 18.85 6.64 16.81
CA GLY H 25 19.83 7.62 17.26
C GLY H 25 19.16 8.85 17.85
N SER H 26 18.32 9.50 17.06
CA SER H 26 17.62 10.70 17.52
C SER H 26 16.48 11.04 16.57
N ASN H 27 15.24 10.96 17.07
CA ASN H 27 14.08 11.27 16.25
C ASN H 27 13.71 12.75 16.38
N LYS H 28 12.86 13.22 15.49
CA LYS H 28 12.43 14.62 15.51
C LYS H 28 10.91 14.71 15.54
N GLY H 29 10.40 15.92 15.80
CA GLY H 29 8.96 16.13 15.86
C GLY H 29 8.38 16.30 14.46
N ALA H 30 7.77 15.24 13.95
CA ALA H 30 7.17 15.28 12.61
C ALA H 30 6.09 14.21 12.48
N ILE H 31 5.94 13.68 11.27
CA ILE H 31 4.95 12.64 11.02
C ILE H 31 5.49 11.63 10.01
N ILE H 32 5.14 10.36 10.20
CA ILE H 32 5.61 9.31 9.30
C ILE H 32 4.55 8.22 9.17
N GLY H 33 4.45 7.64 7.98
CA GLY H 33 3.47 6.58 7.73
C GLY H 33 3.97 5.61 6.67
N LEU H 34 3.58 4.34 6.80
CA LEU H 34 3.99 3.32 5.85
C LEU H 34 2.93 2.24 5.72
N MET H 35 2.83 1.66 4.52
CA MET H 35 1.85 0.61 4.27
C MET H 35 2.38 -0.37 3.24
N VAL H 36 2.04 -1.64 3.39
CA VAL H 36 2.50 -2.66 2.46
C VAL H 36 1.54 -3.85 2.42
N GLY H 37 1.54 -4.57 1.31
CA GLY H 37 0.67 -5.73 1.15
C GLY H 37 1.25 -6.71 0.14
N GLY H 38 0.91 -7.99 0.31
CA GLY H 38 1.41 -9.02 -0.60
C GLY H 38 0.39 -10.15 -0.73
N VAL H 39 0.34 -10.75 -1.92
CA VAL H 39 -0.61 -11.84 -2.16
C VAL H 39 0.13 -13.17 -2.28
N VAL H 40 -0.53 -14.25 -1.87
CA VAL H 40 0.08 -15.58 -1.94
C VAL H 40 1.37 -15.61 -1.15
N ASP I 1 20.19 15.05 20.64
CA ASP I 1 19.58 15.70 19.45
C ASP I 1 19.99 14.94 18.19
N ALA I 2 19.80 15.56 17.04
CA ALA I 2 20.15 14.93 15.77
C ALA I 2 21.50 14.23 15.88
N GLU I 3 21.46 12.90 15.89
CA GLU I 3 22.70 12.12 15.99
C GLU I 3 23.79 12.72 15.11
N PHE I 4 25.03 12.64 15.58
CA PHE I 4 26.15 13.18 14.83
C PHE I 4 27.20 12.11 14.59
N ARG I 5 28.40 12.52 14.17
CA ARG I 5 29.48 11.59 13.91
C ARG I 5 28.97 10.39 13.10
N HIS I 6 29.74 9.31 13.11
CA HIS I 6 29.37 8.11 12.38
C HIS I 6 28.64 7.13 13.30
N ASP I 7 27.37 6.88 13.02
CA ASP I 7 26.58 5.96 13.82
C ASP I 7 26.11 4.77 12.97
N SER I 8 25.56 3.76 13.63
CA SER I 8 25.09 2.58 12.93
C SER I 8 26.26 1.73 12.45
N GLY I 9 26.45 0.57 13.07
CA GLY I 9 27.55 -0.31 12.71
C GLY I 9 27.42 -0.80 11.27
N TYR I 10 26.41 -1.63 11.02
CA TYR I 10 26.19 -2.17 9.68
C TYR I 10 24.72 -2.51 9.48
N GLU I 11 24.24 -2.39 8.24
CA GLU I 11 22.84 -2.70 7.94
C GLU I 11 22.69 -3.11 6.47
N VAL I 12 21.68 -3.95 6.20
CA VAL I 12 21.43 -4.42 4.84
C VAL I 12 21.73 -5.90 4.71
N HIS I 13 20.71 -6.73 4.99
CA HIS I 13 20.87 -8.18 4.90
C HIS I 13 20.77 -8.64 3.46
N HIS I 14 20.33 -9.89 3.28
CA HIS I 14 20.19 -10.46 1.94
C HIS I 14 19.18 -11.60 1.95
N GLN I 15 18.21 -11.54 1.04
CA GLN I 15 17.19 -12.58 0.95
C GLN I 15 16.11 -12.18 -0.04
N LYS I 16 15.78 -13.08 -0.96
CA LYS I 16 14.77 -12.81 -1.97
C LYS I 16 14.87 -11.35 -2.44
N LEU I 17 14.12 -10.47 -1.79
CA LEU I 17 14.14 -9.06 -2.16
C LEU I 17 13.90 -8.19 -0.92
N VAL I 18 14.55 -7.03 -0.89
CA VAL I 18 14.40 -6.12 0.24
C VAL I 18 14.51 -4.67 -0.22
N PHE I 19 13.75 -3.79 0.41
CA PHE I 19 13.76 -2.38 0.05
C PHE I 19 13.41 -1.51 1.25
N PHE I 20 13.95 -0.30 1.30
CA PHE I 20 13.66 0.60 2.42
C PHE I 20 14.36 1.95 2.23
N ALA I 21 14.13 2.84 3.18
CA ALA I 21 14.73 4.17 3.14
C ALA I 21 15.69 4.36 4.29
N GLU I 22 16.97 4.52 3.98
CA GLU I 22 17.99 4.71 5.00
C GLU I 22 18.20 6.19 5.30
N ASP I 23 17.64 6.65 6.41
CA ASP I 23 17.78 8.05 6.80
C ASP I 23 18.12 8.17 8.28
N VAL I 24 19.31 8.69 8.57
CA VAL I 24 19.75 8.84 9.94
C VAL I 24 18.62 9.38 10.81
N GLY I 25 18.47 8.82 12.00
CA GLY I 25 17.42 9.25 12.91
C GLY I 25 16.09 9.36 12.18
N SER I 26 15.16 10.12 12.75
CA SER I 26 13.85 10.30 12.13
C SER I 26 13.84 11.55 11.26
N ASN I 27 12.77 11.74 10.51
CA ASN I 27 12.65 12.90 9.64
C ASN I 27 12.46 14.17 10.45
N LYS I 28 12.87 15.30 9.89
CA LYS I 28 12.74 16.58 10.58
C LYS I 28 11.29 17.05 10.54
N GLY I 29 11.04 18.23 11.09
CA GLY I 29 9.69 18.79 11.10
C GLY I 29 9.11 18.82 9.69
N ALA I 30 8.64 17.67 9.23
CA ALA I 30 8.07 17.58 7.88
C ALA I 30 7.09 16.41 7.80
N ILE I 31 7.05 15.77 6.63
CA ILE I 31 6.16 14.64 6.43
C ILE I 31 6.81 13.63 5.48
N ILE I 32 6.56 12.34 5.71
CA ILE I 32 7.12 11.30 4.86
C ILE I 32 6.19 10.10 4.80
N GLY I 33 6.19 9.41 3.66
CA GLY I 33 5.35 8.24 3.47
C GLY I 33 5.97 7.28 2.46
N LEU I 34 5.68 5.99 2.63
CA LEU I 34 6.22 4.98 1.72
C LEU I 34 5.32 3.76 1.69
N MET I 35 5.34 3.04 0.58
CA MET I 35 4.52 1.83 0.43
C MET I 35 5.20 0.85 -0.51
N VAL I 36 4.97 -0.44 -0.28
CA VAL I 36 5.56 -1.48 -1.12
C VAL I 36 4.70 -2.74 -1.09
N GLY I 37 4.77 -3.53 -2.15
CA GLY I 37 4.00 -4.76 -2.24
C GLY I 37 4.64 -5.75 -3.20
N GLY I 38 4.36 -7.03 -2.99
CA GLY I 38 4.91 -8.07 -3.85
C GLY I 38 3.96 -9.27 -3.94
N VAL I 39 3.97 -9.94 -5.09
CA VAL I 39 3.10 -11.08 -5.29
C VAL I 39 3.92 -12.34 -5.55
N VAL I 40 3.74 -13.35 -4.71
CA VAL I 40 4.47 -14.60 -4.85
C VAL I 40 3.67 -15.61 -5.64
N ASP J 1 25.16 20.63 9.08
CA ASP J 1 24.18 19.71 9.75
C ASP J 1 24.91 18.43 10.16
N ALA J 2 25.66 17.85 9.24
CA ALA J 2 26.39 16.63 9.52
C ALA J 2 27.28 16.24 8.34
N GLU J 3 26.65 15.79 7.26
CA GLU J 3 27.40 15.40 6.06
C GLU J 3 28.28 14.18 6.36
N PHE J 4 29.00 13.73 5.35
CA PHE J 4 29.88 12.58 5.50
C PHE J 4 29.11 11.40 6.11
N ARG J 5 29.80 10.28 6.28
CA ARG J 5 29.18 9.09 6.86
C ARG J 5 28.31 9.47 8.05
N HIS J 6 27.33 8.61 8.37
CA HIS J 6 26.44 8.87 9.49
C HIS J 6 25.81 7.56 9.97
N ASP J 7 24.48 7.55 10.02
CA ASP J 7 23.76 6.35 10.48
C ASP J 7 23.90 5.23 9.45
N SER J 8 22.90 4.36 9.40
CA SER J 8 22.92 3.25 8.45
C SER J 8 24.34 2.70 8.30
N GLY J 9 24.73 1.84 9.23
CA GLY J 9 26.07 1.27 9.21
C GLY J 9 26.29 0.40 7.98
N TYR J 10 25.65 -0.77 7.95
CA TYR J 10 25.81 -1.68 6.82
C TYR J 10 25.37 -3.09 7.20
N GLU J 11 25.81 -4.06 6.41
CA GLU J 11 25.47 -5.47 6.67
C GLU J 11 25.83 -6.33 5.47
N VAL J 12 25.35 -7.57 5.47
CA VAL J 12 25.63 -8.49 4.37
C VAL J 12 25.62 -7.76 3.03
N HIS J 13 24.43 -7.57 2.47
CA HIS J 13 24.31 -6.88 1.19
C HIS J 13 24.97 -7.70 0.09
N HIS J 14 24.27 -8.72 -0.40
CA HIS J 14 24.80 -9.56 -1.46
C HIS J 14 23.76 -10.56 -1.94
N GLN J 15 24.06 -11.28 -3.01
CA GLN J 15 23.14 -12.26 -3.56
C GLN J 15 21.74 -11.67 -3.68
N LYS J 16 20.80 -12.48 -4.15
CA LYS J 16 19.43 -12.02 -4.33
C LYS J 16 19.40 -10.62 -4.92
N LEU J 17 18.52 -9.77 -4.39
CA LEU J 17 18.41 -8.40 -4.87
C LEU J 17 18.04 -7.46 -3.73
N VAL J 18 18.56 -6.24 -3.78
CA VAL J 18 18.27 -5.26 -2.73
C VAL J 18 18.34 -3.84 -3.29
N PHE J 19 17.53 -2.95 -2.74
CA PHE J 19 17.51 -1.57 -3.19
C PHE J 19 16.99 -0.65 -2.08
N PHE J 20 17.38 0.62 -2.13
CA PHE J 20 16.94 1.57 -1.12
C PHE J 20 17.57 2.94 -1.34
N ALA J 21 17.28 3.86 -0.43
CA ALA J 21 17.83 5.21 -0.51
C ALA J 21 18.87 5.43 0.58
N GLU J 22 20.13 5.51 0.18
CA GLU J 22 21.21 5.72 1.13
C GLU J 22 21.60 7.20 1.19
N ASP J 23 21.13 7.88 2.24
CA ASP J 23 21.43 9.30 2.41
C ASP J 23 21.74 9.60 3.87
N VAL J 24 22.87 10.27 4.11
CA VAL J 24 23.27 10.61 5.46
C VAL J 24 22.24 11.53 6.11
N GLY J 25 22.62 12.15 7.22
CA GLY J 25 21.72 13.05 7.94
C GLY J 25 21.32 14.23 7.05
N SER J 26 21.67 14.15 5.77
CA SER J 26 21.34 15.21 4.83
C SER J 26 19.90 15.06 4.34
N ASN J 27 18.95 15.65 5.06
CA ASN J 27 17.55 15.57 4.68
C ASN J 27 17.00 16.96 4.39
N LYS J 28 15.86 17.01 3.72
CA LYS J 28 15.23 18.28 3.39
C LYS J 28 13.90 18.43 4.13
N GLY J 29 13.67 19.62 4.68
CA GLY J 29 12.43 19.88 5.41
C GLY J 29 11.30 20.20 4.45
N ALA J 30 10.52 19.18 4.08
CA ALA J 30 9.40 19.35 3.17
C ALA J 30 8.54 18.10 3.14
N ILE J 31 8.59 17.40 2.01
CA ILE J 31 7.81 16.17 1.85
C ILE J 31 8.58 15.16 1.00
N ILE J 32 8.43 13.89 1.33
CA ILE J 32 9.11 12.83 0.58
C ILE J 32 8.24 11.57 0.52
N GLY J 33 8.33 10.85 -0.59
CA GLY J 33 7.54 9.63 -0.75
C GLY J 33 8.25 8.66 -1.69
N LEU J 34 8.05 7.36 -1.46
CA LEU J 34 8.66 6.34 -2.29
C LEU J 34 7.80 5.08 -2.32
N MET J 35 7.88 4.34 -3.43
CA MET J 35 7.10 3.11 -3.56
C MET J 35 7.81 2.15 -4.51
N VAL J 36 7.61 0.85 -4.27
CA VAL J 36 8.23 -0.18 -5.11
C VAL J 36 7.44 -1.47 -5.04
N GLY J 37 7.55 -2.29 -6.08
CA GLY J 37 6.84 -3.56 -6.12
C GLY J 37 7.54 -4.55 -7.04
N GLY J 38 7.33 -5.84 -6.80
CA GLY J 38 7.95 -6.88 -7.62
C GLY J 38 7.12 -8.16 -7.59
N VAL J 39 7.23 -8.95 -8.66
CA VAL J 39 6.49 -10.20 -8.76
C VAL J 39 7.44 -11.38 -8.77
N VAL J 40 6.91 -12.57 -8.48
CA VAL J 40 7.73 -13.78 -8.47
C VAL J 40 8.84 -13.65 -7.44
P 2PO K . -27.14 -2.38 -11.68
O1P 2PO K . -28.55 -2.29 -10.99
O2P 2PO K . -26.06 -2.28 -10.52
O3P 2PO K . -26.93 -3.50 -12.63
P 2PO L . -26.54 -3.93 -17.87
O1P 2PO L . -25.59 -4.52 -18.99
O2P 2PO L . -25.61 -3.60 -16.63
O3P 2PO L . -27.76 -4.73 -17.56
P 2PO M . -21.01 -2.68 -21.66
O1P 2PO M . -21.79 -2.67 -20.29
O2P 2PO M . -22.11 -2.56 -22.80
O3P 2PO M . -20.03 -3.79 -21.83
P 2PO N . -16.99 -3.07 -26.09
O1P 2PO N . -18.02 -4.02 -26.80
O2P 2PO N . -16.73 -3.68 -24.65
O3P 2PO N . -15.76 -2.73 -26.86
P 2PO O . -11.06 -1.88 -28.75
O1P 2PO O . -10.65 -3.30 -28.16
O2P 2PO O . -11.39 -2.12 -30.28
O3P 2PO O . -10.14 -0.76 -28.45
P 2PO P . 20.85 -1.56 24.28
O1P 2PO P . 20.24 -1.25 25.70
O2P 2PO P . 20.47 -3.06 23.93
O3P 2PO P . 20.55 -0.57 23.21
P 2PO Q . 21.08 2.85 19.77
O1P 2PO Q . 22.29 3.87 19.70
O2P 2PO Q . 19.85 3.55 19.06
O3P 2PO Q . 20.80 2.28 21.12
P 2PO R . 26.11 4.65 17.11
O1P 2PO R . 26.60 4.02 18.46
O2P 2PO R . 24.54 4.34 17.01
O3P 2PO R . 26.49 6.07 16.86
P 2PO S . 21.94 3.87 12.61
O1P 2PO S . 22.13 2.71 13.64
O2P 2PO S . 21.15 3.26 11.37
O3P 2PO S . 21.38 5.14 13.15
P 2PO T . 21.59 6.14 6.61
O1P 2PO T . 22.72 6.66 7.59
O2P 2PO T . 20.31 7.04 6.88
O3P 2PO T . 21.98 6.00 5.18
N ASP A 1 -33.56 -5.87 -9.63
CA ASP A 1 -34.46 -6.89 -9.04
C ASP A 1 -33.77 -8.25 -9.05
N ALA A 2 -34.42 -9.24 -8.45
CA ALA A 2 -33.87 -10.59 -8.40
C ALA A 2 -32.55 -10.60 -7.62
N GLU A 3 -32.12 -9.41 -7.19
CA GLU A 3 -30.86 -9.30 -6.44
C GLU A 3 -30.61 -7.86 -6.04
N PHE A 4 -29.44 -7.59 -5.47
CA PHE A 4 -29.09 -6.24 -5.05
C PHE A 4 -28.83 -5.36 -6.26
N ARG A 5 -27.82 -4.50 -6.16
CA ARG A 5 -27.47 -3.61 -7.25
C ARG A 5 -26.17 -2.86 -6.94
N HIS A 6 -25.08 -3.33 -7.52
CA HIS A 6 -23.77 -2.70 -7.30
C HIS A 6 -23.35 -1.90 -8.54
N ASP A 7 -23.79 -2.36 -9.71
CA ASP A 7 -23.45 -1.69 -10.95
C ASP A 7 -24.70 -1.49 -11.81
N SER A 8 -25.19 -2.59 -12.40
CA SER A 8 -26.37 -2.52 -13.24
C SER A 8 -27.37 -1.52 -12.68
N GLY A 9 -27.33 -0.30 -13.20
CA GLY A 9 -28.25 0.74 -12.74
C GLY A 9 -28.05 1.01 -11.26
N TYR A 10 -26.90 1.57 -10.91
CA TYR A 10 -26.60 1.88 -9.51
C TYR A 10 -25.54 2.96 -9.41
N GLU A 11 -25.52 3.65 -8.27
CA GLU A 11 -24.54 4.71 -8.05
C GLU A 11 -24.24 4.85 -6.56
N VAL A 12 -23.03 5.30 -6.25
CA VAL A 12 -22.63 5.47 -4.85
C VAL A 12 -22.14 6.90 -4.60
N HIS A 13 -22.22 7.33 -3.35
CA HIS A 13 -21.80 8.68 -2.98
C HIS A 13 -21.97 8.90 -1.49
N HIS A 14 -21.01 9.61 -0.89
CA HIS A 14 -21.06 9.89 0.54
C HIS A 14 -19.94 10.86 0.94
N GLN A 15 -19.60 10.86 2.23
CA GLN A 15 -18.56 11.74 2.73
C GLN A 15 -17.49 10.94 3.47
N LYS A 16 -16.69 11.63 4.29
CA LYS A 16 -15.64 10.97 5.04
C LYS A 16 -14.96 9.90 4.19
N LEU A 17 -15.28 8.64 4.45
CA LEU A 17 -14.70 7.54 3.70
C LEU A 17 -15.72 6.42 3.53
N VAL A 18 -15.70 5.76 2.38
CA VAL A 18 -16.63 4.68 2.12
C VAL A 18 -16.03 3.66 1.15
N PHE A 19 -16.41 2.41 1.30
CA PHE A 19 -15.90 1.35 0.44
C PHE A 19 -16.87 0.17 0.38
N PHE A 20 -16.82 -0.58 -0.70
CA PHE A 20 -17.70 -1.74 -0.86
C PHE A 20 -17.11 -2.73 -1.85
N ALA A 21 -17.54 -3.99 -1.74
CA ALA A 21 -17.05 -5.03 -2.63
C ALA A 21 -18.10 -6.12 -2.80
N GLU A 22 -18.62 -6.25 -4.02
CA GLU A 22 -19.63 -7.26 -4.30
C GLU A 22 -19.72 -7.54 -5.79
N ASP A 23 -20.39 -8.62 -6.15
CA ASP A 23 -20.56 -9.00 -7.55
C ASP A 23 -22.01 -9.32 -7.86
N VAL A 24 -22.36 -9.29 -9.15
CA VAL A 24 -23.73 -9.58 -9.56
C VAL A 24 -24.36 -10.64 -8.67
N GLY A 25 -25.68 -10.64 -8.62
CA GLY A 25 -26.42 -11.61 -7.80
C GLY A 25 -25.83 -11.67 -6.39
N SER A 26 -26.07 -12.79 -5.72
CA SER A 26 -25.57 -12.98 -4.36
C SER A 26 -24.23 -13.71 -4.38
N ASN A 27 -23.78 -14.12 -3.20
CA ASN A 27 -22.50 -14.83 -3.09
C ASN A 27 -22.67 -16.29 -3.50
N LYS A 28 -22.03 -16.66 -4.62
CA LYS A 28 -22.10 -18.03 -5.10
C LYS A 28 -20.95 -18.87 -4.55
N GLY A 29 -20.61 -19.94 -5.25
CA GLY A 29 -19.52 -20.81 -4.81
C GLY A 29 -18.21 -20.04 -4.77
N ALA A 30 -18.10 -19.11 -3.83
CA ALA A 30 -16.89 -18.32 -3.70
C ALA A 30 -16.77 -17.77 -2.28
N ILE A 31 -15.72 -16.98 -2.03
CA ILE A 31 -15.51 -16.40 -0.71
C ILE A 31 -14.86 -15.03 -0.83
N ILE A 32 -15.23 -14.12 0.06
CA ILE A 32 -14.66 -12.77 0.03
C ILE A 32 -14.60 -12.18 1.43
N GLY A 33 -13.60 -11.34 1.67
CA GLY A 33 -13.43 -10.71 2.97
C GLY A 33 -12.81 -9.33 2.82
N LEU A 34 -13.20 -8.40 3.70
CA LEU A 34 -12.68 -7.04 3.65
C LEU A 34 -12.63 -6.43 5.04
N MET A 35 -11.65 -5.56 5.26
CA MET A 35 -11.50 -4.90 6.56
C MET A 35 -10.96 -3.49 6.36
N VAL A 36 -11.42 -2.55 7.19
CA VAL A 36 -10.97 -1.17 7.10
C VAL A 36 -10.97 -0.50 8.47
N GLY A 37 -10.02 0.41 8.68
CA GLY A 37 -9.93 1.11 9.95
C GLY A 37 -9.27 2.46 9.79
N GLY A 38 -9.62 3.40 10.67
CA GLY A 38 -9.05 4.74 10.61
C GLY A 38 -9.05 5.39 11.98
N VAL A 39 -8.10 6.30 12.20
CA VAL A 39 -7.99 6.98 13.49
C VAL A 39 -8.33 8.46 13.33
N VAL A 40 -9.17 8.97 14.23
CA VAL A 40 -9.56 10.38 14.19
C VAL A 40 -8.36 11.27 14.47
N ASP B 1 -24.69 -15.13 -17.50
CA ASP B 1 -26.02 -15.65 -17.10
C ASP B 1 -26.68 -14.67 -16.13
N ALA B 2 -28.00 -14.74 -16.02
CA ALA B 2 -28.73 -13.85 -15.13
C ALA B 2 -28.48 -12.39 -15.51
N GLU B 3 -29.18 -11.48 -14.82
CA GLU B 3 -29.02 -10.05 -15.09
C GLU B 3 -29.49 -9.72 -16.50
N PHE B 4 -30.66 -10.23 -16.87
CA PHE B 4 -31.21 -9.98 -18.20
C PHE B 4 -31.97 -8.65 -18.22
N ARG B 5 -31.47 -7.69 -17.46
CA ARG B 5 -32.11 -6.38 -17.40
C ARG B 5 -31.68 -5.53 -18.59
N HIS B 6 -32.66 -4.95 -19.28
CA HIS B 6 -32.38 -4.11 -20.44
C HIS B 6 -31.54 -2.90 -20.03
N ASP B 7 -30.61 -2.51 -20.89
CA ASP B 7 -29.76 -1.37 -20.62
C ASP B 7 -29.02 -1.57 -19.29
N SER B 8 -27.93 -0.82 -19.11
CA SER B 8 -27.16 -0.92 -17.87
C SER B 8 -26.17 0.25 -17.78
N GLY B 9 -26.24 0.97 -16.67
CA GLY B 9 -25.34 2.10 -16.45
C GLY B 9 -25.05 2.30 -14.96
N TYR B 10 -23.87 2.79 -14.65
CA TYR B 10 -23.49 3.02 -13.26
C TYR B 10 -22.48 4.16 -13.16
N GLU B 11 -22.52 4.87 -12.03
CA GLU B 11 -21.61 5.99 -11.81
C GLU B 11 -21.33 6.17 -10.31
N VAL B 12 -20.13 6.65 -10.00
CA VAL B 12 -19.74 6.85 -8.61
C VAL B 12 -19.25 8.28 -8.39
N HIS B 13 -19.71 8.90 -7.30
CA HIS B 13 -19.31 10.27 -6.99
C HIS B 13 -19.31 10.50 -5.48
N HIS B 14 -18.13 10.44 -4.88
CA HIS B 14 -18.00 10.65 -3.44
C HIS B 14 -17.46 12.04 -3.13
N GLN B 15 -16.61 12.13 -2.12
CA GLN B 15 -16.03 13.41 -1.73
C GLN B 15 -14.61 13.21 -1.19
N LYS B 16 -14.50 13.02 0.12
CA LYS B 16 -13.21 12.82 0.75
C LYS B 16 -12.41 11.75 0.02
N LEU B 17 -12.63 10.50 0.39
CA LEU B 17 -11.93 9.39 -0.26
C LEU B 17 -12.82 8.16 -0.32
N VAL B 18 -12.69 7.39 -1.39
CA VAL B 18 -13.50 6.19 -1.56
C VAL B 18 -12.78 5.17 -2.44
N PHE B 19 -13.08 3.89 -2.22
CA PHE B 19 -12.46 2.82 -2.99
C PHE B 19 -13.32 1.57 -2.93
N PHE B 20 -13.17 0.70 -3.93
CA PHE B 20 -13.95 -0.54 -3.96
C PHE B 20 -13.69 -1.33 -5.24
N ALA B 21 -14.42 -2.42 -5.40
CA ALA B 21 -14.29 -3.28 -6.57
C ALA B 21 -15.67 -3.67 -7.09
N GLU B 22 -15.95 -3.30 -8.34
CA GLU B 22 -17.25 -3.61 -8.94
C GLU B 22 -17.16 -4.85 -9.82
N ASP B 23 -18.18 -5.69 -9.75
CA ASP B 23 -18.23 -6.91 -10.56
C ASP B 23 -19.68 -7.30 -10.83
N VAL B 24 -20.06 -7.32 -12.10
CA VAL B 24 -21.42 -7.69 -12.48
C VAL B 24 -21.42 -8.74 -13.58
N GLY B 25 -22.59 -9.00 -14.16
CA GLY B 25 -22.71 -9.99 -15.22
C GLY B 25 -22.97 -11.38 -14.64
N SER B 26 -21.90 -12.11 -14.37
CA SER B 26 -22.02 -13.44 -13.81
C SER B 26 -20.78 -13.82 -13.02
N ASN B 27 -20.89 -13.81 -11.69
CA ASN B 27 -19.76 -14.15 -10.84
C ASN B 27 -19.56 -15.65 -10.78
N LYS B 28 -18.34 -16.09 -11.05
CA LYS B 28 -18.02 -17.52 -11.04
C LYS B 28 -17.32 -17.89 -9.74
N GLY B 29 -16.89 -19.15 -9.64
CA GLY B 29 -16.21 -19.63 -8.45
C GLY B 29 -14.83 -18.97 -8.32
N ALA B 30 -14.76 -17.92 -7.51
CA ALA B 30 -13.50 -17.21 -7.30
C ALA B 30 -13.45 -16.63 -5.90
N ILE B 31 -12.44 -15.80 -5.65
CA ILE B 31 -12.27 -15.18 -4.33
C ILE B 31 -11.72 -13.76 -4.49
N ILE B 32 -12.18 -12.85 -3.64
CA ILE B 32 -11.71 -11.47 -3.70
C ILE B 32 -11.64 -10.87 -2.30
N GLY B 33 -10.64 -10.03 -2.06
CA GLY B 33 -10.47 -9.41 -0.76
C GLY B 33 -9.78 -8.05 -0.89
N LEU B 34 -10.10 -7.13 0.02
CA LEU B 34 -9.50 -5.81 -0.01
C LEU B 34 -9.58 -5.13 1.36
N MET B 35 -8.69 -4.19 1.59
CA MET B 35 -8.66 -3.47 2.87
C MET B 35 -8.09 -2.07 2.68
N VAL B 36 -8.53 -1.13 3.52
CA VAL B 36 -8.04 0.24 3.43
C VAL B 36 -8.11 0.93 4.79
N GLY B 37 -7.23 1.90 5.00
CA GLY B 37 -7.20 2.62 6.26
C GLY B 37 -6.63 4.02 6.07
N GLY B 38 -7.05 4.95 6.92
CA GLY B 38 -6.58 6.33 6.83
C GLY B 38 -6.58 6.99 8.20
N VAL B 39 -5.63 7.91 8.41
CA VAL B 39 -5.53 8.60 9.69
C VAL B 39 -5.56 10.12 9.48
N VAL B 40 -6.08 10.84 10.47
CA VAL B 40 -6.16 12.29 10.38
C VAL B 40 -5.02 12.94 11.16
N ASP C 1 -20.82 -13.76 -21.68
CA ASP C 1 -22.11 -14.13 -22.32
C ASP C 1 -23.19 -13.13 -21.90
N ALA C 2 -22.99 -12.51 -20.74
CA ALA C 2 -23.95 -11.53 -20.23
C ALA C 2 -23.73 -10.17 -20.90
N GLU C 3 -24.79 -9.37 -20.96
CA GLU C 3 -24.70 -8.05 -21.56
C GLU C 3 -24.30 -8.16 -23.03
N PHE C 4 -24.96 -7.39 -23.88
CA PHE C 4 -24.66 -7.41 -25.31
C PHE C 4 -25.22 -6.16 -25.99
N ARG C 5 -24.64 -5.01 -25.67
CA ARG C 5 -25.08 -3.75 -26.26
C ARG C 5 -23.93 -2.75 -26.34
N HIS C 6 -24.07 -1.77 -27.22
CA HIS C 6 -23.03 -0.76 -27.39
C HIS C 6 -23.16 0.33 -26.33
N ASP C 7 -22.15 1.19 -26.24
CA ASP C 7 -22.17 2.28 -25.27
C ASP C 7 -22.60 1.76 -23.90
N SER C 8 -21.63 1.37 -23.08
CA SER C 8 -21.92 0.87 -21.74
C SER C 8 -22.63 1.92 -20.90
N GLY C 9 -22.32 3.18 -21.17
CA GLY C 9 -22.94 4.28 -20.43
C GLY C 9 -22.55 4.23 -18.96
N TYR C 10 -21.29 4.52 -18.67
CA TYR C 10 -20.82 4.50 -17.28
C TYR C 10 -19.68 5.51 -17.10
N GLU C 11 -19.61 6.10 -15.91
CA GLU C 11 -18.56 7.07 -15.62
C GLU C 11 -18.22 7.05 -14.13
N VAL C 12 -16.96 7.35 -13.82
CA VAL C 12 -16.52 7.37 -12.42
C VAL C 12 -16.03 8.75 -12.02
N HIS C 13 -16.87 9.51 -11.35
CA HIS C 13 -16.51 10.85 -10.91
C HIS C 13 -16.09 10.84 -9.45
N HIS C 14 -15.21 11.75 -9.07
CA HIS C 14 -14.74 11.82 -7.69
C HIS C 14 -14.25 13.23 -7.37
N GLN C 15 -13.67 13.39 -6.17
CA GLN C 15 -13.17 14.69 -5.74
C GLN C 15 -11.74 14.55 -5.20
N LYS C 16 -11.61 14.64 -3.89
CA LYS C 16 -10.30 14.53 -3.25
C LYS C 16 -9.45 13.46 -3.94
N LEU C 17 -9.64 12.21 -3.53
CA LEU C 17 -8.88 11.11 -4.13
C LEU C 17 -9.73 9.84 -4.14
N VAL C 18 -9.55 9.02 -5.16
CA VAL C 18 -10.30 7.77 -5.28
C VAL C 18 -9.49 6.71 -6.03
N PHE C 19 -9.72 5.45 -5.67
CA PHE C 19 -9.01 4.35 -6.30
C PHE C 19 -9.86 3.08 -6.27
N PHE C 20 -9.70 2.22 -7.27
CA PHE C 20 -10.47 0.99 -7.31
C PHE C 20 -10.24 0.24 -8.62
N ALA C 21 -11.01 -0.83 -8.81
CA ALA C 21 -10.91 -1.63 -10.02
C ALA C 21 -12.27 -1.79 -10.68
N GLU C 22 -12.42 -1.20 -11.86
CA GLU C 22 -13.69 -1.27 -12.59
C GLU C 22 -13.74 -2.52 -13.45
N ASP C 23 -14.60 -3.46 -13.06
CA ASP C 23 -14.75 -4.70 -13.81
C ASP C 23 -16.23 -4.97 -14.10
N VAL C 24 -16.60 -4.88 -15.37
CA VAL C 24 -17.98 -5.12 -15.78
C VAL C 24 -18.04 -6.12 -16.93
N GLY C 25 -19.25 -6.46 -17.34
CA GLY C 25 -19.44 -7.41 -18.43
C GLY C 25 -19.59 -8.83 -17.91
N SER C 26 -18.45 -9.50 -17.72
CA SER C 26 -18.45 -10.87 -17.21
C SER C 26 -17.11 -11.21 -16.59
N ASN C 27 -17.14 -11.58 -15.30
CA ASN C 27 -15.92 -11.93 -14.60
C ASN C 27 -15.51 -13.37 -14.91
N LYS C 28 -14.34 -13.77 -14.41
CA LYS C 28 -13.85 -15.12 -14.65
C LYS C 28 -13.45 -15.78 -13.33
N GLY C 29 -13.29 -17.10 -13.37
CA GLY C 29 -12.90 -17.85 -12.17
C GLY C 29 -11.44 -17.59 -11.83
N ALA C 30 -11.19 -16.58 -11.00
CA ALA C 30 -9.83 -16.24 -10.61
C ALA C 30 -9.81 -15.62 -9.22
N ILE C 31 -8.83 -14.77 -8.97
CA ILE C 31 -8.70 -14.10 -7.67
C ILE C 31 -8.17 -12.69 -7.85
N ILE C 32 -8.63 -11.77 -7.02
CA ILE C 32 -8.18 -10.38 -7.11
C ILE C 32 -8.16 -9.74 -5.72
N GLY C 33 -7.20 -8.85 -5.49
CA GLY C 33 -7.08 -8.18 -4.21
C GLY C 33 -6.49 -6.78 -4.38
N LEU C 34 -6.90 -5.86 -3.52
CA LEU C 34 -6.40 -4.49 -3.59
C LEU C 34 -6.51 -3.80 -2.23
N MET C 35 -5.63 -2.83 -2.00
CA MET C 35 -5.63 -2.08 -0.75
C MET C 35 -5.10 -0.67 -0.96
N VAL C 36 -5.56 0.26 -0.14
CA VAL C 36 -5.12 1.65 -0.26
C VAL C 36 -5.21 2.35 1.10
N GLY C 37 -4.35 3.34 1.29
CA GLY C 37 -4.33 4.10 2.54
C GLY C 37 -3.82 5.52 2.32
N GLY C 38 -4.30 6.45 3.13
CA GLY C 38 -3.87 7.84 3.01
C GLY C 38 -3.91 8.53 4.37
N VAL C 39 -3.00 9.49 4.56
CA VAL C 39 -2.94 10.23 5.81
C VAL C 39 -3.07 11.72 5.56
N VAL C 40 -3.47 12.47 6.59
CA VAL C 40 -3.64 13.91 6.46
C VAL C 40 -3.55 14.58 7.83
N ASP D 1 -17.93 -11.08 -28.82
CA ASP D 1 -18.14 -12.24 -27.92
C ASP D 1 -19.00 -11.81 -26.73
N ALA D 2 -19.11 -10.50 -26.53
CA ALA D 2 -19.90 -9.96 -25.43
C ALA D 2 -20.23 -8.50 -25.67
N GLU D 3 -19.35 -7.80 -26.41
CA GLU D 3 -19.56 -6.39 -26.71
C GLU D 3 -18.86 -6.02 -28.01
N PHE D 4 -19.13 -4.80 -28.49
CA PHE D 4 -18.52 -4.33 -29.73
C PHE D 4 -18.68 -2.83 -29.85
N ARG D 5 -18.72 -2.34 -31.09
CA ARG D 5 -18.87 -0.91 -31.34
C ARG D 5 -17.71 -0.14 -30.72
N HIS D 6 -17.25 0.90 -31.42
CA HIS D 6 -16.15 1.71 -30.94
C HIS D 6 -16.59 2.55 -29.73
N ASP D 7 -15.62 2.95 -28.90
CA ASP D 7 -15.93 3.75 -27.73
C ASP D 7 -17.07 3.13 -26.94
N SER D 8 -16.73 2.39 -25.89
CA SER D 8 -17.75 1.75 -25.06
C SER D 8 -18.56 2.80 -24.30
N GLY D 9 -18.33 4.07 -24.63
CA GLY D 9 -19.05 5.16 -23.99
C GLY D 9 -18.72 5.24 -22.50
N TYR D 10 -17.50 5.62 -22.18
CA TYR D 10 -17.07 5.74 -20.79
C TYR D 10 -16.13 6.93 -20.62
N GLU D 11 -16.24 7.63 -19.50
CA GLU D 11 -15.39 8.79 -19.24
C GLU D 11 -15.06 8.88 -17.76
N VAL D 12 -13.84 9.29 -17.44
CA VAL D 12 -13.42 9.42 -16.04
C VAL D 12 -13.33 10.89 -15.64
N HIS D 13 -13.34 11.14 -14.33
CA HIS D 13 -13.25 12.50 -13.82
C HIS D 13 -12.92 12.50 -12.33
N HIS D 14 -12.09 13.45 -11.91
CA HIS D 14 -11.71 13.54 -10.50
C HIS D 14 -11.37 14.98 -10.14
N GLN D 15 -10.36 15.16 -9.29
CA GLN D 15 -9.94 16.49 -8.87
C GLN D 15 -8.49 16.49 -8.42
N LYS D 16 -8.25 16.02 -7.20
CA LYS D 16 -6.89 15.97 -6.66
C LYS D 16 -6.06 14.91 -7.37
N LEU D 17 -6.25 13.65 -6.99
CA LEU D 17 -5.51 12.55 -7.61
C LEU D 17 -6.35 11.28 -7.60
N VAL D 18 -6.17 10.45 -8.63
CA VAL D 18 -6.92 9.21 -8.73
C VAL D 18 -6.13 8.16 -9.51
N PHE D 19 -6.36 6.89 -9.19
CA PHE D 19 -5.67 5.80 -9.87
C PHE D 19 -6.53 4.54 -9.82
N PHE D 20 -6.37 3.68 -10.83
CA PHE D 20 -7.14 2.44 -10.88
C PHE D 20 -6.89 1.68 -12.18
N ALA D 21 -7.64 0.60 -12.37
CA ALA D 21 -7.51 -0.22 -13.57
C ALA D 21 -8.88 -0.51 -14.16
N GLU D 22 -9.07 -0.12 -15.41
CA GLU D 22 -10.35 -0.34 -16.09
C GLU D 22 -10.28 -1.58 -16.97
N ASP D 23 -11.14 -2.56 -16.67
CA ASP D 23 -11.19 -3.79 -17.45
C ASP D 23 -12.62 -4.22 -17.70
N VAL D 24 -13.01 -4.26 -18.97
CA VAL D 24 -14.36 -4.65 -19.34
C VAL D 24 -14.36 -5.57 -20.55
N GLY D 25 -15.51 -6.12 -20.88
CA GLY D 25 -15.63 -7.02 -22.02
C GLY D 25 -15.51 -8.48 -21.57
N SER D 26 -14.31 -9.02 -21.70
CA SER D 26 -14.07 -10.41 -21.30
C SER D 26 -12.66 -10.57 -20.72
N ASN D 27 -12.58 -10.67 -19.40
CA ASN D 27 -11.29 -10.83 -18.73
C ASN D 27 -10.83 -12.28 -18.79
N LYS D 28 -9.59 -12.52 -18.37
CA LYS D 28 -9.04 -13.87 -18.37
C LYS D 28 -9.00 -14.43 -16.96
N GLY D 29 -8.90 -15.75 -16.86
CA GLY D 29 -8.85 -16.41 -15.55
C GLY D 29 -7.42 -16.47 -15.04
N ALA D 30 -7.08 -15.55 -14.13
CA ALA D 30 -5.74 -15.51 -13.56
C ALA D 30 -5.76 -14.83 -12.19
N ILE D 31 -4.81 -13.92 -11.97
CA ILE D 31 -4.74 -13.20 -10.71
C ILE D 31 -4.27 -11.76 -10.96
N ILE D 32 -4.81 -10.83 -10.18
CA ILE D 32 -4.43 -9.42 -10.32
C ILE D 32 -4.53 -8.70 -8.98
N GLY D 33 -3.66 -7.72 -8.78
CA GLY D 33 -3.66 -6.96 -7.53
C GLY D 33 -3.16 -5.53 -7.77
N LEU D 34 -3.67 -4.60 -6.97
CA LEU D 34 -3.26 -3.20 -7.10
C LEU D 34 -3.32 -2.50 -5.74
N MET D 35 -2.42 -1.54 -5.54
CA MET D 35 -2.37 -0.80 -4.29
C MET D 35 -1.86 0.62 -4.53
N VAL D 36 -2.36 1.57 -3.73
CA VAL D 36 -1.94 2.95 -3.87
C VAL D 36 -2.10 3.70 -2.55
N GLY D 37 -1.29 4.74 -2.36
CA GLY D 37 -1.37 5.54 -1.14
C GLY D 37 -0.87 6.96 -1.38
N GLY D 38 -1.38 7.90 -0.59
CA GLY D 38 -0.98 9.29 -0.73
C GLY D 38 -1.05 10.02 0.61
N VAL D 39 -0.15 10.99 0.80
CA VAL D 39 -0.13 11.75 2.04
C VAL D 39 -0.19 13.24 1.74
N VAL D 40 -1.01 13.95 2.53
CA VAL D 40 -1.16 15.39 2.34
C VAL D 40 -0.01 16.14 3.01
N ASP E 1 -10.84 -13.29 -30.60
CA ASP E 1 -10.91 -12.77 -29.21
C ASP E 1 -11.97 -11.69 -29.13
N ALA E 2 -11.53 -10.46 -28.92
CA ALA E 2 -12.46 -9.33 -28.82
C ALA E 2 -11.74 -8.01 -29.02
N GLU E 3 -11.18 -7.82 -30.21
CA GLU E 3 -10.46 -6.60 -30.52
C GLU E 3 -10.43 -6.35 -32.03
N PHE E 4 -11.13 -5.32 -32.47
CA PHE E 4 -11.18 -4.99 -33.89
C PHE E 4 -10.23 -3.83 -34.20
N ARG E 5 -10.08 -2.93 -33.23
CA ARG E 5 -9.21 -1.77 -33.42
C ARG E 5 -9.05 -1.01 -32.11
N HIS E 6 -8.72 -1.75 -31.04
CA HIS E 6 -8.54 -1.13 -29.74
C HIS E 6 -9.80 -0.36 -29.32
N ASP E 7 -10.49 -0.88 -28.31
CA ASP E 7 -11.71 -0.24 -27.83
C ASP E 7 -12.13 -0.84 -26.49
N SER E 8 -12.57 0.03 -25.58
CA SER E 8 -13.00 -0.43 -24.26
C SER E 8 -13.89 0.61 -23.60
N GLY E 9 -13.76 1.86 -24.03
CA GLY E 9 -14.54 2.95 -23.47
C GLY E 9 -13.78 4.28 -23.58
N TYR E 10 -14.01 5.17 -22.62
CA TYR E 10 -13.33 6.45 -22.64
C TYR E 10 -13.23 7.03 -21.22
N GLU E 11 -12.21 7.85 -21.00
CA GLU E 11 -12.00 8.46 -19.69
C GLU E 11 -11.45 9.88 -19.86
N VAL E 12 -11.90 10.80 -19.02
CA VAL E 12 -11.42 12.18 -19.12
C VAL E 12 -10.05 12.31 -18.45
N HIS E 13 -10.03 12.27 -17.13
CA HIS E 13 -8.79 12.39 -16.39
C HIS E 13 -8.14 13.74 -16.64
N HIS E 14 -7.85 14.47 -15.56
CA HIS E 14 -7.23 15.78 -15.68
C HIS E 14 -7.07 16.42 -14.30
N GLN E 15 -7.55 17.64 -14.15
CA GLN E 15 -7.45 18.35 -12.88
C GLN E 15 -6.00 18.42 -12.42
N LYS E 16 -5.71 17.79 -11.28
CA LYS E 16 -4.35 17.81 -10.75
C LYS E 16 -3.49 16.75 -11.42
N LEU E 17 -3.66 15.50 -11.01
CA LEU E 17 -2.89 14.40 -11.59
C LEU E 17 -3.71 13.11 -11.58
N VAL E 18 -3.52 12.29 -12.60
CA VAL E 18 -4.25 11.03 -12.70
C VAL E 18 -3.42 9.99 -13.46
N PHE E 19 -3.62 8.72 -13.10
CA PHE E 19 -2.88 7.64 -13.76
C PHE E 19 -3.63 6.32 -13.60
N PHE E 20 -3.38 5.40 -14.53
CA PHE E 20 -4.03 4.10 -14.48
C PHE E 20 -3.74 3.29 -15.74
N ALA E 21 -4.45 2.17 -15.90
CA ALA E 21 -4.27 1.31 -17.06
C ALA E 21 -5.62 0.86 -17.60
N GLU E 22 -6.00 1.43 -18.75
CA GLU E 22 -7.28 1.08 -19.37
C GLU E 22 -7.06 0.16 -20.57
N ASP E 23 -7.30 -1.13 -20.38
CA ASP E 23 -7.13 -2.10 -21.45
C ASP E 23 -8.44 -2.82 -21.73
N VAL E 24 -8.68 -3.14 -23.01
CA VAL E 24 -9.90 -3.82 -23.40
C VAL E 24 -9.95 -5.22 -22.79
N GLY E 25 -11.15 -5.80 -22.76
CA GLY E 25 -11.33 -7.13 -22.20
C GLY E 25 -10.21 -8.07 -22.64
N SER E 26 -9.51 -7.68 -23.71
CA SER E 26 -8.42 -8.49 -24.22
C SER E 26 -7.16 -8.30 -23.37
N ASN E 27 -6.86 -9.31 -22.55
CA ASN E 27 -5.68 -9.23 -21.68
C ASN E 27 -4.91 -10.55 -21.72
N LYS E 28 -3.87 -10.64 -20.92
CA LYS E 28 -3.06 -11.85 -20.87
C LYS E 28 -3.40 -12.68 -19.62
N GLY E 29 -3.46 -14.00 -19.80
CA GLY E 29 -3.78 -14.88 -18.69
C GLY E 29 -2.53 -15.26 -17.91
N ALA E 30 -2.34 -14.61 -16.76
CA ALA E 30 -1.18 -14.87 -15.93
C ALA E 30 -1.29 -14.12 -14.61
N ILE E 31 -0.41 -13.14 -14.41
CA ILE E 31 -0.42 -12.34 -13.20
C ILE E 31 -0.02 -10.91 -13.50
N ILE E 32 -0.63 -9.96 -12.79
CA ILE E 32 -0.32 -8.55 -13.00
C ILE E 32 -0.45 -7.77 -11.70
N GLY E 33 0.38 -6.74 -11.54
CA GLY E 33 0.34 -5.91 -10.34
C GLY E 33 0.77 -4.49 -10.65
N LEU E 34 0.20 -3.53 -9.92
CA LEU E 34 0.52 -2.13 -10.13
C LEU E 34 0.40 -1.36 -8.82
N MET E 35 1.24 -0.35 -8.65
CA MET E 35 1.23 0.46 -7.44
C MET E 35 1.71 1.87 -7.73
N VAL E 36 1.19 2.85 -6.98
CA VAL E 36 1.58 4.24 -7.17
C VAL E 36 1.34 5.04 -5.90
N GLY E 37 2.09 6.13 -5.74
CA GLY E 37 1.95 6.97 -4.56
C GLY E 37 2.39 8.40 -4.87
N GLY E 38 1.83 9.35 -4.12
CA GLY E 38 2.17 10.76 -4.33
C GLY E 38 1.98 11.56 -3.04
N VAL E 39 2.76 12.63 -2.90
CA VAL E 39 2.66 13.48 -1.71
C VAL E 39 2.39 14.93 -2.10
N VAL E 40 1.44 15.55 -1.42
CA VAL E 40 1.09 16.93 -1.71
C VAL E 40 2.25 17.86 -1.35
N ASP F 1 23.14 3.29 29.65
CA ASP F 1 22.36 2.02 29.73
C ASP F 1 20.88 2.34 29.90
N ALA F 2 20.18 2.48 28.77
CA ALA F 2 18.76 2.79 28.81
C ALA F 2 17.97 1.65 29.47
N GLU F 3 17.16 0.96 28.67
CA GLU F 3 16.36 -0.14 29.18
C GLU F 3 16.88 -1.47 28.65
N PHE F 4 16.16 -2.55 28.96
CA PHE F 4 16.57 -3.88 28.49
C PHE F 4 16.46 -3.97 26.98
N ARG F 5 17.22 -4.89 26.39
CA ARG F 5 17.21 -5.07 24.95
C ARG F 5 16.38 -6.30 24.57
N HIS F 6 15.71 -6.22 23.43
CA HIS F 6 14.89 -7.33 22.96
C HIS F 6 14.79 -7.33 21.44
N ASP F 7 13.60 -7.03 20.93
CA ASP F 7 13.39 -6.99 19.49
C ASP F 7 13.56 -5.58 18.96
N SER F 8 14.73 -5.00 19.16
CA SER F 8 15.01 -3.65 18.70
C SER F 8 16.47 -3.29 18.92
N GLY F 9 16.89 -3.27 20.18
CA GLY F 9 18.28 -2.95 20.52
C GLY F 9 19.22 -3.96 19.91
N TYR F 10 19.14 -5.20 20.39
CA TYR F 10 20.01 -6.27 19.90
C TYR F 10 19.73 -6.53 18.42
N GLU F 11 18.57 -7.10 18.13
CA GLU F 11 18.19 -7.40 16.75
C GLU F 11 16.68 -7.37 16.60
N VAL F 12 16.22 -7.00 15.40
CA VAL F 12 14.78 -6.93 15.13
C VAL F 12 14.34 -8.12 14.31
N HIS F 13 13.79 -9.13 14.98
CA HIS F 13 13.32 -10.33 14.29
C HIS F 13 11.92 -10.71 14.77
N HIS F 14 11.21 -11.48 13.95
CA HIS F 14 9.86 -11.91 14.30
C HIS F 14 9.52 -13.21 13.58
N GLN F 15 8.33 -13.25 12.97
CA GLN F 15 7.89 -14.44 12.27
C GLN F 15 6.59 -14.16 11.51
N LYS F 16 6.25 -15.05 10.57
CA LYS F 16 5.04 -14.89 9.78
C LYS F 16 5.04 -13.55 9.06
N LEU F 17 4.10 -12.68 9.41
CA LEU F 17 4.00 -11.37 8.80
C LEU F 17 3.42 -10.37 9.79
N VAL F 18 3.87 -9.12 9.70
CA VAL F 18 3.37 -8.08 10.60
C VAL F 18 4.26 -6.85 10.56
N PHE F 19 4.12 -5.99 11.57
CA PHE F 19 4.91 -4.77 11.65
C PHE F 19 5.15 -4.41 13.11
N PHE F 20 6.29 -3.79 13.39
CA PHE F 20 6.62 -3.39 14.76
C PHE F 20 7.47 -2.13 14.76
N ALA F 21 7.31 -1.32 15.80
CA ALA F 21 8.07 -0.08 15.91
C ALA F 21 9.21 -0.25 16.92
N GLU F 22 10.44 -0.01 16.46
CA GLU F 22 11.60 -0.14 17.32
C GLU F 22 11.89 1.18 18.04
N ASP F 23 11.71 1.18 19.35
CA ASP F 23 11.96 2.39 20.15
C ASP F 23 12.34 2.02 21.57
N VAL F 24 13.64 2.04 21.85
CA VAL F 24 14.13 1.71 23.19
C VAL F 24 13.35 2.49 24.25
N GLY F 25 12.97 1.80 25.31
CA GLY F 25 12.22 2.44 26.40
C GLY F 25 10.72 2.22 26.22
N SER F 26 9.93 3.04 26.89
CA SER F 26 8.47 2.94 26.80
C SER F 26 7.94 3.90 25.76
N ASN F 27 6.63 3.85 25.52
CA ASN F 27 6.00 4.73 24.54
C ASN F 27 5.96 6.16 25.05
N LYS F 28 6.73 7.03 24.40
CA LYS F 28 6.78 8.44 24.78
C LYS F 28 5.69 9.23 24.08
N GLY F 29 5.79 10.55 24.13
CA GLY F 29 4.80 11.41 23.49
C GLY F 29 4.77 11.18 21.98
N ALA F 30 3.84 10.34 21.54
CA ALA F 30 3.71 10.03 20.13
C ALA F 30 2.41 9.29 19.86
N ILE F 31 2.16 8.96 18.60
CA ILE F 31 0.95 8.23 18.22
C ILE F 31 1.21 7.32 17.03
N ILE F 32 0.52 6.19 17.00
CA ILE F 32 0.68 5.23 15.90
C ILE F 32 -0.69 4.66 15.54
N GLY F 33 -0.93 4.47 14.24
CA GLY F 33 -2.21 3.92 13.78
C GLY F 33 -2.41 2.49 14.27
N LEU F 34 -1.66 1.56 13.67
CA LEU F 34 -1.78 0.15 14.06
C LEU F 34 -1.38 -0.75 12.90
N MET F 35 -2.01 -1.91 12.83
CA MET F 35 -1.71 -2.86 11.76
C MET F 35 -2.81 -3.93 11.66
N VAL F 36 -2.85 -4.63 10.53
CA VAL F 36 -3.85 -5.66 10.33
C VAL F 36 -3.29 -6.76 9.44
N GLY F 37 -3.72 -8.00 9.65
CA GLY F 37 -3.24 -9.11 8.84
C GLY F 37 -3.64 -8.94 7.39
N GLY F 38 -4.93 -9.10 7.10
CA GLY F 38 -5.43 -8.95 5.74
C GLY F 38 -6.75 -9.67 5.56
N VAL F 39 -7.05 -10.04 4.31
CA VAL F 39 -8.29 -10.73 4.00
C VAL F 39 -8.19 -12.21 4.38
N VAL F 40 -9.33 -12.80 4.75
CA VAL F 40 -9.35 -14.20 5.15
C VAL F 40 -9.50 -15.09 3.91
N ASP G 1 19.00 8.52 31.70
CA ASP G 1 20.20 7.69 31.38
C ASP G 1 20.60 7.92 29.93
N ALA G 2 19.64 8.29 29.10
CA ALA G 2 19.91 8.55 27.69
C ALA G 2 20.57 7.34 27.03
N GLU G 3 21.03 7.51 25.80
CA GLU G 3 21.68 6.41 25.08
C GLU G 3 23.14 6.29 25.50
N PHE G 4 23.63 7.29 26.24
CA PHE G 4 25.01 7.30 26.70
C PHE G 4 25.96 7.04 25.53
N ARG G 5 27.26 7.11 25.82
CA ARG G 5 28.26 6.88 24.78
C ARG G 5 28.36 5.40 24.44
N HIS G 6 27.33 4.65 24.79
CA HIS G 6 27.31 3.22 24.52
C HIS G 6 27.00 2.96 23.05
N ASP G 7 27.87 2.20 22.39
CA ASP G 7 27.68 1.89 20.98
C ASP G 7 26.77 0.68 20.83
N SER G 8 25.47 0.89 21.02
CA SER G 8 24.50 -0.19 20.90
C SER G 8 24.62 -0.87 19.53
N GLY G 9 23.74 -1.84 19.29
CA GLY G 9 23.75 -2.57 18.03
C GLY G 9 22.36 -3.08 17.68
N TYR G 10 22.08 -3.20 16.39
CA TYR G 10 20.77 -3.67 15.95
C TYR G 10 20.91 -4.44 14.63
N GLU G 11 20.10 -5.49 14.49
CA GLU G 11 20.13 -6.30 13.26
C GLU G 11 18.72 -6.74 12.90
N VAL G 12 18.42 -6.79 11.61
CA VAL G 12 17.08 -7.20 11.17
C VAL G 12 17.13 -8.57 10.51
N HIS G 13 16.19 -9.44 10.87
CA HIS G 13 16.13 -10.77 10.30
C HIS G 13 14.89 -11.52 10.79
N HIS G 14 13.83 -11.47 10.00
CA HIS G 14 12.58 -12.15 10.37
C HIS G 14 12.33 -13.34 9.45
N GLN G 15 11.07 -13.52 9.06
CA GLN G 15 10.69 -14.62 8.18
C GLN G 15 9.82 -14.13 7.03
N LYS G 16 8.85 -14.95 6.64
CA LYS G 16 7.94 -14.58 5.56
C LYS G 16 8.19 -13.15 5.10
N LEU G 17 7.47 -12.21 5.72
CA LEU G 17 7.61 -10.80 5.37
C LEU G 17 7.41 -9.93 6.61
N VAL G 18 8.19 -8.86 6.70
CA VAL G 18 8.08 -7.96 7.85
C VAL G 18 8.38 -6.53 7.42
N PHE G 19 7.71 -5.57 8.06
CA PHE G 19 7.90 -4.16 7.74
C PHE G 19 7.51 -3.28 8.92
N PHE G 20 8.12 -2.11 9.00
CA PHE G 20 7.81 -1.18 10.08
C PHE G 20 8.77 0.01 10.07
N ALA G 21 8.70 0.82 11.14
CA ALA G 21 9.55 1.99 11.26
C ALA G 21 10.59 1.79 12.35
N GLU G 22 11.77 2.38 12.15
CA GLU G 22 12.84 2.26 13.13
C GLU G 22 13.12 3.62 13.78
N ASP G 23 13.05 3.65 15.11
CA ASP G 23 13.29 4.88 15.85
C ASP G 23 13.70 4.56 17.29
N VAL G 24 15.00 4.59 17.55
CA VAL G 24 15.51 4.30 18.89
C VAL G 24 15.60 5.58 19.71
N GLY G 25 16.26 5.49 20.86
CA GLY G 25 16.42 6.65 21.74
C GLY G 25 15.11 6.99 22.42
N SER G 26 14.49 8.09 21.98
CA SER G 26 13.23 8.53 22.55
C SER G 26 12.40 9.28 21.51
N ASN G 27 11.11 8.96 21.45
CA ASN G 27 10.22 9.61 20.50
C ASN G 27 9.73 10.95 21.06
N LYS G 28 9.46 11.90 20.16
CA LYS G 28 8.99 13.21 20.57
C LYS G 28 7.50 13.36 20.27
N GLY G 29 6.90 14.43 20.78
CA GLY G 29 5.47 14.67 20.56
C GLY G 29 5.17 14.77 19.07
N ALA G 30 4.65 13.67 18.51
CA ALA G 30 4.32 13.63 17.09
C ALA G 30 3.08 12.79 16.85
N ILE G 31 2.89 12.37 15.60
CA ILE G 31 1.75 11.55 15.23
C ILE G 31 2.16 10.54 14.16
N ILE G 32 1.61 9.33 14.24
CA ILE G 32 1.94 8.30 13.27
C ILE G 32 0.79 7.30 13.12
N GLY G 33 0.71 6.69 11.94
CA GLY G 33 -0.33 5.70 11.67
C GLY G 33 0.23 4.60 10.78
N LEU G 34 -0.20 3.36 11.01
CA LEU G 34 0.29 2.25 10.19
C LEU G 34 -0.78 1.17 10.05
N MET G 35 -0.79 0.52 8.90
CA MET G 35 -1.76 -0.53 8.63
C MET G 35 -1.17 -1.55 7.66
N VAL G 36 -1.56 -2.82 7.82
CA VAL G 36 -1.05 -3.87 6.93
C VAL G 36 -2.12 -4.94 6.71
N GLY G 37 -2.13 -5.52 5.51
CA GLY G 37 -3.11 -6.54 5.19
C GLY G 37 -2.55 -7.52 4.15
N GLY G 38 -2.99 -8.77 4.22
CA GLY G 38 -2.55 -9.79 3.27
C GLY G 38 -3.58 -10.88 3.11
N VAL G 39 -3.58 -11.54 1.96
CA VAL G 39 -4.53 -12.61 1.69
C VAL G 39 -4.01 -13.94 2.22
N VAL G 40 -4.80 -14.57 3.08
CA VAL G 40 -4.41 -15.86 3.65
C VAL G 40 -5.64 -16.66 4.07
N ASP H 1 20.54 9.58 23.52
CA ASP H 1 20.39 10.78 22.66
C ASP H 1 21.76 11.22 22.16
N ALA H 2 22.61 10.26 21.83
CA ALA H 2 23.96 10.56 21.35
C ALA H 2 24.70 9.27 20.98
N GLU H 3 25.39 9.31 19.84
CA GLU H 3 26.14 8.13 19.39
C GLU H 3 26.98 8.49 18.16
N PHE H 4 28.24 8.08 18.18
CA PHE H 4 29.14 8.35 17.06
C PHE H 4 30.51 7.73 17.32
N ARG H 5 30.53 6.55 17.93
CA ARG H 5 31.77 5.87 18.23
C ARG H 5 32.01 4.74 17.22
N HIS H 6 32.47 3.60 17.73
CA HIS H 6 32.74 2.45 16.87
C HIS H 6 31.69 1.36 17.08
N ASP H 7 31.90 0.21 16.45
CA ASP H 7 30.97 -0.91 16.59
C ASP H 7 29.56 -0.48 16.18
N SER H 8 28.56 -1.15 16.73
CA SER H 8 27.17 -0.83 16.42
C SER H 8 26.89 -1.06 14.94
N GLY H 9 25.72 -1.59 14.63
CA GLY H 9 25.33 -1.85 13.25
C GLY H 9 23.84 -1.62 13.06
N TYR H 10 23.47 -1.10 11.91
CA TYR H 10 22.05 -0.82 11.62
C TYR H 10 21.23 -2.09 11.73
N GLU H 11 21.38 -2.98 10.76
CA GLU H 11 20.63 -4.23 10.75
C GLU H 11 20.53 -4.81 9.35
N VAL H 12 19.51 -5.62 9.11
CA VAL H 12 19.31 -6.23 7.80
C VAL H 12 20.49 -7.12 7.44
N HIS H 13 20.37 -8.41 7.74
CA HIS H 13 21.44 -9.36 7.46
C HIS H 13 20.95 -10.45 6.52
N HIS H 14 19.85 -11.11 6.90
CA HIS H 14 19.29 -12.18 6.09
C HIS H 14 17.83 -12.45 6.49
N GLN H 15 16.97 -12.61 5.49
CA GLN H 15 15.56 -12.87 5.74
C GLN H 15 14.76 -12.83 4.44
N LYS H 16 13.61 -13.49 4.44
CA LYS H 16 12.76 -13.51 3.25
C LYS H 16 12.77 -12.14 2.56
N LEU H 17 11.84 -11.28 2.94
CA LEU H 17 11.77 -9.95 2.37
C LEU H 17 11.34 -8.94 3.43
N VAL H 18 11.91 -7.73 3.38
CA VAL H 18 11.57 -6.70 4.35
C VAL H 18 11.72 -5.31 3.73
N PHE H 19 10.91 -4.38 4.21
CA PHE H 19 10.95 -3.01 3.71
C PHE H 19 10.40 -2.04 4.73
N PHE H 20 10.85 -0.79 4.68
CA PHE H 20 10.38 0.23 5.61
C PHE H 20 11.34 1.41 5.64
N ALA H 21 11.25 2.20 6.71
CA ALA H 21 12.12 3.37 6.87
C ALA H 21 13.14 3.12 7.97
N GLU H 22 14.39 2.92 7.56
CA GLU H 22 15.46 2.67 8.53
C GLU H 22 15.95 3.98 9.12
N ASP H 23 15.58 4.23 10.38
CA ASP H 23 15.99 5.44 11.07
C ASP H 23 16.38 5.14 12.51
N VAL H 24 17.67 5.16 12.79
CA VAL H 24 18.16 4.87 14.14
C VAL H 24 18.82 6.10 14.74
N GLY H 25 19.27 5.98 15.99
CA GLY H 25 19.91 7.10 16.67
C GLY H 25 18.88 8.04 17.29
N SER H 26 18.18 8.79 16.44
CA SER H 26 17.17 9.72 16.90
C SER H 26 16.11 9.95 15.83
N ASN H 27 14.99 10.56 16.22
CA ASN H 27 13.91 10.83 15.28
C ASN H 27 13.51 12.30 15.34
N LYS H 28 12.49 12.67 14.56
CA LYS H 28 12.02 14.05 14.53
C LYS H 28 10.59 14.14 15.01
N GLY H 29 10.14 15.36 15.30
CA GLY H 29 8.77 15.56 15.77
C GLY H 29 7.90 16.13 14.65
N ALA H 30 7.21 15.25 13.94
CA ALA H 30 6.35 15.65 12.84
C ALA H 30 5.21 14.65 12.64
N ILE H 31 5.14 14.10 11.43
CA ILE H 31 4.11 13.12 11.12
C ILE H 31 4.65 12.07 10.14
N ILE H 32 4.22 10.83 10.31
CA ILE H 32 4.68 9.76 9.42
C ILE H 32 3.61 8.68 9.28
N GLY H 33 3.58 8.04 8.11
CA GLY H 33 2.60 7.00 7.85
C GLY H 33 3.18 5.95 6.89
N LEU H 34 2.78 4.69 7.07
CA LEU H 34 3.27 3.63 6.21
C LEU H 34 2.24 2.50 6.10
N MET H 35 2.26 1.81 4.98
CA MET H 35 1.32 0.70 4.75
C MET H 35 1.95 -0.34 3.84
N VAL H 36 1.59 -1.60 4.04
CA VAL H 36 2.12 -2.69 3.23
C VAL H 36 1.12 -3.84 3.14
N GLY H 37 1.17 -4.57 2.03
CA GLY H 37 0.26 -5.69 1.84
C GLY H 37 0.87 -6.72 0.89
N GLY H 38 0.46 -7.98 1.07
CA GLY H 38 0.97 -9.06 0.23
C GLY H 38 -0.04 -10.20 0.13
N VAL H 39 -0.02 -10.90 -1.00
CA VAL H 39 -0.94 -12.02 -1.20
C VAL H 39 -0.19 -13.35 -1.21
N VAL H 40 -0.62 -14.28 -0.36
CA VAL H 40 0.02 -15.58 -0.29
C VAL H 40 -0.84 -16.65 -0.96
N ASP I 1 22.25 16.64 16.14
CA ASP I 1 23.08 17.32 15.09
C ASP I 1 24.55 17.00 15.31
N ALA I 2 24.85 15.72 15.49
CA ALA I 2 26.24 15.30 15.71
C ALA I 2 26.85 14.77 14.41
N GLU I 3 26.90 13.44 14.30
CA GLU I 3 27.47 12.82 13.11
C GLU I 3 28.80 13.47 12.75
N PHE I 4 29.24 13.24 11.51
CA PHE I 4 30.50 13.82 11.05
C PHE I 4 31.65 13.39 11.96
N ARG I 5 32.13 12.17 11.78
CA ARG I 5 33.22 11.66 12.60
C ARG I 5 33.82 10.39 11.98
N HIS I 6 33.08 9.31 12.04
CA HIS I 6 33.54 8.04 11.48
C HIS I 6 32.36 7.14 11.14
N ASP I 7 32.65 5.87 10.87
CA ASP I 7 31.60 4.91 10.54
C ASP I 7 30.58 4.82 11.66
N SER I 8 29.38 5.33 11.40
CA SER I 8 28.32 5.31 12.40
C SER I 8 27.98 3.87 12.78
N GLY I 9 28.61 2.91 12.11
CA GLY I 9 28.36 1.49 12.39
C GLY I 9 26.92 1.11 12.07
N TYR I 10 26.59 1.10 10.78
CA TYR I 10 25.24 0.75 10.35
C TYR I 10 25.30 -0.09 9.07
N GLU I 11 24.43 -1.09 8.95
CA GLU I 11 24.44 -1.93 7.76
C GLU I 11 23.04 -2.44 7.44
N VAL I 12 22.71 -2.54 6.16
CA VAL I 12 21.41 -3.02 5.74
C VAL I 12 21.54 -3.98 4.54
N HIS I 13 21.04 -5.19 4.70
CA HIS I 13 21.11 -6.18 3.64
C HIS I 13 20.61 -7.54 4.14
N HIS I 14 19.57 -8.06 3.49
CA HIS I 14 19.01 -9.34 3.88
C HIS I 14 19.37 -10.43 2.86
N GLN I 15 18.36 -11.18 2.41
CA GLN I 15 18.59 -12.24 1.43
C GLN I 15 17.73 -12.02 0.19
N LYS I 16 16.58 -12.70 0.15
CA LYS I 16 15.69 -12.58 -1.00
C LYS I 16 15.75 -11.18 -1.61
N LEU I 17 14.87 -10.30 -1.16
CA LEU I 17 14.85 -8.92 -1.68
C LEU I 17 14.47 -7.95 -0.56
N VAL I 18 15.08 -6.78 -0.57
CA VAL I 18 14.80 -5.78 0.45
C VAL I 18 14.93 -4.37 -0.14
N PHE I 19 14.08 -3.45 0.34
CA PHE I 19 14.11 -2.08 -0.13
C PHE I 19 13.66 -1.13 0.97
N PHE I 20 14.22 0.08 0.97
CA PHE I 20 13.84 1.06 1.98
C PHE I 20 14.72 2.31 1.91
N ALA I 21 14.57 3.19 2.89
CA ALA I 21 15.34 4.42 2.93
C ALA I 21 16.04 4.55 4.29
N GLU I 22 17.37 4.53 4.26
CA GLU I 22 18.14 4.63 5.49
C GLU I 22 18.42 6.10 5.81
N ASP I 23 17.75 6.61 6.86
CA ASP I 23 17.93 8.00 7.27
C ASP I 23 18.20 8.07 8.76
N VAL I 24 19.41 8.47 9.12
CA VAL I 24 19.78 8.59 10.52
C VAL I 24 20.75 9.75 10.73
N GLY I 25 20.90 10.18 11.97
CA GLY I 25 21.78 11.29 12.30
C GLY I 25 21.00 12.48 12.86
N SER I 26 20.42 13.27 11.97
CA SER I 26 19.65 14.43 12.39
C SER I 26 18.47 14.66 11.44
N ASN I 27 17.29 14.20 11.85
CA ASN I 27 16.10 14.35 11.02
C ASN I 27 15.55 15.77 11.14
N LYS I 28 14.39 16.00 10.53
CA LYS I 28 13.77 17.33 10.58
C LYS I 28 12.27 17.21 10.76
N GLY I 29 11.62 18.33 11.07
CA GLY I 29 10.18 18.33 11.27
C GLY I 29 9.45 18.52 9.95
N ALA I 30 8.96 17.41 9.38
CA ALA I 30 8.25 17.47 8.11
C ALA I 30 7.26 16.32 8.00
N ILE I 31 7.28 15.62 6.87
CA ILE I 31 6.37 14.51 6.65
C ILE I 31 7.06 13.43 5.82
N ILE I 32 6.75 12.16 6.11
CA ILE I 32 7.34 11.06 5.36
C ILE I 32 6.36 9.90 5.26
N GLY I 33 6.40 9.20 4.13
CA GLY I 33 5.49 8.07 3.92
C GLY I 33 6.13 7.02 3.00
N LEU I 34 5.77 5.76 3.22
CA LEU I 34 6.31 4.67 2.40
C LEU I 34 5.30 3.54 2.29
N MET I 35 5.33 2.85 1.15
CA MET I 35 4.41 1.74 0.92
C MET I 35 5.10 0.67 0.08
N VAL I 36 4.77 -0.59 0.35
CA VAL I 36 5.37 -1.70 -0.39
C VAL I 36 4.44 -2.91 -0.40
N GLY I 37 4.54 -3.71 -1.46
CA GLY I 37 3.70 -4.89 -1.59
C GLY I 37 4.38 -5.95 -2.45
N GLY I 38 4.05 -7.21 -2.20
CA GLY I 38 4.63 -8.31 -2.97
C GLY I 38 3.64 -9.46 -3.10
N VAL I 39 3.70 -10.16 -4.23
CA VAL I 39 2.79 -11.29 -4.47
C VAL I 39 3.59 -12.56 -4.73
N VAL I 40 3.12 -13.67 -4.16
CA VAL I 40 3.80 -14.95 -4.33
C VAL I 40 3.62 -15.44 -5.77
N ASP J 1 24.42 23.10 10.95
CA ASP J 1 24.19 21.62 10.96
C ASP J 1 25.45 20.92 10.45
N ALA J 2 25.38 19.59 10.37
CA ALA J 2 26.52 18.81 9.89
C ALA J 2 26.54 18.76 8.37
N GLU J 3 26.04 17.66 7.82
CA GLU J 3 26.01 17.49 6.37
C GLU J 3 27.41 17.55 5.78
N PHE J 4 27.82 16.48 5.11
CA PHE J 4 29.14 16.42 4.51
C PHE J 4 29.22 15.27 3.50
N ARG J 5 29.23 14.04 4.01
CA ARG J 5 29.31 12.87 3.16
C ARG J 5 29.10 11.60 3.97
N HIS J 6 29.53 11.62 5.22
CA HIS J 6 29.38 10.47 6.10
C HIS J 6 27.92 10.01 6.15
N ASP J 7 27.23 10.36 7.23
CA ASP J 7 25.83 9.99 7.39
C ASP J 7 25.68 8.48 7.42
N SER J 8 25.08 7.97 8.50
CA SER J 8 24.88 6.53 8.65
C SER J 8 26.20 5.78 8.49
N GLY J 9 26.43 4.81 9.35
CA GLY J 9 27.65 4.02 9.29
C GLY J 9 27.79 3.31 7.95
N TYR J 10 26.92 2.32 7.72
CA TYR J 10 26.96 1.57 6.48
C TYR J 10 25.60 0.94 6.19
N GLU J 11 25.34 0.67 4.91
CA GLU J 11 24.08 0.07 4.51
C GLU J 11 24.26 -0.72 3.21
N VAL J 12 23.45 -1.75 3.03
CA VAL J 12 23.54 -2.57 1.83
C VAL J 12 24.89 -3.28 1.75
N HIS J 13 24.88 -4.58 2.05
CA HIS J 13 26.12 -5.36 2.01
C HIS J 13 26.42 -5.79 0.59
N HIS J 14 26.49 -7.10 0.37
CA HIS J 14 26.78 -7.64 -0.95
C HIS J 14 26.40 -9.11 -1.04
N GLN J 15 25.09 -9.38 -1.02
CA GLN J 15 24.61 -10.75 -1.10
C GLN J 15 23.08 -10.77 -1.16
N LYS J 16 22.53 -10.10 -2.16
CA LYS J 16 21.08 -10.06 -2.32
C LYS J 16 20.71 -9.30 -3.60
N LEU J 17 19.42 -8.96 -3.73
CA LEU J 17 18.94 -8.23 -4.89
C LEU J 17 17.82 -7.28 -4.49
N VAL J 18 17.77 -6.11 -5.14
CA VAL J 18 16.74 -5.13 -4.84
C VAL J 18 17.27 -3.72 -5.07
N PHE J 19 16.80 -2.77 -4.25
CA PHE J 19 17.24 -1.39 -4.37
C PHE J 19 17.06 -0.64 -3.05
N PHE J 20 17.86 0.39 -2.85
CA PHE J 20 17.78 1.18 -1.62
C PHE J 20 18.39 2.57 -1.84
N ALA J 21 17.99 3.52 -0.99
CA ALA J 21 18.50 4.88 -1.10
C ALA J 21 18.83 5.44 0.28
N GLU J 22 19.89 6.25 0.34
CA GLU J 22 20.29 6.84 1.61
C GLU J 22 19.88 8.31 1.69
N ASP J 23 19.90 8.87 2.89
CA ASP J 23 19.51 10.26 3.08
C ASP J 23 20.75 11.14 3.26
N VAL J 24 20.91 11.68 4.48
CA VAL J 24 22.04 12.53 4.77
C VAL J 24 22.05 12.92 6.26
N GLY J 25 23.15 13.54 6.69
CA GLY J 25 23.26 13.95 8.08
C GLY J 25 22.14 14.91 8.46
N SER J 26 21.97 15.97 7.67
CA SER J 26 20.92 16.95 7.92
C SER J 26 19.97 17.04 6.74
N ASN J 27 18.78 16.44 6.89
CA ASN J 27 17.79 16.45 5.82
C ASN J 27 17.06 17.78 5.79
N LYS J 28 16.26 17.99 4.75
CA LYS J 28 15.50 19.22 4.60
C LYS J 28 14.06 19.03 5.06
N GLY J 29 13.47 20.08 5.62
CA GLY J 29 12.10 20.01 6.09
C GLY J 29 11.12 20.25 4.96
N ALA J 30 10.47 19.19 4.51
CA ALA J 30 9.51 19.30 3.41
C ALA J 30 8.60 18.08 3.37
N ILE J 31 8.69 17.31 2.29
CA ILE J 31 7.88 16.11 2.14
C ILE J 31 8.64 15.04 1.36
N ILE J 32 8.40 13.78 1.69
CA ILE J 32 9.07 12.68 1.01
C ILE J 32 8.15 11.46 0.94
N GLY J 33 8.28 10.70 -0.14
CA GLY J 33 7.47 9.50 -0.32
C GLY J 33 8.18 8.47 -1.19
N LEU J 34 7.90 7.20 -0.95
CA LEU J 34 8.52 6.14 -1.72
C LEU J 34 7.60 4.93 -1.82
N MET J 35 7.71 4.18 -2.90
CA MET J 35 6.89 2.99 -3.10
C MET J 35 7.66 1.94 -3.89
N VAL J 36 7.42 0.67 -3.57
CA VAL J 36 8.10 -0.42 -4.27
C VAL J 36 7.24 -1.68 -4.27
N GLY J 37 7.42 -2.51 -5.29
CA GLY J 37 6.66 -3.74 -5.40
C GLY J 37 7.45 -4.80 -6.17
N GLY J 38 7.21 -6.07 -5.84
CA GLY J 38 7.91 -7.16 -6.51
C GLY J 38 7.04 -8.41 -6.54
N VAL J 39 7.21 -9.21 -7.59
CA VAL J 39 6.44 -10.45 -7.72
C VAL J 39 7.36 -11.64 -7.91
N VAL J 40 6.86 -12.83 -7.58
CA VAL J 40 7.65 -14.04 -7.71
C VAL J 40 8.30 -14.11 -9.08
P 2PO K . -26.54 -4.91 -10.97
O1P 2PO K . -27.97 -5.57 -10.86
O2P 2PO K . -26.72 -3.38 -10.55
O3P 2PO K . -25.43 -5.63 -10.29
P 2PO L . -25.98 -4.80 -17.63
O1P 2PO L . -25.15 -4.55 -16.30
O2P 2PO L . -26.81 -6.13 -17.40
O3P 2PO L . -25.22 -4.73 -18.91
P 2PO M . -21.40 -2.05 -21.25
O1P 2PO M . -20.65 -3.31 -20.68
O2P 2PO M . -22.96 -2.31 -21.04
O3P 2PO M . -21.02 -1.63 -22.63
P 2PO N . -16.70 -1.52 -25.21
O1P 2PO N . -18.09 -1.19 -25.87
O2P 2PO N . -17.01 -2.30 -23.86
O3P 2PO N . -15.68 -2.17 -26.09
P 2PO O . -11.17 -0.64 -20.84
O1P 2PO O . -11.96 0.69 -20.55
O2P 2PO O . -11.33 -1.56 -19.55
O3P 2PO O . -9.77 -0.48 -21.33
P 2PO P . 14.64 -2.96 22.00
O1P 2PO P . 13.21 -2.55 22.54
O2P 2PO P . 15.70 -2.44 23.05
O3P 2PO P . 14.79 -4.39 21.58
P 2PO Q . 20.89 1.06 22.30
O1P 2PO Q . 20.42 1.44 23.75
O2P 2PO Q . 20.98 2.42 21.48
O3P 2PO Q . 20.13 -0.03 21.62
P 2PO R . 25.50 2.82 17.03
O1P 2PO R . 24.04 3.21 17.51
O2P 2PO R . 25.67 3.45 15.59
O3P 2PO R . 26.60 3.10 17.99
P 2PO S . 27.45 8.49 12.44
O1P 2PO S . 26.86 9.00 11.08
O2P 2PO S . 28.96 8.08 12.16
O3P 2PO S . 27.25 9.38 13.63
P 2PO T . 22.58 8.02 6.54
O1P 2PO T . 22.74 9.02 5.33
O2P 2PO T . 22.87 8.85 7.86
O3P 2PO T . 21.33 7.21 6.55
#